data_7MMN
#
_entry.id   7MMN
#
_cell.length_a   223.423
_cell.length_b   183.002
_cell.length_c   135.785
_cell.angle_alpha   90.000
_cell.angle_beta   103.138
_cell.angle_gamma   90.000
#
_symmetry.space_group_name_H-M   'C 1 2 1'
#
loop_
_entity.id
_entity.type
_entity.pdbx_description
1 polymer 'AM14 Fab Light Chain'
2 polymer 'Fusion glycoprotein F2'
3 polymer 'Fusion glycoprotein F1,Fibritin'
4 polymer 'AM14 Fab Heavy Chain'
5 non-polymer 2-acetamido-2-deoxy-beta-D-glucopyranose
6 non-polymer GLYCEROL
#
loop_
_entity_poly.entity_id
_entity_poly.type
_entity_poly.pdbx_seq_one_letter_code
_entity_poly.pdbx_strand_id
1 'polypeptide(L)'
;GDIQMTQSPSSLSASVGDRVTITCQASQDIKKYLNWYHQKPGKVPELLMHDASNLETGVPSRFSGRGSGTDFTLTISSLQ
PEDIGTYYCQQYDNLPPLTFGGGTKVEIKRTVRTVAAPSVFIFPPSDEQLKSGTASVVCLLNNFYPREAKVQWKVDNALQ
SGNSQESVTEQDSKDSTYSLSSTLTLSKADYEKHKVYACEVTHQGLSSPVTKSFNRGEC
;
L,E,G
2 'polypeptide(L)' QNITEEFYQSTCSAVSKGYLSALRTGWYTSVITIELSNIKENKCNGTDAKVKLIKQELDKYKNAVTELQLLM A,C,J
3 'polypeptide(L)'
;FLGFLLGVGSAIASGVAVCKVLHLEGEVNKIKSALLSTNKAVVSLSNGVSVLTFKVLDLKNYIDKQLLPILNKQSCSISN
IETVIEFQQKNNRLLEITREFSVNAGVTTPVSTYMLTNSELLSLINDMPITNDQKKLMSNNVQIVRQQSYSIMCIIKEEV
LAYVVQLPLYGVIDTPCWKLHTSPLCTTNTKEGSNICLTRTDRGWYCDNAGSVSFFPQAETCKVQSNRVFCDTMNSLTLP
SEVNLCNVDIFNPKYDCKIMTSKTDVSSSVITSLGAIVSCYGKTKCTASNKNRGIIKTFSNGCDYVSNKGVDTVSVGNTL
YYVNKQEGKSLYVKGEPIINFYDPLVFPSDEFDASISQVNEKINQSLAFIRKSDELLSAIGGYIPEAPRDGQAYVRKDGE
WVLLSTFLGGLVPR
;
B,I,K
4 'polypeptide(L)'
;CVQLVESGGGVVQPGRSLRLSCAASGFSFSHYAMHWVRQAPGKGLEWVAVISYDGENTYYADSVKGRFSISRDNSKNTVS
LQMNSLRPEDTALYYCARDRIVDDYYYYGMDVWGQGATVTVSSASTKGPSVFPLAPSSKSTSGGTAALGCLVKDYFPEPV
TVSWNSGALTSGVHTFPAVLQSSGLYSLSSVVTVPSSSLGTQTYICNVNHKPSNTKVDKKVEPKSCDKGSENLYFQGSHH
HHHH
;
M,H,D
#
# COMPACT_ATOMS: atom_id res chain seq x y z
N ASP A 2 -14.34 40.35 -41.54
CA ASP A 2 -15.23 39.29 -41.12
C ASP A 2 -15.63 38.38 -42.29
N ILE A 3 -15.70 37.09 -42.02
CA ILE A 3 -15.97 36.09 -43.05
C ILE A 3 -17.41 36.20 -43.53
N GLN A 4 -17.60 36.18 -44.84
CA GLN A 4 -18.92 36.22 -45.45
C GLN A 4 -19.31 34.82 -45.93
N MET A 5 -20.56 34.46 -45.69
CA MET A 5 -21.09 33.15 -46.01
C MET A 5 -22.23 33.27 -47.01
N THR A 6 -22.22 32.41 -48.03
CA THR A 6 -23.22 32.46 -49.09
C THR A 6 -23.85 31.09 -49.28
N GLN A 7 -25.19 31.07 -49.32
CA GLN A 7 -25.95 29.86 -49.55
C GLN A 7 -26.55 29.85 -50.96
N SER A 8 -26.65 28.66 -51.54
CA SER A 8 -27.18 28.48 -52.89
C SER A 8 -28.04 27.23 -52.86
N PRO A 9 -29.29 27.27 -53.34
CA PRO A 9 -30.06 28.35 -53.96
C PRO A 9 -30.89 29.12 -52.94
N SER A 10 -31.25 30.36 -53.28
CA SER A 10 -32.09 31.16 -52.38
C SER A 10 -33.39 30.44 -52.04
N SER A 11 -34.05 29.85 -53.04
CA SER A 11 -35.21 29.01 -52.77
C SER A 11 -35.28 27.90 -53.80
N LEU A 12 -36.02 26.85 -53.45
CA LEU A 12 -36.22 25.72 -54.35
C LEU A 12 -37.59 25.10 -54.05
N SER A 13 -38.18 24.52 -55.08
CA SER A 13 -39.47 23.84 -54.98
C SER A 13 -39.29 22.41 -55.50
N ALA A 14 -39.51 21.44 -54.62
CA ALA A 14 -39.29 20.04 -54.95
C ALA A 14 -40.42 19.20 -54.40
N SER A 15 -40.65 18.04 -55.03
CA SER A 15 -41.68 17.12 -54.60
C SER A 15 -41.22 16.33 -53.38
N VAL A 16 -42.18 15.64 -52.76
CA VAL A 16 -41.88 14.83 -51.59
C VAL A 16 -41.09 13.59 -52.01
N GLY A 17 -39.96 13.35 -51.34
CA GLY A 17 -39.13 12.20 -51.63
C GLY A 17 -37.92 12.49 -52.50
N ASP A 18 -37.80 13.70 -53.03
CA ASP A 18 -36.69 14.04 -53.91
C ASP A 18 -35.41 14.23 -53.10
N ARG A 19 -34.27 14.05 -53.79
CA ARG A 19 -32.96 14.29 -53.21
C ARG A 19 -32.64 15.78 -53.38
N VAL A 20 -32.55 16.50 -52.27
CA VAL A 20 -32.32 17.94 -52.28
C VAL A 20 -30.90 18.20 -51.80
N THR A 21 -30.15 18.99 -52.57
CA THR A 21 -28.78 19.34 -52.23
C THR A 21 -28.63 20.85 -52.27
N ILE A 22 -28.28 21.44 -51.12
CA ILE A 22 -28.00 22.88 -51.05
C ILE A 22 -26.54 23.06 -50.67
N THR A 23 -25.98 24.20 -51.06
CA THR A 23 -24.55 24.45 -50.94
C THR A 23 -24.31 25.70 -50.09
N CYS A 24 -23.19 25.70 -49.38
CA CYS A 24 -22.74 26.82 -48.58
C CYS A 24 -21.26 27.06 -48.84
N GLN A 25 -20.88 28.33 -48.97
CA GLN A 25 -19.52 28.71 -49.32
C GLN A 25 -19.06 29.82 -48.38
N ALA A 26 -17.80 29.74 -47.96
CA ALA A 26 -17.22 30.67 -47.01
C ALA A 26 -16.17 31.56 -47.67
N SER A 27 -15.95 32.73 -47.07
CA SER A 27 -15.00 33.70 -47.60
C SER A 27 -13.56 33.22 -47.44
N GLN A 28 -13.27 32.41 -46.42
CA GLN A 28 -11.92 31.92 -46.17
C GLN A 28 -12.01 30.48 -45.69
N ASP A 29 -10.90 29.98 -45.15
CA ASP A 29 -10.82 28.59 -44.70
C ASP A 29 -11.44 28.50 -43.31
N ILE A 30 -12.54 27.77 -43.20
CA ILE A 30 -13.28 27.59 -41.96
C ILE A 30 -13.35 26.10 -41.64
N LYS A 31 -12.24 25.40 -41.86
CA LYS A 31 -12.17 24.04 -42.38
C LYS A 31 -13.40 23.17 -42.07
N LYS A 32 -13.77 23.04 -40.80
CA LYS A 32 -14.97 22.26 -40.51
C LYS A 32 -15.85 22.91 -39.45
N TYR A 33 -15.64 24.19 -39.17
CA TYR A 33 -16.43 24.90 -38.15
C TYR A 33 -17.68 25.51 -38.79
N LEU A 34 -18.62 24.62 -39.13
CA LEU A 34 -19.87 25.03 -39.75
C LEU A 34 -21.02 24.19 -39.20
N ASN A 35 -22.13 24.86 -38.88
CA ASN A 35 -23.35 24.22 -38.43
C ASN A 35 -24.45 24.40 -39.47
N TRP A 36 -25.40 23.46 -39.47
CA TRP A 36 -26.61 23.53 -40.28
C TRP A 36 -27.81 23.57 -39.34
N TYR A 37 -28.67 24.57 -39.54
CA TYR A 37 -29.92 24.75 -38.81
C TYR A 37 -31.11 24.65 -39.76
N HIS A 38 -32.22 24.15 -39.25
CA HIS A 38 -33.47 24.02 -40.00
C HIS A 38 -34.58 24.71 -39.23
N GLN A 39 -35.09 25.81 -39.77
CA GLN A 39 -36.18 26.56 -39.17
C GLN A 39 -37.47 26.23 -39.92
N LYS A 40 -38.36 25.49 -39.27
CA LYS A 40 -39.66 25.20 -39.85
C LYS A 40 -40.49 26.47 -39.95
N PRO A 41 -41.50 26.50 -40.82
CA PRO A 41 -42.32 27.71 -40.97
C PRO A 41 -42.96 28.13 -39.65
N GLY A 42 -42.59 29.33 -39.20
CA GLY A 42 -43.14 29.87 -37.97
C GLY A 42 -42.70 29.16 -36.71
N LYS A 43 -41.54 28.53 -36.72
CA LYS A 43 -41.00 27.85 -35.56
C LYS A 43 -39.61 28.43 -35.23
N VAL A 44 -38.97 27.86 -34.22
CA VAL A 44 -37.65 28.30 -33.82
C VAL A 44 -36.60 27.57 -34.64
N PRO A 45 -35.42 28.16 -34.87
CA PRO A 45 -34.36 27.42 -35.56
C PRO A 45 -33.87 26.27 -34.70
N GLU A 46 -33.81 25.08 -35.29
CA GLU A 46 -33.28 23.90 -34.63
C GLU A 46 -31.95 23.53 -35.27
N LEU A 47 -30.98 23.16 -34.43
CA LEU A 47 -29.67 22.76 -34.93
C LEU A 47 -29.76 21.39 -35.57
N LEU A 48 -29.51 21.33 -36.89
CA LEU A 48 -29.52 20.04 -37.58
C LEU A 48 -28.20 19.31 -37.37
N MET A 49 -27.08 19.99 -37.54
CA MET A 49 -25.80 19.31 -37.40
C MET A 49 -24.69 20.31 -37.14
N HIS A 50 -23.60 19.81 -36.57
CA HIS A 50 -22.43 20.59 -36.23
C HIS A 50 -21.21 19.95 -36.87
N ASP A 51 -20.11 20.71 -36.91
CA ASP A 51 -18.84 20.30 -37.53
C ASP A 51 -19.01 19.90 -38.98
N ALA A 52 -20.09 20.36 -39.61
CA ALA A 52 -20.35 20.27 -41.05
C ALA A 52 -20.67 18.84 -41.48
N SER A 53 -20.47 17.87 -40.60
CA SER A 53 -20.88 16.49 -40.87
C SER A 53 -21.47 15.77 -39.68
N ASN A 54 -21.28 16.24 -38.45
CA ASN A 54 -21.72 15.51 -37.26
C ASN A 54 -23.19 15.80 -37.03
N LEU A 55 -24.04 14.82 -37.34
CA LEU A 55 -25.47 14.97 -37.13
C LEU A 55 -25.76 15.09 -35.64
N GLU A 56 -26.71 15.97 -35.30
CA GLU A 56 -27.13 16.11 -33.91
C GLU A 56 -28.05 14.97 -33.51
N THR A 57 -27.96 14.58 -32.24
CA THR A 57 -28.75 13.46 -31.74
C THR A 57 -30.24 13.77 -31.82
N GLY A 58 -31.00 12.83 -32.39
CA GLY A 58 -32.42 12.99 -32.59
C GLY A 58 -32.81 13.40 -34.00
N VAL A 59 -31.86 13.91 -34.78
CA VAL A 59 -32.14 14.34 -36.16
C VAL A 59 -32.31 13.10 -37.04
N PRO A 60 -33.33 13.06 -37.90
CA PRO A 60 -33.49 11.90 -38.79
C PRO A 60 -32.28 11.71 -39.69
N SER A 61 -31.97 10.44 -39.98
CA SER A 61 -30.78 10.09 -40.73
C SER A 61 -30.85 10.48 -42.21
N ARG A 62 -32.00 10.96 -42.70
CA ARG A 62 -32.07 11.39 -44.09
C ARG A 62 -31.23 12.63 -44.35
N PHE A 63 -30.86 13.37 -43.31
CA PHE A 63 -30.00 14.53 -43.47
C PHE A 63 -28.54 14.11 -43.47
N SER A 64 -27.77 14.63 -44.42
CA SER A 64 -26.36 14.30 -44.54
C SER A 64 -25.58 15.55 -44.89
N GLY A 65 -24.57 15.85 -44.09
CA GLY A 65 -23.70 17.01 -44.32
C GLY A 65 -22.34 16.55 -44.85
N ARG A 66 -21.86 17.25 -45.87
CA ARG A 66 -20.59 16.94 -46.49
C ARG A 66 -19.84 18.24 -46.74
N GLY A 67 -18.56 18.11 -47.04
CA GLY A 67 -17.74 19.25 -47.40
C GLY A 67 -16.72 19.60 -46.34
N SER A 68 -15.84 20.52 -46.71
CA SER A 68 -14.75 20.97 -45.86
C SER A 68 -14.14 22.21 -46.51
N GLY A 69 -13.04 22.69 -45.93
CA GLY A 69 -12.35 23.83 -46.48
C GLY A 69 -13.24 25.05 -46.58
N THR A 70 -13.63 25.38 -47.82
CA THR A 70 -14.51 26.50 -48.09
C THR A 70 -15.89 26.11 -48.61
N ASP A 71 -16.10 24.83 -48.96
CA ASP A 71 -17.33 24.42 -49.62
C ASP A 71 -18.00 23.30 -48.85
N PHE A 72 -19.31 23.43 -48.62
CA PHE A 72 -20.07 22.45 -47.87
C PHE A 72 -21.43 22.24 -48.54
N THR A 73 -22.00 21.06 -48.34
CA THR A 73 -23.30 20.73 -48.90
C THR A 73 -24.15 20.04 -47.84
N LEU A 74 -25.44 20.37 -47.84
CA LEU A 74 -26.44 19.69 -47.01
C LEU A 74 -27.40 18.97 -47.95
N THR A 75 -27.65 17.69 -47.65
CA THR A 75 -28.42 16.83 -48.55
C THR A 75 -29.52 16.12 -47.79
N ILE A 76 -30.73 16.20 -48.31
CA ILE A 76 -31.87 15.41 -47.85
C ILE A 76 -32.12 14.33 -48.89
N SER A 77 -31.93 13.07 -48.48
CA SER A 77 -32.07 11.96 -49.42
C SER A 77 -33.52 11.81 -49.88
N SER A 78 -34.47 11.90 -48.95
CA SER A 78 -35.90 11.81 -49.26
C SER A 78 -36.60 12.96 -48.56
N LEU A 79 -36.96 13.98 -49.32
CA LEU A 79 -37.63 15.15 -48.75
C LEU A 79 -38.97 14.74 -48.15
N GLN A 80 -39.27 15.27 -46.96
CA GLN A 80 -40.47 14.89 -46.22
C GLN A 80 -41.37 16.10 -46.03
N PRO A 81 -42.63 15.90 -45.63
CA PRO A 81 -43.49 17.07 -45.38
C PRO A 81 -42.92 18.03 -44.35
N GLU A 82 -42.48 17.53 -43.20
CA GLU A 82 -41.96 18.39 -42.15
C GLU A 82 -40.55 18.89 -42.42
N ASP A 83 -39.99 18.62 -43.60
CA ASP A 83 -38.67 19.12 -43.96
C ASP A 83 -38.72 20.47 -44.67
N ILE A 84 -39.92 21.02 -44.90
CA ILE A 84 -40.03 22.34 -45.51
C ILE A 84 -39.60 23.41 -44.51
N GLY A 85 -39.29 24.59 -45.05
CA GLY A 85 -38.88 25.70 -44.20
C GLY A 85 -37.67 26.43 -44.72
N THR A 86 -36.73 26.76 -43.84
CA THR A 86 -35.51 27.45 -44.22
C THR A 86 -34.30 26.74 -43.62
N TYR A 87 -33.21 26.70 -44.37
CA TYR A 87 -31.98 26.06 -43.93
C TYR A 87 -30.85 27.07 -43.91
N TYR A 88 -30.14 27.13 -42.79
CA TYR A 88 -29.09 28.11 -42.56
C TYR A 88 -27.77 27.44 -42.23
N CYS A 89 -26.71 27.80 -42.95
CA CYS A 89 -25.37 27.41 -42.60
C CYS A 89 -24.71 28.54 -41.81
N GLN A 90 -23.95 28.19 -40.79
CA GLN A 90 -23.31 29.20 -39.94
C GLN A 90 -21.89 28.78 -39.59
N GLN A 91 -20.94 29.69 -39.76
CA GLN A 91 -19.56 29.39 -39.40
C GLN A 91 -19.32 29.78 -37.96
N TYR A 92 -18.46 29.01 -37.28
CA TYR A 92 -18.01 29.36 -35.92
C TYR A 92 -16.49 29.30 -35.90
N ASP A 93 -15.84 30.30 -36.48
CA ASP A 93 -14.40 30.26 -36.51
C ASP A 93 -13.84 30.96 -35.26
N ASN A 94 -12.57 31.34 -35.32
CA ASN A 94 -11.91 32.09 -34.26
C ASN A 94 -12.66 33.38 -33.90
N LEU A 95 -12.84 33.61 -32.57
CA LEU A 95 -13.35 34.85 -31.97
C LEU A 95 -14.54 35.46 -32.71
N PRO A 96 -15.75 35.02 -32.36
CA PRO A 96 -16.95 35.26 -33.19
C PRO A 96 -17.13 36.70 -33.64
N PRO A 97 -17.22 36.94 -34.96
CA PRO A 97 -18.42 37.56 -35.53
C PRO A 97 -19.29 36.45 -36.11
N LEU A 98 -19.99 35.65 -35.31
CA LEU A 98 -20.60 34.44 -35.88
C LEU A 98 -21.72 34.68 -36.89
N THR A 99 -21.31 34.90 -38.15
CA THR A 99 -22.23 35.19 -39.23
C THR A 99 -22.99 33.95 -39.67
N PHE A 100 -24.25 34.14 -40.06
CA PHE A 100 -25.06 33.11 -40.68
C PHE A 100 -24.96 33.21 -42.19
N GLY A 101 -25.73 32.38 -42.89
CA GLY A 101 -25.88 32.48 -44.32
C GLY A 101 -27.19 33.17 -44.70
N GLY A 102 -27.37 33.34 -46.00
CA GLY A 102 -28.60 33.94 -46.48
C GLY A 102 -29.83 33.07 -46.34
N GLY A 103 -29.64 31.78 -46.06
CA GLY A 103 -30.74 30.85 -45.94
C GLY A 103 -31.16 30.25 -47.27
N THR A 104 -31.87 29.13 -47.18
CA THR A 104 -32.41 28.45 -48.35
C THR A 104 -33.83 28.04 -48.05
N LYS A 105 -34.78 28.55 -48.84
CA LYS A 105 -36.18 28.19 -48.68
C LYS A 105 -36.45 26.86 -49.37
N VAL A 106 -37.19 25.99 -48.68
CA VAL A 106 -37.56 24.68 -49.20
C VAL A 106 -39.07 24.52 -49.06
N GLU A 107 -39.75 24.34 -50.20
CA GLU A 107 -41.19 24.20 -50.24
C GLU A 107 -41.57 23.04 -51.16
N ILE A 108 -42.69 22.39 -50.83
CA ILE A 108 -43.24 21.33 -51.67
C ILE A 108 -43.97 21.94 -52.86
N LYS A 109 -43.95 21.24 -53.99
CA LYS A 109 -44.63 21.71 -55.19
C LYS A 109 -46.14 21.83 -54.94
N ARG A 110 -46.78 22.66 -55.76
CA ARG A 110 -48.19 22.94 -55.58
C ARG A 110 -49.01 21.72 -56.01
N THR A 111 -50.29 21.73 -55.66
CA THR A 111 -51.20 20.66 -56.04
C THR A 111 -51.82 20.94 -57.41
N VAL A 112 -52.18 19.85 -58.11
CA VAL A 112 -52.73 19.97 -59.46
C VAL A 112 -54.06 20.72 -59.43
N ARG A 113 -55.00 20.23 -58.63
CA ARG A 113 -56.29 20.89 -58.38
C ARG A 113 -57.00 21.41 -59.64
N THR A 114 -57.69 20.51 -60.37
CA THR A 114 -58.51 20.93 -61.50
C THR A 114 -59.36 22.15 -61.16
N VAL A 115 -59.70 22.92 -62.21
CA VAL A 115 -60.25 24.26 -62.04
C VAL A 115 -61.55 24.27 -61.25
N ALA A 116 -61.67 25.26 -60.36
CA ALA A 116 -62.86 25.50 -59.54
C ALA A 116 -63.16 26.98 -59.54
N ALA A 117 -64.44 27.35 -59.75
CA ALA A 117 -64.88 28.73 -59.83
C ALA A 117 -65.07 29.34 -58.43
N PRO A 118 -64.78 30.62 -58.26
CA PRO A 118 -64.87 31.24 -56.94
C PRO A 118 -66.28 31.63 -56.54
N SER A 119 -66.59 31.43 -55.26
CA SER A 119 -67.81 31.98 -54.68
C SER A 119 -67.57 33.44 -54.32
N VAL A 120 -68.40 34.34 -54.84
CA VAL A 120 -68.18 35.78 -54.70
C VAL A 120 -69.25 36.35 -53.77
N PHE A 121 -68.80 37.03 -52.72
CA PHE A 121 -69.68 37.70 -51.77
C PHE A 121 -69.28 39.17 -51.67
N ILE A 122 -70.23 40.01 -51.26
CA ILE A 122 -69.97 41.43 -51.07
C ILE A 122 -70.59 41.86 -49.73
N PHE A 123 -69.82 42.59 -48.94
CA PHE A 123 -70.25 43.08 -47.64
C PHE A 123 -70.20 44.61 -47.64
N PRO A 124 -71.32 45.28 -47.42
CA PRO A 124 -71.31 46.74 -47.29
C PRO A 124 -70.71 47.17 -45.97
N PRO A 125 -70.34 48.45 -45.82
CA PRO A 125 -69.81 48.90 -44.53
C PRO A 125 -70.87 48.87 -43.45
N SER A 126 -70.44 48.53 -42.24
CA SER A 126 -71.35 48.45 -41.11
C SER A 126 -71.78 49.85 -40.66
N ASP A 127 -72.84 49.87 -39.85
CA ASP A 127 -73.33 51.15 -39.32
C ASP A 127 -72.40 51.68 -38.24
N GLU A 128 -71.82 50.79 -37.43
CA GLU A 128 -70.87 51.23 -36.41
C GLU A 128 -69.64 51.87 -37.04
N GLN A 129 -69.14 51.27 -38.12
CA GLN A 129 -68.00 51.85 -38.82
C GLN A 129 -68.37 53.18 -39.48
N LEU A 130 -69.60 53.28 -39.99
CA LEU A 130 -70.04 54.53 -40.60
C LEU A 130 -70.18 55.65 -39.57
N LYS A 131 -70.55 55.30 -38.33
CA LYS A 131 -70.64 56.31 -37.28
C LYS A 131 -69.29 56.96 -36.98
N SER A 132 -68.18 56.29 -37.29
CA SER A 132 -66.85 56.83 -37.05
C SER A 132 -66.25 57.50 -38.28
N GLY A 133 -66.98 57.58 -39.38
CA GLY A 133 -66.57 58.36 -40.53
C GLY A 133 -65.82 57.63 -41.62
N THR A 134 -65.78 56.30 -41.59
CA THR A 134 -65.09 55.52 -42.62
C THR A 134 -66.00 54.41 -43.11
N ALA A 135 -65.87 54.09 -44.39
CA ALA A 135 -66.66 53.02 -45.01
C ALA A 135 -65.71 52.03 -45.67
N SER A 136 -65.93 50.74 -45.43
CA SER A 136 -65.11 49.68 -46.01
C SER A 136 -66.02 48.63 -46.62
N VAL A 137 -66.01 48.54 -47.95
CA VAL A 137 -66.75 47.51 -48.68
C VAL A 137 -65.81 46.35 -48.96
N VAL A 138 -66.28 45.13 -48.73
CA VAL A 138 -65.42 43.95 -48.82
C VAL A 138 -65.97 43.01 -49.88
N CYS A 139 -65.13 42.68 -50.87
CA CYS A 139 -65.47 41.70 -51.90
C CYS A 139 -64.65 40.44 -51.65
N LEU A 140 -65.32 39.31 -51.47
CA LEU A 140 -64.68 38.07 -51.06
C LEU A 140 -64.81 37.02 -52.16
N LEU A 141 -63.67 36.44 -52.55
CA LEU A 141 -63.60 35.33 -53.48
C LEU A 141 -63.15 34.09 -52.72
N ASN A 142 -63.93 33.01 -52.82
CA ASN A 142 -63.76 31.85 -51.96
C ASN A 142 -63.58 30.58 -52.79
N ASN A 143 -62.52 29.81 -52.48
CA ASN A 143 -62.37 28.42 -52.90
C ASN A 143 -62.38 28.28 -54.44
N PHE A 144 -61.36 28.86 -55.05
CA PHE A 144 -61.14 28.76 -56.49
C PHE A 144 -59.70 28.32 -56.77
N TYR A 145 -59.49 27.66 -57.90
CA TYR A 145 -58.11 27.34 -58.31
C TYR A 145 -57.95 27.27 -59.82
N PRO A 146 -57.72 28.39 -60.48
CA PRO A 146 -56.35 28.78 -60.79
C PRO A 146 -55.96 29.78 -59.72
N ARG A 147 -54.71 30.23 -59.63
CA ARG A 147 -54.45 31.26 -58.63
C ARG A 147 -54.82 32.65 -59.12
N GLU A 148 -54.97 32.83 -60.42
CA GLU A 148 -55.18 34.15 -61.01
C GLU A 148 -56.65 34.54 -60.98
N ALA A 149 -56.91 35.80 -60.64
CA ALA A 149 -58.25 36.37 -60.68
C ALA A 149 -58.15 37.89 -60.67
N LYS A 150 -59.04 38.55 -61.40
CA LYS A 150 -59.10 40.02 -61.42
C LYS A 150 -60.34 40.49 -60.68
N VAL A 151 -60.15 41.40 -59.72
CA VAL A 151 -61.25 42.02 -58.99
C VAL A 151 -61.14 43.52 -59.18
N GLN A 152 -62.15 44.12 -59.82
CA GLN A 152 -62.21 45.54 -60.06
C GLN A 152 -63.40 46.13 -59.33
N TRP A 153 -63.30 47.40 -58.95
CA TRP A 153 -64.36 48.09 -58.24
C TRP A 153 -65.03 49.09 -59.18
N LYS A 154 -66.36 49.09 -59.19
CA LYS A 154 -67.15 50.02 -59.99
C LYS A 154 -68.16 50.70 -59.08
N VAL A 155 -68.04 52.01 -58.95
CA VAL A 155 -68.94 52.82 -58.14
C VAL A 155 -69.74 53.70 -59.09
N ASP A 156 -71.06 53.47 -59.14
CA ASP A 156 -71.93 54.14 -60.10
C ASP A 156 -71.45 53.92 -61.53
N ASN A 157 -71.09 52.66 -61.84
CA ASN A 157 -70.58 52.22 -63.12
C ASN A 157 -69.25 52.88 -63.49
N ALA A 158 -68.60 53.56 -62.55
CA ALA A 158 -67.30 54.17 -62.77
C ALA A 158 -66.22 53.32 -62.11
N LEU A 159 -65.23 52.91 -62.90
CA LEU A 159 -64.16 52.07 -62.39
C LEU A 159 -63.31 52.83 -61.37
N GLN A 160 -62.95 52.15 -60.28
CA GLN A 160 -62.11 52.72 -59.24
C GLN A 160 -60.66 52.30 -59.44
N SER A 161 -59.76 53.08 -58.83
CA SER A 161 -58.33 52.82 -58.96
C SER A 161 -57.60 53.53 -57.83
N GLY A 162 -56.75 52.79 -57.12
CA GLY A 162 -55.86 53.35 -56.13
C GLY A 162 -56.42 53.52 -54.74
N ASN A 163 -57.58 52.92 -54.44
CA ASN A 163 -58.16 53.02 -53.11
C ASN A 163 -58.65 51.66 -52.60
N SER A 164 -58.22 50.58 -53.24
CA SER A 164 -58.60 49.23 -52.86
C SER A 164 -57.36 48.41 -52.56
N GLN A 165 -57.47 47.50 -51.60
CA GLN A 165 -56.37 46.64 -51.19
C GLN A 165 -56.79 45.18 -51.23
N GLU A 166 -55.96 44.34 -51.83
CA GLU A 166 -56.22 42.91 -51.93
C GLU A 166 -55.34 42.14 -50.95
N SER A 167 -55.90 41.08 -50.39
CA SER A 167 -55.16 40.16 -49.52
C SER A 167 -55.63 38.75 -49.83
N VAL A 168 -54.68 37.84 -50.07
CA VAL A 168 -54.98 36.50 -50.53
C VAL A 168 -54.36 35.48 -49.58
N THR A 169 -55.13 34.42 -49.27
CA THR A 169 -54.65 33.35 -48.41
C THR A 169 -53.69 32.45 -49.17
N GLU A 170 -53.12 31.49 -48.46
CA GLU A 170 -52.32 30.44 -49.07
C GLU A 170 -53.19 29.25 -49.45
N GLN A 171 -52.64 28.40 -50.31
CA GLN A 171 -53.40 27.25 -50.82
C GLN A 171 -53.77 26.32 -49.68
N ASP A 172 -55.06 25.99 -49.60
CA ASP A 172 -55.56 25.17 -48.51
C ASP A 172 -55.01 23.76 -48.61
N SER A 173 -54.74 23.16 -47.45
CA SER A 173 -54.20 21.80 -47.39
C SER A 173 -55.24 20.73 -47.68
N LYS A 174 -56.53 21.09 -47.71
CA LYS A 174 -57.59 20.12 -47.90
C LYS A 174 -58.12 20.10 -49.34
N ASP A 175 -58.53 21.25 -49.87
CA ASP A 175 -59.09 21.33 -51.21
C ASP A 175 -58.17 22.05 -52.19
N SER A 176 -57.01 22.52 -51.75
CA SER A 176 -56.01 23.12 -52.65
C SER A 176 -56.57 24.32 -53.40
N THR A 177 -57.37 25.13 -52.73
CA THR A 177 -57.99 26.32 -53.31
C THR A 177 -57.45 27.57 -52.64
N TYR A 178 -57.87 28.73 -53.15
CA TYR A 178 -57.44 30.02 -52.65
C TYR A 178 -58.63 30.89 -52.27
N SER A 179 -58.36 31.89 -51.44
CA SER A 179 -59.36 32.90 -51.10
C SER A 179 -58.72 34.28 -51.15
N LEU A 180 -59.50 35.25 -51.61
CA LEU A 180 -59.01 36.62 -51.80
C LEU A 180 -60.04 37.59 -51.24
N SER A 181 -59.57 38.67 -50.63
CA SER A 181 -60.45 39.71 -50.13
C SER A 181 -59.95 41.04 -50.67
N SER A 182 -60.81 41.76 -51.38
CA SER A 182 -60.52 43.10 -51.88
C SER A 182 -61.36 44.08 -51.08
N THR A 183 -60.72 44.92 -50.30
CA THR A 183 -61.38 45.90 -49.45
C THR A 183 -61.22 47.29 -50.05
N LEU A 184 -62.33 47.99 -50.23
CA LEU A 184 -62.36 49.35 -50.75
C LEU A 184 -62.75 50.28 -49.60
N THR A 185 -61.85 51.20 -49.28
CA THR A 185 -62.02 52.09 -48.13
C THR A 185 -62.20 53.52 -48.61
N LEU A 186 -63.25 54.17 -48.11
CA LEU A 186 -63.57 55.54 -48.47
C LEU A 186 -63.97 56.32 -47.22
N SER A 187 -63.97 57.64 -47.34
CA SER A 187 -64.50 58.48 -46.29
C SER A 187 -66.02 58.44 -46.30
N LYS A 188 -66.61 58.78 -45.16
CA LYS A 188 -68.08 58.77 -45.05
C LYS A 188 -68.71 59.70 -46.08
N ALA A 189 -68.12 60.88 -46.28
CA ALA A 189 -68.64 61.81 -47.28
C ALA A 189 -68.51 61.24 -48.69
N ASP A 190 -67.37 60.63 -49.01
CA ASP A 190 -67.18 60.02 -50.32
C ASP A 190 -68.07 58.80 -50.50
N TYR A 191 -68.30 58.04 -49.43
CA TYR A 191 -69.15 56.86 -49.52
C TYR A 191 -70.61 57.25 -49.73
N GLU A 192 -71.07 58.29 -49.04
CA GLU A 192 -72.43 58.77 -49.23
C GLU A 192 -72.61 59.56 -50.52
N LYS A 193 -71.52 59.84 -51.24
CA LYS A 193 -71.56 60.61 -52.48
C LYS A 193 -71.82 59.73 -53.70
N HIS A 194 -72.33 58.52 -53.49
CA HIS A 194 -72.55 57.59 -54.59
C HIS A 194 -73.75 56.70 -54.27
N LYS A 195 -74.18 55.92 -55.26
CA LYS A 195 -75.41 55.15 -55.18
C LYS A 195 -75.18 53.65 -55.12
N VAL A 196 -74.49 53.07 -56.10
CA VAL A 196 -74.37 51.62 -56.22
C VAL A 196 -72.90 51.25 -56.23
N TYR A 197 -72.54 50.23 -55.45
CA TYR A 197 -71.17 49.74 -55.36
C TYR A 197 -71.12 48.31 -55.87
N ALA A 198 -70.14 48.01 -56.71
CA ALA A 198 -70.03 46.68 -57.29
C ALA A 198 -68.57 46.27 -57.37
N CYS A 199 -68.33 44.97 -57.25
CA CYS A 199 -67.03 44.39 -57.58
C CYS A 199 -67.22 43.39 -58.71
N GLU A 200 -66.39 43.51 -59.73
CA GLU A 200 -66.41 42.68 -60.93
C GLU A 200 -65.24 41.72 -60.86
N VAL A 201 -65.54 40.43 -60.98
CA VAL A 201 -64.56 39.36 -60.87
C VAL A 201 -64.45 38.69 -62.24
N THR A 202 -63.23 38.59 -62.75
CA THR A 202 -62.93 37.80 -63.93
C THR A 202 -61.99 36.67 -63.52
N HIS A 203 -62.25 35.48 -64.04
CA HIS A 203 -61.60 34.28 -63.55
C HIS A 203 -61.88 33.15 -64.53
N GLN A 204 -60.98 32.18 -64.58
CA GLN A 204 -61.08 31.11 -65.57
C GLN A 204 -62.36 30.31 -65.42
N GLY A 205 -62.73 29.97 -64.18
CA GLY A 205 -63.90 29.16 -63.95
C GLY A 205 -65.23 29.85 -64.18
N LEU A 206 -65.22 31.11 -64.59
CA LEU A 206 -66.44 31.88 -64.81
C LEU A 206 -66.64 32.09 -66.30
N SER A 207 -67.86 31.83 -66.77
CA SER A 207 -68.18 32.06 -68.19
C SER A 207 -68.08 33.54 -68.53
N SER A 208 -68.69 34.39 -67.72
CA SER A 208 -68.68 35.83 -67.89
C SER A 208 -68.13 36.49 -66.64
N PRO A 209 -67.50 37.67 -66.78
CA PRO A 209 -67.10 38.42 -65.58
C PRO A 209 -68.30 38.67 -64.69
N VAL A 210 -68.27 38.11 -63.49
CA VAL A 210 -69.40 38.15 -62.57
C VAL A 210 -69.32 39.43 -61.75
N THR A 211 -70.37 40.23 -61.78
CA THR A 211 -70.43 41.49 -61.05
C THR A 211 -71.40 41.35 -59.89
N LYS A 212 -70.92 41.60 -58.67
CA LYS A 212 -71.76 41.62 -57.49
C LYS A 212 -71.88 43.05 -57.00
N SER A 213 -73.13 43.50 -56.85
CA SER A 213 -73.40 44.91 -56.56
C SER A 213 -74.43 45.03 -55.45
N PHE A 214 -74.50 46.25 -54.91
CA PHE A 214 -75.48 46.58 -53.89
C PHE A 214 -75.73 48.07 -53.88
N ASN A 215 -76.97 48.45 -53.58
CA ASN A 215 -77.34 49.85 -53.42
C ASN A 215 -77.25 50.22 -51.95
N ARG A 216 -76.73 51.43 -51.68
CA ARG A 216 -76.59 51.90 -50.32
C ARG A 216 -77.95 51.99 -49.62
N GLY A 217 -78.16 51.14 -48.62
CA GLY A 217 -79.44 51.09 -47.93
C GLY A 217 -80.01 49.69 -47.82
N ASP B 2 4.87 23.86 53.52
CA ASP B 2 4.14 23.31 52.39
C ASP B 2 2.67 23.72 52.42
N ILE B 3 1.89 23.15 51.51
CA ILE B 3 0.48 23.52 51.39
C ILE B 3 -0.29 22.97 52.59
N GLN B 4 -1.12 23.83 53.19
CA GLN B 4 -1.95 23.44 54.32
C GLN B 4 -3.40 23.25 53.86
N MET B 5 -4.02 22.18 54.32
CA MET B 5 -5.38 21.82 53.95
C MET B 5 -6.26 21.74 55.19
N THR B 6 -7.44 22.36 55.11
CA THR B 6 -8.37 22.40 56.24
C THR B 6 -9.75 21.94 55.77
N GLN B 7 -10.35 21.02 56.52
CA GLN B 7 -11.68 20.51 56.23
C GLN B 7 -12.70 21.07 57.21
N SER B 8 -13.93 21.26 56.71
CA SER B 8 -15.03 21.81 57.50
C SER B 8 -16.27 21.00 57.15
N PRO B 9 -17.02 20.51 58.15
CA PRO B 9 -16.87 20.65 59.59
C PRO B 9 -16.05 19.51 60.16
N SER B 10 -15.45 19.72 61.34
CA SER B 10 -14.70 18.65 61.99
C SER B 10 -15.54 17.39 62.13
N SER B 11 -16.80 17.54 62.54
CA SER B 11 -17.73 16.42 62.53
C SER B 11 -19.14 16.94 62.25
N LEU B 12 -20.00 16.04 61.81
CA LEU B 12 -21.41 16.36 61.58
C LEU B 12 -22.24 15.11 61.82
N SER B 13 -23.48 15.32 62.26
CA SER B 13 -24.42 14.24 62.51
C SER B 13 -25.69 14.53 61.72
N ALA B 14 -26.04 13.63 60.81
CA ALA B 14 -27.20 13.82 59.94
C ALA B 14 -27.97 12.51 59.82
N SER B 15 -29.27 12.63 59.57
CA SER B 15 -30.15 11.49 59.41
C SER B 15 -29.96 10.87 58.03
N VAL B 16 -30.54 9.68 57.85
CA VAL B 16 -30.44 8.98 56.57
C VAL B 16 -31.28 9.71 55.53
N GLY B 17 -30.66 10.00 54.39
CA GLY B 17 -31.33 10.69 53.30
C GLY B 17 -31.08 12.18 53.21
N ASP B 18 -30.41 12.76 54.20
CA ASP B 18 -30.16 14.20 54.18
C ASP B 18 -29.09 14.55 53.17
N ARG B 19 -29.13 15.80 52.70
CA ARG B 19 -28.11 16.32 51.78
C ARG B 19 -26.97 16.88 52.62
N VAL B 20 -25.80 16.24 52.52
CA VAL B 20 -24.63 16.60 53.32
C VAL B 20 -23.60 17.26 52.41
N THR B 21 -23.12 18.43 52.82
CA THR B 21 -22.11 19.16 52.06
C THR B 21 -20.93 19.47 52.98
N ILE B 22 -19.76 18.95 52.63
CA ILE B 22 -18.54 19.21 53.38
C ILE B 22 -17.58 19.99 52.48
N THR B 23 -16.70 20.76 53.12
CA THR B 23 -15.83 21.71 52.44
C THR B 23 -14.36 21.39 52.73
N CYS B 24 -13.52 21.68 51.75
CA CYS B 24 -12.07 21.56 51.86
C CYS B 24 -11.43 22.82 51.29
N GLN B 25 -10.42 23.34 52.00
CA GLN B 25 -9.77 24.57 51.58
C GLN B 25 -8.26 24.43 51.69
N ALA B 26 -7.56 24.98 50.70
CA ALA B 26 -6.10 24.92 50.62
C ALA B 26 -5.51 26.31 50.86
N SER B 27 -4.26 26.31 51.32
CA SER B 27 -3.60 27.59 51.62
C SER B 27 -3.32 28.39 50.35
N GLN B 28 -3.13 27.72 49.22
CA GLN B 28 -2.85 28.41 47.96
C GLN B 28 -3.56 27.66 46.83
N ASP B 29 -3.17 27.98 45.59
CA ASP B 29 -3.85 27.46 44.41
C ASP B 29 -3.39 26.03 44.11
N ILE B 30 -4.34 25.10 44.17
CA ILE B 30 -4.11 23.68 43.91
C ILE B 30 -5.05 23.26 42.78
N LYS B 31 -5.18 24.11 41.77
CA LYS B 31 -6.40 24.40 41.03
C LYS B 31 -7.42 23.25 40.96
N LYS B 32 -7.01 22.08 40.48
CA LYS B 32 -7.95 20.97 40.42
C LYS B 32 -7.31 19.65 40.84
N TYR B 33 -6.14 19.67 41.45
CA TYR B 33 -5.43 18.45 41.83
C TYR B 33 -5.85 18.07 43.25
N LEU B 34 -7.08 17.56 43.36
CA LEU B 34 -7.63 17.19 44.65
C LEU B 34 -8.42 15.89 44.54
N ASN B 35 -8.19 14.98 45.48
CA ASN B 35 -8.93 13.73 45.58
C ASN B 35 -9.76 13.72 46.85
N TRP B 36 -10.86 12.97 46.80
CA TRP B 36 -11.72 12.72 47.96
C TRP B 36 -11.71 11.23 48.25
N TYR B 37 -11.41 10.87 49.50
CA TYR B 37 -11.39 9.50 50.00
C TYR B 37 -12.45 9.34 51.08
N HIS B 38 -13.00 8.14 51.17
CA HIS B 38 -14.00 7.79 52.18
C HIS B 38 -13.51 6.55 52.93
N GLN B 39 -13.19 6.73 54.21
CA GLN B 39 -12.75 5.64 55.07
C GLN B 39 -13.92 5.20 55.92
N LYS B 40 -14.43 4.00 55.65
CA LYS B 40 -15.47 3.42 56.46
C LYS B 40 -14.92 3.07 57.83
N PRO B 41 -15.79 2.97 58.85
CA PRO B 41 -15.31 2.66 60.21
C PRO B 41 -14.58 1.34 60.26
N GLY B 42 -13.30 1.38 60.64
CA GLY B 42 -12.49 0.19 60.75
C GLY B 42 -12.19 -0.50 59.44
N LYS B 43 -12.18 0.24 58.34
CA LYS B 43 -11.85 -0.28 57.01
C LYS B 43 -10.68 0.52 56.43
N VAL B 44 -10.34 0.20 55.19
CA VAL B 44 -9.27 0.89 54.47
C VAL B 44 -9.85 2.11 53.78
N PRO B 45 -9.06 3.16 53.56
CA PRO B 45 -9.57 4.31 52.79
C PRO B 45 -9.85 3.91 51.35
N GLU B 46 -11.04 4.25 50.87
CA GLU B 46 -11.42 4.02 49.49
C GLU B 46 -11.45 5.34 48.75
N LEU B 47 -10.90 5.34 47.54
CA LEU B 47 -10.88 6.55 46.73
C LEU B 47 -12.28 6.84 46.20
N LEU B 48 -12.85 7.97 46.63
CA LEU B 48 -14.18 8.34 46.14
C LEU B 48 -14.07 9.02 44.77
N MET B 49 -13.20 10.01 44.64
CA MET B 49 -13.11 10.71 43.35
C MET B 49 -11.78 11.43 43.23
N HIS B 50 -11.40 11.72 41.99
CA HIS B 50 -10.16 12.41 41.68
C HIS B 50 -10.46 13.65 40.84
N ASP B 51 -9.47 14.54 40.77
CA ASP B 51 -9.58 15.82 40.06
C ASP B 51 -10.77 16.65 40.53
N ALA B 52 -11.22 16.38 41.76
CA ALA B 52 -12.21 17.18 42.48
C ALA B 52 -13.61 17.05 41.91
N SER B 53 -13.76 16.41 40.75
CA SER B 53 -15.09 16.12 40.23
C SER B 53 -15.22 14.76 39.57
N ASN B 54 -14.14 14.07 39.21
CA ASN B 54 -14.22 12.84 38.44
C ASN B 54 -14.51 11.67 39.38
N LEU B 55 -15.74 11.18 39.34
CA LEU B 55 -16.12 10.04 40.16
C LEU B 55 -15.34 8.80 39.74
N GLU B 56 -14.92 8.01 40.73
CA GLU B 56 -14.28 6.73 40.47
C GLU B 56 -15.32 5.68 40.13
N THR B 57 -14.94 4.74 39.25
CA THR B 57 -15.88 3.72 38.80
C THR B 57 -16.31 2.85 39.96
N GLY B 58 -17.63 2.66 40.09
CA GLY B 58 -18.20 1.89 41.18
C GLY B 58 -18.74 2.72 42.31
N VAL B 59 -18.33 3.98 42.43
CA VAL B 59 -18.82 4.84 43.50
C VAL B 59 -20.27 5.24 43.19
N PRO B 60 -21.19 5.17 44.17
CA PRO B 60 -22.57 5.56 43.89
C PRO B 60 -22.66 7.01 43.42
N SER B 61 -23.63 7.26 42.53
CA SER B 61 -23.77 8.56 41.89
C SER B 61 -24.24 9.65 42.84
N ARG B 62 -24.60 9.31 44.09
CA ARG B 62 -25.01 10.33 45.04
C ARG B 62 -23.86 11.24 45.45
N PHE B 63 -22.62 10.82 45.24
CA PHE B 63 -21.47 11.66 45.56
C PHE B 63 -21.17 12.61 44.41
N SER B 64 -20.96 13.89 44.72
CA SER B 64 -20.67 14.90 43.71
C SER B 64 -19.61 15.86 44.26
N GLY B 65 -18.54 16.03 43.50
CA GLY B 65 -17.46 16.94 43.86
C GLY B 65 -17.48 18.19 43.00
N ARG B 66 -17.30 19.35 43.66
CA ARG B 66 -17.29 20.63 42.98
C ARG B 66 -16.15 21.48 43.56
N GLY B 67 -15.85 22.57 42.88
CA GLY B 67 -14.88 23.53 43.36
C GLY B 67 -13.59 23.51 42.55
N SER B 68 -12.77 24.51 42.85
CA SER B 68 -11.49 24.71 42.16
C SER B 68 -10.70 25.75 42.95
N GLY B 69 -9.56 26.18 42.40
CA GLY B 69 -8.74 27.18 43.03
C GLY B 69 -8.30 26.77 44.42
N THR B 70 -8.91 27.38 45.44
CA THR B 70 -8.60 27.06 46.82
C THR B 70 -9.75 26.40 47.57
N ASP B 71 -10.95 26.35 46.98
CA ASP B 71 -12.13 25.88 47.71
C ASP B 71 -12.83 24.77 46.95
N PHE B 72 -13.18 23.70 47.66
CA PHE B 72 -13.83 22.54 47.07
C PHE B 72 -14.91 22.03 48.02
N THR B 73 -15.92 21.39 47.45
CA THR B 73 -17.04 20.84 48.21
C THR B 73 -17.35 19.42 47.75
N LEU B 74 -17.67 18.57 48.71
CA LEU B 74 -18.17 17.23 48.45
C LEU B 74 -19.60 17.13 48.96
N THR B 75 -20.50 16.61 48.13
CA THR B 75 -21.93 16.62 48.43
C THR B 75 -22.51 15.23 48.24
N ILE B 76 -23.21 14.75 49.27
CA ILE B 76 -24.01 13.53 49.21
C ILE B 76 -25.47 13.94 49.18
N SER B 77 -26.15 13.63 48.08
CA SER B 77 -27.54 14.05 47.94
C SER B 77 -28.44 13.32 48.92
N SER B 78 -28.26 12.01 49.09
CA SER B 78 -29.04 11.21 50.03
C SER B 78 -28.07 10.35 50.84
N LEU B 79 -27.82 10.75 52.08
CA LEU B 79 -26.90 10.01 52.94
C LEU B 79 -27.45 8.61 53.22
N GLN B 80 -26.55 7.63 53.17
CA GLN B 80 -26.93 6.22 53.30
C GLN B 80 -26.26 5.61 54.52
N PRO B 81 -26.71 4.42 54.98
CA PRO B 81 -26.03 3.78 56.11
C PRO B 81 -24.55 3.54 55.88
N GLU B 82 -24.17 2.97 54.74
CA GLU B 82 -22.78 2.64 54.48
C GLU B 82 -21.93 3.87 54.13
N ASP B 83 -22.50 5.07 54.22
CA ASP B 83 -21.76 6.29 53.98
C ASP B 83 -21.15 6.89 55.25
N ILE B 84 -21.38 6.25 56.41
CA ILE B 84 -20.79 6.77 57.65
C ILE B 84 -19.29 6.56 57.64
N GLY B 85 -18.60 7.30 58.49
CA GLY B 85 -17.16 7.15 58.59
C GLY B 85 -16.41 8.47 58.59
N THR B 86 -15.31 8.53 57.84
CA THR B 86 -14.52 9.75 57.74
C THR B 86 -14.25 10.05 56.27
N TYR B 87 -14.22 11.34 55.94
CA TYR B 87 -13.96 11.79 54.58
C TYR B 87 -12.72 12.68 54.57
N TYR B 88 -11.79 12.38 53.67
CA TYR B 88 -10.50 13.06 53.60
C TYR B 88 -10.29 13.65 52.22
N CYS B 89 -9.98 14.95 52.17
CA CYS B 89 -9.53 15.58 50.93
C CYS B 89 -8.01 15.62 50.92
N GLN B 90 -7.42 15.36 49.75
CA GLN B 90 -5.98 15.31 49.63
C GLN B 90 -5.53 15.96 48.32
N GLN B 91 -4.57 16.88 48.42
CA GLN B 91 -4.04 17.56 47.25
C GLN B 91 -2.80 16.84 46.72
N TYR B 92 -2.64 16.86 45.40
CA TYR B 92 -1.44 16.34 44.73
C TYR B 92 -0.90 17.37 43.75
N ASP B 93 -0.63 18.57 44.24
CA ASP B 93 -0.21 19.68 43.40
C ASP B 93 1.30 19.66 43.19
N ASN B 94 1.73 19.13 42.04
CA ASN B 94 3.08 19.37 41.55
C ASN B 94 4.22 18.95 42.47
N LEU B 95 4.59 17.64 42.46
CA LEU B 95 5.78 17.21 43.19
C LEU B 95 5.62 17.20 44.70
N PRO B 96 5.24 16.06 45.27
CA PRO B 96 4.88 15.93 46.71
C PRO B 96 5.88 16.64 47.62
N PRO B 97 5.52 16.89 48.89
CA PRO B 97 4.47 16.33 49.78
C PRO B 97 2.98 16.47 49.44
N LEU B 98 2.32 15.31 49.28
CA LEU B 98 0.86 15.20 49.14
C LEU B 98 0.21 15.34 50.51
N THR B 99 -0.09 16.57 50.92
CA THR B 99 -0.72 16.77 52.22
C THR B 99 -2.18 16.33 52.18
N PHE B 100 -2.64 15.74 53.29
CA PHE B 100 -4.04 15.40 53.44
C PHE B 100 -4.77 16.52 54.17
N GLY B 101 -6.05 16.29 54.46
CA GLY B 101 -6.82 17.18 55.31
C GLY B 101 -7.00 16.61 56.71
N GLY B 102 -7.66 17.42 57.54
CA GLY B 102 -7.95 17.00 58.90
C GLY B 102 -9.02 15.93 59.01
N GLY B 103 -9.76 15.68 57.94
CA GLY B 103 -10.83 14.71 57.94
C GLY B 103 -12.15 15.29 58.40
N THR B 104 -13.23 14.59 58.06
CA THR B 104 -14.57 14.98 58.47
C THR B 104 -15.33 13.73 58.91
N LYS B 105 -15.75 13.71 60.16
CA LYS B 105 -16.52 12.59 60.68
C LYS B 105 -17.99 12.73 60.29
N VAL B 106 -18.58 11.62 59.83
CA VAL B 106 -19.97 11.58 59.43
C VAL B 106 -20.64 10.41 60.14
N GLU B 107 -21.67 10.71 60.94
CA GLU B 107 -22.39 9.71 61.72
C GLU B 107 -23.89 9.93 61.55
N ILE B 108 -24.64 8.84 61.67
CA ILE B 108 -26.09 8.90 61.68
C ILE B 108 -26.57 9.40 63.04
N LYS B 109 -27.72 10.08 63.05
CA LYS B 109 -28.26 10.61 64.29
C LYS B 109 -28.50 9.50 65.31
N ARG B 110 -28.61 9.90 66.58
CA ARG B 110 -28.61 9.01 67.73
C ARG B 110 -29.87 8.17 67.89
N THR B 111 -30.80 8.03 66.93
CA THR B 111 -31.94 7.11 67.02
C THR B 111 -32.60 7.13 68.40
N VAL B 112 -33.31 8.22 68.70
CA VAL B 112 -33.87 8.44 70.04
C VAL B 112 -34.79 7.30 70.43
N ARG B 113 -34.59 6.78 71.65
CA ARG B 113 -35.37 5.72 72.26
C ARG B 113 -36.06 6.22 73.52
N THR B 114 -37.22 5.65 73.83
CA THR B 114 -37.85 5.88 75.12
C THR B 114 -36.88 5.59 76.25
N VAL B 115 -37.09 6.27 77.38
CA VAL B 115 -36.18 6.14 78.51
C VAL B 115 -36.22 4.71 79.04
N ALA B 116 -35.05 4.16 79.37
CA ALA B 116 -34.95 2.81 79.89
C ALA B 116 -34.01 2.79 81.09
N ALA B 117 -34.43 2.14 82.16
CA ALA B 117 -33.63 2.08 83.36
C ALA B 117 -32.56 1.00 83.25
N PRO B 118 -31.38 1.24 83.82
CA PRO B 118 -30.30 0.25 83.70
C PRO B 118 -30.44 -0.88 84.69
N SER B 119 -30.14 -2.10 84.22
CA SER B 119 -30.00 -3.23 85.11
C SER B 119 -28.60 -3.19 85.73
N VAL B 120 -28.53 -3.19 87.06
CA VAL B 120 -27.28 -2.97 87.78
C VAL B 120 -26.84 -4.27 88.44
N PHE B 121 -25.61 -4.68 88.16
CA PHE B 121 -24.99 -5.85 88.75
C PHE B 121 -23.68 -5.44 89.42
N ILE B 122 -23.24 -6.23 90.39
CA ILE B 122 -21.99 -6.01 91.10
C ILE B 122 -21.21 -7.32 91.14
N PHE B 123 -19.93 -7.26 90.80
CA PHE B 123 -19.05 -8.42 90.76
C PHE B 123 -17.87 -8.18 91.71
N PRO B 124 -17.71 -9.04 92.71
CA PRO B 124 -16.54 -8.94 93.59
C PRO B 124 -15.30 -9.45 92.90
N PRO B 125 -14.11 -9.15 93.41
CA PRO B 125 -12.89 -9.70 92.81
C PRO B 125 -12.80 -11.21 92.98
N SER B 126 -12.25 -11.87 91.97
CA SER B 126 -12.11 -13.31 91.99
C SER B 126 -10.99 -13.72 92.95
N ASP B 127 -10.95 -15.02 93.28
CA ASP B 127 -9.89 -15.52 94.14
C ASP B 127 -8.56 -15.59 93.40
N GLU B 128 -8.59 -15.91 92.10
CA GLU B 128 -7.36 -15.95 91.33
C GLU B 128 -6.73 -14.57 91.22
N GLN B 129 -7.55 -13.53 91.02
CA GLN B 129 -7.01 -12.17 90.97
C GLN B 129 -6.47 -11.75 92.34
N LEU B 130 -7.14 -12.17 93.42
CA LEU B 130 -6.65 -11.85 94.75
C LEU B 130 -5.34 -12.56 95.05
N LYS B 131 -5.13 -13.74 94.47
CA LYS B 131 -3.86 -14.45 94.65
C LYS B 131 -2.67 -13.66 94.09
N SER B 132 -2.91 -12.74 93.15
CA SER B 132 -1.85 -11.93 92.57
C SER B 132 -1.71 -10.56 93.23
N GLY B 133 -2.53 -10.25 94.22
CA GLY B 133 -2.35 -9.05 95.02
C GLY B 133 -3.16 -7.84 94.59
N THR B 134 -4.12 -8.00 93.68
CA THR B 134 -4.96 -6.90 93.23
C THR B 134 -6.41 -7.33 93.26
N ALA B 135 -7.30 -6.38 93.56
CA ALA B 135 -8.73 -6.63 93.63
C ALA B 135 -9.45 -5.65 92.71
N SER B 136 -10.38 -6.15 91.91
CA SER B 136 -11.15 -5.32 90.99
C SER B 136 -12.63 -5.62 91.17
N VAL B 137 -13.36 -4.64 91.70
CA VAL B 137 -14.81 -4.75 91.85
C VAL B 137 -15.44 -4.07 90.63
N VAL B 138 -16.42 -4.73 90.03
CA VAL B 138 -17.00 -4.27 88.77
C VAL B 138 -18.48 -3.99 88.97
N CYS B 139 -18.90 -2.77 88.66
CA CYS B 139 -20.31 -2.38 88.69
C CYS B 139 -20.77 -2.22 87.26
N LEU B 140 -21.79 -2.99 86.87
CA LEU B 140 -22.25 -3.06 85.50
C LEU B 140 -23.66 -2.50 85.37
N LEU B 141 -23.82 -1.55 84.45
CA LEU B 141 -25.12 -0.99 84.09
C LEU B 141 -25.46 -1.45 82.68
N ASN B 142 -26.64 -2.04 82.51
CA ASN B 142 -27.01 -2.74 81.29
C ASN B 142 -28.27 -2.14 80.70
N ASN B 143 -28.25 -1.86 79.39
CA ASN B 143 -29.44 -1.59 78.59
C ASN B 143 -30.24 -0.40 79.15
N PHE B 144 -29.61 0.77 79.08
CA PHE B 144 -30.25 2.01 79.50
C PHE B 144 -30.15 3.05 78.41
N TYR B 145 -31.10 3.99 78.44
CA TYR B 145 -31.15 5.15 77.57
C TYR B 145 -31.79 6.21 78.46
N PRO B 146 -31.19 7.40 78.60
CA PRO B 146 -30.11 7.97 77.80
C PRO B 146 -28.72 7.60 78.30
N ARG B 147 -27.70 8.16 77.66
CA ARG B 147 -26.31 7.86 78.01
C ARG B 147 -25.88 8.46 79.34
N GLU B 148 -26.62 9.42 79.89
CA GLU B 148 -26.18 10.07 81.12
C GLU B 148 -26.56 9.20 82.32
N ALA B 149 -25.60 9.01 83.23
CA ALA B 149 -25.83 8.26 84.46
C ALA B 149 -24.69 8.55 85.43
N LYS B 150 -25.01 8.56 86.72
CA LYS B 150 -24.02 8.75 87.78
C LYS B 150 -23.80 7.44 88.50
N VAL B 151 -22.54 7.02 88.59
CA VAL B 151 -22.15 5.81 89.31
C VAL B 151 -21.12 6.20 90.38
N GLN B 152 -21.46 5.96 91.64
CA GLN B 152 -20.58 6.26 92.76
C GLN B 152 -20.24 4.97 93.51
N TRP B 153 -19.04 4.95 94.11
CA TRP B 153 -18.57 3.81 94.88
C TRP B 153 -18.56 4.16 96.37
N LYS B 154 -19.07 3.24 97.19
CA LYS B 154 -19.09 3.41 98.63
C LYS B 154 -18.52 2.15 99.28
N VAL B 155 -17.41 2.30 99.99
CA VAL B 155 -16.76 1.20 100.70
C VAL B 155 -16.88 1.49 102.18
N ASP B 156 -17.63 0.64 102.89
CA ASP B 156 -17.95 0.86 104.31
C ASP B 156 -18.60 2.22 104.52
N ASN B 157 -19.53 2.57 103.63
CA ASN B 157 -20.26 3.83 103.62
C ASN B 157 -19.34 5.03 103.41
N ALA B 158 -18.10 4.82 103.00
CA ALA B 158 -17.15 5.89 102.74
C ALA B 158 -17.04 6.09 101.22
N LEU B 159 -17.28 7.32 100.78
CA LEU B 159 -17.26 7.62 99.35
C LEU B 159 -15.86 7.46 98.78
N GLN B 160 -15.77 6.86 97.60
CA GLN B 160 -14.50 6.67 96.90
C GLN B 160 -14.29 7.78 95.88
N SER B 161 -13.03 7.99 95.52
CA SER B 161 -12.67 9.03 94.56
C SER B 161 -11.27 8.75 94.02
N GLY B 162 -11.14 8.72 92.70
CA GLY B 162 -9.85 8.63 92.06
C GLY B 162 -9.30 7.24 91.87
N ASN B 163 -10.12 6.20 92.04
CA ASN B 163 -9.65 4.83 91.86
C ASN B 163 -10.61 4.00 91.02
N SER B 164 -11.52 4.64 90.30
CA SER B 164 -12.47 3.95 89.45
C SER B 164 -12.36 4.46 88.01
N GLN B 165 -12.56 3.56 87.06
CA GLN B 165 -12.53 3.87 85.64
C GLN B 165 -13.82 3.41 85.00
N GLU B 166 -14.45 4.28 84.20
CA GLU B 166 -15.69 3.96 83.52
C GLU B 166 -15.42 3.72 82.04
N SER B 167 -16.15 2.78 81.47
CA SER B 167 -16.08 2.48 80.05
C SER B 167 -17.49 2.21 79.54
N VAL B 168 -17.88 2.87 78.45
CA VAL B 168 -19.24 2.83 77.95
C VAL B 168 -19.23 2.34 76.51
N THR B 169 -20.17 1.46 76.18
CA THR B 169 -20.29 0.95 74.84
C THR B 169 -20.92 1.99 73.93
N GLU B 170 -20.98 1.66 72.64
CA GLU B 170 -21.70 2.47 71.68
C GLU B 170 -23.16 2.02 71.63
N GLN B 171 -24.00 2.88 71.07
CA GLN B 171 -25.43 2.60 71.03
C GLN B 171 -25.70 1.34 70.23
N ASP B 172 -26.46 0.42 70.83
CA ASP B 172 -26.71 -0.88 70.23
C ASP B 172 -27.52 -0.73 68.95
N SER B 173 -27.20 -1.58 67.97
CA SER B 173 -27.89 -1.55 66.68
C SER B 173 -29.28 -2.15 66.72
N LYS B 174 -29.64 -2.87 67.79
CA LYS B 174 -30.93 -3.54 67.88
C LYS B 174 -31.93 -2.77 68.75
N ASP B 175 -31.58 -2.46 69.99
CA ASP B 175 -32.48 -1.77 70.90
C ASP B 175 -32.06 -0.34 71.20
N SER B 176 -30.95 0.14 70.62
CA SER B 176 -30.53 1.54 70.76
C SER B 176 -30.32 1.93 72.23
N THR B 177 -29.71 1.03 72.99
CA THR B 177 -29.43 1.24 74.41
C THR B 177 -27.93 1.33 74.64
N TYR B 178 -27.56 1.61 75.90
CA TYR B 178 -26.17 1.75 76.29
C TYR B 178 -25.83 0.80 77.43
N SER B 179 -24.55 0.52 77.59
CA SER B 179 -24.04 -0.25 78.71
C SER B 179 -22.78 0.43 79.23
N LEU B 180 -22.61 0.40 80.55
CA LEU B 180 -21.50 1.06 81.22
C LEU B 180 -20.89 0.12 82.25
N SER B 181 -19.57 0.16 82.36
CA SER B 181 -18.86 -0.64 83.36
C SER B 181 -17.93 0.28 84.14
N SER B 182 -18.09 0.29 85.46
CA SER B 182 -17.22 1.04 86.35
C SER B 182 -16.38 0.05 87.15
N THR B 183 -15.07 0.07 86.93
CA THR B 183 -14.14 -0.84 87.59
C THR B 183 -13.39 -0.08 88.67
N LEU B 184 -13.44 -0.61 89.89
CA LEU B 184 -12.75 -0.06 91.04
C LEU B 184 -11.61 -1.00 91.42
N THR B 185 -10.38 -0.49 91.35
CA THR B 185 -9.19 -1.31 91.55
C THR B 185 -8.49 -0.91 92.85
N LEU B 186 -8.19 -1.89 93.68
CA LEU B 186 -7.53 -1.68 94.95
C LEU B 186 -6.47 -2.75 95.15
N SER B 187 -5.58 -2.50 96.11
CA SER B 187 -4.62 -3.53 96.51
C SER B 187 -5.31 -4.58 97.35
N LYS B 188 -4.70 -5.78 97.38
CA LYS B 188 -5.26 -6.88 98.16
C LYS B 188 -5.38 -6.52 99.63
N ALA B 189 -4.38 -5.82 100.18
CA ALA B 189 -4.43 -5.40 101.56
C ALA B 189 -5.56 -4.40 101.79
N ASP B 190 -5.76 -3.47 100.85
CA ASP B 190 -6.84 -2.50 101.00
C ASP B 190 -8.21 -3.17 100.86
N TYR B 191 -8.31 -4.19 100.01
CA TYR B 191 -9.58 -4.89 99.84
C TYR B 191 -9.92 -5.70 101.09
N GLU B 192 -8.91 -6.33 101.70
CA GLU B 192 -9.12 -7.09 102.92
C GLU B 192 -9.32 -6.21 104.15
N LYS B 193 -9.10 -4.90 104.03
CA LYS B 193 -9.24 -3.97 105.14
C LYS B 193 -10.64 -3.39 105.26
N HIS B 194 -11.64 -4.00 104.62
CA HIS B 194 -12.99 -3.45 104.63
C HIS B 194 -14.00 -4.59 104.56
N LYS B 195 -15.27 -4.26 104.74
CA LYS B 195 -16.33 -5.24 104.90
C LYS B 195 -17.32 -5.26 103.73
N VAL B 196 -17.96 -4.13 103.42
CA VAL B 196 -19.06 -4.09 102.47
C VAL B 196 -18.70 -3.12 101.34
N TYR B 197 -18.95 -3.54 100.11
CA TYR B 197 -18.71 -2.74 98.92
C TYR B 197 -20.03 -2.49 98.20
N ALA B 198 -20.27 -1.24 97.79
CA ALA B 198 -21.52 -0.91 97.11
C ALA B 198 -21.25 0.09 95.99
N CYS B 199 -22.05 -0.03 94.93
CA CYS B 199 -22.10 1.00 93.90
C CYS B 199 -23.52 1.54 93.81
N GLU B 200 -23.65 2.86 93.83
CA GLU B 200 -24.93 3.55 93.78
C GLU B 200 -25.08 4.24 92.43
N VAL B 201 -26.19 3.96 91.75
CA VAL B 201 -26.45 4.47 90.40
C VAL B 201 -27.66 5.40 90.46
N THR B 202 -27.50 6.60 89.92
CA THR B 202 -28.59 7.54 89.70
C THR B 202 -28.75 7.77 88.20
N HIS B 203 -30.00 7.84 87.76
CA HIS B 203 -30.35 7.82 86.34
C HIS B 203 -31.81 8.23 86.19
N GLN B 204 -32.14 8.76 85.01
CA GLN B 204 -33.48 9.30 84.78
C GLN B 204 -34.55 8.23 84.97
N GLY B 205 -34.30 7.03 84.45
CA GLY B 205 -35.27 5.94 84.52
C GLY B 205 -35.42 5.29 85.88
N LEU B 206 -34.70 5.77 86.89
CA LEU B 206 -34.76 5.19 88.23
C LEU B 206 -35.51 6.12 89.16
N SER B 207 -36.49 5.58 89.88
CA SER B 207 -37.22 6.36 90.87
C SER B 207 -36.30 6.78 92.02
N SER B 208 -35.53 5.84 92.55
CA SER B 208 -34.58 6.09 93.61
C SER B 208 -33.19 5.65 93.16
N PRO B 209 -32.13 6.31 93.64
CA PRO B 209 -30.77 5.82 93.37
C PRO B 209 -30.59 4.40 93.85
N VAL B 210 -30.33 3.49 92.92
CA VAL B 210 -30.27 2.06 93.23
C VAL B 210 -28.84 1.73 93.67
N THR B 211 -28.72 1.16 94.86
CA THR B 211 -27.42 0.78 95.42
C THR B 211 -27.34 -0.74 95.44
N LYS B 212 -26.31 -1.28 94.78
CA LYS B 212 -26.04 -2.72 94.81
C LYS B 212 -24.75 -2.97 95.57
N SER B 213 -24.83 -3.85 96.57
CA SER B 213 -23.74 -4.05 97.52
C SER B 213 -23.50 -5.54 97.73
N PHE B 214 -22.36 -5.83 98.35
CA PHE B 214 -22.00 -7.18 98.74
C PHE B 214 -21.03 -7.11 99.91
N ASN B 215 -21.12 -8.11 100.78
CA ASN B 215 -20.20 -8.25 101.90
C ASN B 215 -19.07 -9.20 101.52
N ARG B 216 -17.85 -8.86 101.93
CA ARG B 216 -16.70 -9.69 101.65
C ARG B 216 -16.86 -11.06 102.30
N GLY B 217 -17.00 -12.11 101.50
CA GLY B 217 -17.22 -13.45 102.00
C GLY B 217 -18.41 -14.15 101.38
N ASP C 2 50.70 -25.64 -14.34
CA ASP C 2 50.07 -26.94 -14.48
C ASP C 2 50.11 -27.70 -13.15
N ILE C 3 49.03 -27.60 -12.37
CA ILE C 3 48.97 -28.25 -11.06
C ILE C 3 48.91 -29.75 -11.25
N GLN C 4 49.72 -30.49 -10.48
CA GLN C 4 49.77 -31.94 -10.58
C GLN C 4 48.99 -32.58 -9.44
N MET C 5 48.24 -33.64 -9.78
CA MET C 5 47.41 -34.38 -8.85
C MET C 5 47.94 -35.80 -8.75
N THR C 6 48.05 -36.31 -7.53
CA THR C 6 48.60 -37.63 -7.28
C THR C 6 47.63 -38.41 -6.41
N GLN C 7 47.31 -39.63 -6.84
CA GLN C 7 46.47 -40.52 -6.05
C GLN C 7 47.39 -41.57 -5.45
N SER C 8 47.08 -42.01 -4.22
CA SER C 8 48.13 -42.86 -3.69
C SER C 8 47.71 -44.15 -2.98
N PRO C 9 46.71 -44.87 -3.48
CA PRO C 9 46.96 -46.27 -3.84
C PRO C 9 47.18 -46.34 -5.34
N SER C 10 48.12 -47.12 -5.83
CA SER C 10 48.19 -47.34 -7.28
C SER C 10 46.98 -48.11 -7.75
N SER C 11 46.68 -49.21 -7.05
CA SER C 11 45.46 -50.00 -7.18
C SER C 11 45.21 -50.61 -5.82
N LEU C 12 43.98 -51.08 -5.60
CA LEU C 12 43.70 -51.71 -4.32
C LEU C 12 42.68 -52.82 -4.52
N SER C 13 42.79 -53.83 -3.66
CA SER C 13 41.91 -54.99 -3.69
C SER C 13 41.27 -55.15 -2.31
N ALA C 14 39.95 -55.06 -2.25
CA ALA C 14 39.22 -55.16 -0.99
C ALA C 14 37.99 -56.03 -1.21
N SER C 15 37.56 -56.68 -0.13
CA SER C 15 36.40 -57.55 -0.19
C SER C 15 35.12 -56.72 -0.19
N VAL C 16 34.00 -57.41 -0.45
CA VAL C 16 32.71 -56.74 -0.48
C VAL C 16 32.30 -56.34 0.94
N GLY C 17 31.96 -55.07 1.13
CA GLY C 17 31.55 -54.55 2.41
C GLY C 17 32.64 -53.84 3.19
N ASP C 18 33.89 -53.92 2.73
CA ASP C 18 34.99 -53.30 3.43
C ASP C 18 34.99 -51.79 3.23
N ARG C 19 35.62 -51.09 4.17
CA ARG C 19 35.77 -49.64 4.08
C ARG C 19 36.99 -49.32 3.23
N VAL C 20 36.75 -48.69 2.08
CA VAL C 20 37.81 -48.36 1.12
C VAL C 20 38.07 -46.87 1.21
N THR C 21 39.34 -46.51 1.39
CA THR C 21 39.75 -45.11 1.48
C THR C 21 40.87 -44.86 0.48
N ILE C 22 40.62 -43.96 -0.46
CA ILE C 22 41.63 -43.57 -1.44
C ILE C 22 41.99 -42.12 -1.20
N THR C 23 43.19 -41.75 -1.60
CA THR C 23 43.76 -40.45 -1.29
C THR C 23 44.09 -39.69 -2.56
N CYS C 24 43.96 -38.38 -2.50
CA CYS C 24 44.35 -37.48 -3.58
C CYS C 24 45.10 -36.32 -2.98
N GLN C 25 46.20 -35.92 -3.63
CA GLN C 25 47.06 -34.86 -3.12
C GLN C 25 47.41 -33.94 -4.28
N ALA C 26 47.46 -32.64 -4.00
CA ALA C 26 47.74 -31.64 -5.03
C ALA C 26 49.12 -31.05 -4.81
N SER C 27 49.72 -30.54 -5.89
CA SER C 27 51.05 -29.96 -5.79
C SER C 27 51.03 -28.67 -4.99
N GLN C 28 49.91 -27.95 -4.99
CA GLN C 28 49.77 -26.72 -4.24
C GLN C 28 48.33 -26.64 -3.72
N ASP C 29 47.94 -25.46 -3.25
CA ASP C 29 46.64 -25.27 -2.61
C ASP C 29 45.55 -25.11 -3.67
N ILE C 30 44.57 -26.03 -3.66
CA ILE C 30 43.45 -26.06 -4.58
C ILE C 30 42.16 -26.00 -3.76
N LYS C 31 42.16 -25.15 -2.73
CA LYS C 31 41.56 -25.39 -1.42
C LYS C 31 40.39 -26.37 -1.40
N LYS C 32 39.36 -26.13 -2.21
CA LYS C 32 38.24 -27.06 -2.25
C LYS C 32 37.74 -27.28 -3.67
N TYR C 33 38.49 -26.88 -4.69
CA TYR C 33 38.07 -27.01 -6.09
C TYR C 33 38.54 -28.37 -6.62
N LEU C 34 37.87 -29.41 -6.17
CA LEU C 34 38.22 -30.77 -6.55
C LEU C 34 36.96 -31.61 -6.77
N ASN C 35 36.94 -32.37 -7.86
CA ASN C 35 35.85 -33.29 -8.16
C ASN C 35 36.35 -34.73 -8.09
N TRP C 36 35.42 -35.64 -7.79
CA TRP C 36 35.66 -37.08 -7.81
C TRP C 36 34.77 -37.72 -8.86
N TYR C 37 35.39 -38.48 -9.77
CA TYR C 37 34.72 -39.24 -10.82
C TYR C 37 34.98 -40.72 -10.63
N HIS C 38 33.99 -41.53 -11.02
CA HIS C 38 34.08 -42.98 -10.96
C HIS C 38 33.78 -43.54 -12.34
N GLN C 39 34.77 -44.14 -12.98
CA GLN C 39 34.62 -44.76 -14.29
C GLN C 39 34.52 -46.27 -14.07
N LYS C 40 33.33 -46.82 -14.28
CA LYS C 40 33.14 -48.25 -14.20
C LYS C 40 33.88 -48.94 -15.33
N PRO C 41 34.21 -50.23 -15.17
CA PRO C 41 34.96 -50.94 -16.21
C PRO C 41 34.24 -50.91 -17.55
N GLY C 42 34.88 -50.30 -18.54
CA GLY C 42 34.31 -50.21 -19.87
C GLY C 42 33.10 -49.31 -19.98
N LYS C 43 32.98 -48.32 -19.11
CA LYS C 43 31.88 -47.37 -19.12
C LYS C 43 32.43 -45.95 -19.22
N VAL C 44 31.53 -44.98 -19.19
CA VAL C 44 31.90 -43.57 -19.26
C VAL C 44 32.15 -43.06 -17.84
N PRO C 45 33.02 -42.06 -17.66
CA PRO C 45 33.21 -41.47 -16.33
C PRO C 45 31.96 -40.72 -15.90
N GLU C 46 31.48 -41.03 -14.69
CA GLU C 46 30.36 -40.31 -14.09
C GLU C 46 30.88 -39.48 -12.93
N LEU C 47 30.37 -38.26 -12.80
CA LEU C 47 30.79 -37.39 -11.71
C LEU C 47 30.20 -37.88 -10.39
N LEU C 48 31.07 -38.30 -9.47
CA LEU C 48 30.60 -38.72 -8.16
C LEU C 48 30.31 -37.53 -7.26
N MET C 49 31.22 -36.55 -7.21
CA MET C 49 30.99 -35.42 -6.32
C MET C 49 31.82 -34.22 -6.74
N HIS C 50 31.35 -33.04 -6.31
CA HIS C 50 32.02 -31.78 -6.60
C HIS C 50 32.30 -31.04 -5.29
N ASP C 51 33.20 -30.06 -5.38
CA ASP C 51 33.68 -29.27 -4.23
C ASP C 51 34.23 -30.15 -3.11
N ALA C 52 34.68 -31.35 -3.47
CA ALA C 52 35.43 -32.27 -2.62
C ALA C 52 34.59 -32.94 -1.54
N SER C 53 33.36 -32.50 -1.33
CA SER C 53 32.46 -33.19 -0.39
C SER C 53 31.03 -33.30 -0.87
N ASN C 54 30.57 -32.49 -1.82
CA ASN C 54 29.16 -32.44 -2.18
C ASN C 54 28.82 -33.56 -3.15
N LEU C 55 28.09 -34.57 -2.65
CA LEU C 55 27.67 -35.68 -3.50
C LEU C 55 26.71 -35.19 -4.57
N GLU C 56 26.86 -35.73 -5.77
CA GLU C 56 25.94 -35.44 -6.86
C GLU C 56 24.65 -36.26 -6.69
N THR C 57 23.55 -35.69 -7.16
CA THR C 57 22.24 -36.32 -6.98
C THR C 57 22.22 -37.69 -7.67
N GLY C 58 21.76 -38.70 -6.94
CA GLY C 58 21.74 -40.06 -7.40
C GLY C 58 22.89 -40.91 -6.90
N VAL C 59 23.96 -40.30 -6.43
CA VAL C 59 25.10 -41.07 -5.91
C VAL C 59 24.71 -41.68 -4.56
N PRO C 60 24.98 -42.96 -4.34
CA PRO C 60 24.65 -43.57 -3.04
C PRO C 60 25.37 -42.88 -1.89
N SER C 61 24.70 -42.81 -0.75
CA SER C 61 25.25 -42.09 0.40
C SER C 61 26.45 -42.79 1.01
N ARG C 62 26.77 -44.01 0.57
CA ARG C 62 27.96 -44.69 1.10
C ARG C 62 29.25 -44.01 0.65
N PHE C 63 29.20 -43.19 -0.39
CA PHE C 63 30.37 -42.43 -0.81
C PHE C 63 30.45 -41.15 -0.01
N SER C 64 31.65 -40.85 0.52
CA SER C 64 31.86 -39.64 1.30
C SER C 64 33.24 -39.07 0.95
N GLY C 65 33.26 -37.81 0.53
CA GLY C 65 34.51 -37.12 0.23
C GLY C 65 34.81 -36.10 1.32
N ARG C 66 36.06 -36.09 1.76
CA ARG C 66 36.50 -35.17 2.80
C ARG C 66 37.86 -34.59 2.41
N GLY C 67 38.27 -33.56 3.12
CA GLY C 67 39.58 -32.98 2.94
C GLY C 67 39.50 -31.59 2.31
N SER C 68 40.65 -30.95 2.27
CA SER C 68 40.75 -29.58 1.76
C SER C 68 42.23 -29.25 1.58
N GLY C 69 42.52 -28.00 1.25
CA GLY C 69 43.87 -27.55 1.04
C GLY C 69 44.57 -28.33 -0.05
N THR C 70 45.49 -29.21 0.35
CA THR C 70 46.22 -30.04 -0.59
C THR C 70 45.88 -31.53 -0.47
N ASP C 71 45.14 -31.94 0.54
CA ASP C 71 44.92 -33.35 0.82
C ASP C 71 43.43 -33.65 0.87
N PHE C 72 43.02 -34.71 0.17
CA PHE C 72 41.61 -35.09 0.09
C PHE C 72 41.51 -36.61 0.14
N THR C 73 40.38 -37.10 0.63
CA THR C 73 40.12 -38.53 0.75
C THR C 73 38.72 -38.85 0.24
N LEU C 74 38.60 -39.96 -0.48
CA LEU C 74 37.31 -40.50 -0.89
C LEU C 74 37.12 -41.85 -0.18
N THR C 75 35.95 -42.04 0.43
CA THR C 75 35.71 -43.20 1.27
C THR C 75 34.40 -43.87 0.90
N ILE C 76 34.45 -45.17 0.67
CA ILE C 76 33.29 -46.03 0.51
C ILE C 76 33.14 -46.84 1.79
N SER C 77 32.02 -46.63 2.49
CA SER C 77 31.82 -47.31 3.77
C SER C 77 31.71 -48.82 3.59
N SER C 78 30.95 -49.27 2.60
CA SER C 78 30.80 -50.70 2.30
C SER C 78 31.00 -50.88 0.79
N LEU C 79 32.15 -51.41 0.41
CA LEU C 79 32.45 -51.61 -1.00
C LEU C 79 31.45 -52.57 -1.62
N GLN C 80 30.98 -52.22 -2.82
CA GLN C 80 29.91 -52.98 -3.45
C GLN C 80 30.38 -53.58 -4.77
N PRO C 81 29.64 -54.53 -5.35
CA PRO C 81 30.06 -55.06 -6.66
C PRO C 81 30.19 -54.00 -7.73
N GLU C 82 29.19 -53.13 -7.89
CA GLU C 82 29.21 -52.11 -8.93
C GLU C 82 30.12 -50.93 -8.60
N ASP C 83 30.87 -50.99 -7.51
CA ASP C 83 31.82 -49.94 -7.17
C ASP C 83 33.21 -50.19 -7.72
N ILE C 84 33.41 -51.31 -8.42
CA ILE C 84 34.71 -51.58 -9.02
C ILE C 84 34.94 -50.66 -10.21
N GLY C 85 36.20 -50.52 -10.59
CA GLY C 85 36.56 -49.67 -11.72
C GLY C 85 37.74 -48.77 -11.42
N THR C 86 37.66 -47.51 -11.83
CA THR C 86 38.74 -46.55 -11.57
C THR C 86 38.15 -45.28 -11.01
N TYR C 87 38.88 -44.65 -10.09
CA TYR C 87 38.45 -43.42 -9.45
C TYR C 87 39.45 -42.32 -9.73
N TYR C 88 38.96 -41.17 -10.20
CA TYR C 88 39.80 -40.06 -10.61
C TYR C 88 39.43 -38.80 -9.84
N CYS C 89 40.43 -38.16 -9.23
CA CYS C 89 40.26 -36.84 -8.67
C CYS C 89 40.79 -35.81 -9.66
N GLN C 90 40.07 -34.69 -9.78
CA GLN C 90 40.44 -33.66 -10.75
C GLN C 90 40.24 -32.27 -10.15
N GLN C 91 41.27 -31.44 -10.28
CA GLN C 91 41.23 -30.09 -9.75
C GLN C 91 40.73 -29.10 -10.79
N TYR C 92 40.01 -28.09 -10.31
CA TYR C 92 39.55 -26.96 -11.14
C TYR C 92 39.87 -25.65 -10.42
N ASP C 93 41.15 -25.41 -10.13
CA ASP C 93 41.49 -24.25 -9.32
C ASP C 93 41.42 -22.95 -10.10
N ASN C 94 41.57 -23.00 -11.43
CA ASN C 94 41.35 -21.81 -12.24
C ASN C 94 41.10 -22.26 -13.68
N LEU C 95 41.00 -21.27 -14.57
CA LEU C 95 40.87 -21.55 -16.00
C LEU C 95 42.02 -22.39 -16.56
N PRO C 96 43.29 -22.16 -16.21
CA PRO C 96 44.38 -22.98 -16.75
C PRO C 96 44.11 -24.46 -16.57
N PRO C 97 44.69 -25.32 -17.41
CA PRO C 97 44.10 -26.64 -17.70
C PRO C 97 43.84 -27.49 -16.48
N LEU C 98 42.58 -27.95 -16.38
CA LEU C 98 42.09 -28.74 -15.27
C LEU C 98 42.70 -30.13 -15.28
N THR C 99 43.84 -30.31 -14.60
CA THR C 99 44.51 -31.59 -14.60
C THR C 99 43.74 -32.62 -13.77
N PHE C 100 43.80 -33.88 -14.21
CA PHE C 100 43.26 -35.01 -13.48
C PHE C 100 44.35 -35.64 -12.61
N GLY C 101 43.99 -36.75 -11.95
CA GLY C 101 44.94 -37.57 -11.26
C GLY C 101 45.28 -38.82 -12.05
N GLY C 102 46.20 -39.61 -11.51
CA GLY C 102 46.56 -40.85 -12.16
C GLY C 102 45.50 -41.93 -12.09
N GLY C 103 44.49 -41.75 -11.25
CA GLY C 103 43.44 -42.74 -11.09
C GLY C 103 43.80 -43.80 -10.06
N THR C 104 42.78 -44.49 -9.59
CA THR C 104 42.95 -45.59 -8.64
C THR C 104 42.04 -46.74 -9.06
N LYS C 105 42.63 -47.90 -9.35
CA LYS C 105 41.85 -49.07 -9.69
C LYS C 105 41.33 -49.73 -8.42
N VAL C 106 40.05 -50.12 -8.44
CA VAL C 106 39.41 -50.79 -7.32
C VAL C 106 38.76 -52.06 -7.85
N GLU C 107 39.20 -53.20 -7.34
CA GLU C 107 38.71 -54.52 -7.73
C GLU C 107 38.45 -55.35 -6.48
N ILE C 108 37.49 -56.26 -6.58
CA ILE C 108 37.21 -57.16 -5.46
C ILE C 108 38.30 -58.20 -5.38
N LYS C 109 38.62 -58.63 -4.17
CA LYS C 109 39.69 -59.59 -3.96
C LYS C 109 39.36 -60.92 -4.65
N ARG C 110 40.41 -61.67 -4.95
CA ARG C 110 40.27 -62.91 -5.72
C ARG C 110 39.68 -64.00 -4.82
N THR C 111 38.34 -64.08 -4.79
CA THR C 111 37.59 -65.10 -4.06
C THR C 111 38.27 -66.46 -4.03
N VAL C 112 38.63 -66.91 -2.83
CA VAL C 112 39.33 -68.18 -2.66
C VAL C 112 38.44 -69.35 -3.07
N ARG C 113 39.08 -70.44 -3.46
CA ARG C 113 38.39 -71.68 -3.82
C ARG C 113 39.41 -72.80 -3.80
N THR C 114 38.91 -74.02 -3.53
CA THR C 114 39.73 -75.21 -3.58
C THR C 114 40.51 -75.32 -4.88
N VAL C 115 41.67 -75.98 -4.79
CA VAL C 115 42.54 -76.12 -5.95
C VAL C 115 41.84 -76.94 -7.01
N ALA C 116 42.00 -76.55 -8.27
CA ALA C 116 41.41 -77.27 -9.39
C ALA C 116 42.46 -77.49 -10.46
N ALA C 117 42.54 -78.73 -10.95
CA ALA C 117 43.54 -79.07 -11.96
C ALA C 117 43.02 -78.67 -13.34
N PRO C 118 43.90 -78.22 -14.23
CA PRO C 118 43.44 -77.74 -15.55
C PRO C 118 43.17 -78.89 -16.50
N SER C 119 42.09 -78.77 -17.25
CA SER C 119 41.86 -79.64 -18.39
C SER C 119 42.67 -79.10 -19.56
N VAL C 120 43.53 -79.94 -20.14
CA VAL C 120 44.50 -79.52 -21.13
C VAL C 120 44.10 -80.08 -22.50
N PHE C 121 44.00 -79.19 -23.48
CA PHE C 121 43.71 -79.56 -24.85
C PHE C 121 44.82 -79.01 -25.76
N ILE C 122 44.99 -79.64 -26.91
CA ILE C 122 45.96 -79.18 -27.90
C ILE C 122 45.29 -79.19 -29.27
N PHE C 123 45.45 -78.11 -30.01
CA PHE C 123 44.87 -77.92 -31.33
C PHE C 123 45.99 -77.72 -32.33
N PRO C 124 46.12 -78.57 -33.34
CA PRO C 124 47.12 -78.35 -34.38
C PRO C 124 46.69 -77.21 -35.29
N PRO C 125 47.60 -76.67 -36.11
CA PRO C 125 47.22 -75.60 -37.03
C PRO C 125 46.25 -76.13 -38.09
N SER C 126 45.31 -75.29 -38.48
CA SER C 126 44.33 -75.68 -39.46
C SER C 126 44.97 -75.77 -40.85
N ASP C 127 44.26 -76.44 -41.76
CA ASP C 127 44.74 -76.54 -43.13
C ASP C 127 44.60 -75.21 -43.87
N GLU C 128 43.54 -74.45 -43.56
CA GLU C 128 43.35 -73.15 -44.17
C GLU C 128 44.48 -72.20 -43.81
N GLN C 129 44.90 -72.21 -42.54
CA GLN C 129 46.04 -71.38 -42.14
C GLN C 129 47.33 -71.88 -42.78
N LEU C 130 47.48 -73.18 -42.93
CA LEU C 130 48.67 -73.74 -43.56
C LEU C 130 48.76 -73.35 -45.03
N LYS C 131 47.61 -73.18 -45.69
CA LYS C 131 47.61 -72.74 -47.07
C LYS C 131 48.23 -71.35 -47.23
N SER C 132 48.25 -70.55 -46.17
CA SER C 132 48.83 -69.21 -46.21
C SER C 132 50.26 -69.16 -45.71
N GLY C 133 50.84 -70.29 -45.30
CA GLY C 133 52.25 -70.34 -44.97
C GLY C 133 52.61 -70.17 -43.51
N THR C 134 51.63 -70.19 -42.61
CA THR C 134 51.89 -70.05 -41.19
C THR C 134 51.17 -71.15 -40.42
N ALA C 135 51.78 -71.61 -39.33
CA ALA C 135 51.21 -72.65 -38.50
C ALA C 135 51.14 -72.14 -37.06
N SER C 136 49.98 -72.34 -36.43
CA SER C 136 49.77 -71.92 -35.05
C SER C 136 49.18 -73.09 -34.27
N VAL C 137 49.97 -73.65 -33.36
CA VAL C 137 49.52 -74.70 -32.47
C VAL C 137 49.08 -74.07 -31.16
N VAL C 138 47.91 -74.48 -30.66
CA VAL C 138 47.32 -73.83 -29.49
C VAL C 138 47.17 -74.86 -28.38
N CYS C 139 47.76 -74.56 -27.22
CA CYS C 139 47.63 -75.39 -26.03
C CYS C 139 46.75 -74.64 -25.04
N LEU C 140 45.64 -75.27 -24.64
CA LEU C 140 44.62 -74.64 -23.82
C LEU C 140 44.55 -75.32 -22.46
N LEU C 141 44.64 -74.51 -21.39
CA LEU C 141 44.46 -74.96 -20.02
C LEU C 141 43.16 -74.35 -19.50
N ASN C 142 42.27 -75.19 -18.98
CA ASN C 142 40.91 -74.79 -18.67
C ASN C 142 40.60 -75.06 -17.21
N ASN C 143 40.04 -74.05 -16.53
CA ASN C 143 39.37 -74.21 -15.23
C ASN C 143 40.34 -74.77 -14.17
N PHE C 144 41.35 -73.98 -13.85
CA PHE C 144 42.32 -74.29 -12.81
C PHE C 144 42.39 -73.14 -11.83
N TYR C 145 42.81 -73.45 -10.58
CA TYR C 145 42.92 -72.33 -9.63
C TYR C 145 44.04 -72.41 -8.60
N PRO C 146 45.28 -72.50 -9.01
CA PRO C 146 46.20 -71.40 -8.71
C PRO C 146 46.25 -70.52 -9.94
N ARG C 147 46.87 -69.35 -9.89
CA ARG C 147 47.00 -68.58 -11.12
C ARG C 147 48.23 -69.00 -11.93
N GLU C 148 49.19 -69.65 -11.27
CA GLU C 148 50.45 -70.03 -11.87
C GLU C 148 50.36 -71.37 -12.57
N ALA C 149 51.00 -71.47 -13.73
CA ALA C 149 51.09 -72.73 -14.47
C ALA C 149 52.22 -72.61 -15.48
N LYS C 150 52.92 -73.72 -15.69
CA LYS C 150 54.01 -73.77 -16.66
C LYS C 150 53.57 -74.57 -17.88
N VAL C 151 53.72 -73.98 -19.05
CA VAL C 151 53.42 -74.64 -20.32
C VAL C 151 54.69 -74.61 -21.16
N GLN C 152 55.20 -75.78 -21.50
CA GLN C 152 56.40 -75.91 -22.32
C GLN C 152 56.03 -76.61 -23.63
N TRP C 153 56.76 -76.28 -24.68
CA TRP C 153 56.52 -76.85 -26.00
C TRP C 153 57.68 -77.79 -26.35
N LYS C 154 57.32 -78.98 -26.85
CA LYS C 154 58.30 -79.97 -27.26
C LYS C 154 57.96 -80.42 -28.67
N VAL C 155 58.88 -80.17 -29.61
CA VAL C 155 58.72 -80.56 -31.00
C VAL C 155 59.76 -81.63 -31.31
N ASP C 156 59.28 -82.84 -31.60
CA ASP C 156 60.14 -84.02 -31.78
C ASP C 156 61.01 -84.23 -30.56
N ASN C 157 60.40 -84.08 -29.38
CA ASN C 157 61.06 -84.21 -28.08
C ASN C 157 62.16 -83.17 -27.88
N ALA C 158 62.24 -82.16 -28.74
CA ALA C 158 63.21 -81.08 -28.63
C ALA C 158 62.51 -79.85 -28.08
N LEU C 159 63.03 -79.31 -26.98
CA LEU C 159 62.40 -78.18 -26.31
C LEU C 159 62.47 -76.93 -27.18
N GLN C 160 61.36 -76.19 -27.20
CA GLN C 160 61.24 -74.92 -27.90
C GLN C 160 61.48 -73.76 -26.93
N SER C 161 61.83 -72.61 -27.46
CA SER C 161 62.12 -71.44 -26.63
C SER C 161 62.06 -70.18 -27.48
N GLY C 162 61.28 -69.21 -27.03
CA GLY C 162 61.24 -67.89 -27.64
C GLY C 162 60.29 -67.72 -28.79
N ASN C 163 59.37 -68.66 -29.01
CA ASN C 163 58.42 -68.56 -30.11
C ASN C 163 56.99 -68.84 -29.68
N SER C 164 56.71 -68.79 -28.38
CA SER C 164 55.36 -69.03 -27.87
C SER C 164 54.88 -67.80 -27.09
N GLN C 165 53.57 -67.56 -27.18
CA GLN C 165 52.94 -66.44 -26.48
C GLN C 165 51.79 -66.96 -25.65
N GLU C 166 51.73 -66.56 -24.38
CA GLU C 166 50.69 -66.98 -23.46
C GLU C 166 49.72 -65.83 -23.20
N SER C 167 48.45 -66.18 -23.04
CA SER C 167 47.40 -65.22 -22.71
C SER C 167 46.46 -65.86 -21.70
N VAL C 168 46.16 -65.14 -20.63
CA VAL C 168 45.40 -65.69 -19.51
C VAL C 168 44.14 -64.85 -19.31
N THR C 169 43.01 -65.53 -19.07
CA THR C 169 41.75 -64.85 -18.84
C THR C 169 41.72 -64.25 -17.43
N GLU C 170 40.64 -63.53 -17.15
CA GLU C 170 40.40 -63.03 -15.80
C GLU C 170 39.64 -64.07 -15.00
N GLN C 171 39.69 -63.92 -13.67
CA GLN C 171 39.05 -64.89 -12.79
C GLN C 171 37.55 -64.92 -13.04
N ASP C 172 37.02 -66.11 -13.29
CA ASP C 172 35.63 -66.26 -13.65
C ASP C 172 34.72 -65.89 -12.48
N SER C 173 33.60 -65.25 -12.81
CA SER C 173 32.63 -64.83 -11.79
C SER C 173 31.78 -65.98 -11.27
N LYS C 174 31.80 -67.13 -11.93
CA LYS C 174 30.95 -68.25 -11.55
C LYS C 174 31.70 -69.32 -10.76
N ASP C 175 32.80 -69.83 -11.30
CA ASP C 175 33.57 -70.87 -10.63
C ASP C 175 34.93 -70.41 -10.14
N SER C 176 35.28 -69.13 -10.34
CA SER C 176 36.51 -68.54 -9.81
C SER C 176 37.75 -69.29 -10.30
N THR C 177 37.74 -69.69 -11.57
CA THR C 177 38.84 -70.42 -12.17
C THR C 177 39.50 -69.56 -13.26
N TYR C 178 40.59 -70.09 -13.81
CA TYR C 178 41.35 -69.39 -14.84
C TYR C 178 41.49 -70.28 -16.07
N SER C 179 41.77 -69.63 -17.19
CA SER C 179 42.08 -70.33 -18.43
C SER C 179 43.29 -69.66 -19.08
N LEU C 180 44.12 -70.47 -19.72
CA LEU C 180 45.36 -70.01 -20.31
C LEU C 180 45.49 -70.59 -21.72
N SER C 181 46.01 -69.79 -22.64
CA SER C 181 46.23 -70.22 -24.01
C SER C 181 47.67 -69.92 -24.39
N SER C 182 48.40 -70.96 -24.81
CA SER C 182 49.77 -70.82 -25.28
C SER C 182 49.78 -71.09 -26.78
N THR C 183 50.12 -70.07 -27.55
CA THR C 183 50.15 -70.16 -29.01
C THR C 183 51.60 -70.26 -29.45
N LEU C 184 51.91 -71.32 -30.21
CA LEU C 184 53.23 -71.55 -30.78
C LEU C 184 53.13 -71.35 -32.28
N THR C 185 53.87 -70.37 -32.80
CA THR C 185 53.76 -69.96 -34.19
C THR C 185 55.05 -70.31 -34.93
N LEU C 186 54.90 -70.99 -36.06
CA LEU C 186 56.02 -71.40 -36.89
C LEU C 186 55.70 -71.14 -38.36
N SER C 187 56.74 -71.16 -39.18
CA SER C 187 56.54 -71.12 -40.62
C SER C 187 56.08 -72.49 -41.12
N LYS C 188 55.43 -72.49 -42.28
CA LYS C 188 54.95 -73.73 -42.86
C LYS C 188 56.11 -74.69 -43.10
N ALA C 189 57.26 -74.18 -43.56
CA ALA C 189 58.42 -75.02 -43.78
C ALA C 189 58.92 -75.64 -42.48
N ASP C 190 58.97 -74.83 -41.41
CA ASP C 190 59.38 -75.36 -40.11
C ASP C 190 58.36 -76.34 -39.55
N TYR C 191 57.07 -76.10 -39.79
CA TYR C 191 56.04 -77.01 -39.28
C TYR C 191 56.11 -78.36 -39.99
N GLU C 192 56.33 -78.35 -41.30
CA GLU C 192 56.46 -79.61 -42.05
C GLU C 192 57.80 -80.29 -41.84
N LYS C 193 58.76 -79.64 -41.18
CA LYS C 193 60.07 -80.21 -40.96
C LYS C 193 60.15 -81.03 -39.67
N HIS C 194 59.01 -81.40 -39.09
CA HIS C 194 58.99 -82.14 -37.84
C HIS C 194 57.77 -83.06 -37.82
N LYS C 195 57.73 -83.94 -36.81
CA LYS C 195 56.76 -85.02 -36.77
C LYS C 195 55.73 -84.87 -35.66
N VAL C 196 56.16 -84.76 -34.41
CA VAL C 196 55.26 -84.82 -33.26
C VAL C 196 55.37 -83.52 -32.48
N TYR C 197 54.22 -82.96 -32.11
CA TYR C 197 54.14 -81.72 -31.34
C TYR C 197 53.46 -82.00 -30.02
N ALA C 198 54.02 -81.48 -28.93
CA ALA C 198 53.46 -81.71 -27.61
C ALA C 198 53.58 -80.44 -26.77
N CYS C 199 52.61 -80.24 -25.89
CA CYS C 199 52.72 -79.23 -24.84
C CYS C 199 52.61 -79.93 -23.49
N GLU C 200 53.58 -79.63 -22.62
CA GLU C 200 53.67 -80.22 -21.30
C GLU C 200 53.32 -79.16 -20.26
N VAL C 201 52.37 -79.48 -19.39
CA VAL C 201 51.86 -78.57 -18.38
C VAL C 201 52.27 -79.07 -17.00
N THR C 202 52.89 -78.19 -16.23
CA THR C 202 53.17 -78.44 -14.82
C THR C 202 52.36 -77.44 -13.99
N HIS C 203 51.77 -77.93 -12.90
CA HIS C 203 50.73 -77.19 -12.21
C HIS C 203 50.48 -77.83 -10.86
N GLN C 204 50.04 -77.02 -9.89
CA GLN C 204 49.88 -77.50 -8.52
C GLN C 204 48.85 -78.62 -8.44
N GLY C 205 47.72 -78.48 -9.14
CA GLY C 205 46.68 -79.48 -9.08
C GLY C 205 46.98 -80.77 -9.80
N LEU C 206 48.14 -80.88 -10.44
CA LEU C 206 48.55 -82.07 -11.16
C LEU C 206 49.67 -82.76 -10.41
N SER C 207 49.53 -84.07 -10.20
CA SER C 207 50.60 -84.84 -9.58
C SER C 207 51.83 -84.88 -10.48
N SER C 208 51.63 -85.17 -11.76
CA SER C 208 52.71 -85.22 -12.73
C SER C 208 52.44 -84.25 -13.88
N PRO C 209 53.49 -83.70 -14.49
CA PRO C 209 53.32 -82.85 -15.68
C PRO C 209 52.58 -83.58 -16.80
N VAL C 210 51.43 -83.06 -17.17
CA VAL C 210 50.56 -83.68 -18.18
C VAL C 210 51.02 -83.20 -19.55
N THR C 211 51.35 -84.14 -20.43
CA THR C 211 51.80 -83.83 -21.78
C THR C 211 50.72 -84.24 -22.77
N LYS C 212 50.27 -83.27 -23.59
CA LYS C 212 49.31 -83.54 -24.65
C LYS C 212 50.01 -83.36 -26.00
N SER C 213 49.94 -84.39 -26.85
CA SER C 213 50.72 -84.44 -28.07
C SER C 213 49.85 -84.87 -29.24
N PHE C 214 50.39 -84.65 -30.44
CA PHE C 214 49.75 -85.07 -31.68
C PHE C 214 50.83 -85.23 -32.75
N ASN C 215 50.61 -86.19 -33.64
CA ASN C 215 51.49 -86.41 -34.79
C ASN C 215 50.92 -85.70 -36.01
N ARG C 216 51.82 -85.08 -36.79
CA ARG C 216 51.42 -84.38 -38.00
C ARG C 216 50.78 -85.33 -39.00
N GLY C 217 49.48 -85.15 -39.27
CA GLY C 217 48.76 -86.03 -40.17
C GLY C 217 47.48 -86.57 -39.58
N GLN D 1 17.64 -1.15 32.68
CA GLN D 1 18.44 -0.58 31.60
C GLN D 1 17.86 -0.98 30.23
N ASN D 2 18.60 -1.84 29.52
CA ASN D 2 18.24 -2.37 28.20
C ASN D 2 18.26 -1.33 27.09
N ILE D 3 18.25 -0.05 27.45
CA ILE D 3 18.26 1.07 26.51
C ILE D 3 18.72 2.31 27.29
N THR D 4 19.67 3.05 26.73
CA THR D 4 20.06 4.32 27.32
C THR D 4 20.06 5.39 26.23
N GLU D 5 20.05 6.65 26.67
CA GLU D 5 20.08 7.77 25.75
C GLU D 5 20.83 8.90 26.41
N GLU D 6 21.72 9.52 25.64
CA GLU D 6 22.51 10.64 26.12
C GLU D 6 22.28 11.84 25.20
N PHE D 7 22.06 13.01 25.79
CA PHE D 7 21.87 14.23 25.04
C PHE D 7 23.08 15.13 25.25
N TYR D 8 23.80 15.42 24.17
CA TYR D 8 24.92 16.35 24.18
C TYR D 8 24.38 17.73 23.80
N GLN D 9 24.31 18.61 24.80
CA GLN D 9 23.96 20.00 24.60
C GLN D 9 25.03 20.76 23.83
N SER D 10 26.27 20.27 23.84
CA SER D 10 27.36 20.89 23.09
C SER D 10 26.97 21.04 21.61
N THR D 11 26.62 19.92 20.97
CA THR D 11 26.27 19.92 19.56
C THR D 11 24.77 19.76 19.33
N CYS D 12 23.95 19.79 20.38
CA CYS D 12 22.50 19.69 20.24
C CYS D 12 22.14 18.39 19.53
N SER D 13 22.54 17.27 20.12
CA SER D 13 22.34 15.99 19.46
C SER D 13 22.23 14.88 20.49
N ALA D 14 21.40 13.88 20.18
CA ALA D 14 21.15 12.77 21.09
C ALA D 14 21.58 11.46 20.47
N VAL D 15 22.07 10.55 21.33
CA VAL D 15 22.48 9.21 20.93
C VAL D 15 21.69 8.21 21.76
N SER D 16 21.14 7.20 21.10
CA SER D 16 20.29 6.20 21.73
C SER D 16 20.96 4.83 21.60
N LYS D 17 21.63 4.40 22.67
CA LYS D 17 22.35 3.14 22.68
C LYS D 17 21.53 2.05 23.35
N GLY D 18 21.96 0.81 23.16
CA GLY D 18 21.33 -0.34 23.77
C GLY D 18 20.59 -1.24 22.82
N TYR D 19 20.53 -0.91 21.54
CA TYR D 19 19.83 -1.71 20.56
C TYR D 19 20.72 -2.83 20.04
N LEU D 20 20.09 -3.82 19.42
CA LEU D 20 20.78 -4.94 18.81
C LEU D 20 20.54 -4.94 17.32
N SER D 21 21.44 -5.57 16.58
CA SER D 21 21.44 -5.49 15.13
C SER D 21 20.78 -6.70 14.49
N ALA D 22 20.15 -6.46 13.34
CA ALA D 22 19.73 -7.52 12.44
C ALA D 22 19.86 -6.95 11.03
N LEU D 23 21.02 -7.17 10.42
CA LEU D 23 21.38 -6.58 9.14
C LEU D 23 21.16 -7.63 8.07
N ARG D 24 20.62 -7.20 6.92
CA ARG D 24 20.29 -8.16 5.86
C ARG D 24 21.54 -8.84 5.30
N THR D 25 22.46 -8.05 4.73
CA THR D 25 23.77 -8.50 4.27
C THR D 25 23.71 -9.41 3.05
N GLY D 26 22.54 -9.95 2.72
CA GLY D 26 22.45 -10.84 1.58
C GLY D 26 21.04 -11.28 1.31
N TRP D 27 20.92 -12.28 0.44
CA TRP D 27 19.64 -12.82 0.03
C TRP D 27 19.68 -14.34 0.04
N TYR D 28 18.49 -14.93 0.11
CA TYR D 28 18.35 -16.38 -0.08
C TYR D 28 17.12 -16.59 -0.95
N THR D 29 17.32 -17.09 -2.17
CA THR D 29 16.22 -17.37 -3.08
C THR D 29 15.70 -18.78 -2.84
N SER D 30 14.42 -18.97 -3.15
CA SER D 30 13.78 -20.27 -2.99
C SER D 30 12.65 -20.39 -3.98
N VAL D 31 12.66 -21.46 -4.77
CA VAL D 31 11.62 -21.68 -5.77
C VAL D 31 10.40 -22.27 -5.09
N ILE D 32 9.24 -21.67 -5.35
CA ILE D 32 7.97 -22.15 -4.81
C ILE D 32 7.05 -22.47 -5.99
N THR D 33 6.51 -23.68 -5.98
CA THR D 33 5.77 -24.18 -7.12
C THR D 33 4.31 -24.40 -6.75
N ILE D 34 3.44 -24.30 -7.76
CA ILE D 34 2.03 -24.62 -7.64
C ILE D 34 1.68 -25.54 -8.80
N GLU D 35 1.28 -26.77 -8.50
CA GLU D 35 0.98 -27.73 -9.56
C GLU D 35 -0.38 -27.41 -10.16
N LEU D 36 -0.40 -27.17 -11.46
CA LEU D 36 -1.60 -26.79 -12.17
C LEU D 36 -2.06 -27.95 -13.05
N SER D 37 -3.31 -27.83 -13.52
CA SER D 37 -3.87 -28.80 -14.45
C SER D 37 -4.29 -28.06 -15.71
N ASN D 38 -3.95 -28.62 -16.87
CA ASN D 38 -4.43 -28.08 -18.13
C ASN D 38 -5.65 -28.88 -18.55
N ILE D 39 -6.76 -28.59 -17.85
CA ILE D 39 -8.00 -29.30 -18.10
C ILE D 39 -8.50 -28.97 -19.51
N LYS D 40 -8.90 -30.00 -20.24
CA LYS D 40 -9.32 -29.80 -21.61
C LYS D 40 -10.77 -29.32 -21.64
N GLU D 41 -11.08 -28.53 -22.67
CA GLU D 41 -12.36 -27.84 -22.73
C GLU D 41 -13.52 -28.84 -22.64
N ASN D 42 -14.37 -28.65 -21.63
CA ASN D 42 -15.51 -29.52 -21.48
C ASN D 42 -16.53 -29.27 -22.58
N LYS D 43 -17.51 -30.18 -22.66
CA LYS D 43 -18.63 -30.06 -23.59
C LYS D 43 -19.77 -30.84 -22.94
N CYS D 44 -20.59 -30.14 -22.16
CA CYS D 44 -21.77 -30.74 -21.56
C CYS D 44 -22.87 -29.69 -21.44
N ASN D 45 -24.08 -30.18 -21.15
CA ASN D 45 -25.25 -29.32 -21.09
C ASN D 45 -25.22 -28.48 -19.82
N GLY D 46 -25.24 -27.16 -19.99
CA GLY D 46 -25.25 -26.22 -18.88
C GLY D 46 -26.66 -25.95 -18.38
N THR D 47 -27.42 -27.02 -18.11
CA THR D 47 -28.81 -26.87 -17.71
C THR D 47 -28.95 -26.64 -16.21
N ASP D 48 -28.09 -27.24 -15.40
CA ASP D 48 -28.17 -27.06 -13.96
C ASP D 48 -27.60 -25.69 -13.56
N ALA D 49 -28.02 -25.20 -12.40
CA ALA D 49 -27.48 -23.96 -11.88
C ALA D 49 -26.14 -24.19 -11.20
N LYS D 50 -26.00 -25.30 -10.46
CA LYS D 50 -24.72 -25.61 -9.84
C LYS D 50 -23.66 -25.92 -10.89
N VAL D 51 -24.06 -26.56 -11.99
CA VAL D 51 -23.11 -26.79 -13.08
C VAL D 51 -22.71 -25.46 -13.72
N LYS D 52 -23.63 -24.50 -13.80
CA LYS D 52 -23.28 -23.17 -14.31
C LYS D 52 -22.29 -22.48 -13.37
N LEU D 53 -22.46 -22.66 -12.06
CA LEU D 53 -21.52 -22.09 -11.10
C LEU D 53 -20.14 -22.74 -11.25
N ILE D 54 -20.10 -24.06 -11.42
CA ILE D 54 -18.84 -24.76 -11.62
C ILE D 54 -18.18 -24.30 -12.91
N LYS D 55 -18.98 -24.04 -13.95
CA LYS D 55 -18.44 -23.54 -15.21
C LYS D 55 -17.85 -22.15 -15.03
N GLN D 56 -18.51 -21.30 -14.25
CA GLN D 56 -17.95 -19.99 -13.95
C GLN D 56 -16.63 -20.09 -13.19
N GLU D 57 -16.56 -21.02 -12.23
CA GLU D 57 -15.32 -21.20 -11.48
C GLU D 57 -14.19 -21.72 -12.38
N LEU D 58 -14.51 -22.65 -13.28
CA LEU D 58 -13.51 -23.12 -14.24
C LEU D 58 -13.05 -22.00 -15.15
N ASP D 59 -13.96 -21.12 -15.56
CA ASP D 59 -13.58 -19.96 -16.36
C ASP D 59 -12.63 -19.05 -15.58
N LYS D 60 -12.93 -18.80 -14.30
CA LYS D 60 -12.03 -18.00 -13.47
C LYS D 60 -10.64 -18.61 -13.40
N TYR D 61 -10.58 -19.93 -13.18
CA TYR D 61 -9.30 -20.63 -13.08
C TYR D 61 -8.51 -20.55 -14.38
N LYS D 62 -9.17 -20.83 -15.50
CA LYS D 62 -8.49 -20.78 -16.80
C LYS D 62 -8.04 -19.38 -17.14
N ASN D 63 -8.84 -18.36 -16.80
CA ASN D 63 -8.45 -16.98 -17.07
C ASN D 63 -7.27 -16.56 -16.21
N ALA D 64 -7.20 -17.02 -14.95
CA ALA D 64 -6.03 -16.72 -14.14
C ALA D 64 -4.77 -17.34 -14.74
N VAL D 65 -4.86 -18.61 -15.13
CA VAL D 65 -3.70 -19.27 -15.75
C VAL D 65 -3.31 -18.55 -17.04
N THR D 66 -4.31 -18.13 -17.82
CA THR D 66 -4.04 -17.45 -19.09
C THR D 66 -3.37 -16.10 -18.86
N GLU D 67 -3.80 -15.35 -17.85
CA GLU D 67 -3.10 -14.11 -17.51
C GLU D 67 -1.67 -14.40 -17.14
N LEU D 68 -1.44 -15.46 -16.37
CA LEU D 68 -0.08 -15.76 -15.94
C LEU D 68 0.81 -16.11 -17.13
N GLN D 69 0.28 -16.87 -18.08
CA GLN D 69 1.05 -17.16 -19.29
C GLN D 69 1.26 -15.89 -20.11
N LEU D 70 0.26 -15.03 -20.14
CA LEU D 70 0.31 -13.77 -20.88
C LEU D 70 1.10 -12.70 -20.14
N LEU D 71 1.53 -12.97 -18.91
CA LEU D 71 2.32 -12.03 -18.14
C LEU D 71 3.82 -12.19 -18.38
N MET D 72 4.20 -12.70 -19.55
CA MET D 72 5.60 -12.89 -19.91
C MET D 72 5.82 -12.53 -21.37
N PHE E 1 20.44 13.44 6.51
CA PHE E 1 20.70 14.38 5.42
C PHE E 1 21.66 13.79 4.40
N LEU E 2 22.29 12.66 4.74
CA LEU E 2 23.28 12.03 3.89
C LEU E 2 22.71 10.89 3.05
N GLY E 3 21.43 10.98 2.68
CA GLY E 3 20.80 9.93 1.88
C GLY E 3 21.25 9.90 0.44
N PHE E 4 21.83 11.00 -0.06
CA PHE E 4 22.24 11.08 -1.46
C PHE E 4 23.57 10.38 -1.72
N LEU E 5 24.34 10.09 -0.68
CA LEU E 5 25.64 9.47 -0.83
C LEU E 5 25.57 7.99 -1.17
N LEU E 6 24.43 7.35 -0.95
CA LEU E 6 24.32 5.91 -1.16
C LEU E 6 24.41 5.56 -2.65
N GLY E 7 24.91 4.36 -2.92
CA GLY E 7 24.94 3.84 -4.27
C GLY E 7 23.65 3.12 -4.64
N VAL E 8 23.41 3.02 -5.94
CA VAL E 8 22.22 2.36 -6.44
C VAL E 8 22.58 0.93 -6.84
N GLY E 9 21.63 0.02 -6.65
CA GLY E 9 21.85 -1.37 -7.00
C GLY E 9 20.53 -2.05 -7.30
N SER E 10 20.63 -3.17 -8.03
CA SER E 10 19.45 -3.95 -8.37
C SER E 10 19.05 -4.81 -7.19
N ALA E 11 17.80 -4.68 -6.75
CA ALA E 11 17.35 -5.38 -5.55
C ALA E 11 17.00 -6.84 -5.82
N ILE E 12 16.40 -7.12 -6.96
CA ILE E 12 15.89 -8.45 -7.27
C ILE E 12 16.82 -9.20 -8.23
N ALA E 13 18.09 -8.81 -8.30
CA ALA E 13 19.00 -9.45 -9.26
C ALA E 13 19.13 -10.94 -9.00
N SER E 14 19.12 -11.35 -7.72
CA SER E 14 19.27 -12.77 -7.40
C SER E 14 18.04 -13.56 -7.83
N GLY E 15 16.84 -13.07 -7.52
CA GLY E 15 15.63 -13.75 -7.94
C GLY E 15 15.50 -13.82 -9.45
N VAL E 16 15.83 -12.74 -10.14
CA VAL E 16 15.80 -12.73 -11.60
C VAL E 16 16.83 -13.71 -12.16
N ALA E 17 17.98 -13.83 -11.49
CA ALA E 17 18.99 -14.80 -11.93
C ALA E 17 18.47 -16.22 -11.80
N VAL E 18 17.87 -16.53 -10.66
CA VAL E 18 17.30 -17.86 -10.49
C VAL E 18 16.19 -18.11 -11.50
N CYS E 19 15.46 -17.05 -11.88
CA CYS E 19 14.44 -17.20 -12.90
C CYS E 19 15.04 -17.53 -14.25
N LYS E 20 16.10 -16.81 -14.62
CA LYS E 20 16.74 -17.06 -15.91
C LYS E 20 17.35 -18.45 -15.93
N VAL E 21 17.72 -18.97 -14.76
CA VAL E 21 18.22 -20.34 -14.66
C VAL E 21 17.06 -21.35 -14.68
N LEU E 22 15.84 -20.91 -14.36
CA LEU E 22 14.70 -21.82 -14.40
C LEU E 22 14.15 -22.03 -15.80
N HIS E 23 14.59 -21.23 -16.77
CA HIS E 23 14.13 -21.40 -18.14
C HIS E 23 14.95 -22.41 -18.93
N LEU E 24 16.02 -22.93 -18.34
CA LEU E 24 16.85 -23.92 -19.03
C LEU E 24 16.07 -25.22 -19.23
N GLU E 25 16.43 -25.95 -20.29
CA GLU E 25 15.77 -27.21 -20.58
C GLU E 25 15.98 -28.25 -19.49
N GLY E 26 14.90 -28.59 -18.76
CA GLY E 26 14.95 -29.63 -17.75
C GLY E 26 14.98 -29.18 -16.31
N GLU E 27 15.13 -27.89 -16.03
CA GLU E 27 15.23 -27.47 -14.63
C GLU E 27 13.89 -27.54 -13.92
N VAL E 28 12.79 -27.29 -14.63
CA VAL E 28 11.48 -27.37 -13.99
C VAL E 28 11.08 -28.82 -13.82
N ASN E 29 11.46 -29.68 -14.77
CA ASN E 29 11.24 -31.11 -14.58
C ASN E 29 12.08 -31.65 -13.43
N LYS E 30 13.29 -31.11 -13.24
CA LYS E 30 14.09 -31.46 -12.07
C LYS E 30 13.35 -31.11 -10.78
N ILE E 31 12.85 -29.88 -10.67
CA ILE E 31 12.15 -29.47 -9.46
C ILE E 31 10.90 -30.31 -9.24
N LYS E 32 10.17 -30.60 -10.33
CA LYS E 32 8.95 -31.40 -10.19
C LYS E 32 9.27 -32.82 -9.72
N SER E 33 10.34 -33.42 -10.25
CA SER E 33 10.75 -34.76 -9.80
C SER E 33 11.19 -34.72 -8.35
N ALA E 34 11.87 -33.65 -7.94
CA ALA E 34 12.28 -33.53 -6.54
C ALA E 34 11.06 -33.44 -5.62
N LEU E 35 10.04 -32.70 -6.04
CA LEU E 35 8.82 -32.56 -5.24
C LEU E 35 7.81 -33.67 -5.52
N LEU E 36 8.18 -34.68 -6.32
CA LEU E 36 7.26 -35.79 -6.57
C LEU E 36 6.98 -36.58 -5.29
N SER E 37 7.94 -36.63 -4.37
CA SER E 37 7.80 -37.43 -3.16
C SER E 37 7.15 -36.62 -2.03
N THR E 38 7.76 -35.52 -1.63
CA THR E 38 7.30 -34.69 -0.53
C THR E 38 6.97 -33.28 -1.05
N ASN E 39 6.63 -32.40 -0.12
CA ASN E 39 6.27 -31.02 -0.43
C ASN E 39 7.42 -30.06 -0.26
N LYS E 40 8.59 -30.53 0.17
CA LYS E 40 9.76 -29.68 0.34
C LYS E 40 11.00 -30.48 -0.01
N ALA E 41 11.91 -29.84 -0.73
CA ALA E 41 13.13 -30.53 -1.14
C ALA E 41 14.21 -29.52 -1.49
N VAL E 42 15.45 -29.88 -1.19
CA VAL E 42 16.60 -29.07 -1.58
C VAL E 42 17.06 -29.51 -2.96
N VAL E 43 17.20 -28.56 -3.87
CA VAL E 43 17.54 -28.84 -5.26
C VAL E 43 18.78 -28.05 -5.63
N SER E 44 19.78 -28.74 -6.18
CA SER E 44 20.97 -28.08 -6.70
C SER E 44 20.67 -27.60 -8.11
N LEU E 45 20.62 -26.29 -8.29
CA LEU E 45 20.30 -25.72 -9.59
C LEU E 45 21.49 -25.83 -10.52
N SER E 46 21.21 -25.70 -11.83
CA SER E 46 22.29 -25.71 -12.81
C SER E 46 23.25 -24.56 -12.62
N ASN E 47 22.84 -23.54 -11.85
CA ASN E 47 23.67 -22.40 -11.52
C ASN E 47 24.64 -22.69 -10.37
N GLY E 48 24.58 -23.88 -9.79
CA GLY E 48 25.47 -24.24 -8.70
C GLY E 48 24.82 -24.07 -7.35
N VAL E 49 23.98 -23.03 -7.22
CA VAL E 49 23.34 -22.72 -5.95
C VAL E 49 22.27 -23.75 -5.63
N SER E 50 22.24 -24.19 -4.37
CA SER E 50 21.24 -25.12 -3.89
C SER E 50 20.14 -24.35 -3.17
N VAL E 51 18.90 -24.54 -3.59
CA VAL E 51 17.77 -23.79 -3.07
C VAL E 51 16.72 -24.73 -2.49
N LEU E 52 15.97 -24.23 -1.50
CA LEU E 52 14.83 -24.97 -0.98
C LEU E 52 13.63 -24.75 -1.90
N THR E 53 12.84 -25.82 -2.07
CA THR E 53 11.72 -25.79 -3.00
C THR E 53 10.49 -26.34 -2.29
N PHE E 54 9.38 -25.62 -2.43
CA PHE E 54 8.12 -25.93 -1.77
C PHE E 54 7.03 -26.15 -2.81
N LYS E 55 6.14 -27.09 -2.53
CA LYS E 55 4.91 -27.27 -3.30
C LYS E 55 3.78 -26.81 -2.40
N VAL E 56 3.38 -25.54 -2.54
CA VAL E 56 2.45 -24.94 -1.58
C VAL E 56 0.99 -25.24 -1.88
N LEU E 57 0.67 -25.68 -3.10
CA LEU E 57 -0.71 -25.97 -3.45
C LEU E 57 -0.75 -27.03 -4.54
N ASP E 58 -1.50 -28.09 -4.30
CA ASP E 58 -1.64 -29.20 -5.25
C ASP E 58 -3.08 -29.18 -5.79
N LEU E 59 -3.24 -28.62 -6.98
CA LEU E 59 -4.55 -28.60 -7.65
C LEU E 59 -4.70 -29.70 -8.68
N LYS E 60 -3.61 -30.08 -9.37
CA LYS E 60 -3.68 -31.18 -10.32
C LYS E 60 -4.25 -32.44 -9.67
N ASN E 61 -3.77 -32.77 -8.47
CA ASN E 61 -4.30 -33.93 -7.77
C ASN E 61 -5.80 -33.78 -7.52
N TYR E 62 -6.20 -32.65 -6.94
CA TYR E 62 -7.61 -32.46 -6.59
C TYR E 62 -8.49 -32.41 -7.83
N ILE E 63 -8.10 -31.58 -8.82
CA ILE E 63 -8.91 -31.43 -10.02
C ILE E 63 -9.02 -32.75 -10.77
N ASP E 64 -7.90 -33.44 -10.94
CA ASP E 64 -7.85 -34.62 -11.81
C ASP E 64 -8.27 -35.91 -11.13
N LYS E 65 -8.38 -35.95 -9.80
CA LYS E 65 -8.76 -37.17 -9.11
C LYS E 65 -9.93 -37.01 -8.16
N GLN E 66 -10.50 -35.80 -8.05
CA GLN E 66 -11.61 -35.54 -7.15
C GLN E 66 -12.75 -34.75 -7.80
N LEU E 67 -12.48 -34.00 -8.86
CA LEU E 67 -13.47 -33.16 -9.51
C LEU E 67 -13.86 -33.66 -10.90
N LEU E 68 -12.88 -33.94 -11.75
CA LEU E 68 -13.15 -34.41 -13.11
C LEU E 68 -13.79 -35.80 -13.13
N PRO E 69 -13.39 -36.74 -12.25
CA PRO E 69 -14.15 -38.01 -12.19
C PRO E 69 -15.62 -37.81 -11.89
N ILE E 70 -15.96 -36.94 -10.95
CA ILE E 70 -17.36 -36.75 -10.57
C ILE E 70 -18.11 -35.88 -11.58
N LEU E 71 -17.42 -34.96 -12.25
CA LEU E 71 -18.12 -34.05 -13.15
C LEU E 71 -18.49 -34.74 -14.46
N ASN E 72 -17.50 -35.18 -15.23
CA ASN E 72 -17.74 -35.70 -16.58
C ASN E 72 -17.95 -37.21 -16.56
N LYS E 73 -18.81 -37.68 -15.65
CA LYS E 73 -19.10 -39.10 -15.57
C LYS E 73 -20.15 -39.54 -16.61
N GLN E 74 -21.39 -39.05 -16.48
CA GLN E 74 -22.43 -39.40 -17.44
C GLN E 74 -22.95 -38.20 -18.23
N SER E 75 -23.49 -37.17 -17.56
CA SER E 75 -23.96 -35.99 -18.27
C SER E 75 -23.66 -34.72 -17.50
N CYS E 76 -22.54 -34.70 -16.77
CA CYS E 76 -22.10 -33.61 -15.91
C CYS E 76 -23.16 -33.09 -14.93
N SER E 77 -24.25 -33.82 -14.76
CA SER E 77 -25.24 -33.42 -13.77
C SER E 77 -24.68 -33.58 -12.36
N ILE E 78 -24.64 -32.48 -11.61
CA ILE E 78 -24.12 -32.47 -10.25
C ILE E 78 -25.30 -32.58 -9.29
N SER E 79 -25.10 -33.32 -8.19
CA SER E 79 -26.18 -33.57 -7.23
C SER E 79 -26.05 -32.77 -5.94
N ASN E 80 -24.86 -32.26 -5.61
CA ASN E 80 -24.62 -31.57 -4.35
C ASN E 80 -23.94 -30.22 -4.60
N ILE E 81 -24.31 -29.22 -3.81
CA ILE E 81 -23.72 -27.89 -3.95
C ILE E 81 -22.49 -27.70 -3.09
N GLU E 82 -22.23 -28.59 -2.13
CA GLU E 82 -21.00 -28.48 -1.35
C GLU E 82 -19.76 -28.65 -2.21
N THR E 83 -19.90 -29.24 -3.40
CA THR E 83 -18.77 -29.34 -4.32
C THR E 83 -18.37 -27.96 -4.84
N VAL E 84 -19.35 -27.09 -5.08
CA VAL E 84 -19.08 -25.73 -5.54
C VAL E 84 -18.24 -24.99 -4.51
N ILE E 85 -18.62 -25.09 -3.23
CA ILE E 85 -17.88 -24.39 -2.19
C ILE E 85 -16.52 -25.04 -1.97
N GLU E 86 -16.47 -26.38 -2.02
CA GLU E 86 -15.20 -27.08 -1.88
C GLU E 86 -14.23 -26.71 -3.00
N PHE E 87 -14.75 -26.32 -4.16
CA PHE E 87 -13.90 -25.83 -5.23
C PHE E 87 -13.60 -24.34 -5.12
N GLN E 88 -14.47 -23.57 -4.48
CA GLN E 88 -14.12 -22.18 -4.17
C GLN E 88 -12.99 -22.14 -3.14
N GLN E 89 -13.00 -23.06 -2.19
CA GLN E 89 -11.79 -23.36 -1.44
C GLN E 89 -10.80 -24.09 -2.34
N LYS E 90 -9.52 -24.02 -1.97
CA LYS E 90 -8.40 -24.56 -2.73
C LYS E 90 -8.19 -23.85 -4.06
N ASN E 91 -9.05 -22.88 -4.40
CA ASN E 91 -8.87 -22.09 -5.61
C ASN E 91 -8.72 -20.60 -5.34
N ASN E 92 -9.20 -20.09 -4.20
CA ASN E 92 -9.04 -18.68 -3.88
C ASN E 92 -7.58 -18.27 -3.84
N ARG E 93 -6.70 -19.17 -3.38
CA ARG E 93 -5.29 -18.81 -3.27
C ARG E 93 -4.67 -18.55 -4.64
N LEU E 94 -4.96 -19.41 -5.61
CA LEU E 94 -4.40 -19.21 -6.95
C LEU E 94 -4.91 -17.91 -7.57
N LEU E 95 -6.21 -17.63 -7.42
CA LEU E 95 -6.77 -16.40 -7.97
C LEU E 95 -6.15 -15.17 -7.31
N GLU E 96 -5.97 -15.21 -5.99
CA GLU E 96 -5.39 -14.06 -5.30
C GLU E 96 -3.94 -13.87 -5.68
N ILE E 97 -3.19 -14.97 -5.86
CA ILE E 97 -1.80 -14.86 -6.31
C ILE E 97 -1.75 -14.26 -7.71
N THR E 98 -2.63 -14.72 -8.60
CA THR E 98 -2.71 -14.16 -9.95
C THR E 98 -3.00 -12.66 -9.91
N ARG E 99 -3.95 -12.25 -9.07
CA ARG E 99 -4.30 -10.84 -8.97
C ARG E 99 -3.14 -10.02 -8.41
N GLU E 100 -2.46 -10.55 -7.38
CA GLU E 100 -1.33 -9.86 -6.79
C GLU E 100 -0.20 -9.67 -7.79
N PHE E 101 0.06 -10.69 -8.61
CA PHE E 101 1.09 -10.56 -9.63
C PHE E 101 0.66 -9.63 -10.76
N SER E 102 -0.62 -9.64 -11.11
CA SER E 102 -1.10 -8.77 -12.19
C SER E 102 -1.01 -7.30 -11.80
N VAL E 103 -1.37 -6.97 -10.57
CA VAL E 103 -1.37 -5.55 -10.19
C VAL E 103 0.05 -5.04 -9.98
N ASN E 104 0.98 -5.92 -9.59
CA ASN E 104 2.36 -5.52 -9.30
C ASN E 104 3.32 -5.85 -10.44
N ALA E 105 2.81 -6.18 -11.63
CA ALA E 105 3.62 -6.46 -12.82
C ALA E 105 4.60 -7.61 -12.59
N GLY E 106 4.22 -8.58 -11.75
CA GLY E 106 4.98 -9.80 -11.60
C GLY E 106 5.95 -9.83 -10.43
N VAL E 107 6.13 -8.73 -9.72
CA VAL E 107 7.03 -8.70 -8.57
C VAL E 107 6.41 -7.88 -7.45
N THR E 108 6.17 -8.51 -6.30
CA THR E 108 5.52 -7.89 -5.16
C THR E 108 6.57 -7.56 -4.10
N THR E 109 6.48 -6.35 -3.53
CA THR E 109 7.47 -5.95 -2.53
C THR E 109 7.25 -6.49 -1.12
N PRO E 110 6.02 -6.56 -0.56
CA PRO E 110 5.85 -7.39 0.64
C PRO E 110 5.27 -8.77 0.32
N VAL E 111 5.82 -9.82 0.91
CA VAL E 111 5.35 -11.17 0.63
C VAL E 111 4.10 -11.43 1.47
N SER E 112 2.96 -11.57 0.79
CA SER E 112 1.67 -11.70 1.45
C SER E 112 1.45 -13.13 1.97
N THR E 113 0.33 -13.30 2.69
CA THR E 113 -0.07 -14.63 3.14
C THR E 113 -0.45 -15.51 1.95
N TYR E 114 -0.98 -14.91 0.88
CA TYR E 114 -1.31 -15.67 -0.32
C TYR E 114 -0.07 -16.26 -0.98
N MET E 115 1.00 -15.46 -1.06
CA MET E 115 2.25 -15.96 -1.61
C MET E 115 2.80 -17.11 -0.78
N LEU E 116 2.83 -16.93 0.54
CA LEU E 116 3.48 -17.89 1.42
C LEU E 116 2.84 -17.77 2.79
N THR E 117 2.28 -18.86 3.29
CA THR E 117 1.61 -18.79 4.59
C THR E 117 2.66 -18.79 5.70
N ASN E 118 2.20 -18.45 6.91
CA ASN E 118 3.12 -18.37 8.04
C ASN E 118 3.70 -19.74 8.37
N SER E 119 2.89 -20.79 8.27
CA SER E 119 3.38 -22.14 8.49
C SER E 119 4.43 -22.50 7.44
N GLU E 120 4.14 -22.22 6.17
CA GLU E 120 5.10 -22.52 5.11
C GLU E 120 6.35 -21.67 5.25
N LEU E 121 6.20 -20.40 5.62
CA LEU E 121 7.37 -19.53 5.77
C LEU E 121 8.26 -20.00 6.92
N LEU E 122 7.65 -20.40 8.03
CA LEU E 122 8.44 -20.92 9.15
C LEU E 122 9.10 -22.25 8.79
N SER E 123 8.39 -23.11 8.06
CA SER E 123 9.00 -24.36 7.61
C SER E 123 10.18 -24.10 6.68
N LEU E 124 10.06 -23.07 5.84
CA LEU E 124 11.16 -22.71 4.94
C LEU E 124 12.34 -22.14 5.72
N ILE E 125 12.07 -21.30 6.70
CA ILE E 125 13.14 -20.70 7.49
C ILE E 125 13.89 -21.75 8.28
N ASN E 126 13.17 -22.70 8.88
CA ASN E 126 13.80 -23.68 9.76
C ASN E 126 14.73 -24.64 9.02
N ASP E 127 14.54 -24.81 7.71
CA ASP E 127 15.36 -25.72 6.91
C ASP E 127 16.33 -24.97 6.00
N MET E 128 16.77 -23.80 6.42
CA MET E 128 17.67 -22.96 5.64
C MET E 128 19.11 -23.17 6.06
N PRO E 129 20.07 -22.90 5.17
CA PRO E 129 21.50 -23.04 5.54
C PRO E 129 21.99 -21.85 6.35
N ILE E 130 21.44 -21.71 7.56
CA ILE E 130 21.79 -20.62 8.47
C ILE E 130 21.92 -21.18 9.88
N THR E 131 22.55 -20.39 10.74
CA THR E 131 22.75 -20.79 12.13
C THR E 131 21.41 -20.79 12.87
N ASN E 132 21.42 -21.44 14.03
CA ASN E 132 20.20 -21.55 14.82
C ASN E 132 19.75 -20.20 15.37
N ASP E 133 20.69 -19.30 15.66
CA ASP E 133 20.32 -17.96 16.10
C ASP E 133 19.57 -17.22 15.00
N GLN E 134 20.05 -17.31 13.76
CA GLN E 134 19.36 -16.68 12.65
C GLN E 134 17.98 -17.30 12.43
N LYS E 135 17.88 -18.62 12.61
CA LYS E 135 16.58 -19.29 12.49
C LYS E 135 15.61 -18.75 13.54
N LYS E 136 16.07 -18.65 14.79
CA LYS E 136 15.21 -18.12 15.85
C LYS E 136 14.80 -16.68 15.57
N LEU E 137 15.76 -15.84 15.14
CA LEU E 137 15.46 -14.44 14.86
C LEU E 137 14.42 -14.30 13.75
N MET E 138 14.61 -15.04 12.65
CA MET E 138 13.65 -14.98 11.54
C MET E 138 12.30 -15.54 11.97
N SER E 139 12.29 -16.60 12.78
CA SER E 139 11.04 -17.22 13.19
C SER E 139 10.24 -16.33 14.13
N ASN E 140 10.92 -15.51 14.94
CA ASN E 140 10.20 -14.65 15.86
C ASN E 140 9.64 -13.39 15.21
N ASN E 141 10.18 -12.96 14.07
CA ASN E 141 9.81 -11.70 13.43
C ASN E 141 9.41 -11.91 11.97
N VAL E 142 8.51 -12.86 11.73
CA VAL E 142 8.11 -13.19 10.36
C VAL E 142 7.54 -11.99 9.62
N GLN E 143 6.94 -11.04 10.32
CA GLN E 143 6.38 -9.87 9.65
C GLN E 143 7.47 -8.99 9.04
N ILE E 144 8.57 -8.78 9.78
CA ILE E 144 9.68 -8.01 9.22
C ILE E 144 10.32 -8.78 8.08
N VAL E 145 10.35 -10.11 8.15
CA VAL E 145 10.87 -10.92 7.05
C VAL E 145 10.03 -10.69 5.80
N ARG E 146 8.70 -10.73 5.94
CA ARG E 146 7.83 -10.49 4.80
C ARG E 146 8.00 -9.09 4.25
N GLN E 147 8.24 -8.11 5.13
CA GLN E 147 8.39 -6.73 4.66
C GLN E 147 9.67 -6.54 3.87
N GLN E 148 10.72 -7.32 4.15
CA GLN E 148 12.03 -7.10 3.54
C GLN E 148 12.35 -8.15 2.48
N SER E 149 11.35 -8.86 1.97
CA SER E 149 11.58 -9.92 0.98
C SER E 149 10.65 -9.72 -0.22
N TYR E 150 11.02 -10.33 -1.34
CA TYR E 150 10.31 -10.18 -2.60
C TYR E 150 9.72 -11.52 -3.05
N SER E 151 8.89 -11.45 -4.09
CA SER E 151 8.35 -12.64 -4.75
C SER E 151 8.31 -12.35 -6.24
N ILE E 152 9.20 -13.00 -6.99
CA ILE E 152 9.35 -12.80 -8.42
C ILE E 152 8.66 -13.95 -9.12
N MET E 153 7.63 -13.65 -9.91
CA MET E 153 7.01 -14.70 -10.72
C MET E 153 8.00 -15.20 -11.76
N CYS E 154 8.25 -16.51 -11.76
CA CYS E 154 9.41 -17.02 -12.50
C CYS E 154 9.02 -17.66 -13.83
N ILE E 155 8.18 -18.69 -13.81
CA ILE E 155 7.84 -19.44 -15.01
C ILE E 155 6.55 -20.18 -14.77
N ILE E 156 5.84 -20.49 -15.86
CA ILE E 156 4.65 -21.33 -15.81
C ILE E 156 4.66 -22.22 -17.06
N LYS E 157 4.96 -23.50 -16.88
CA LYS E 157 5.01 -24.46 -17.98
C LYS E 157 5.13 -25.85 -17.35
N GLU E 158 4.92 -26.87 -18.19
CA GLU E 158 4.96 -28.27 -17.74
C GLU E 158 4.00 -28.51 -16.58
N GLU E 159 2.81 -27.89 -16.67
CA GLU E 159 1.75 -28.05 -15.67
C GLU E 159 2.20 -27.58 -14.29
N VAL E 160 3.16 -26.67 -14.23
CA VAL E 160 3.67 -26.15 -12.96
C VAL E 160 3.80 -24.64 -13.07
N LEU E 161 3.33 -23.94 -12.03
CA LEU E 161 3.53 -22.51 -11.89
C LEU E 161 4.57 -22.29 -10.79
N ALA E 162 5.61 -21.52 -11.10
CA ALA E 162 6.73 -21.30 -10.21
C ALA E 162 6.96 -19.81 -10.00
N TYR E 163 7.21 -19.44 -8.75
CA TYR E 163 7.67 -18.10 -8.42
C TYR E 163 8.72 -18.23 -7.32
N VAL E 164 9.74 -17.38 -7.39
CA VAL E 164 10.87 -17.42 -6.47
C VAL E 164 10.61 -16.40 -5.38
N VAL E 165 10.58 -16.86 -4.13
CA VAL E 165 10.45 -15.97 -2.98
C VAL E 165 11.86 -15.67 -2.50
N GLN E 166 12.27 -14.42 -2.63
CA GLN E 166 13.62 -13.97 -2.32
C GLN E 166 13.60 -13.36 -0.93
N LEU E 167 14.08 -14.12 0.06
CA LEU E 167 14.13 -13.90 1.49
C LEU E 167 15.45 -13.25 1.91
N PRO E 168 15.40 -12.47 2.99
CA PRO E 168 16.64 -11.90 3.54
C PRO E 168 17.48 -12.98 4.21
N LEU E 169 18.73 -12.64 4.48
CA LEU E 169 19.66 -13.59 5.08
C LEU E 169 20.05 -13.25 6.51
N TYR E 170 20.09 -11.98 6.87
CA TYR E 170 20.47 -11.55 8.22
C TYR E 170 21.81 -12.16 8.65
N GLY E 171 22.86 -11.69 7.96
CA GLY E 171 24.19 -12.20 8.25
C GLY E 171 24.75 -11.64 9.55
N VAL E 172 24.51 -10.36 9.81
CA VAL E 172 25.01 -9.68 11.01
C VAL E 172 23.88 -9.61 12.02
N ILE E 173 24.14 -10.13 13.22
CA ILE E 173 23.13 -10.24 14.26
C ILE E 173 23.76 -9.92 15.61
N ASP E 174 22.98 -9.25 16.48
CA ASP E 174 23.28 -9.04 17.89
C ASP E 174 24.45 -8.11 18.12
N THR E 175 24.91 -7.39 17.10
CA THR E 175 25.96 -6.41 17.35
C THR E 175 25.33 -5.10 17.83
N PRO E 176 26.05 -4.33 18.65
CA PRO E 176 25.44 -3.13 19.24
C PRO E 176 25.16 -2.05 18.20
N CYS E 177 24.01 -1.40 18.36
CA CYS E 177 23.58 -0.33 17.48
C CYS E 177 23.21 0.90 18.31
N TRP E 178 23.24 2.06 17.65
CA TRP E 178 22.85 3.31 18.28
C TRP E 178 22.33 4.27 17.23
N LYS E 179 21.28 5.00 17.58
CA LYS E 179 20.70 6.00 16.70
C LYS E 179 21.20 7.38 17.12
N LEU E 180 21.41 8.25 16.13
CA LEU E 180 21.88 9.61 16.35
C LEU E 180 20.82 10.57 15.84
N HIS E 181 20.28 11.39 16.75
CA HIS E 181 19.31 12.41 16.43
C HIS E 181 19.98 13.78 16.47
N THR E 182 19.61 14.64 15.54
CA THR E 182 20.20 15.97 15.41
C THR E 182 19.10 17.01 15.33
N SER E 183 19.47 18.25 15.67
CA SER E 183 18.55 19.37 15.63
C SER E 183 19.37 20.63 15.38
N PRO E 184 18.78 21.66 14.77
CA PRO E 184 19.54 22.88 14.50
C PRO E 184 19.96 23.57 15.80
N LEU E 185 21.22 24.04 15.82
CA LEU E 185 21.81 24.69 16.97
C LEU E 185 22.24 26.09 16.56
N CYS E 186 21.45 27.08 16.93
CA CYS E 186 21.67 28.47 16.53
C CYS E 186 22.02 29.32 17.74
N THR E 187 22.46 30.55 17.46
CA THR E 187 22.67 31.53 18.50
C THR E 187 21.33 32.17 18.88
N THR E 188 21.32 32.85 20.03
CA THR E 188 20.07 33.35 20.61
C THR E 188 20.07 34.87 20.77
N ASN E 189 20.81 35.59 19.93
CA ASN E 189 20.77 37.04 19.99
C ASN E 189 19.43 37.55 19.48
N THR E 190 19.03 38.73 19.95
CA THR E 190 17.69 39.24 19.71
C THR E 190 17.54 39.91 18.34
N LYS E 191 18.60 40.10 17.58
CA LYS E 191 18.51 40.74 16.28
C LYS E 191 17.79 39.82 15.29
N GLU E 192 17.11 40.44 14.31
CA GLU E 192 16.36 39.67 13.34
C GLU E 192 17.29 38.88 12.42
N GLY E 193 18.44 39.45 12.06
CA GLY E 193 19.42 38.73 11.27
C GLY E 193 20.70 38.48 12.04
N SER E 194 21.79 38.23 11.33
CA SER E 194 23.10 37.99 11.93
C SER E 194 23.02 36.90 12.99
N ASN E 195 22.25 35.86 12.71
CA ASN E 195 22.00 34.76 13.63
C ASN E 195 22.42 33.46 12.95
N ILE E 196 23.55 32.90 13.38
CA ILE E 196 24.17 31.76 12.70
C ILE E 196 23.59 30.47 13.26
N CYS E 197 23.36 29.50 12.37
CA CYS E 197 22.77 28.22 12.70
C CYS E 197 23.68 27.08 12.25
N LEU E 198 23.86 26.10 13.13
CA LEU E 198 24.69 24.93 12.87
C LEU E 198 23.90 23.67 13.20
N THR E 199 24.07 22.65 12.37
CA THR E 199 23.36 21.39 12.54
C THR E 199 24.30 20.25 12.22
N ARG E 200 24.04 19.08 12.82
CA ARG E 200 24.75 17.87 12.47
C ARG E 200 23.97 17.11 11.40
N THR E 201 24.68 16.61 10.40
CA THR E 201 24.07 15.96 9.25
C THR E 201 24.17 14.44 9.30
N ASP E 202 24.89 13.89 10.27
CA ASP E 202 25.11 12.46 10.35
C ASP E 202 23.99 11.72 11.09
N ARG E 203 22.80 12.31 11.16
CA ARG E 203 21.68 11.66 11.84
C ARG E 203 21.33 10.34 11.16
N GLY E 204 20.86 9.38 11.96
CA GLY E 204 20.47 8.09 11.45
C GLY E 204 21.01 6.97 12.33
N TRP E 205 21.01 5.76 11.78
CA TRP E 205 21.38 4.58 12.55
C TRP E 205 22.87 4.24 12.36
N TYR E 206 23.44 3.59 13.37
CA TYR E 206 24.82 3.13 13.32
C TYR E 206 24.90 1.75 13.95
N CYS E 207 25.59 0.82 13.30
CA CYS E 207 25.78 -0.51 13.87
C CYS E 207 27.22 -0.98 13.62
N ASP E 208 27.78 -1.65 14.62
CA ASP E 208 29.11 -2.24 14.46
C ASP E 208 29.04 -3.43 13.51
N ASN E 209 29.99 -3.51 12.59
CA ASN E 209 29.96 -4.55 11.56
C ASN E 209 31.39 -4.78 11.07
N ALA E 210 31.97 -5.92 11.43
CA ALA E 210 33.28 -6.33 10.93
C ALA E 210 34.33 -5.25 11.14
N GLY E 211 34.44 -4.77 12.37
CA GLY E 211 35.40 -3.75 12.72
C GLY E 211 35.11 -2.37 12.17
N SER E 212 34.09 -2.20 11.34
CA SER E 212 33.68 -0.92 10.80
C SER E 212 32.30 -0.55 11.37
N VAL E 213 31.74 0.54 10.88
CA VAL E 213 30.41 0.98 11.29
C VAL E 213 29.55 1.11 10.04
N SER E 214 28.48 0.32 9.98
CA SER E 214 27.46 0.49 8.96
C SER E 214 26.53 1.61 9.41
N PHE E 215 26.48 2.68 8.62
CA PHE E 215 25.70 3.86 8.94
C PHE E 215 24.53 3.94 7.97
N PHE E 216 23.34 4.17 8.50
CA PHE E 216 22.13 4.27 7.69
C PHE E 216 21.59 5.68 7.80
N PRO E 217 21.72 6.49 6.74
CA PRO E 217 21.23 7.88 6.84
C PRO E 217 19.72 7.98 6.77
N GLN E 218 19.10 7.15 5.93
CA GLN E 218 17.64 7.13 5.82
C GLN E 218 17.12 6.20 6.91
N ALA E 219 17.02 6.74 8.13
CA ALA E 219 16.55 5.96 9.27
C ALA E 219 15.11 5.51 9.11
N GLU E 220 14.35 6.12 8.20
CA GLU E 220 12.99 5.68 7.95
C GLU E 220 12.96 4.31 7.30
N THR E 221 14.02 3.94 6.58
CA THR E 221 14.09 2.61 5.96
C THR E 221 14.74 1.61 6.90
N CYS E 222 14.36 1.67 8.17
CA CYS E 222 14.84 0.74 9.19
C CYS E 222 13.67 0.48 10.14
N LYS E 223 13.29 -0.78 10.29
CA LYS E 223 12.22 -1.12 11.21
C LYS E 223 12.82 -1.44 12.56
N VAL E 224 12.05 -1.18 13.62
CA VAL E 224 12.53 -1.38 14.98
C VAL E 224 11.51 -2.23 15.73
N GLN E 225 11.98 -3.34 16.29
CA GLN E 225 11.19 -4.15 17.18
C GLN E 225 11.48 -3.68 18.61
N SER E 226 11.18 -4.51 19.62
CA SER E 226 11.38 -4.15 21.02
C SER E 226 12.69 -3.41 21.25
N ASN E 227 13.82 -4.05 20.93
CA ASN E 227 15.08 -3.32 20.84
C ASN E 227 15.95 -3.82 19.69
N ARG E 228 15.36 -4.53 18.73
CA ARG E 228 16.09 -5.05 17.58
C ARG E 228 15.87 -4.15 16.39
N VAL E 229 16.94 -3.83 15.68
CA VAL E 229 16.91 -2.89 14.57
C VAL E 229 17.14 -3.67 13.27
N PHE E 230 16.09 -3.81 12.47
CA PHE E 230 16.20 -4.43 11.15
C PHE E 230 16.48 -3.34 10.12
N CYS E 231 17.67 -3.39 9.53
CA CYS E 231 18.07 -2.47 8.47
C CYS E 231 18.58 -3.27 7.29
N ASP E 232 18.71 -2.58 6.15
CA ASP E 232 19.21 -3.19 4.93
C ASP E 232 20.60 -2.63 4.65
N THR E 233 21.58 -3.53 4.55
CA THR E 233 22.96 -3.09 4.32
C THR E 233 23.09 -2.35 3.00
N MET E 234 22.11 -2.49 2.10
CA MET E 234 22.16 -1.78 0.82
C MET E 234 21.81 -0.30 0.98
N ASN E 235 20.96 0.03 1.96
CA ASN E 235 20.65 1.43 2.28
C ASN E 235 21.63 1.98 3.30
N SER E 236 22.93 1.83 3.05
CA SER E 236 23.92 2.14 4.07
C SER E 236 25.24 2.56 3.46
N LEU E 237 25.95 3.40 4.18
CA LEU E 237 27.37 3.67 3.96
C LEU E 237 28.20 2.87 4.97
N THR E 238 29.47 2.70 4.64
CA THR E 238 30.41 1.99 5.51
C THR E 238 31.52 2.94 5.92
N LEU E 239 31.64 3.16 7.23
CA LEU E 239 32.52 4.17 7.79
C LEU E 239 33.50 3.54 8.78
N PRO E 240 34.60 4.22 9.10
CA PRO E 240 35.47 3.73 10.16
C PRO E 240 34.80 3.84 11.52
N SER E 241 35.30 3.05 12.46
CA SER E 241 34.72 3.06 13.81
C SER E 241 34.91 4.40 14.51
N GLU E 242 36.01 5.10 14.19
CA GLU E 242 36.35 6.37 14.84
C GLU E 242 35.26 7.41 14.70
N VAL E 243 34.29 7.20 13.80
CA VAL E 243 33.17 8.13 13.67
C VAL E 243 32.43 8.27 14.99
N ASN E 244 32.40 7.22 15.81
CA ASN E 244 31.71 7.31 17.09
C ASN E 244 32.31 8.40 17.98
N LEU E 245 33.60 8.72 17.76
CA LEU E 245 34.24 9.79 18.53
C LEU E 245 33.49 11.12 18.37
N CYS E 246 32.78 11.30 17.26
CA CYS E 246 31.99 12.52 17.07
C CYS E 246 31.01 12.76 18.22
N ASN E 247 30.75 11.75 19.05
CA ASN E 247 29.89 11.95 20.20
C ASN E 247 30.68 12.33 21.45
N VAL E 248 31.86 11.75 21.65
CA VAL E 248 32.62 12.07 22.86
C VAL E 248 33.34 13.42 22.72
N ASP E 249 33.79 13.77 21.52
CA ASP E 249 34.39 15.07 21.27
C ASP E 249 34.28 15.37 19.79
N ILE E 250 33.68 16.52 19.47
CA ILE E 250 33.35 16.87 18.09
C ILE E 250 34.48 17.63 17.39
N PHE E 251 35.53 18.01 18.09
CA PHE E 251 36.68 18.69 17.50
C PHE E 251 37.91 17.79 17.42
N ASN E 252 37.74 16.48 17.59
CA ASN E 252 38.88 15.58 17.61
C ASN E 252 39.55 15.53 16.24
N PRO E 253 40.87 15.34 16.20
CA PRO E 253 41.58 15.32 14.91
C PRO E 253 41.41 14.02 14.14
N LYS E 254 40.97 12.94 14.79
CA LYS E 254 40.93 11.65 14.11
C LYS E 254 39.86 11.61 13.04
N TYR E 255 38.61 11.88 13.41
CA TYR E 255 37.50 11.85 12.47
C TYR E 255 36.90 13.25 12.31
N ASP E 256 36.46 13.54 11.10
CA ASP E 256 35.88 14.83 10.75
C ASP E 256 34.37 14.66 10.62
N CYS E 257 33.62 15.28 11.53
CA CYS E 257 32.18 15.10 11.57
C CYS E 257 31.50 16.04 10.57
N LYS E 258 30.68 15.47 9.70
CA LYS E 258 29.96 16.29 8.72
C LYS E 258 28.87 17.10 9.40
N ILE E 259 28.82 18.39 9.08
CA ILE E 259 27.85 19.31 9.65
C ILE E 259 27.19 20.10 8.51
N MET E 260 26.34 21.05 8.91
CA MET E 260 25.60 21.89 7.99
C MET E 260 25.46 23.27 8.60
N THR E 261 25.70 24.31 7.81
CA THR E 261 25.58 25.68 8.26
C THR E 261 24.46 26.37 7.52
N SER E 262 23.73 27.23 8.23
CA SER E 262 22.64 27.99 7.65
C SER E 262 22.44 29.26 8.48
N LYS E 263 21.49 30.08 8.05
CA LYS E 263 21.15 31.29 8.80
C LYS E 263 19.65 31.38 9.01
N THR E 264 18.95 30.24 8.99
CA THR E 264 17.50 30.20 9.11
C THR E 264 17.11 29.99 10.56
N ASP E 265 16.50 31.01 11.18
CA ASP E 265 16.15 30.98 12.59
C ASP E 265 14.74 30.43 12.73
N VAL E 266 14.62 29.11 12.58
CA VAL E 266 13.34 28.42 12.60
C VAL E 266 13.31 27.47 13.79
N SER E 267 12.24 27.55 14.59
CA SER E 267 12.07 26.68 15.73
C SER E 267 11.60 25.30 15.29
N SER E 268 12.20 24.26 15.86
CA SER E 268 11.93 22.88 15.47
C SER E 268 11.95 21.99 16.69
N SER E 269 11.40 20.79 16.53
CA SER E 269 11.44 19.77 17.57
C SER E 269 11.76 18.43 16.93
N VAL E 270 12.69 17.69 17.54
CA VAL E 270 13.12 16.39 17.07
C VAL E 270 12.90 15.39 18.18
N ILE E 271 11.97 14.45 17.97
CA ILE E 271 11.63 13.46 18.99
C ILE E 271 12.56 12.26 18.85
N THR E 272 13.24 11.91 19.94
CA THR E 272 14.18 10.82 19.97
C THR E 272 13.50 9.59 20.57
N SER E 273 14.31 8.55 20.82
CA SER E 273 13.77 7.31 21.39
C SER E 273 13.16 7.56 22.77
N LEU E 274 13.88 8.22 23.66
CA LEU E 274 13.44 8.45 25.04
C LEU E 274 13.51 9.95 25.38
N GLY E 275 12.75 10.75 24.66
CA GLY E 275 12.68 12.17 24.96
C GLY E 275 12.60 12.99 23.70
N ALA E 276 12.83 14.30 23.84
CA ALA E 276 12.68 15.21 22.73
C ALA E 276 13.66 16.37 22.85
N ILE E 277 14.26 16.73 21.71
CA ILE E 277 15.11 17.90 21.57
C ILE E 277 14.27 19.03 21.02
N VAL E 278 14.42 20.22 21.60
CA VAL E 278 13.64 21.38 21.20
C VAL E 278 14.61 22.51 20.86
N SER E 279 14.59 22.96 19.61
CA SER E 279 15.35 24.11 19.16
C SER E 279 14.37 25.28 19.09
N CYS E 280 14.32 26.08 20.16
CA CYS E 280 13.34 27.16 20.29
C CYS E 280 14.03 28.48 20.01
N TYR E 281 13.78 29.05 18.83
CA TYR E 281 14.39 30.31 18.45
C TYR E 281 13.29 31.28 18.01
N GLY E 282 13.62 32.57 18.06
CA GLY E 282 12.64 33.59 17.72
C GLY E 282 11.64 33.78 18.85
N LYS E 283 10.45 34.22 18.48
CA LYS E 283 9.36 34.48 19.43
C LYS E 283 8.39 33.31 19.50
N THR E 284 8.87 32.08 19.29
CA THR E 284 8.01 30.91 19.23
C THR E 284 7.75 30.36 20.63
N LYS E 285 6.54 29.87 20.83
CA LYS E 285 6.14 29.26 22.10
C LYS E 285 6.52 27.78 22.06
N CYS E 286 7.35 27.36 23.01
CA CYS E 286 7.79 25.97 23.11
C CYS E 286 7.44 25.44 24.50
N THR E 287 6.77 24.29 24.53
CA THR E 287 6.08 23.83 25.72
C THR E 287 6.26 22.33 25.89
N ALA E 288 6.45 21.89 27.13
CA ALA E 288 6.45 20.48 27.49
C ALA E 288 5.32 20.22 28.48
N SER E 289 4.49 19.22 28.18
CA SER E 289 3.24 19.00 28.89
C SER E 289 3.06 17.53 29.25
N ASN E 290 2.39 17.30 30.37
CA ASN E 290 1.98 15.98 30.82
C ASN E 290 0.49 15.79 30.52
N LYS E 291 0.10 14.54 30.26
CA LYS E 291 -1.28 14.26 29.84
C LYS E 291 -2.28 14.65 30.93
N ASN E 292 -1.93 14.46 32.20
CA ASN E 292 -2.87 14.65 33.29
C ASN E 292 -2.64 15.95 34.05
N ARG E 293 -1.56 16.67 33.78
CA ARG E 293 -1.25 17.89 34.51
C ARG E 293 -1.06 19.11 33.63
N GLY E 294 -1.21 18.98 32.31
CA GLY E 294 -1.05 20.13 31.44
C GLY E 294 0.41 20.52 31.23
N ILE E 295 0.62 21.80 30.96
CA ILE E 295 1.97 22.31 30.72
C ILE E 295 2.80 22.18 31.99
N ILE E 296 4.02 21.64 31.85
CA ILE E 296 4.90 21.45 32.99
C ILE E 296 6.26 22.09 32.74
N LYS E 297 6.49 22.59 31.52
CA LYS E 297 7.74 23.27 31.23
C LYS E 297 7.55 24.26 30.09
N THR E 298 8.16 25.43 30.24
CA THR E 298 8.26 26.42 29.17
C THR E 298 9.71 26.56 28.77
N PHE E 299 9.99 26.41 27.47
CA PHE E 299 11.36 26.39 26.98
C PHE E 299 11.87 27.80 26.72
N SER E 300 13.07 28.08 27.22
CA SER E 300 13.78 29.29 26.86
C SER E 300 14.45 29.11 25.49
N ASN E 301 14.84 30.23 24.89
CA ASN E 301 15.44 30.20 23.56
C ASN E 301 16.79 29.50 23.59
N GLY E 302 16.99 28.58 22.64
CA GLY E 302 18.17 27.77 22.53
C GLY E 302 17.78 26.34 22.22
N CYS E 303 18.77 25.45 22.25
CA CYS E 303 18.54 24.02 22.06
C CYS E 303 18.53 23.35 23.43
N ASP E 304 17.40 22.77 23.80
CA ASP E 304 17.24 22.07 25.06
C ASP E 304 16.74 20.66 24.78
N TYR E 305 16.59 19.89 25.86
CA TYR E 305 16.17 18.50 25.76
C TYR E 305 15.37 18.13 26.99
N VAL E 306 14.34 17.31 26.80
CA VAL E 306 13.54 16.80 27.91
C VAL E 306 13.42 15.29 27.78
N SER E 307 13.30 14.63 28.92
CA SER E 307 13.10 13.18 28.96
C SER E 307 11.62 12.85 28.83
N ASN E 308 11.35 11.61 28.42
CA ASN E 308 9.97 11.16 28.24
C ASN E 308 9.29 10.81 29.54
N LYS E 309 9.99 10.92 30.67
CA LYS E 309 9.42 10.57 31.97
C LYS E 309 8.76 11.81 32.54
N GLY E 310 7.43 11.76 32.67
CA GLY E 310 6.66 12.89 33.11
C GLY E 310 6.23 13.84 32.00
N VAL E 311 6.95 13.85 30.88
CA VAL E 311 6.63 14.68 29.73
C VAL E 311 6.02 13.79 28.67
N ASP E 312 4.81 14.13 28.23
CA ASP E 312 4.10 13.36 27.22
C ASP E 312 3.85 14.13 25.93
N THR E 313 4.10 15.43 25.89
CA THR E 313 3.77 16.22 24.72
C THR E 313 4.72 17.41 24.62
N VAL E 314 5.16 17.72 23.40
CA VAL E 314 6.00 18.88 23.13
C VAL E 314 5.35 19.71 22.05
N SER E 315 5.06 20.97 22.35
CA SER E 315 4.40 21.89 21.43
C SER E 315 5.39 22.95 20.98
N VAL E 316 5.48 23.15 19.67
CA VAL E 316 6.33 24.18 19.08
C VAL E 316 5.47 25.00 18.13
N GLY E 317 5.20 26.25 18.50
CA GLY E 317 4.30 27.07 17.72
C GLY E 317 2.90 26.48 17.67
N ASN E 318 2.51 25.97 16.50
CA ASN E 318 1.23 25.30 16.35
C ASN E 318 1.37 23.80 16.16
N THR E 319 2.60 23.28 16.08
CA THR E 319 2.83 21.86 15.89
C THR E 319 2.86 21.14 17.23
N LEU E 320 2.17 20.01 17.31
CA LEU E 320 2.13 19.18 18.51
C LEU E 320 2.87 17.88 18.24
N TYR E 321 3.66 17.43 19.21
CA TYR E 321 4.48 16.24 19.09
C TYR E 321 4.20 15.33 20.27
N TYR E 322 3.83 14.08 20.00
CA TYR E 322 3.67 13.08 21.04
C TYR E 322 4.97 12.31 21.21
N VAL E 323 5.46 12.24 22.44
CA VAL E 323 6.75 11.62 22.73
C VAL E 323 6.57 10.13 22.91
N ASN E 324 7.58 9.37 22.49
CA ASN E 324 7.55 7.92 22.68
C ASN E 324 7.60 7.57 24.16
N LYS E 325 6.62 6.78 24.60
CA LYS E 325 6.57 6.32 25.99
C LYS E 325 7.25 4.96 26.14
N GLN E 326 8.50 4.88 25.67
CA GLN E 326 9.32 3.67 25.79
C GLN E 326 10.23 3.80 27.00
N GLU E 327 10.44 2.68 27.69
CA GLU E 327 11.16 2.69 28.95
C GLU E 327 12.66 2.74 28.71
N GLY E 328 13.36 3.48 29.55
CA GLY E 328 14.81 3.61 29.43
C GLY E 328 15.30 4.72 30.34
N LYS E 329 16.62 4.90 30.32
CA LYS E 329 17.27 5.92 31.12
C LYS E 329 17.85 7.00 30.21
N SER E 330 17.57 8.25 30.53
CA SER E 330 18.05 9.39 29.77
C SER E 330 19.14 10.12 30.57
N LEU E 331 20.04 10.78 29.86
CA LEU E 331 21.13 11.51 30.47
C LEU E 331 21.30 12.85 29.77
N TYR E 332 21.53 13.90 30.56
CA TYR E 332 21.72 15.25 30.06
C TYR E 332 23.19 15.63 30.25
N VAL E 333 23.93 15.70 29.15
CA VAL E 333 25.34 16.05 29.17
C VAL E 333 25.44 17.57 29.01
N LYS E 334 25.68 18.26 30.12
CA LYS E 334 25.81 19.71 30.08
C LYS E 334 27.09 20.11 29.36
N GLY E 335 26.99 21.15 28.55
CA GLY E 335 28.15 21.64 27.81
C GLY E 335 27.78 22.91 27.07
N GLU E 336 28.81 23.64 26.66
CA GLU E 336 28.56 24.89 25.95
C GLU E 336 28.25 24.61 24.49
N PRO E 337 27.22 25.24 23.93
CA PRO E 337 26.92 25.03 22.50
C PRO E 337 28.08 25.45 21.61
N ILE E 338 28.37 24.60 20.62
CA ILE E 338 29.51 24.83 19.74
C ILE E 338 29.33 26.12 18.94
N ILE E 339 28.09 26.49 18.65
CA ILE E 339 27.83 27.66 17.80
C ILE E 339 28.39 28.94 18.39
N ASN E 340 28.64 28.97 19.70
CA ASN E 340 29.22 30.15 20.35
C ASN E 340 30.72 30.26 20.14
N PHE E 341 31.32 29.41 19.30
CA PHE E 341 32.75 29.40 19.08
C PHE E 341 33.16 30.07 17.77
N TYR E 342 32.21 30.58 16.98
CA TYR E 342 32.50 31.12 15.67
C TYR E 342 32.14 32.59 15.60
N ASP E 343 32.81 33.30 14.69
CA ASP E 343 32.49 34.71 14.45
C ASP E 343 31.34 34.82 13.47
N PRO E 344 30.29 35.58 13.80
CA PRO E 344 29.17 35.73 12.85
C PRO E 344 29.57 36.41 11.55
N LEU E 345 30.63 37.20 11.56
CA LEU E 345 31.06 37.89 10.35
C LEU E 345 31.90 36.99 9.45
N VAL E 346 32.56 35.98 10.01
CA VAL E 346 33.39 35.06 9.25
C VAL E 346 32.70 33.72 9.00
N PHE E 347 31.52 33.52 9.57
CA PHE E 347 30.85 32.24 9.47
C PHE E 347 30.31 32.01 8.06
N PRO E 348 30.50 30.82 7.49
CA PRO E 348 29.93 30.52 6.17
C PRO E 348 28.41 30.41 6.21
N SER E 349 27.72 31.38 5.59
CA SER E 349 26.28 31.50 5.69
C SER E 349 25.52 30.35 5.01
N ASP E 350 26.17 29.53 4.20
CA ASP E 350 25.45 28.49 3.47
C ASP E 350 26.41 27.39 3.04
N GLU E 351 26.20 26.18 3.55
CA GLU E 351 26.92 25.00 3.07
C GLU E 351 26.13 23.78 3.51
N PHE E 352 25.59 23.03 2.53
CA PHE E 352 24.67 21.94 2.85
C PHE E 352 25.41 20.74 3.43
N ASP E 353 26.32 20.16 2.66
CA ASP E 353 27.07 18.98 3.08
C ASP E 353 28.51 19.41 3.26
N ALA E 354 28.84 19.81 4.49
CA ALA E 354 30.20 20.22 4.83
C ALA E 354 30.68 19.41 6.03
N SER E 355 31.81 19.78 6.61
CA SER E 355 32.34 19.10 7.77
C SER E 355 33.00 20.12 8.69
N ILE E 356 33.49 19.64 9.83
CA ILE E 356 34.16 20.54 10.78
C ILE E 356 35.44 21.08 10.16
N SER E 357 36.24 20.21 9.54
CA SER E 357 37.48 20.68 8.93
C SER E 357 37.20 21.58 7.74
N GLN E 358 36.18 21.25 6.93
CA GLN E 358 35.86 22.08 5.77
C GLN E 358 35.37 23.46 6.19
N VAL E 359 34.41 23.52 7.12
CA VAL E 359 33.88 24.81 7.55
C VAL E 359 34.97 25.62 8.25
N ASN E 360 35.75 24.97 9.12
CA ASN E 360 36.80 25.64 9.87
C ASN E 360 37.89 26.18 8.95
N GLU E 361 38.20 25.44 7.87
CA GLU E 361 39.19 25.86 6.88
C GLU E 361 38.66 27.01 6.02
N LYS E 362 37.39 26.94 5.62
CA LYS E 362 36.81 28.04 4.86
C LYS E 362 36.77 29.32 5.68
N ILE E 363 36.63 29.19 7.01
CA ILE E 363 36.75 30.35 7.88
C ILE E 363 38.15 30.96 7.76
N ASN E 364 39.17 30.11 7.72
CA ASN E 364 40.52 30.61 7.49
C ASN E 364 40.61 31.35 6.16
N GLN E 365 39.97 30.79 5.12
CA GLN E 365 40.01 31.43 3.81
C GLN E 365 39.42 32.84 3.88
N SER E 366 38.21 32.96 4.42
CA SER E 366 37.54 34.26 4.49
C SER E 366 38.30 35.23 5.39
N LEU E 367 38.89 34.74 6.48
CA LEU E 367 39.64 35.63 7.37
C LEU E 367 40.90 36.14 6.68
N ALA E 368 41.58 35.28 5.92
CA ALA E 368 42.73 35.73 5.15
C ALA E 368 42.32 36.73 4.07
N PHE E 369 41.15 36.53 3.47
CA PHE E 369 40.66 37.50 2.48
C PHE E 369 40.39 38.86 3.12
N ILE E 370 39.79 38.87 4.31
CA ILE E 370 39.46 40.14 4.96
C ILE E 370 40.73 40.82 5.45
N ARG E 371 41.69 40.06 6.00
CA ARG E 371 42.89 40.66 6.57
C ARG E 371 43.81 41.27 5.52
N LYS E 372 43.72 40.84 4.26
CA LYS E 372 44.62 41.36 3.25
C LYS E 372 44.36 42.83 2.93
N SER E 373 43.17 43.34 3.21
CA SER E 373 42.84 44.75 2.98
C SER E 373 43.07 45.58 4.25
N GLN F 1 -17.24 34.48 -1.73
CA GLN F 1 -16.83 34.55 -3.13
C GLN F 1 -16.43 33.14 -3.58
N ASN F 2 -15.15 32.95 -3.94
CA ASN F 2 -14.64 31.62 -4.29
C ASN F 2 -13.14 31.66 -4.54
N ILE F 3 -12.60 30.54 -5.03
CA ILE F 3 -11.16 30.43 -5.29
C ILE F 3 -10.73 31.44 -6.33
N THR F 4 -9.63 32.15 -6.04
CA THR F 4 -9.00 33.07 -6.98
C THR F 4 -7.52 32.74 -7.08
N GLU F 5 -6.88 33.27 -8.13
CA GLU F 5 -5.45 33.02 -8.34
C GLU F 5 -4.81 34.23 -9.00
N GLU F 6 -3.63 34.60 -8.52
CA GLU F 6 -2.86 35.70 -9.07
C GLU F 6 -1.50 35.19 -9.54
N PHE F 7 -1.09 35.60 -10.74
CA PHE F 7 0.20 35.26 -11.29
C PHE F 7 1.08 36.49 -11.34
N TYR F 8 2.19 36.46 -10.61
CA TYR F 8 3.17 37.54 -10.62
C TYR F 8 4.24 37.21 -11.64
N GLN F 9 4.22 37.94 -12.77
CA GLN F 9 5.28 37.87 -13.76
C GLN F 9 6.58 38.45 -13.23
N SER F 10 6.50 39.32 -12.22
CA SER F 10 7.70 39.88 -11.61
C SER F 10 8.63 38.79 -11.11
N THR F 11 8.13 37.90 -10.26
CA THR F 11 8.92 36.82 -9.67
C THR F 11 8.62 35.47 -10.29
N CYS F 12 7.77 35.42 -11.32
CA CYS F 12 7.41 34.19 -12.03
C CYS F 12 6.82 33.16 -11.05
N SER F 13 5.73 33.55 -10.40
CA SER F 13 5.15 32.68 -9.38
C SER F 13 3.66 32.98 -9.22
N ALA F 14 2.89 31.95 -8.91
CA ALA F 14 1.44 32.06 -8.77
C ALA F 14 0.99 31.73 -7.35
N VAL F 15 -0.04 32.44 -6.91
CA VAL F 15 -0.64 32.24 -5.58
C VAL F 15 -2.12 31.94 -5.78
N SER F 16 -2.61 30.91 -5.10
CA SER F 16 -3.99 30.46 -5.24
C SER F 16 -4.71 30.61 -3.90
N LYS F 17 -5.49 31.68 -3.76
CA LYS F 17 -6.21 31.96 -2.53
C LYS F 17 -7.66 31.50 -2.65
N GLY F 18 -8.34 31.48 -1.51
CA GLY F 18 -9.73 31.09 -1.45
C GLY F 18 -9.98 29.76 -0.80
N TYR F 19 -8.93 29.05 -0.39
CA TYR F 19 -9.06 27.75 0.22
C TYR F 19 -9.30 27.89 1.72
N LEU F 20 -9.80 26.81 2.33
CA LEU F 20 -10.08 26.77 3.75
C LEU F 20 -9.20 25.72 4.42
N SER F 21 -9.01 25.88 5.73
CA SER F 21 -8.08 25.04 6.47
C SER F 21 -8.82 23.93 7.22
N ALA F 22 -8.14 22.79 7.32
CA ALA F 22 -8.50 21.72 8.25
C ALA F 22 -7.19 21.04 8.64
N LEU F 23 -6.59 21.51 9.73
CA LEU F 23 -5.25 21.10 10.12
C LEU F 23 -5.27 20.05 11.21
N ARG F 24 -4.44 19.02 11.04
CA ARG F 24 -4.28 17.97 12.05
C ARG F 24 -3.50 18.52 13.24
N THR F 25 -4.19 19.14 14.19
CA THR F 25 -3.51 19.69 15.37
C THR F 25 -3.14 18.62 16.40
N GLY F 26 -3.70 17.43 16.30
CA GLY F 26 -3.44 16.43 17.30
C GLY F 26 -4.02 15.09 16.91
N TRP F 27 -4.12 14.21 17.91
CA TRP F 27 -4.59 12.84 17.70
C TRP F 27 -5.65 12.48 18.71
N TYR F 28 -6.44 11.48 18.36
CA TYR F 28 -7.41 10.86 19.28
C TYR F 28 -7.32 9.35 19.12
N THR F 29 -6.85 8.68 20.16
CA THR F 29 -6.77 7.23 20.17
C THR F 29 -8.08 6.62 20.65
N SER F 30 -8.36 5.41 20.19
CA SER F 30 -9.57 4.70 20.59
C SER F 30 -9.32 3.20 20.46
N VAL F 31 -9.56 2.47 21.53
CA VAL F 31 -9.38 1.02 21.52
C VAL F 31 -10.60 0.38 20.89
N ILE F 32 -10.37 -0.50 19.92
CA ILE F 32 -11.44 -1.22 19.24
C ILE F 32 -11.17 -2.72 19.37
N THR F 33 -12.18 -3.45 19.86
CA THR F 33 -12.00 -4.84 20.23
C THR F 33 -12.86 -5.75 19.36
N ILE F 34 -12.41 -7.00 19.22
CA ILE F 34 -13.17 -8.06 18.58
C ILE F 34 -13.11 -9.26 19.52
N GLU F 35 -14.26 -9.68 20.03
CA GLU F 35 -14.31 -10.77 20.99
C GLU F 35 -14.17 -12.10 20.26
N LEU F 36 -13.19 -12.90 20.66
CA LEU F 36 -12.88 -14.18 20.05
C LEU F 36 -13.33 -15.31 20.96
N SER F 37 -13.36 -16.52 20.39
CA SER F 37 -13.77 -17.70 21.13
C SER F 37 -12.65 -18.75 21.16
N ASN F 38 -12.49 -19.39 22.32
CA ASN F 38 -11.55 -20.50 22.45
C ASN F 38 -12.31 -21.81 22.27
N ILE F 39 -12.67 -22.05 21.00
CA ILE F 39 -13.41 -23.23 20.61
C ILE F 39 -12.54 -24.47 20.75
N LYS F 40 -13.14 -25.56 21.25
CA LYS F 40 -12.41 -26.80 21.44
C LYS F 40 -12.19 -27.42 20.06
N GLU F 41 -10.94 -27.41 19.61
CA GLU F 41 -10.57 -27.62 18.22
C GLU F 41 -10.56 -29.06 17.71
N ASN F 42 -11.61 -29.84 17.98
CA ASN F 42 -11.68 -31.20 17.45
C ASN F 42 -12.98 -31.95 17.77
N LYS F 43 -12.98 -33.23 17.41
CA LYS F 43 -14.02 -34.22 17.69
C LYS F 43 -15.34 -34.06 16.95
N CYS F 44 -15.32 -34.26 15.63
CA CYS F 44 -16.52 -34.51 14.86
C CYS F 44 -16.14 -35.40 13.69
N ASN F 45 -17.13 -36.09 13.12
CA ASN F 45 -16.90 -37.03 12.03
C ASN F 45 -16.71 -36.26 10.72
N GLY F 46 -15.56 -36.45 10.08
CA GLY F 46 -15.35 -35.78 8.81
C GLY F 46 -15.89 -36.57 7.64
N THR F 47 -17.10 -37.12 7.81
CA THR F 47 -17.76 -37.89 6.76
C THR F 47 -18.65 -37.01 5.88
N ASP F 48 -19.31 -36.03 6.47
CA ASP F 48 -20.17 -35.11 5.74
C ASP F 48 -19.35 -34.07 4.99
N ALA F 49 -19.94 -33.54 3.92
CA ALA F 49 -19.29 -32.45 3.19
C ALA F 49 -19.52 -31.11 3.88
N LYS F 50 -20.72 -30.90 4.42
CA LYS F 50 -21.00 -29.66 5.13
C LYS F 50 -20.19 -29.58 6.43
N VAL F 51 -20.05 -30.70 7.11
CA VAL F 51 -19.25 -30.74 8.34
C VAL F 51 -17.78 -30.55 8.02
N LYS F 52 -17.31 -31.13 6.92
CA LYS F 52 -15.92 -30.93 6.51
C LYS F 52 -15.67 -29.46 6.16
N LEU F 53 -16.64 -28.81 5.51
CA LEU F 53 -16.51 -27.39 5.20
C LEU F 53 -16.47 -26.55 6.47
N ILE F 54 -17.33 -26.86 7.45
CA ILE F 54 -17.31 -26.11 8.69
C ILE F 54 -16.00 -26.34 9.44
N LYS F 55 -15.46 -27.56 9.38
CA LYS F 55 -14.19 -27.85 10.03
C LYS F 55 -13.05 -27.10 9.37
N GLN F 56 -13.08 -27.00 8.03
CA GLN F 56 -12.07 -26.20 7.32
C GLN F 56 -12.20 -24.72 7.70
N GLU F 57 -13.42 -24.23 7.85
CA GLU F 57 -13.62 -22.84 8.26
C GLU F 57 -13.09 -22.61 9.68
N LEU F 58 -13.29 -23.58 10.56
CA LEU F 58 -12.73 -23.49 11.91
C LEU F 58 -11.21 -23.48 11.86
N ASP F 59 -10.62 -24.27 10.96
CA ASP F 59 -9.18 -24.24 10.77
C ASP F 59 -8.72 -22.86 10.31
N LYS F 60 -9.45 -22.26 9.37
CA LYS F 60 -9.14 -20.89 8.93
C LYS F 60 -9.19 -19.92 10.10
N TYR F 61 -10.23 -20.01 10.92
CA TYR F 61 -10.39 -19.09 12.04
C TYR F 61 -9.26 -19.25 13.05
N LYS F 62 -8.97 -20.49 13.44
CA LYS F 62 -7.91 -20.69 14.43
C LYS F 62 -6.54 -20.35 13.87
N ASN F 63 -6.29 -20.58 12.58
CA ASN F 63 -5.03 -20.16 11.98
C ASN F 63 -4.92 -18.64 11.95
N ALA F 64 -6.04 -17.95 11.73
CA ALA F 64 -6.03 -16.49 11.83
C ALA F 64 -5.67 -16.06 13.25
N VAL F 65 -6.28 -16.71 14.26
CA VAL F 65 -5.97 -16.39 15.65
C VAL F 65 -4.49 -16.64 15.94
N THR F 66 -3.95 -17.74 15.41
CA THR F 66 -2.54 -18.05 15.64
C THR F 66 -1.62 -17.04 14.96
N GLU F 67 -1.96 -16.63 13.73
CA GLU F 67 -1.20 -15.60 13.05
C GLU F 67 -1.21 -14.30 13.85
N LEU F 68 -2.37 -13.95 14.41
CA LEU F 68 -2.46 -12.75 15.24
C LEU F 68 -1.61 -12.89 16.49
N GLN F 69 -1.57 -14.08 17.08
CA GLN F 69 -0.71 -14.32 18.24
C GLN F 69 0.77 -14.18 17.87
N LEU F 70 1.14 -14.56 16.65
CA LEU F 70 2.52 -14.46 16.20
C LEU F 70 2.94 -13.02 15.88
N LEU F 71 2.02 -12.06 15.98
CA LEU F 71 2.34 -10.65 15.75
C LEU F 71 2.79 -9.98 17.04
N MET F 72 3.68 -10.66 17.77
CA MET F 72 4.23 -10.12 19.01
C MET F 72 5.72 -10.44 19.12
N PHE G 1 10.70 22.52 -1.73
CA PHE G 1 12.14 22.32 -1.69
C PHE G 1 12.70 22.48 -0.28
N LEU G 2 11.85 22.99 0.62
CA LEU G 2 12.24 23.27 2.00
C LEU G 2 11.87 22.14 2.95
N GLY G 3 11.86 20.90 2.47
CA GLY G 3 11.48 19.76 3.30
C GLY G 3 12.50 19.39 4.36
N PHE G 4 13.75 19.82 4.19
CA PHE G 4 14.78 19.45 5.16
C PHE G 4 14.74 20.29 6.43
N LEU G 5 14.05 21.44 6.39
CA LEU G 5 13.97 22.31 7.55
C LEU G 5 12.99 21.80 8.60
N LEU G 6 12.08 20.90 8.21
CA LEU G 6 11.07 20.42 9.13
C LEU G 6 11.68 19.56 10.22
N GLY G 7 11.03 19.54 11.38
CA GLY G 7 11.44 18.66 12.45
C GLY G 7 10.82 17.29 12.30
N VAL G 8 11.49 16.30 12.88
CA VAL G 8 11.02 14.92 12.82
C VAL G 8 10.30 14.57 14.11
N GLY G 9 9.29 13.72 14.00
CA GLY G 9 8.54 13.29 15.16
C GLY G 9 7.93 11.92 14.93
N SER G 10 7.61 11.24 16.03
CA SER G 10 6.99 9.94 15.95
C SER G 10 5.49 10.09 15.66
N ALA G 11 5.03 9.43 14.60
CA ALA G 11 3.64 9.61 14.20
C ALA G 11 2.68 8.77 15.03
N ILE G 12 3.08 7.55 15.38
CA ILE G 12 2.21 6.63 16.09
C ILE G 12 2.56 6.55 17.58
N ALA G 13 3.22 7.57 18.12
CA ALA G 13 3.63 7.53 19.52
C ALA G 13 2.44 7.43 20.45
N SER G 14 1.32 8.10 20.11
CA SER G 14 0.13 8.06 20.97
C SER G 14 -0.52 6.69 20.97
N GLY G 15 -0.71 6.10 19.78
CA GLY G 15 -1.29 4.76 19.72
C GLY G 15 -0.41 3.71 20.37
N VAL G 16 0.90 3.80 20.15
CA VAL G 16 1.84 2.89 20.79
C VAL G 16 1.80 3.07 22.30
N ALA G 17 1.62 4.30 22.77
CA ALA G 17 1.51 4.55 24.21
C ALA G 17 0.26 3.88 24.77
N VAL G 18 -0.88 4.04 24.08
CA VAL G 18 -2.10 3.39 24.52
C VAL G 18 -1.93 1.87 24.50
N CYS G 19 -1.15 1.34 23.56
CA CYS G 19 -0.90 -0.09 23.54
C CYS G 19 -0.06 -0.52 24.73
N LYS G 20 1.00 0.23 25.03
CA LYS G 20 1.86 -0.12 26.17
C LYS G 20 1.08 -0.03 27.47
N VAL G 21 0.09 0.87 27.52
CA VAL G 21 -0.78 0.94 28.69
C VAL G 21 -1.81 -0.18 28.65
N LEU G 22 -2.06 -0.76 27.47
CA LEU G 22 -3.01 -1.85 27.33
C LEU G 22 -2.41 -3.21 27.69
N HIS G 23 -1.10 -3.29 27.84
CA HIS G 23 -0.45 -4.55 28.22
C HIS G 23 -0.40 -4.75 29.73
N LEU G 24 -0.86 -3.79 30.52
CA LEU G 24 -0.81 -3.92 31.97
C LEU G 24 -1.75 -5.02 32.43
N GLU G 25 -1.38 -5.66 33.54
CA GLU G 25 -2.18 -6.75 34.10
C GLU G 25 -3.54 -6.26 34.56
N GLY G 26 -4.59 -6.69 33.87
CA GLY G 26 -5.96 -6.34 34.23
C GLY G 26 -6.63 -5.28 33.38
N GLU G 27 -5.97 -4.76 32.34
CA GLU G 27 -6.57 -3.71 31.53
C GLU G 27 -7.47 -4.27 30.43
N VAL G 28 -7.15 -5.45 29.91
CA VAL G 28 -8.00 -6.05 28.89
C VAL G 28 -9.29 -6.57 29.52
N ASN G 29 -9.20 -7.10 30.74
CA ASN G 29 -10.41 -7.45 31.46
C ASN G 29 -11.25 -6.22 31.80
N LYS G 30 -10.61 -5.09 32.09
CA LYS G 30 -11.34 -3.85 32.30
C LYS G 30 -12.15 -3.49 31.06
N ILE G 31 -11.50 -3.47 29.90
CA ILE G 31 -12.21 -3.11 28.67
C ILE G 31 -13.30 -4.11 28.35
N LYS G 32 -13.02 -5.40 28.55
CA LYS G 32 -14.01 -6.43 28.25
C LYS G 32 -15.23 -6.29 29.16
N SER G 33 -15.01 -6.02 30.44
CA SER G 33 -16.11 -5.83 31.38
C SER G 33 -16.91 -4.58 31.02
N ALA G 34 -16.22 -3.51 30.58
CA ALA G 34 -16.92 -2.31 30.17
C ALA G 34 -17.80 -2.58 28.96
N LEU G 35 -17.31 -3.35 27.99
CA LEU G 35 -18.07 -3.67 26.80
C LEU G 35 -18.96 -4.90 26.97
N LEU G 36 -19.05 -5.44 28.19
CA LEU G 36 -19.94 -6.57 28.43
C LEU G 36 -21.40 -6.18 28.23
N SER G 37 -21.74 -4.92 28.48
CA SER G 37 -23.12 -4.47 28.42
C SER G 37 -23.50 -4.00 27.01
N THR G 38 -22.79 -3.01 26.49
CA THR G 38 -23.06 -2.42 25.18
C THR G 38 -21.86 -2.65 24.27
N ASN G 39 -21.94 -2.06 23.07
CA ASN G 39 -20.88 -2.20 22.08
C ASN G 39 -19.93 -1.00 22.07
N LYS G 40 -20.19 0.01 22.89
CA LYS G 40 -19.31 1.16 22.98
C LYS G 40 -19.38 1.74 24.39
N ALA G 41 -18.22 2.13 24.92
CA ALA G 41 -18.14 2.65 26.28
C ALA G 41 -16.86 3.46 26.45
N VAL G 42 -16.94 4.48 27.29
CA VAL G 42 -15.77 5.27 27.65
C VAL G 42 -15.08 4.61 28.84
N VAL G 43 -13.78 4.37 28.71
CA VAL G 43 -13.00 3.67 29.72
C VAL G 43 -11.84 4.56 30.14
N SER G 44 -11.69 4.75 31.45
CA SER G 44 -10.54 5.47 31.98
C SER G 44 -9.36 4.50 32.05
N LEU G 45 -8.34 4.75 31.23
CA LEU G 45 -7.20 3.86 31.19
C LEU G 45 -6.34 4.06 32.44
N SER G 46 -5.46 3.09 32.71
CA SER G 46 -4.62 3.16 33.89
C SER G 46 -3.66 4.36 33.85
N ASN G 47 -3.42 4.93 32.67
CA ASN G 47 -2.59 6.12 32.56
C ASN G 47 -3.36 7.41 32.81
N GLY G 48 -4.66 7.34 33.09
CA GLY G 48 -5.47 8.50 33.33
C GLY G 48 -6.31 8.95 32.14
N VAL G 49 -5.79 8.75 30.93
CA VAL G 49 -6.52 9.20 29.74
C VAL G 49 -7.76 8.34 29.55
N SER G 50 -8.88 8.99 29.25
CA SER G 50 -10.15 8.31 29.01
C SER G 50 -10.34 8.13 27.51
N VAL G 51 -10.55 6.90 27.08
CA VAL G 51 -10.65 6.59 25.65
C VAL G 51 -12.00 5.93 25.38
N LEU G 52 -12.49 6.17 24.16
CA LEU G 52 -13.70 5.49 23.71
C LEU G 52 -13.33 4.10 23.22
N THR G 53 -14.20 3.13 23.50
CA THR G 53 -13.91 1.74 23.19
C THR G 53 -15.10 1.13 22.47
N PHE G 54 -14.83 0.43 21.38
CA PHE G 54 -15.86 -0.14 20.51
C PHE G 54 -15.67 -1.65 20.42
N LYS G 55 -16.78 -2.38 20.38
CA LYS G 55 -16.80 -3.80 20.08
C LYS G 55 -17.43 -3.96 18.70
N VAL G 56 -16.59 -4.03 17.68
CA VAL G 56 -17.06 -4.01 16.30
C VAL G 56 -17.49 -5.39 15.78
N LEU G 57 -17.07 -6.46 16.44
CA LEU G 57 -17.42 -7.81 16.00
C LEU G 57 -17.42 -8.76 17.18
N ASP G 58 -18.52 -9.50 17.33
CA ASP G 58 -18.70 -10.47 18.41
C ASP G 58 -18.69 -11.87 17.80
N LEU G 59 -17.57 -12.57 17.92
CA LEU G 59 -17.48 -13.94 17.45
C LEU G 59 -17.68 -14.97 18.55
N LYS G 60 -17.24 -14.68 19.77
CA LYS G 60 -17.50 -15.59 20.88
C LYS G 60 -18.99 -15.84 21.05
N ASN G 61 -19.80 -14.78 20.96
CA ASN G 61 -21.25 -14.95 21.06
C ASN G 61 -21.76 -15.91 19.97
N TYR G 62 -21.40 -15.64 18.72
CA TYR G 62 -21.90 -16.44 17.62
C TYR G 62 -21.36 -17.88 17.71
N ILE G 63 -20.05 -18.02 17.92
CA ILE G 63 -19.44 -19.35 17.95
C ILE G 63 -20.05 -20.19 19.07
N ASP G 64 -20.15 -19.63 20.26
CA ASP G 64 -20.53 -20.39 21.45
C ASP G 64 -22.03 -20.49 21.65
N LYS G 65 -22.85 -19.72 20.94
CA LYS G 65 -24.29 -19.80 21.15
C LYS G 65 -25.09 -20.03 19.87
N GLN G 66 -24.46 -20.12 18.71
CA GLN G 66 -25.18 -20.33 17.46
C GLN G 66 -24.60 -21.40 16.55
N LEU G 67 -23.31 -21.73 16.66
CA LEU G 67 -22.68 -22.69 15.76
C LEU G 67 -22.29 -23.99 16.43
N LEU G 68 -21.53 -23.93 17.52
CA LEU G 68 -21.10 -25.16 18.21
C LEU G 68 -22.25 -25.89 18.89
N PRO G 69 -23.23 -25.19 19.50
CA PRO G 69 -24.39 -25.93 20.04
C PRO G 69 -25.10 -26.82 19.01
N ILE G 70 -25.31 -26.31 17.80
CA ILE G 70 -25.99 -27.12 16.79
C ILE G 70 -25.05 -28.15 16.16
N LEU G 71 -23.74 -27.90 16.18
CA LEU G 71 -22.79 -28.79 15.54
C LEU G 71 -22.58 -30.06 16.35
N ASN G 72 -22.05 -29.93 17.57
CA ASN G 72 -21.67 -31.07 18.39
C ASN G 72 -22.75 -31.46 19.40
N LYS G 73 -24.03 -31.36 19.05
CA LYS G 73 -25.07 -31.80 19.98
C LYS G 73 -25.29 -33.32 19.88
N GLN G 74 -25.84 -33.77 18.75
CA GLN G 74 -26.02 -35.18 18.43
C GLN G 74 -26.02 -35.30 16.92
N SER G 75 -25.53 -36.44 16.41
CA SER G 75 -25.54 -36.69 14.97
C SER G 75 -24.87 -35.52 14.24
N CYS G 76 -23.57 -35.36 14.49
CA CYS G 76 -22.79 -34.19 14.10
C CYS G 76 -23.01 -33.75 12.65
N SER G 77 -23.65 -34.58 11.84
CA SER G 77 -24.05 -34.18 10.50
C SER G 77 -25.10 -33.07 10.59
N ILE G 78 -24.85 -31.96 9.91
CA ILE G 78 -25.73 -30.80 9.95
C ILE G 78 -26.76 -30.91 8.83
N SER G 79 -27.94 -30.32 9.07
CA SER G 79 -29.06 -30.47 8.17
C SER G 79 -29.24 -29.30 7.22
N ASN G 80 -28.61 -28.15 7.48
CA ASN G 80 -28.75 -26.98 6.63
C ASN G 80 -27.37 -26.47 6.25
N ILE G 81 -27.22 -26.06 4.99
CA ILE G 81 -25.94 -25.57 4.49
C ILE G 81 -25.82 -24.05 4.58
N GLU G 82 -26.93 -23.35 4.85
CA GLU G 82 -26.89 -21.90 5.01
C GLU G 82 -26.02 -21.48 6.19
N THR G 83 -25.76 -22.39 7.14
CA THR G 83 -24.87 -22.08 8.25
C THR G 83 -23.44 -21.90 7.77
N VAL G 84 -23.01 -22.68 6.77
CA VAL G 84 -21.66 -22.54 6.24
C VAL G 84 -21.44 -21.13 5.69
N ILE G 85 -22.40 -20.64 4.90
CA ILE G 85 -22.26 -19.31 4.32
C ILE G 85 -22.44 -18.24 5.40
N GLU G 86 -23.37 -18.45 6.33
CA GLU G 86 -23.57 -17.50 7.43
C GLU G 86 -22.33 -17.38 8.29
N PHE G 87 -21.51 -18.44 8.36
CA PHE G 87 -20.23 -18.39 9.06
C PHE G 87 -19.11 -17.86 8.19
N GLN G 88 -19.21 -18.00 6.87
CA GLN G 88 -18.26 -17.32 5.99
C GLN G 88 -18.43 -15.81 6.08
N GLN G 89 -19.67 -15.35 6.22
CA GLN G 89 -19.90 -14.00 6.71
C GLN G 89 -19.56 -13.94 8.20
N LYS G 90 -19.27 -12.74 8.68
CA LYS G 90 -18.85 -12.45 10.06
C LYS G 90 -17.50 -13.05 10.39
N ASN G 91 -16.87 -13.79 9.47
CA ASN G 91 -15.51 -14.29 9.66
C ASN G 91 -14.53 -13.75 8.64
N ASN G 92 -15.00 -13.32 7.46
CA ASN G 92 -14.13 -12.70 6.48
C ASN G 92 -13.45 -11.46 7.07
N ARG G 93 -14.14 -10.74 7.96
CA ARG G 93 -13.57 -9.52 8.52
C ARG G 93 -12.34 -9.83 9.36
N LEU G 94 -12.42 -10.86 10.20
CA LEU G 94 -11.27 -11.23 11.03
C LEU G 94 -10.09 -11.67 10.16
N LEU G 95 -10.35 -12.49 9.14
CA LEU G 95 -9.28 -12.94 8.26
C LEU G 95 -8.64 -11.77 7.53
N GLU G 96 -9.44 -10.83 7.04
CA GLU G 96 -8.90 -9.69 6.32
C GLU G 96 -8.12 -8.77 7.24
N ILE G 97 -8.59 -8.59 8.47
CA ILE G 97 -7.85 -7.77 9.44
C ILE G 97 -6.50 -8.41 9.74
N THR G 98 -6.50 -9.74 9.97
CA THR G 98 -5.26 -10.46 10.21
C THR G 98 -4.30 -10.31 9.04
N ARG G 99 -4.79 -10.45 7.82
CA ARG G 99 -3.93 -10.36 6.66
C ARG G 99 -3.39 -8.94 6.46
N GLU G 100 -4.23 -7.92 6.66
CA GLU G 100 -3.78 -6.54 6.57
C GLU G 100 -2.70 -6.24 7.58
N PHE G 101 -2.85 -6.75 8.81
CA PHE G 101 -1.83 -6.54 9.81
C PHE G 101 -0.56 -7.31 9.49
N SER G 102 -0.69 -8.48 8.87
CA SER G 102 0.49 -9.27 8.50
C SER G 102 1.30 -8.57 7.43
N VAL G 103 0.65 -8.02 6.41
CA VAL G 103 1.39 -7.41 5.30
C VAL G 103 1.92 -6.02 5.68
N ASN G 104 1.27 -5.31 6.60
CA ASN G 104 1.66 -3.95 6.96
C ASN G 104 2.47 -3.88 8.25
N ALA G 105 2.98 -5.02 8.73
CA ALA G 105 3.83 -5.10 9.92
C ALA G 105 3.11 -4.58 11.17
N GLY G 106 1.78 -4.74 11.23
CA GLY G 106 1.04 -4.49 12.45
C GLY G 106 0.46 -3.09 12.59
N VAL G 107 0.81 -2.16 11.70
CA VAL G 107 0.27 -0.81 11.74
C VAL G 107 -0.03 -0.40 10.30
N THR G 108 -1.29 -0.17 9.99
CA THR G 108 -1.73 0.08 8.62
C THR G 108 -2.07 1.55 8.41
N THR G 109 -1.59 2.09 7.29
CA THR G 109 -1.90 3.42 6.78
C THR G 109 -3.24 3.18 6.07
N PRO G 110 -3.84 4.14 5.32
CA PRO G 110 -5.26 4.48 5.56
C PRO G 110 -6.15 3.36 6.08
N VAL G 111 -6.96 3.71 7.07
CA VAL G 111 -7.76 2.73 7.81
C VAL G 111 -8.88 2.23 6.91
N SER G 112 -8.85 0.94 6.61
CA SER G 112 -9.74 0.32 5.65
C SER G 112 -11.13 0.10 6.23
N THR G 113 -12.05 -0.34 5.37
CA THR G 113 -13.38 -0.70 5.82
C THR G 113 -13.36 -1.94 6.72
N TYR G 114 -12.40 -2.84 6.50
CA TYR G 114 -12.28 -4.01 7.37
C TYR G 114 -11.89 -3.62 8.78
N MET G 115 -10.94 -2.69 8.92
CA MET G 115 -10.56 -2.19 10.24
C MET G 115 -11.72 -1.49 10.92
N LEU G 116 -12.40 -0.60 10.19
CA LEU G 116 -13.43 0.24 10.79
C LEU G 116 -14.42 0.65 9.71
N THR G 117 -15.68 0.29 9.88
CA THR G 117 -16.71 0.57 8.89
C THR G 117 -17.19 2.03 9.01
N ASN G 118 -17.93 2.46 7.97
CA ASN G 118 -18.40 3.85 7.92
C ASN G 118 -19.39 4.15 9.04
N SER G 119 -20.29 3.21 9.34
CA SER G 119 -21.22 3.42 10.45
C SER G 119 -20.46 3.50 11.77
N GLU G 120 -19.52 2.58 11.98
CA GLU G 120 -18.71 2.60 13.20
C GLU G 120 -17.84 3.84 13.28
N LEU G 121 -17.27 4.26 12.14
CA LEU G 121 -16.42 5.46 12.14
C LEU G 121 -17.23 6.71 12.44
N LEU G 122 -18.43 6.83 11.87
CA LEU G 122 -19.28 7.97 12.17
C LEU G 122 -19.74 7.94 13.62
N SER G 123 -20.07 6.76 14.15
CA SER G 123 -20.44 6.65 15.54
C SER G 123 -19.29 7.05 16.47
N LEU G 124 -18.07 6.70 16.07
CA LEU G 124 -16.90 7.09 16.87
C LEU G 124 -16.67 8.60 16.79
N ILE G 125 -16.84 9.18 15.61
CA ILE G 125 -16.63 10.62 15.44
C ILE G 125 -17.67 11.40 16.24
N ASN G 126 -18.92 10.98 16.19
CA ASN G 126 -20.00 11.73 16.83
C ASN G 126 -19.91 11.71 18.35
N ASP G 127 -19.22 10.73 18.93
CA ASP G 127 -19.10 10.60 20.38
C ASP G 127 -17.73 11.02 20.90
N MET G 128 -17.06 11.95 20.20
CA MET G 128 -15.74 12.41 20.59
C MET G 128 -15.81 13.71 21.38
N PRO G 129 -14.82 13.99 22.24
CA PRO G 129 -14.82 15.26 22.99
C PRO G 129 -14.28 16.43 22.18
N ILE G 130 -15.05 16.81 21.15
CA ILE G 130 -14.70 17.90 20.25
C ILE G 130 -15.94 18.73 19.97
N THR G 131 -15.72 19.94 19.45
CA THR G 131 -16.84 20.80 19.13
C THR G 131 -17.62 20.24 17.95
N ASN G 132 -18.85 20.73 17.78
CA ASN G 132 -19.72 20.22 16.74
C ASN G 132 -19.19 20.55 15.35
N ASP G 133 -18.43 21.63 15.22
CA ASP G 133 -17.85 21.98 13.92
C ASP G 133 -16.89 20.89 13.44
N GLN G 134 -16.01 20.43 14.33
CA GLN G 134 -15.10 19.34 13.97
C GLN G 134 -15.86 18.06 13.69
N LYS G 135 -16.94 17.80 14.45
CA LYS G 135 -17.74 16.60 14.19
C LYS G 135 -18.35 16.64 12.78
N LYS G 136 -18.92 17.79 12.40
CA LYS G 136 -19.48 17.92 11.06
C LYS G 136 -18.41 17.77 9.99
N LEU G 137 -17.25 18.41 10.19
CA LEU G 137 -16.17 18.32 9.21
C LEU G 137 -15.69 16.88 9.04
N MET G 138 -15.48 16.18 10.15
CA MET G 138 -15.03 14.80 10.09
C MET G 138 -16.08 13.90 9.46
N SER G 139 -17.36 14.15 9.74
CA SER G 139 -18.41 13.29 9.20
C SER G 139 -18.59 13.51 7.70
N ASN G 140 -18.35 14.71 7.20
CA ASN G 140 -18.52 14.96 5.78
C ASN G 140 -17.34 14.47 4.94
N ASN G 141 -16.17 14.27 5.56
CA ASN G 141 -14.94 13.92 4.85
C ASN G 141 -14.33 12.65 5.44
N VAL G 142 -15.16 11.62 5.59
CA VAL G 142 -14.70 10.36 6.19
C VAL G 142 -13.54 9.76 5.40
N GLN G 143 -13.48 10.02 4.09
CA GLN G 143 -12.38 9.47 3.30
C GLN G 143 -11.04 10.09 3.70
N ILE G 144 -11.03 11.42 3.88
CA ILE G 144 -9.81 12.09 4.33
C ILE G 144 -9.47 11.68 5.76
N VAL G 145 -10.49 11.41 6.57
CA VAL G 145 -10.24 10.91 7.93
C VAL G 145 -9.53 9.55 7.87
N ARG G 146 -10.03 8.66 7.01
CA ARG G 146 -9.38 7.36 6.88
C ARG G 146 -7.97 7.49 6.35
N GLN G 147 -7.74 8.42 5.42
CA GLN G 147 -6.41 8.59 4.86
C GLN G 147 -5.42 9.15 5.89
N GLN G 148 -5.91 9.91 6.87
CA GLN G 148 -5.05 10.63 7.78
C GLN G 148 -5.00 9.98 9.17
N SER G 149 -5.40 8.72 9.29
CA SER G 149 -5.44 8.02 10.56
C SER G 149 -4.75 6.67 10.44
N TYR G 150 -4.37 6.11 11.58
CA TYR G 150 -3.67 4.84 11.65
C TYR G 150 -4.51 3.81 12.39
N SER G 151 -4.09 2.55 12.31
CA SER G 151 -4.69 1.47 13.08
C SER G 151 -3.58 0.53 13.50
N ILE G 152 -3.24 0.56 14.79
CA ILE G 152 -2.12 -0.20 15.34
C ILE G 152 -2.68 -1.44 16.01
N MET G 153 -2.29 -2.62 15.52
CA MET G 153 -2.65 -3.86 16.18
C MET G 153 -1.99 -3.88 17.55
N CYS G 154 -2.79 -4.03 18.61
CA CYS G 154 -2.34 -3.75 19.97
C CYS G 154 -2.01 -5.03 20.74
N ILE G 155 -2.99 -5.91 20.92
CA ILE G 155 -2.82 -7.12 21.73
C ILE G 155 -3.91 -8.11 21.36
N ILE G 156 -3.66 -9.39 21.58
CA ILE G 156 -4.66 -10.44 21.41
C ILE G 156 -4.48 -11.44 22.55
N LYS G 157 -5.41 -11.42 23.50
CA LYS G 157 -5.38 -12.32 24.65
C LYS G 157 -6.71 -12.20 25.36
N GLU G 158 -6.97 -13.16 26.26
CA GLU G 158 -8.24 -13.23 26.99
C GLU G 158 -9.42 -13.23 26.02
N GLU G 159 -9.27 -13.98 24.91
CA GLU G 159 -10.31 -14.15 23.91
C GLU G 159 -10.72 -12.82 23.26
N VAL G 160 -9.83 -11.83 23.25
CA VAL G 160 -10.14 -10.52 22.69
C VAL G 160 -8.98 -10.06 21.82
N LEU G 161 -9.32 -9.53 20.64
CA LEU G 161 -8.36 -8.88 19.76
C LEU G 161 -8.56 -7.38 19.86
N ALA G 162 -7.47 -6.65 20.09
CA ALA G 162 -7.54 -5.23 20.32
C ALA G 162 -6.62 -4.51 19.34
N TYR G 163 -7.12 -3.44 18.76
CA TYR G 163 -6.29 -2.53 17.97
C TYR G 163 -6.75 -1.11 18.22
N VAL G 164 -5.79 -0.20 18.24
CA VAL G 164 -6.03 1.21 18.52
C VAL G 164 -6.16 1.94 17.20
N VAL G 165 -7.29 2.58 16.97
CA VAL G 165 -7.52 3.39 15.79
C VAL G 165 -7.19 4.82 16.18
N GLN G 166 -6.10 5.35 15.62
CA GLN G 166 -5.59 6.67 15.97
C GLN G 166 -6.05 7.64 14.88
N LEU G 167 -7.12 8.42 15.20
CA LEU G 167 -7.84 9.36 14.34
C LEU G 167 -7.25 10.75 14.46
N PRO G 168 -7.34 11.55 13.39
CA PRO G 168 -6.83 12.93 13.45
C PRO G 168 -7.73 13.82 14.29
N LEU G 169 -7.14 14.91 14.77
CA LEU G 169 -7.84 15.94 15.54
C LEU G 169 -7.69 17.26 14.80
N TYR G 170 -8.75 17.66 14.10
CA TYR G 170 -8.75 18.88 13.28
C TYR G 170 -9.07 20.09 14.15
N GLY G 171 -8.08 20.51 14.92
CA GLY G 171 -8.28 21.62 15.84
C GLY G 171 -8.41 22.96 15.14
N VAL G 172 -7.62 23.19 14.10
CA VAL G 172 -7.66 24.44 13.35
C VAL G 172 -8.52 24.23 12.12
N ILE G 173 -9.55 25.07 11.96
CA ILE G 173 -10.56 24.91 10.92
C ILE G 173 -10.96 26.28 10.40
N ASP G 174 -11.24 26.36 9.09
CA ASP G 174 -11.87 27.49 8.42
C ASP G 174 -10.98 28.73 8.34
N THR G 175 -9.69 28.61 8.62
CA THR G 175 -8.82 29.77 8.41
C THR G 175 -8.36 29.81 6.96
N PRO G 176 -8.10 31.01 6.42
CA PRO G 176 -7.78 31.12 5.00
C PRO G 176 -6.42 30.50 4.66
N CYS G 177 -6.38 29.80 3.53
CA CYS G 177 -5.17 29.16 3.05
C CYS G 177 -4.90 29.57 1.61
N TRP G 178 -3.63 29.42 1.21
CA TRP G 178 -3.24 29.72 -0.16
C TRP G 178 -2.04 28.87 -0.55
N LYS G 179 -2.02 28.44 -1.80
CA LYS G 179 -0.92 27.66 -2.37
C LYS G 179 -0.03 28.59 -3.19
N LEU G 180 1.28 28.35 -3.12
CA LEU G 180 2.27 29.14 -3.83
C LEU G 180 3.01 28.23 -4.81
N HIS G 181 2.89 28.54 -6.10
CA HIS G 181 3.57 27.82 -7.16
C HIS G 181 4.72 28.68 -7.69
N THR G 182 5.85 28.04 -8.00
CA THR G 182 7.04 28.75 -8.46
C THR G 182 7.58 28.09 -9.72
N SER G 183 8.35 28.86 -10.49
CA SER G 183 8.95 28.38 -11.72
C SER G 183 10.25 29.14 -11.95
N PRO G 184 11.22 28.54 -12.65
CA PRO G 184 12.49 29.24 -12.89
C PRO G 184 12.30 30.47 -13.76
N LEU G 185 12.99 31.54 -13.40
CA LEU G 185 12.91 32.82 -14.09
C LEU G 185 14.30 33.18 -14.59
N CYS G 186 14.54 32.97 -15.88
CA CYS G 186 15.85 33.17 -16.49
C CYS G 186 15.80 34.34 -17.47
N THR G 187 16.99 34.76 -17.91
CA THR G 187 17.10 35.76 -18.96
C THR G 187 16.89 35.10 -20.32
N THR G 188 16.64 35.93 -21.33
CA THR G 188 16.25 35.45 -22.65
C THR G 188 17.23 35.87 -23.74
N ASN G 189 18.50 36.09 -23.38
CA ASN G 189 19.50 36.41 -24.37
C ASN G 189 19.82 35.19 -25.22
N THR G 190 20.28 35.43 -26.45
CA THR G 190 20.50 34.40 -27.43
C THR G 190 21.84 33.68 -27.26
N LYS G 191 22.68 34.14 -26.34
CA LYS G 191 23.99 33.52 -26.12
C LYS G 191 23.84 32.12 -25.53
N GLU G 192 24.81 31.27 -25.85
CA GLU G 192 24.76 29.88 -25.38
C GLU G 192 24.94 29.80 -23.87
N GLY G 193 25.81 30.64 -23.31
CA GLY G 193 25.99 30.72 -21.88
C GLY G 193 25.61 32.08 -21.32
N SER G 194 26.15 32.41 -20.15
CA SER G 194 25.90 33.70 -19.49
C SER G 194 24.41 33.97 -19.34
N ASN G 195 23.66 32.93 -18.99
CA ASN G 195 22.21 33.02 -18.87
C ASN G 195 21.85 32.62 -17.45
N ILE G 196 21.53 33.61 -16.61
CA ILE G 196 21.33 33.42 -15.18
C ILE G 196 19.87 33.08 -14.92
N CYS G 197 19.64 32.17 -13.98
CA CYS G 197 18.30 31.68 -13.65
C CYS G 197 18.03 31.86 -12.16
N LEU G 198 16.83 32.36 -11.85
CA LEU G 198 16.39 32.60 -10.48
C LEU G 198 15.02 31.97 -10.28
N THR G 199 14.82 31.39 -9.09
CA THR G 199 13.57 30.72 -8.76
C THR G 199 13.21 30.99 -7.31
N ARG G 200 11.93 30.94 -6.99
CA ARG G 200 11.47 31.02 -5.61
C ARG G 200 11.33 29.60 -5.04
N THR G 201 11.80 29.43 -3.81
CA THR G 201 11.84 28.11 -3.18
C THR G 201 10.76 27.91 -2.11
N ASP G 202 9.98 28.93 -1.79
CA ASP G 202 8.99 28.83 -0.73
C ASP G 202 7.67 28.24 -1.22
N ARG G 203 7.70 27.51 -2.33
CA ARG G 203 6.49 26.91 -2.89
C ARG G 203 5.86 25.92 -1.90
N GLY G 204 4.53 25.82 -1.95
CA GLY G 204 3.80 24.93 -1.08
C GLY G 204 2.59 25.62 -0.48
N TRP G 205 2.04 25.03 0.56
CA TRP G 205 0.80 25.54 1.16
C TRP G 205 1.09 26.47 2.32
N TYR G 206 0.17 27.41 2.57
CA TYR G 206 0.25 28.34 3.68
C TYR G 206 -1.13 28.52 4.28
N CYS G 207 -1.23 28.48 5.61
CA CYS G 207 -2.51 28.71 6.27
C CYS G 207 -2.32 29.59 7.50
N ASP G 208 -3.27 30.49 7.74
CA ASP G 208 -3.24 31.29 8.94
C ASP G 208 -3.55 30.43 10.16
N ASN G 209 -2.78 30.63 11.22
CA ASN G 209 -2.92 29.81 12.43
C ASN G 209 -2.38 30.63 13.60
N ALA G 210 -3.28 31.10 14.46
CA ALA G 210 -2.93 31.78 15.71
C ALA G 210 -1.96 32.93 15.47
N GLY G 211 -2.33 33.81 14.53
CA GLY G 211 -1.51 34.96 14.20
C GLY G 211 -0.24 34.67 13.43
N SER G 212 0.10 33.40 13.21
CA SER G 212 1.26 33.01 12.42
C SER G 212 0.78 32.32 11.13
N VAL G 213 1.73 31.80 10.36
CA VAL G 213 1.43 31.08 9.14
C VAL G 213 2.06 29.69 9.24
N SER G 214 1.22 28.66 9.19
CA SER G 214 1.70 27.30 9.06
C SER G 214 2.00 27.04 7.58
N PHE G 215 3.26 26.72 7.29
CA PHE G 215 3.72 26.52 5.92
C PHE G 215 4.07 25.05 5.72
N PHE G 216 3.57 24.49 4.62
CA PHE G 216 3.78 23.08 4.28
C PHE G 216 4.58 23.02 2.99
N PRO G 217 5.86 22.63 3.05
CA PRO G 217 6.69 22.61 1.83
C PRO G 217 6.37 21.45 0.92
N GLN G 218 6.13 20.28 1.52
CA GLN G 218 5.75 19.08 0.77
C GLN G 218 4.24 19.10 0.58
N ALA G 219 3.80 19.83 -0.45
CA ALA G 219 2.38 19.95 -0.76
C ALA G 219 1.74 18.61 -1.10
N GLU G 220 2.56 17.58 -1.35
CA GLU G 220 2.05 16.23 -1.58
C GLU G 220 1.40 15.65 -0.33
N THR G 221 1.78 16.14 0.86
CA THR G 221 1.17 15.71 2.12
C THR G 221 0.00 16.59 2.52
N CYS G 222 -0.76 17.10 1.55
CA CYS G 222 -1.93 17.92 1.80
C CYS G 222 -3.01 17.55 0.81
N LYS G 223 -4.17 17.12 1.30
CA LYS G 223 -5.30 16.75 0.46
C LYS G 223 -6.26 17.91 0.30
N VAL G 224 -6.97 17.94 -0.82
CA VAL G 224 -7.94 18.98 -1.14
C VAL G 224 -9.24 18.29 -1.54
N GLN G 225 -10.35 18.64 -0.88
CA GLN G 225 -11.65 18.09 -1.27
C GLN G 225 -12.37 19.00 -2.26
N SER G 226 -12.82 20.17 -1.80
CA SER G 226 -13.47 21.14 -2.69
C SER G 226 -12.72 22.45 -2.72
N ASN G 227 -12.60 23.11 -1.57
CA ASN G 227 -11.67 24.21 -1.35
C ASN G 227 -11.09 24.11 0.06
N ARG G 228 -11.21 22.95 0.68
CA ARG G 228 -10.69 22.70 2.02
C ARG G 228 -9.37 21.96 1.90
N VAL G 229 -8.37 22.40 2.64
CA VAL G 229 -7.03 21.86 2.57
C VAL G 229 -6.74 21.13 3.87
N PHE G 230 -6.73 19.80 3.81
CA PHE G 230 -6.41 18.95 4.95
C PHE G 230 -4.91 18.74 4.96
N CYS G 231 -4.23 19.27 5.97
CA CYS G 231 -2.80 19.13 6.12
C CYS G 231 -2.47 18.64 7.52
N ASP G 232 -1.23 18.21 7.70
CA ASP G 232 -0.72 17.70 8.97
C ASP G 232 0.25 18.73 9.54
N THR G 233 -0.05 19.22 10.74
CA THR G 233 0.80 20.23 11.37
C THR G 233 2.21 19.73 11.62
N MET G 234 2.43 18.42 11.61
CA MET G 234 3.77 17.88 11.84
C MET G 234 4.67 18.06 10.63
N ASN G 235 4.11 18.00 9.43
CA ASN G 235 4.87 18.25 8.20
C ASN G 235 4.85 19.73 7.83
N SER G 236 5.22 20.59 8.79
CA SER G 236 5.04 22.02 8.60
C SER G 236 6.07 22.80 9.40
N LEU G 237 6.39 23.97 8.88
CA LEU G 237 7.09 25.02 9.62
C LEU G 237 6.07 26.06 10.08
N THR G 238 6.46 26.82 11.09
CA THR G 238 5.63 27.90 11.63
C THR G 238 6.39 29.21 11.44
N LEU G 239 5.82 30.12 10.66
CA LEU G 239 6.48 31.34 10.25
C LEU G 239 5.67 32.56 10.65
N PRO G 240 6.28 33.74 10.70
CA PRO G 240 5.49 34.96 10.91
C PRO G 240 4.61 35.25 9.71
N SER G 241 3.58 36.06 9.95
CA SER G 241 2.64 36.40 8.87
C SER G 241 3.31 37.20 7.77
N GLU G 242 4.35 37.97 8.10
CA GLU G 242 5.01 38.84 7.13
C GLU G 242 5.56 38.07 5.92
N VAL G 243 5.66 36.75 5.99
CA VAL G 243 6.11 35.97 4.84
C VAL G 243 5.18 36.20 3.65
N ASN G 244 3.90 36.45 3.91
CA ASN G 244 2.96 36.71 2.82
C ASN G 244 3.36 37.93 2.02
N LEU G 245 4.11 38.86 2.64
CA LEU G 245 4.59 40.04 1.94
C LEU G 245 5.41 39.66 0.72
N CYS G 246 6.06 38.50 0.74
CA CYS G 246 6.85 38.03 -0.39
C CYS G 246 6.05 37.97 -1.69
N ASN G 247 4.71 38.03 -1.61
CA ASN G 247 3.94 38.05 -2.85
C ASN G 247 3.68 39.47 -3.34
N VAL G 248 3.45 40.42 -2.44
CA VAL G 248 3.20 41.78 -2.90
C VAL G 248 4.51 42.47 -3.28
N ASP G 249 5.60 42.14 -2.60
CA ASP G 249 6.92 42.66 -2.94
C ASP G 249 7.98 41.73 -2.38
N ILE G 250 8.90 41.28 -3.25
CA ILE G 250 9.90 40.31 -2.84
C ILE G 250 11.15 40.97 -2.26
N PHE G 251 11.22 42.30 -2.30
CA PHE G 251 12.36 43.03 -1.76
C PHE G 251 12.02 43.76 -0.46
N ASN G 252 10.91 43.43 0.18
CA ASN G 252 10.48 44.13 1.37
C ASN G 252 11.47 43.89 2.52
N PRO G 253 11.64 44.88 3.40
CA PRO G 253 12.62 44.73 4.49
C PRO G 253 12.14 43.85 5.64
N LYS G 254 10.83 43.61 5.75
CA LYS G 254 10.31 42.89 6.91
C LYS G 254 10.72 41.41 6.86
N TYR G 255 10.36 40.72 5.78
CA TYR G 255 10.66 39.31 5.62
C TYR G 255 11.63 39.09 4.48
N ASP G 256 12.48 38.08 4.63
CA ASP G 256 13.50 37.73 3.64
C ASP G 256 13.04 36.48 2.90
N CYS G 257 12.74 36.62 1.62
CA CYS G 257 12.17 35.53 0.84
C CYS G 257 13.27 34.61 0.34
N LYS G 258 13.13 33.31 0.62
CA LYS G 258 14.12 32.33 0.19
C LYS G 258 14.01 32.12 -1.32
N ILE G 259 15.15 32.16 -2.00
CA ILE G 259 15.22 31.98 -3.44
C ILE G 259 16.29 30.94 -3.77
N MET G 260 16.52 30.74 -5.06
CA MET G 260 17.48 29.78 -5.57
C MET G 260 18.06 30.32 -6.87
N THR G 261 19.38 30.24 -7.00
CA THR G 261 20.08 30.72 -8.19
C THR G 261 20.74 29.53 -8.89
N SER G 262 20.72 29.57 -10.22
CA SER G 262 21.35 28.53 -11.03
C SER G 262 21.67 29.13 -12.39
N LYS G 263 22.28 28.32 -13.26
CA LYS G 263 22.55 28.73 -14.63
C LYS G 263 22.02 27.69 -15.62
N THR G 264 21.00 26.93 -15.20
CA THR G 264 20.47 25.84 -16.01
C THR G 264 19.29 26.38 -16.83
N ASP G 265 19.48 26.44 -18.15
CA ASP G 265 18.50 27.02 -19.07
C ASP G 265 17.55 25.92 -19.53
N VAL G 266 16.61 25.56 -18.65
CA VAL G 266 15.69 24.45 -18.88
C VAL G 266 14.27 25.00 -18.95
N SER G 267 13.56 24.65 -20.02
CA SER G 267 12.17 25.03 -20.18
C SER G 267 11.26 24.10 -19.37
N SER G 268 10.30 24.68 -18.66
CA SER G 268 9.46 23.91 -17.75
C SER G 268 8.03 24.44 -17.79
N SER G 269 7.11 23.64 -17.24
CA SER G 269 5.74 24.06 -17.08
C SER G 269 5.26 23.62 -15.70
N VAL G 270 4.64 24.54 -14.97
CA VAL G 270 4.13 24.31 -13.63
C VAL G 270 2.64 24.61 -13.65
N ILE G 271 1.82 23.59 -13.46
CA ILE G 271 0.38 23.75 -13.52
C ILE G 271 -0.13 24.14 -12.13
N THR G 272 -0.84 25.26 -12.06
CA THR G 272 -1.34 25.80 -10.82
C THR G 272 -2.81 25.41 -10.64
N SER G 273 -3.45 25.98 -9.61
CA SER G 273 -4.86 25.68 -9.36
C SER G 273 -5.73 26.08 -10.55
N LEU G 274 -5.59 27.32 -11.02
CA LEU G 274 -6.37 27.82 -12.15
C LEU G 274 -5.39 28.41 -13.16
N GLY G 275 -4.72 27.55 -13.91
CA GLY G 275 -3.86 28.02 -14.97
C GLY G 275 -2.56 27.26 -14.99
N ALA G 276 -1.61 27.81 -15.75
CA ALA G 276 -0.32 27.19 -15.96
C ALA G 276 0.75 28.25 -16.17
N ILE G 277 1.90 28.05 -15.53
CA ILE G 277 3.10 28.86 -15.73
C ILE G 277 4.01 28.13 -16.71
N VAL G 278 4.55 28.85 -17.69
CA VAL G 278 5.41 28.27 -18.70
C VAL G 278 6.71 29.07 -18.76
N SER G 279 7.82 28.41 -18.46
CA SER G 279 9.15 29.00 -18.59
C SER G 279 9.76 28.45 -19.88
N CYS G 280 9.66 29.23 -20.96
CA CYS G 280 10.05 28.80 -22.29
C CYS G 280 11.39 29.42 -22.66
N TYR G 281 12.44 28.61 -22.62
CA TYR G 281 13.80 29.06 -22.94
C TYR G 281 14.40 28.13 -23.99
N GLY G 282 15.42 28.65 -24.69
CA GLY G 282 16.06 27.86 -25.74
C GLY G 282 15.22 27.80 -27.00
N LYS G 283 15.42 26.72 -27.76
CA LYS G 283 14.69 26.45 -29.00
C LYS G 283 13.53 25.48 -28.78
N THR G 284 12.93 25.51 -27.61
CA THR G 284 11.87 24.58 -27.24
C THR G 284 10.52 25.05 -27.73
N LYS G 285 9.68 24.09 -28.12
CA LYS G 285 8.31 24.38 -28.56
C LYS G 285 7.39 24.49 -27.35
N CYS G 286 6.76 25.64 -27.19
CA CYS G 286 5.83 25.88 -26.09
C CYS G 286 4.48 26.29 -26.66
N THR G 287 3.43 25.57 -26.26
CA THR G 287 2.15 25.64 -26.94
C THR G 287 1.02 25.58 -25.93
N ALA G 288 -0.02 26.38 -26.16
CA ALA G 288 -1.27 26.30 -25.40
C ALA G 288 -2.40 25.99 -26.38
N SER G 289 -3.19 24.96 -26.06
CA SER G 289 -4.16 24.40 -26.99
C SER G 289 -5.50 24.17 -26.30
N ASN G 290 -6.57 24.29 -27.08
CA ASN G 290 -7.93 23.96 -26.68
C ASN G 290 -8.34 22.62 -27.27
N LYS G 291 -9.16 21.88 -26.53
CA LYS G 291 -9.53 20.53 -26.94
C LYS G 291 -10.27 20.52 -28.28
N ASN G 292 -11.09 21.54 -28.55
CA ASN G 292 -11.94 21.53 -29.72
C ASN G 292 -11.42 22.39 -30.86
N ARG G 293 -10.39 23.21 -30.63
CA ARG G 293 -9.89 24.09 -31.68
C ARG G 293 -8.37 23.99 -31.87
N GLY G 294 -7.70 23.09 -31.17
CA GLY G 294 -6.28 22.91 -31.36
C GLY G 294 -5.41 23.98 -30.72
N ILE G 295 -4.22 24.17 -31.31
CA ILE G 295 -3.28 25.16 -30.79
C ILE G 295 -3.85 26.55 -30.90
N ILE G 296 -3.78 27.31 -29.80
CA ILE G 296 -4.31 28.67 -29.77
C ILE G 296 -3.26 29.65 -29.30
N LYS G 297 -2.09 29.17 -28.86
CA LYS G 297 -1.06 30.11 -28.42
C LYS G 297 0.32 29.49 -28.54
N THR G 298 1.27 30.29 -29.01
CA THR G 298 2.69 29.96 -28.98
C THR G 298 3.39 30.91 -28.02
N PHE G 299 4.16 30.35 -27.09
CA PHE G 299 4.80 31.14 -26.05
C PHE G 299 6.11 31.72 -26.53
N SER G 300 6.33 33.00 -26.26
CA SER G 300 7.63 33.60 -26.48
C SER G 300 8.57 33.23 -25.33
N ASN G 301 9.87 33.40 -25.58
CA ASN G 301 10.87 33.04 -24.59
C ASN G 301 10.75 33.92 -23.35
N GLY G 302 10.74 33.30 -22.18
CA GLY G 302 10.55 33.97 -20.92
C GLY G 302 9.60 33.18 -20.05
N CYS G 303 9.19 33.79 -18.95
CA CYS G 303 8.20 33.20 -18.05
C CYS G 303 6.85 33.84 -18.33
N ASP G 304 5.90 33.05 -18.79
CA ASP G 304 4.55 33.49 -19.11
C ASP G 304 3.55 32.64 -18.34
N TYR G 305 2.27 32.99 -18.47
CA TYR G 305 1.20 32.30 -17.75
C TYR G 305 -0.07 32.35 -18.58
N VAL G 306 -0.85 31.28 -18.51
CA VAL G 306 -2.16 31.23 -19.14
C VAL G 306 -3.18 30.75 -18.11
N SER G 307 -4.42 31.21 -18.30
CA SER G 307 -5.53 30.80 -17.46
C SER G 307 -6.13 29.50 -18.00
N ASN G 308 -6.86 28.81 -17.12
CA ASN G 308 -7.48 27.54 -17.50
C ASN G 308 -8.74 27.74 -18.31
N LYS G 309 -9.13 28.98 -18.59
CA LYS G 309 -10.34 29.29 -19.34
C LYS G 309 -10.00 29.34 -20.82
N GLY G 310 -10.53 28.38 -21.58
CA GLY G 310 -10.22 28.27 -22.99
C GLY G 310 -8.99 27.46 -23.30
N VAL G 311 -8.07 27.31 -22.35
CA VAL G 311 -6.85 26.53 -22.54
C VAL G 311 -7.02 25.19 -21.84
N ASP G 312 -6.84 24.10 -22.60
CA ASP G 312 -7.00 22.75 -22.06
C ASP G 312 -5.71 21.96 -22.06
N THR G 313 -4.65 22.46 -22.70
CA THR G 313 -3.43 21.69 -22.85
C THR G 313 -2.24 22.63 -22.97
N VAL G 314 -1.14 22.27 -22.31
CA VAL G 314 0.11 23.01 -22.39
C VAL G 314 1.21 22.03 -22.78
N SER G 315 1.85 22.27 -23.91
CA SER G 315 2.92 21.41 -24.42
C SER G 315 4.24 22.14 -24.31
N VAL G 316 5.24 21.46 -23.73
CA VAL G 316 6.60 22.01 -23.62
C VAL G 316 7.54 20.94 -24.16
N GLY G 317 8.14 21.20 -25.31
CA GLY G 317 8.97 20.21 -25.95
C GLY G 317 8.18 18.97 -26.31
N ASN G 318 8.43 17.87 -25.59
CA ASN G 318 7.68 16.64 -25.77
C ASN G 318 6.73 16.34 -24.61
N THR G 319 6.76 17.16 -23.56
CA THR G 319 5.90 16.95 -22.40
C THR G 319 4.53 17.58 -22.64
N LEU G 320 3.48 16.83 -22.34
CA LEU G 320 2.11 17.30 -22.47
C LEU G 320 1.49 17.45 -21.09
N TYR G 321 0.78 18.54 -20.88
CA TYR G 321 0.18 18.87 -19.59
C TYR G 321 -1.30 19.17 -19.76
N TYR G 322 -2.14 18.47 -19.02
CA TYR G 322 -3.56 18.78 -18.96
C TYR G 322 -3.79 19.73 -17.78
N VAL G 323 -4.46 20.85 -18.05
CA VAL G 323 -4.67 21.88 -17.04
C VAL G 323 -5.89 21.52 -16.21
N ASN G 324 -5.86 21.86 -14.93
CA ASN G 324 -7.02 21.65 -14.07
C ASN G 324 -8.18 22.53 -14.52
N LYS G 325 -9.31 21.90 -14.78
CA LYS G 325 -10.53 22.61 -15.19
C LYS G 325 -11.39 22.98 -13.99
N GLN G 326 -10.79 23.64 -12.99
CA GLN G 326 -11.54 24.12 -11.84
C GLN G 326 -11.90 25.58 -12.07
N GLU G 327 -13.10 25.96 -11.67
CA GLU G 327 -13.62 27.28 -11.97
C GLU G 327 -13.08 28.31 -10.99
N GLY G 328 -12.81 29.51 -11.49
CA GLY G 328 -12.31 30.59 -10.67
C GLY G 328 -11.86 31.73 -11.56
N LYS G 329 -11.40 32.79 -10.91
CA LYS G 329 -10.94 33.98 -11.62
C LYS G 329 -9.43 34.12 -11.45
N SER G 330 -8.73 34.34 -12.55
CA SER G 330 -7.29 34.49 -12.57
C SER G 330 -6.92 35.95 -12.77
N LEU G 331 -5.73 36.32 -12.30
CA LEU G 331 -5.26 37.69 -12.39
C LEU G 331 -3.80 37.69 -12.81
N TYR G 332 -3.45 38.60 -13.72
CA TYR G 332 -2.11 38.73 -14.26
C TYR G 332 -1.51 40.04 -13.77
N VAL G 333 -0.55 39.95 -12.85
CA VAL G 333 0.14 41.12 -12.31
C VAL G 333 1.36 41.38 -13.19
N LYS G 334 1.25 42.39 -14.06
CA LYS G 334 2.36 42.72 -14.94
C LYS G 334 3.52 43.31 -14.13
N GLY G 335 4.73 42.94 -14.52
CA GLY G 335 5.92 43.46 -13.87
C GLY G 335 7.15 42.96 -14.58
N GLU G 336 8.26 43.65 -14.34
CA GLU G 336 9.51 43.27 -14.98
C GLU G 336 10.15 42.11 -14.22
N PRO G 337 10.64 41.09 -14.91
CA PRO G 337 11.28 39.96 -14.22
C PRO G 337 12.47 40.42 -13.38
N ILE G 338 12.55 39.88 -12.17
CA ILE G 338 13.59 40.28 -11.22
C ILE G 338 14.98 39.96 -11.77
N ILE G 339 15.09 38.91 -12.58
CA ILE G 339 16.38 38.45 -13.08
C ILE G 339 17.09 39.54 -13.88
N ASN G 340 16.36 40.53 -14.39
CA ASN G 340 16.94 41.64 -15.14
C ASN G 340 17.58 42.69 -14.25
N PHE G 341 17.68 42.46 -12.94
CA PHE G 341 18.25 43.42 -12.01
C PHE G 341 19.67 43.09 -11.60
N TYR G 342 20.24 41.99 -12.10
CA TYR G 342 21.53 41.51 -11.66
C TYR G 342 22.52 41.50 -12.83
N ASP G 343 23.80 41.57 -12.50
CA ASP G 343 24.86 41.47 -13.50
C ASP G 343 25.15 40.00 -13.79
N PRO G 344 25.13 39.57 -15.05
CA PRO G 344 25.42 38.16 -15.34
C PRO G 344 26.83 37.74 -14.97
N LEU G 345 27.78 38.67 -14.95
CA LEU G 345 29.16 38.34 -14.60
C LEU G 345 29.39 38.33 -13.09
N VAL G 346 28.57 39.07 -12.34
CA VAL G 346 28.71 39.12 -10.88
C VAL G 346 27.67 38.26 -10.18
N PHE G 347 26.73 37.66 -10.92
CA PHE G 347 25.67 36.89 -10.31
C PHE G 347 26.21 35.58 -9.76
N PRO G 348 25.81 35.18 -8.55
CA PRO G 348 26.22 33.86 -8.04
C PRO G 348 25.57 32.75 -8.83
N SER G 349 26.37 32.04 -9.62
CA SER G 349 25.86 31.06 -10.58
C SER G 349 25.23 29.84 -9.92
N ASP G 350 25.42 29.64 -8.61
CA ASP G 350 24.93 28.42 -7.97
C ASP G 350 24.77 28.67 -6.48
N GLU G 351 23.54 28.54 -5.99
CA GLU G 351 23.25 28.60 -4.56
C GLU G 351 21.92 27.92 -4.32
N PHE G 352 21.93 26.80 -3.60
CA PHE G 352 20.72 25.99 -3.47
C PHE G 352 19.69 26.64 -2.55
N ASP G 353 20.03 26.84 -1.29
CA ASP G 353 19.12 27.40 -0.29
C ASP G 353 19.65 28.76 0.13
N ALA G 354 19.22 29.80 -0.59
CA ALA G 354 19.63 31.16 -0.26
C ALA G 354 18.40 32.05 -0.10
N SER G 355 18.61 33.36 0.00
CA SER G 355 17.53 34.31 0.13
C SER G 355 17.92 35.59 -0.62
N ILE G 356 17.01 36.56 -0.63
CA ILE G 356 17.29 37.82 -1.29
C ILE G 356 18.43 38.56 -0.58
N SER G 357 18.35 38.64 0.75
CA SER G 357 19.37 39.37 1.50
C SER G 357 20.74 38.70 1.42
N GLN G 358 20.78 37.36 1.43
CA GLN G 358 22.05 36.66 1.33
C GLN G 358 22.71 36.88 -0.02
N VAL G 359 21.93 36.77 -1.11
CA VAL G 359 22.47 37.00 -2.44
C VAL G 359 22.93 38.46 -2.57
N ASN G 360 22.14 39.39 -2.02
CA ASN G 360 22.53 40.80 -2.07
C ASN G 360 23.81 41.05 -1.28
N GLU G 361 24.00 40.34 -0.17
CA GLU G 361 25.21 40.50 0.63
C GLU G 361 26.43 39.96 -0.12
N LYS G 362 26.28 38.80 -0.78
CA LYS G 362 27.40 38.28 -1.56
C LYS G 362 27.72 39.19 -2.74
N ILE G 363 26.69 39.80 -3.35
CA ILE G 363 26.92 40.76 -4.42
C ILE G 363 27.66 41.99 -3.89
N ASN G 364 27.26 42.48 -2.71
CA ASN G 364 27.96 43.60 -2.08
C ASN G 364 29.42 43.26 -1.82
N GLN G 365 29.68 42.04 -1.33
CA GLN G 365 31.05 41.62 -1.07
C GLN G 365 31.88 41.62 -2.35
N SER G 366 31.36 40.99 -3.41
CA SER G 366 32.12 40.91 -4.66
C SER G 366 32.31 42.29 -5.27
N LEU G 367 31.31 43.17 -5.16
CA LEU G 367 31.43 44.52 -5.70
C LEU G 367 32.45 45.34 -4.91
N ALA G 368 32.48 45.19 -3.59
CA ALA G 368 33.49 45.87 -2.79
C ALA G 368 34.88 45.36 -3.12
N PHE G 369 35.01 44.06 -3.41
CA PHE G 369 36.29 43.53 -3.83
C PHE G 369 36.71 44.11 -5.18
N ILE G 370 35.76 44.25 -6.10
CA ILE G 370 36.07 44.74 -7.44
C ILE G 370 36.42 46.22 -7.41
N ARG G 371 35.73 47.01 -6.58
CA ARG G 371 35.91 48.45 -6.58
C ARG G 371 37.29 48.88 -6.10
N LYS G 372 38.01 48.02 -5.38
CA LYS G 372 39.30 48.40 -4.84
C LYS G 372 40.34 48.63 -5.94
N SER G 373 40.12 48.10 -7.14
CA SER G 373 41.03 48.31 -8.26
C SER G 373 40.57 49.49 -9.12
N GLN H 1 24.44 -7.55 -30.12
CA GLN H 1 23.12 -7.99 -30.54
C GLN H 1 22.01 -7.16 -29.90
N ASN H 2 21.24 -7.80 -29.01
CA ASN H 2 20.13 -7.12 -28.34
C ASN H 2 20.56 -5.93 -27.49
N ILE H 3 21.20 -6.18 -26.34
CA ILE H 3 21.59 -5.14 -25.41
C ILE H 3 23.11 -5.06 -25.35
N THR H 4 23.64 -3.83 -25.40
CA THR H 4 25.07 -3.61 -25.24
C THR H 4 25.32 -2.56 -24.16
N GLU H 5 26.55 -2.50 -23.68
CA GLU H 5 26.91 -1.53 -22.64
C GLU H 5 28.37 -1.11 -22.80
N GLU H 6 28.62 0.19 -22.65
CA GLU H 6 29.96 0.75 -22.73
C GLU H 6 30.28 1.46 -21.43
N PHE H 7 31.47 1.22 -20.88
CA PHE H 7 31.92 1.88 -19.67
C PHE H 7 33.05 2.84 -19.99
N TYR H 8 32.84 4.12 -19.75
CA TYR H 8 33.87 5.14 -19.91
C TYR H 8 34.56 5.35 -18.58
N GLN H 9 35.81 4.87 -18.49
CA GLN H 9 36.67 5.14 -17.35
C GLN H 9 37.08 6.60 -17.28
N SER H 10 37.04 7.30 -18.42
CA SER H 10 37.35 8.72 -18.46
C SER H 10 36.49 9.49 -17.47
N THR H 11 35.17 9.37 -17.60
CA THR H 11 34.23 10.09 -16.76
C THR H 11 33.58 9.21 -15.70
N CYS H 12 34.01 7.95 -15.57
CA CYS H 12 33.48 7.02 -14.59
C CYS H 12 31.97 6.87 -14.75
N SER H 13 31.56 6.42 -15.93
CA SER H 13 30.13 6.34 -16.23
C SER H 13 29.86 5.28 -17.28
N ALA H 14 28.70 4.64 -17.18
CA ALA H 14 28.31 3.57 -18.08
C ALA H 14 27.05 3.95 -18.85
N VAL H 15 26.99 3.50 -20.11
CA VAL H 15 25.85 3.71 -20.98
C VAL H 15 25.36 2.35 -21.46
N SER H 16 24.04 2.14 -21.39
CA SER H 16 23.42 0.86 -21.71
C SER H 16 22.49 1.05 -22.91
N LYS H 17 22.95 0.66 -24.09
CA LYS H 17 22.20 0.83 -25.32
C LYS H 17 21.47 -0.46 -25.69
N GLY H 18 20.50 -0.32 -26.60
CA GLY H 18 19.74 -1.44 -27.12
C GLY H 18 18.29 -1.51 -26.69
N TYR H 19 17.83 -0.59 -25.85
CA TYR H 19 16.45 -0.61 -25.38
C TYR H 19 15.51 0.12 -26.33
N LEU H 20 14.21 -0.17 -26.18
CA LEU H 20 13.17 0.44 -26.98
C LEU H 20 12.21 1.24 -26.08
N SER H 21 11.52 2.20 -26.70
CA SER H 21 10.69 3.15 -25.98
C SER H 21 9.21 2.77 -25.99
N ALA H 22 8.54 3.13 -24.90
CA ALA H 22 7.07 3.16 -24.85
C ALA H 22 6.72 4.28 -23.88
N LEU H 23 6.55 5.49 -24.42
CA LEU H 23 6.41 6.69 -23.62
C LEU H 23 4.95 7.13 -23.51
N ARG H 24 4.54 7.49 -22.29
CA ARG H 24 3.21 8.04 -22.06
C ARG H 24 3.18 9.45 -22.62
N THR H 25 2.60 9.62 -23.80
CA THR H 25 2.50 10.94 -24.41
C THR H 25 1.24 11.70 -24.02
N GLY H 26 0.24 11.03 -23.47
CA GLY H 26 -1.01 11.67 -23.19
C GLY H 26 -1.96 10.78 -22.41
N TRP H 27 -3.23 11.15 -22.42
CA TRP H 27 -4.25 10.44 -21.66
C TRP H 27 -5.45 10.15 -22.56
N TYR H 28 -6.23 9.15 -22.15
CA TYR H 28 -7.52 8.84 -22.76
C TYR H 28 -8.51 8.54 -21.65
N THR H 29 -9.51 9.40 -21.48
CA THR H 29 -10.56 9.19 -20.49
C THR H 29 -11.69 8.35 -21.06
N SER H 30 -12.38 7.63 -20.18
CA SER H 30 -13.50 6.80 -20.58
C SER H 30 -14.46 6.66 -19.40
N VAL H 31 -15.72 7.00 -19.63
CA VAL H 31 -16.75 6.91 -18.60
C VAL H 31 -17.25 5.48 -18.50
N ILE H 32 -17.32 4.96 -17.27
CA ILE H 32 -17.79 3.61 -17.01
C ILE H 32 -18.97 3.69 -16.03
N THR H 33 -20.08 3.07 -16.40
CA THR H 33 -21.33 3.18 -15.66
C THR H 33 -21.74 1.84 -15.06
N ILE H 34 -22.49 1.91 -13.96
CA ILE H 34 -23.10 0.75 -13.34
C ILE H 34 -24.56 1.09 -13.03
N GLU H 35 -25.48 0.34 -13.63
CA GLU H 35 -26.91 0.60 -13.44
C GLU H 35 -27.35 0.06 -12.08
N LEU H 36 -27.91 0.93 -11.24
CA LEU H 36 -28.29 0.59 -9.88
C LEU H 36 -29.80 0.48 -9.73
N SER H 37 -30.22 -0.11 -8.62
CA SER H 37 -31.63 -0.29 -8.28
C SER H 37 -31.95 0.42 -6.96
N ASN H 38 -33.12 1.06 -6.92
CA ASN H 38 -33.61 1.77 -5.74
C ASN H 38 -34.57 0.89 -4.93
N ILE H 39 -34.01 0.02 -4.09
CA ILE H 39 -34.87 -0.82 -3.26
C ILE H 39 -35.63 0.09 -2.31
N LYS H 40 -36.95 0.02 -2.35
CA LYS H 40 -37.79 0.90 -1.54
C LYS H 40 -38.22 0.26 -0.23
N GLU H 41 -37.25 -0.06 0.63
CA GLU H 41 -37.54 -0.72 1.91
C GLU H 41 -38.41 -1.97 1.77
N ASN H 42 -37.86 -3.09 1.31
CA ASN H 42 -38.66 -4.30 1.18
C ASN H 42 -39.24 -4.72 2.53
N LYS H 43 -40.14 -5.70 2.47
CA LYS H 43 -40.77 -6.25 3.67
C LYS H 43 -41.38 -7.62 3.33
N CYS H 44 -40.81 -8.68 3.87
CA CYS H 44 -41.40 -10.01 3.74
C CYS H 44 -41.08 -10.81 4.99
N ASN H 45 -41.76 -11.94 5.13
CA ASN H 45 -41.64 -12.76 6.34
C ASN H 45 -40.28 -13.44 6.37
N GLY H 46 -39.51 -13.17 7.42
CA GLY H 46 -38.18 -13.73 7.60
C GLY H 46 -38.16 -15.11 8.23
N THR H 47 -38.96 -16.03 7.71
CA THR H 47 -39.01 -17.36 8.30
C THR H 47 -37.90 -18.25 7.75
N ASP H 48 -37.58 -18.12 6.47
CA ASP H 48 -36.52 -18.91 5.88
C ASP H 48 -35.15 -18.34 6.24
N ALA H 49 -34.12 -19.20 6.20
CA ALA H 49 -32.76 -18.76 6.41
C ALA H 49 -32.17 -18.14 5.14
N LYS H 50 -32.54 -18.71 3.99
CA LYS H 50 -32.09 -18.18 2.70
C LYS H 50 -32.65 -16.79 2.46
N VAL H 51 -33.87 -16.51 2.93
CA VAL H 51 -34.41 -15.16 2.85
C VAL H 51 -33.61 -14.22 3.73
N LYS H 52 -33.15 -14.71 4.89
CA LYS H 52 -32.28 -13.90 5.74
C LYS H 52 -30.96 -13.60 5.05
N LEU H 53 -30.41 -14.57 4.32
CA LEU H 53 -29.18 -14.34 3.57
C LEU H 53 -29.39 -13.30 2.49
N ILE H 54 -30.50 -13.39 1.76
CA ILE H 54 -30.79 -12.41 0.72
C ILE H 54 -31.00 -11.03 1.31
N LYS H 55 -31.64 -10.96 2.48
CA LYS H 55 -31.81 -9.67 3.14
C LYS H 55 -30.48 -9.09 3.59
N GLN H 56 -29.58 -9.93 4.09
CA GLN H 56 -28.24 -9.45 4.44
C GLN H 56 -27.50 -8.92 3.22
N GLU H 57 -27.64 -9.60 2.08
CA GLU H 57 -27.01 -9.11 0.85
C GLU H 57 -27.64 -7.80 0.39
N LEU H 58 -28.96 -7.67 0.52
CA LEU H 58 -29.62 -6.41 0.18
C LEU H 58 -29.14 -5.28 1.09
N ASP H 59 -28.95 -5.58 2.38
CA ASP H 59 -28.41 -4.59 3.30
C ASP H 59 -27.01 -4.17 2.87
N LYS H 60 -26.18 -5.15 2.48
CA LYS H 60 -24.85 -4.82 1.97
C LYS H 60 -24.93 -3.89 0.76
N TYR H 61 -25.84 -4.19 -0.17
CA TYR H 61 -25.98 -3.38 -1.39
C TYR H 61 -26.42 -1.97 -1.04
N LYS H 62 -27.43 -1.83 -0.18
CA LYS H 62 -27.93 -0.51 0.18
C LYS H 62 -26.87 0.28 0.94
N ASN H 63 -26.10 -0.40 1.79
CA ASN H 63 -25.03 0.27 2.51
C ASN H 63 -23.92 0.73 1.56
N ALA H 64 -23.64 -0.07 0.53
CA ALA H 64 -22.67 0.33 -0.48
C ALA H 64 -23.15 1.58 -1.23
N VAL H 65 -24.42 1.59 -1.64
CA VAL H 65 -24.96 2.75 -2.35
C VAL H 65 -24.89 3.98 -1.46
N THR H 66 -25.23 3.84 -0.17
CA THR H 66 -25.20 4.98 0.73
C THR H 66 -23.78 5.47 0.96
N GLU H 67 -22.83 4.54 1.11
CA GLU H 67 -21.42 4.92 1.25
C GLU H 67 -20.92 5.67 0.03
N LEU H 68 -21.30 5.22 -1.17
CA LEU H 68 -20.89 5.91 -2.39
C LEU H 68 -21.51 7.31 -2.45
N GLN H 69 -22.76 7.44 -2.03
CA GLN H 69 -23.36 8.76 -1.97
C GLN H 69 -22.67 9.67 -0.95
N LEU H 70 -22.18 9.09 0.15
CA LEU H 70 -21.60 9.89 1.22
C LEU H 70 -20.20 10.42 0.91
N LEU H 71 -19.56 9.97 -0.16
CA LEU H 71 -18.26 10.52 -0.54
C LEU H 71 -18.42 11.66 -1.55
N MET H 72 -19.37 12.56 -1.26
CA MET H 72 -19.62 13.71 -2.11
C MET H 72 -19.86 14.96 -1.28
N PHE I 1 19.72 12.55 -9.76
CA PHE I 1 19.83 13.68 -8.85
C PHE I 1 19.13 14.92 -9.39
N LEU I 2 18.76 14.86 -10.67
CA LEU I 2 18.15 16.00 -11.37
C LEU I 2 16.62 15.95 -11.36
N GLY I 3 16.04 15.36 -10.32
CA GLY I 3 14.59 15.26 -10.24
C GLY I 3 13.90 16.59 -9.95
N PHE I 4 14.64 17.56 -9.43
CA PHE I 4 14.03 18.85 -9.08
C PHE I 4 13.89 19.78 -10.28
N LEU I 5 14.60 19.52 -11.38
CA LEU I 5 14.52 20.43 -12.53
C LEU I 5 13.24 20.27 -13.33
N LEU I 6 12.58 19.12 -13.26
CA LEU I 6 11.36 18.91 -14.03
C LEU I 6 10.21 19.72 -13.43
N GLY I 7 9.23 20.04 -14.28
CA GLY I 7 8.06 20.74 -13.82
C GLY I 7 7.01 19.82 -13.23
N VAL I 8 6.13 20.42 -12.42
CA VAL I 8 5.05 19.70 -11.76
C VAL I 8 3.78 19.86 -12.57
N GLY I 9 2.94 18.82 -12.54
CA GLY I 9 1.68 18.86 -13.27
C GLY I 9 0.65 17.96 -12.63
N SER I 10 -0.61 18.26 -12.92
CA SER I 10 -1.73 17.46 -12.41
C SER I 10 -1.90 16.20 -13.24
N ALA I 11 -1.92 15.05 -12.56
CA ALA I 11 -1.96 13.78 -13.28
C ALA I 11 -3.38 13.44 -13.73
N ILE I 12 -4.39 13.72 -12.90
CA ILE I 12 -5.76 13.33 -13.20
C ILE I 12 -6.58 14.51 -13.71
N ALA I 13 -5.93 15.54 -14.26
CA ALA I 13 -6.65 16.72 -14.70
C ALA I 13 -7.67 16.37 -15.77
N SER I 14 -7.35 15.41 -16.64
CA SER I 14 -8.29 15.03 -17.70
C SER I 14 -9.50 14.31 -17.11
N GLY I 15 -9.27 13.36 -16.20
CA GLY I 15 -10.39 12.69 -15.57
C GLY I 15 -11.24 13.62 -14.73
N VAL I 16 -10.60 14.54 -14.01
CA VAL I 16 -11.34 15.53 -13.23
C VAL I 16 -12.17 16.43 -14.14
N ALA I 17 -11.62 16.75 -15.32
CA ALA I 17 -12.36 17.56 -16.28
C ALA I 17 -13.59 16.81 -16.78
N VAL I 18 -13.43 15.52 -17.12
CA VAL I 18 -14.57 14.73 -17.55
C VAL I 18 -15.60 14.59 -16.44
N CYS I 19 -15.15 14.56 -15.18
CA CYS I 19 -16.09 14.51 -14.07
C CYS I 19 -16.87 15.82 -13.93
N LYS I 20 -16.17 16.95 -14.01
CA LYS I 20 -16.85 18.24 -13.83
C LYS I 20 -17.89 18.49 -14.91
N VAL I 21 -17.69 17.95 -16.11
CA VAL I 21 -18.71 18.09 -17.16
C VAL I 21 -19.87 17.12 -16.95
N LEU I 22 -19.70 16.05 -16.17
CA LEU I 22 -20.79 15.12 -15.91
C LEU I 22 -21.72 15.60 -14.79
N HIS I 23 -21.34 16.65 -14.07
CA HIS I 23 -22.16 17.19 -12.99
C HIS I 23 -23.19 18.21 -13.46
N LEU I 24 -23.20 18.54 -14.75
CA LEU I 24 -24.14 19.51 -15.28
C LEU I 24 -25.56 18.96 -15.18
N GLU I 25 -26.54 19.86 -15.09
CA GLU I 25 -27.92 19.39 -15.04
C GLU I 25 -28.20 18.66 -16.34
N GLY I 26 -28.39 17.35 -16.23
CA GLY I 26 -28.53 16.49 -17.39
C GLY I 26 -27.21 15.78 -17.55
N GLU I 27 -26.86 15.40 -18.78
CA GLU I 27 -25.60 14.74 -19.11
C GLU I 27 -25.54 13.32 -18.56
N VAL I 28 -26.28 13.04 -17.49
CA VAL I 28 -26.39 11.67 -17.01
C VAL I 28 -27.47 10.94 -17.77
N ASN I 29 -28.57 11.65 -18.05
CA ASN I 29 -29.63 11.11 -18.90
C ASN I 29 -29.14 10.89 -20.32
N LYS I 30 -28.22 11.73 -20.79
CA LYS I 30 -27.59 11.49 -22.09
C LYS I 30 -26.94 10.13 -22.14
N ILE I 31 -26.07 9.83 -21.16
CA ILE I 31 -25.38 8.55 -21.11
C ILE I 31 -26.38 7.42 -20.94
N LYS I 32 -27.40 7.64 -20.11
CA LYS I 32 -28.40 6.59 -19.86
C LYS I 32 -29.16 6.25 -21.14
N SER I 33 -29.58 7.26 -21.90
CA SER I 33 -30.27 7.03 -23.16
C SER I 33 -29.35 6.38 -24.19
N ALA I 34 -28.09 6.78 -24.21
CA ALA I 34 -27.14 6.17 -25.14
C ALA I 34 -26.94 4.68 -24.83
N LEU I 35 -26.83 4.35 -23.55
CA LEU I 35 -26.65 2.97 -23.12
C LEU I 35 -27.96 2.21 -22.95
N LEU I 36 -29.08 2.82 -23.32
CA LEU I 36 -30.36 2.12 -23.25
C LEU I 36 -30.39 0.91 -24.18
N SER I 37 -29.65 0.96 -25.29
CA SER I 37 -29.69 -0.10 -26.29
C SER I 37 -28.64 -1.18 -26.03
N THR I 38 -27.36 -0.80 -26.01
CA THR I 38 -26.26 -1.73 -25.84
C THR I 38 -25.47 -1.39 -24.58
N ASN I 39 -24.37 -2.12 -24.38
CA ASN I 39 -23.50 -1.94 -23.22
C ASN I 39 -22.29 -1.08 -23.52
N LYS I 40 -22.13 -0.59 -24.75
CA LYS I 40 -21.03 0.29 -25.09
C LYS I 40 -21.49 1.26 -26.17
N ALA I 41 -21.11 2.53 -26.01
CA ALA I 41 -21.55 3.55 -26.95
C ALA I 41 -20.64 4.77 -26.86
N VAL I 42 -20.47 5.45 -28.00
CA VAL I 42 -19.76 6.72 -28.03
C VAL I 42 -20.76 7.84 -27.77
N VAL I 43 -20.42 8.72 -26.82
CA VAL I 43 -21.32 9.78 -26.38
C VAL I 43 -20.61 11.11 -26.56
N SER I 44 -21.29 12.05 -27.21
CA SER I 44 -20.78 13.42 -27.35
C SER I 44 -21.10 14.19 -26.08
N LEU I 45 -20.06 14.55 -25.33
CA LEU I 45 -20.25 15.27 -24.08
C LEU I 45 -20.56 16.74 -24.36
N SER I 46 -21.13 17.41 -23.35
CA SER I 46 -21.48 18.82 -23.52
C SER I 46 -20.26 19.71 -23.74
N ASN I 47 -19.07 19.25 -23.38
CA ASN I 47 -17.86 20.02 -23.64
C ASN I 47 -17.31 19.79 -25.04
N GLY I 48 -17.97 18.96 -25.84
CA GLY I 48 -17.57 18.71 -27.20
C GLY I 48 -16.81 17.42 -27.47
N VAL I 49 -15.96 16.98 -26.55
CA VAL I 49 -15.20 15.76 -26.79
C VAL I 49 -16.15 14.56 -26.71
N SER I 50 -15.98 13.62 -27.63
CA SER I 50 -16.77 12.41 -27.67
C SER I 50 -16.00 11.30 -26.97
N VAL I 51 -16.63 10.67 -25.99
CA VAL I 51 -15.96 9.67 -25.16
C VAL I 51 -16.69 8.34 -25.28
N LEU I 52 -15.93 7.26 -25.12
CA LEU I 52 -16.49 5.93 -25.10
C LEU I 52 -17.05 5.62 -23.72
N THR I 53 -18.19 4.93 -23.68
CA THR I 53 -18.89 4.65 -22.44
C THR I 53 -19.28 3.18 -22.39
N PHE I 54 -19.03 2.55 -21.25
CA PHE I 54 -19.29 1.13 -21.03
C PHE I 54 -20.31 0.98 -19.91
N LYS I 55 -21.18 -0.01 -20.04
CA LYS I 55 -22.05 -0.44 -18.96
C LYS I 55 -21.54 -1.80 -18.53
N VAL I 56 -20.66 -1.80 -17.52
CA VAL I 56 -19.93 -3.01 -17.15
C VAL I 56 -20.73 -3.92 -16.23
N LEU I 57 -21.80 -3.43 -15.63
CA LEU I 57 -22.59 -4.22 -14.71
C LEU I 57 -24.02 -3.71 -14.70
N ASP I 58 -24.97 -4.61 -14.90
CA ASP I 58 -26.39 -4.28 -14.91
C ASP I 58 -27.00 -4.89 -13.66
N LEU I 59 -27.18 -4.06 -12.63
CA LEU I 59 -27.78 -4.49 -11.37
C LEU I 59 -29.27 -4.16 -11.28
N LYS I 60 -29.69 -3.01 -11.82
CA LYS I 60 -31.12 -2.70 -11.85
C LYS I 60 -31.89 -3.80 -12.58
N ASN I 61 -31.38 -4.24 -13.73
CA ASN I 61 -32.03 -5.31 -14.47
C ASN I 61 -32.14 -6.57 -13.62
N TYR I 62 -31.02 -7.01 -13.04
CA TYR I 62 -31.03 -8.27 -12.28
C TYR I 62 -31.90 -8.15 -11.04
N ILE I 63 -31.71 -7.09 -10.25
CA ILE I 63 -32.45 -6.94 -9.00
C ILE I 63 -33.94 -6.84 -9.27
N ASP I 64 -34.33 -5.99 -10.22
CA ASP I 64 -35.74 -5.67 -10.43
C ASP I 64 -36.46 -6.64 -11.37
N LYS I 65 -35.75 -7.52 -12.08
CA LYS I 65 -36.42 -8.43 -13.00
C LYS I 65 -36.07 -9.90 -12.80
N GLN I 66 -35.19 -10.22 -11.85
CA GLN I 66 -34.81 -11.61 -11.62
C GLN I 66 -34.79 -12.02 -10.16
N LEU I 67 -34.63 -11.09 -9.22
CA LEU I 67 -34.54 -11.41 -7.80
C LEU I 67 -35.76 -10.93 -7.01
N LEU I 68 -36.10 -9.65 -7.12
CA LEU I 68 -37.23 -9.07 -6.42
C LEU I 68 -38.57 -9.60 -6.94
N PRO I 69 -38.73 -9.82 -8.27
CA PRO I 69 -39.96 -10.49 -8.72
C PRO I 69 -40.20 -11.84 -8.06
N ILE I 70 -39.16 -12.66 -7.90
CA ILE I 70 -39.36 -13.97 -7.29
C ILE I 70 -39.51 -13.83 -5.77
N LEU I 71 -38.91 -12.80 -5.18
CA LEU I 71 -38.99 -12.61 -3.73
C LEU I 71 -40.34 -12.05 -3.31
N ASN I 72 -40.68 -10.85 -3.81
CA ASN I 72 -41.88 -10.16 -3.37
C ASN I 72 -43.10 -10.46 -4.24
N LYS I 73 -43.17 -11.68 -4.79
CA LYS I 73 -44.36 -12.12 -5.49
C LYS I 73 -45.36 -12.69 -4.49
N GLN I 74 -44.97 -13.80 -3.85
CA GLN I 74 -45.71 -14.47 -2.78
C GLN I 74 -44.80 -15.59 -2.28
N SER I 75 -45.01 -16.00 -1.02
CA SER I 75 -44.25 -17.10 -0.44
C SER I 75 -42.75 -16.78 -0.46
N CYS I 76 -42.39 -15.67 0.20
CA CYS I 76 -41.05 -15.11 0.15
C CYS I 76 -39.93 -16.14 0.35
N SER I 77 -40.24 -17.29 0.95
CA SER I 77 -39.26 -18.36 1.07
C SER I 77 -38.90 -18.90 -0.32
N ILE I 78 -37.60 -18.90 -0.63
CA ILE I 78 -37.11 -19.39 -1.91
C ILE I 78 -36.77 -20.86 -1.78
N SER I 79 -36.87 -21.58 -2.89
CA SER I 79 -36.72 -23.03 -2.90
C SER I 79 -35.32 -23.49 -3.30
N ASN I 80 -34.50 -22.62 -3.87
CA ASN I 80 -33.16 -22.98 -4.30
C ASN I 80 -32.16 -22.01 -3.71
N ILE I 81 -31.00 -22.53 -3.30
CA ILE I 81 -29.96 -21.72 -2.69
C ILE I 81 -28.96 -21.18 -3.69
N GLU I 82 -28.96 -21.70 -4.93
CA GLU I 82 -28.06 -21.18 -5.95
C GLU I 82 -28.34 -19.71 -6.27
N THR I 83 -29.53 -19.21 -5.95
CA THR I 83 -29.81 -17.79 -6.13
C THR I 83 -28.99 -16.94 -5.17
N VAL I 84 -28.79 -17.43 -3.94
CA VAL I 84 -27.98 -16.70 -2.97
C VAL I 84 -26.57 -16.49 -3.49
N ILE I 85 -25.96 -17.56 -4.01
CA ILE I 85 -24.59 -17.46 -4.51
C ILE I 85 -24.57 -16.65 -5.81
N GLU I 86 -25.57 -16.83 -6.67
CA GLU I 86 -25.65 -16.05 -7.89
C GLU I 86 -25.78 -14.55 -7.59
N PHE I 87 -26.35 -14.21 -6.45
CA PHE I 87 -26.39 -12.81 -6.03
C PHE I 87 -25.12 -12.38 -5.28
N GLN I 88 -24.41 -13.33 -4.65
CA GLN I 88 -23.09 -13.00 -4.12
C GLN I 88 -22.13 -12.70 -5.26
N GLN I 89 -22.24 -13.45 -6.36
CA GLN I 89 -21.67 -12.99 -7.63
C GLN I 89 -22.48 -11.83 -8.18
N LYS I 90 -21.85 -11.04 -9.04
CA LYS I 90 -22.40 -9.85 -9.67
C LYS I 90 -22.68 -8.72 -8.67
N ASN I 91 -22.45 -8.95 -7.37
CA ASN I 91 -22.53 -7.91 -6.36
C ASN I 91 -21.22 -7.67 -5.65
N ASN I 92 -20.32 -8.67 -5.63
CA ASN I 92 -18.99 -8.47 -5.09
C ASN I 92 -18.26 -7.33 -5.79
N ARG I 93 -18.50 -7.16 -7.09
CA ARG I 93 -17.82 -6.11 -7.84
C ARG I 93 -18.19 -4.73 -7.34
N LEU I 94 -19.49 -4.50 -7.12
CA LEU I 94 -19.93 -3.19 -6.63
C LEU I 94 -19.38 -2.91 -5.23
N LEU I 95 -19.42 -3.91 -4.36
CA LEU I 95 -18.91 -3.73 -3.00
C LEU I 95 -17.40 -3.45 -3.02
N GLU I 96 -16.66 -4.16 -3.86
CA GLU I 96 -15.22 -3.97 -3.92
C GLU I 96 -14.87 -2.61 -4.50
N ILE I 97 -15.63 -2.15 -5.52
CA ILE I 97 -15.40 -0.82 -6.06
C ILE I 97 -15.67 0.24 -5.01
N THR I 98 -16.78 0.08 -4.28
CA THR I 98 -17.11 1.02 -3.21
C THR I 98 -16.02 1.08 -2.16
N ARG I 99 -15.53 -0.08 -1.73
CA ARG I 99 -14.49 -0.11 -0.70
C ARG I 99 -13.18 0.48 -1.22
N GLU I 100 -12.80 0.16 -2.46
CA GLU I 100 -11.59 0.74 -3.03
C GLU I 100 -11.68 2.26 -3.12
N PHE I 101 -12.85 2.78 -3.49
CA PHE I 101 -13.01 4.22 -3.55
C PHE I 101 -13.01 4.85 -2.16
N SER I 102 -13.56 4.14 -1.17
CA SER I 102 -13.58 4.67 0.19
C SER I 102 -12.18 4.77 0.78
N VAL I 103 -11.37 3.73 0.59
CA VAL I 103 -10.05 3.72 1.20
C VAL I 103 -9.08 4.63 0.45
N ASN I 104 -9.26 4.79 -0.86
CA ASN I 104 -8.35 5.58 -1.68
C ASN I 104 -8.87 6.97 -1.95
N ALA I 105 -9.89 7.42 -1.21
CA ALA I 105 -10.44 8.77 -1.35
C ALA I 105 -10.98 9.04 -2.75
N GLY I 106 -11.48 8.01 -3.43
CA GLY I 106 -12.19 8.20 -4.68
C GLY I 106 -11.34 8.07 -5.93
N VAL I 107 -10.03 7.92 -5.81
CA VAL I 107 -9.15 7.76 -6.97
C VAL I 107 -8.09 6.72 -6.64
N THR I 108 -8.05 5.64 -7.42
CA THR I 108 -7.14 4.52 -7.19
C THR I 108 -5.96 4.64 -8.15
N THR I 109 -4.75 4.40 -7.64
CA THR I 109 -3.57 4.54 -8.48
C THR I 109 -3.30 3.34 -9.39
N PRO I 110 -3.45 2.07 -8.96
CA PRO I 110 -3.54 1.01 -9.97
C PRO I 110 -4.98 0.63 -10.27
N VAL I 111 -5.33 0.45 -11.54
CA VAL I 111 -6.70 0.14 -11.92
C VAL I 111 -6.92 -1.36 -11.70
N SER I 112 -7.77 -1.71 -10.74
CA SER I 112 -7.96 -3.09 -10.36
C SER I 112 -8.85 -3.83 -11.35
N THR I 113 -8.96 -5.14 -11.15
CA THR I 113 -9.89 -5.94 -11.94
C THR I 113 -11.33 -5.58 -11.61
N TYR I 114 -11.59 -5.17 -10.37
CA TYR I 114 -12.94 -4.75 -9.99
C TYR I 114 -13.37 -3.50 -10.74
N MET I 115 -12.47 -2.53 -10.87
CA MET I 115 -12.78 -1.34 -11.66
C MET I 115 -13.00 -1.69 -13.13
N LEU I 116 -12.11 -2.50 -13.69
CA LEU I 116 -12.12 -2.77 -15.13
C LEU I 116 -11.46 -4.12 -15.38
N THR I 117 -12.21 -5.04 -15.97
CA THR I 117 -11.69 -6.38 -16.23
C THR I 117 -10.80 -6.37 -17.47
N ASN I 118 -10.05 -7.46 -17.63
CA ASN I 118 -9.11 -7.56 -18.74
C ASN I 118 -9.84 -7.61 -20.08
N SER I 119 -10.97 -8.31 -20.14
CA SER I 119 -11.76 -8.30 -21.38
C SER I 119 -12.24 -6.90 -21.69
N GLU I 120 -12.78 -6.20 -20.70
CA GLU I 120 -13.25 -4.83 -20.89
C GLU I 120 -12.08 -3.90 -21.21
N LEU I 121 -10.93 -4.10 -20.57
CA LEU I 121 -9.78 -3.24 -20.84
C LEU I 121 -9.25 -3.45 -22.25
N LEU I 122 -9.23 -4.70 -22.72
CA LEU I 122 -8.81 -4.95 -24.10
C LEU I 122 -9.81 -4.37 -25.10
N SER I 123 -11.11 -4.48 -24.80
CA SER I 123 -12.12 -3.89 -25.66
C SER I 123 -11.98 -2.37 -25.70
N LEU I 124 -11.63 -1.76 -24.57
CA LEU I 124 -11.42 -0.32 -24.53
C LEU I 124 -10.17 0.09 -25.30
N ILE I 125 -9.09 -0.69 -25.17
CA ILE I 125 -7.86 -0.38 -25.88
C ILE I 125 -8.06 -0.50 -27.39
N ASN I 126 -8.79 -1.53 -27.84
CA ASN I 126 -8.96 -1.77 -29.26
C ASN I 126 -9.80 -0.69 -29.93
N ASP I 127 -10.61 0.04 -29.17
CA ASP I 127 -11.48 1.08 -29.70
C ASP I 127 -10.96 2.48 -29.38
N MET I 128 -9.63 2.62 -29.24
CA MET I 128 -8.98 3.87 -28.89
C MET I 128 -8.44 4.55 -30.14
N PRO I 129 -8.30 5.89 -30.11
CA PRO I 129 -7.74 6.62 -31.27
C PRO I 129 -6.22 6.53 -31.33
N ILE I 130 -5.72 5.32 -31.58
CA ILE I 130 -4.29 5.06 -31.65
C ILE I 130 -4.02 4.11 -32.82
N THR I 131 -2.75 4.05 -33.21
CA THR I 131 -2.36 3.16 -34.30
C THR I 131 -2.42 1.71 -33.83
N ASN I 132 -2.41 0.79 -34.80
CA ASN I 132 -2.52 -0.63 -34.48
C ASN I 132 -1.30 -1.13 -33.72
N ASP I 133 -0.13 -0.54 -33.97
CA ASP I 133 1.06 -0.92 -33.21
C ASP I 133 0.89 -0.56 -31.74
N GLN I 134 0.37 0.63 -31.46
CA GLN I 134 0.11 1.03 -30.08
C GLN I 134 -0.94 0.14 -29.44
N LYS I 135 -1.96 -0.27 -30.21
CA LYS I 135 -2.96 -1.20 -29.70
C LYS I 135 -2.33 -2.53 -29.32
N LYS I 136 -1.46 -3.06 -30.18
CA LYS I 136 -0.77 -4.31 -29.87
C LYS I 136 0.11 -4.17 -28.63
N LEU I 137 0.85 -3.06 -28.53
CA LEU I 137 1.73 -2.85 -27.39
C LEU I 137 0.93 -2.79 -26.09
N MET I 138 -0.17 -2.03 -26.09
CA MET I 138 -1.01 -1.95 -24.89
C MET I 138 -1.65 -3.29 -24.56
N SER I 139 -2.07 -4.04 -25.57
CA SER I 139 -2.73 -5.31 -25.33
C SER I 139 -1.77 -6.36 -24.78
N ASN I 140 -0.50 -6.28 -25.16
CA ASN I 140 0.47 -7.26 -24.66
C ASN I 140 0.95 -6.95 -23.23
N ASN I 141 0.79 -5.71 -22.77
CA ASN I 141 1.29 -5.28 -21.47
C ASN I 141 0.18 -4.63 -20.66
N VAL I 142 -0.96 -5.32 -20.58
CA VAL I 142 -2.13 -4.77 -19.88
C VAL I 142 -1.80 -4.47 -18.42
N GLN I 143 -0.86 -5.20 -17.82
CA GLN I 143 -0.49 -4.96 -16.44
C GLN I 143 0.21 -3.61 -16.28
N ILE I 144 1.12 -3.28 -17.20
CA ILE I 144 1.77 -1.98 -17.17
C ILE I 144 0.77 -0.88 -17.47
N VAL I 145 -0.23 -1.17 -18.31
CA VAL I 145 -1.29 -0.21 -18.58
C VAL I 145 -2.06 0.10 -17.30
N ARG I 146 -2.43 -0.96 -16.55
CA ARG I 146 -3.13 -0.76 -15.28
C ARG I 146 -2.27 -0.01 -14.30
N GLN I 147 -0.96 -0.23 -14.32
CA GLN I 147 -0.08 0.47 -13.39
C GLN I 147 0.00 1.96 -13.69
N GLN I 148 -0.19 2.35 -14.95
CA GLN I 148 0.03 3.73 -15.38
C GLN I 148 -1.28 4.49 -15.60
N SER I 149 -2.40 3.99 -15.08
CA SER I 149 -3.70 4.60 -15.32
C SER I 149 -4.44 4.77 -13.99
N TYR I 150 -5.41 5.68 -14.00
CA TYR I 150 -6.19 6.01 -12.81
C TYR I 150 -7.66 5.67 -13.03
N SER I 151 -8.42 5.70 -11.95
CA SER I 151 -9.87 5.53 -11.99
C SER I 151 -10.50 6.46 -10.97
N ILE I 152 -11.16 7.50 -11.45
CA ILE I 152 -11.74 8.55 -10.60
C ILE I 152 -13.23 8.28 -10.47
N MET I 153 -13.69 8.05 -9.24
CA MET I 153 -15.13 7.96 -8.99
C MET I 153 -15.76 9.32 -9.26
N CYS I 154 -16.76 9.34 -10.15
CA CYS I 154 -17.23 10.60 -10.73
C CYS I 154 -18.51 11.10 -10.07
N ILE I 155 -19.59 10.31 -10.15
CA ILE I 155 -20.89 10.73 -9.64
C ILE I 155 -21.75 9.49 -9.43
N ILE I 156 -22.73 9.60 -8.53
CA ILE I 156 -23.72 8.55 -8.32
C ILE I 156 -25.07 9.22 -8.12
N LYS I 157 -25.94 9.14 -9.11
CA LYS I 157 -27.28 9.72 -9.07
C LYS I 157 -28.04 9.23 -10.29
N GLU I 158 -29.35 9.45 -10.28
CA GLU I 158 -30.23 9.01 -11.37
C GLU I 158 -30.11 7.51 -11.60
N GLU I 159 -30.00 6.74 -10.52
CA GLU I 159 -29.92 5.28 -10.57
C GLU I 159 -28.71 4.80 -11.37
N VAL I 160 -27.66 5.62 -11.46
CA VAL I 160 -26.47 5.29 -12.23
C VAL I 160 -25.24 5.65 -11.41
N LEU I 161 -24.25 4.75 -11.40
CA LEU I 161 -22.95 4.98 -10.81
C LEU I 161 -21.93 5.19 -11.93
N ALA I 162 -21.16 6.27 -11.84
CA ALA I 162 -20.22 6.63 -12.89
C ALA I 162 -18.82 6.83 -12.34
N TYR I 163 -17.82 6.27 -13.01
CA TYR I 163 -16.44 6.60 -12.73
C TYR I 163 -15.66 6.62 -14.04
N VAL I 164 -14.72 7.54 -14.14
CA VAL I 164 -13.93 7.75 -15.36
C VAL I 164 -12.60 7.03 -15.20
N VAL I 165 -12.31 6.11 -16.11
CA VAL I 165 -11.03 5.41 -16.13
C VAL I 165 -10.11 6.13 -17.10
N GLN I 166 -9.05 6.72 -16.56
CA GLN I 166 -8.10 7.54 -17.32
C GLN I 166 -6.87 6.69 -17.63
N LEU I 167 -6.77 6.22 -18.93
CA LEU I 167 -5.77 5.33 -19.48
C LEU I 167 -4.58 6.09 -20.06
N PRO I 168 -3.39 5.49 -20.04
CA PRO I 168 -2.23 6.16 -20.64
C PRO I 168 -2.28 6.11 -22.17
N LEU I 169 -1.55 7.02 -22.79
CA LEU I 169 -1.44 7.11 -24.23
C LEU I 169 0.02 6.92 -24.64
N TYR I 170 0.31 5.86 -25.38
CA TYR I 170 1.68 5.53 -25.77
C TYR I 170 1.91 6.01 -27.20
N GLY I 171 2.07 7.32 -27.35
CA GLY I 171 2.25 7.90 -28.67
C GLY I 171 3.61 7.60 -29.28
N VAL I 172 4.66 7.62 -28.47
CA VAL I 172 6.02 7.37 -28.93
C VAL I 172 6.38 5.93 -28.63
N ILE I 173 6.78 5.19 -29.67
CA ILE I 173 7.02 3.76 -29.58
C ILE I 173 8.22 3.41 -30.46
N ASP I 174 9.01 2.43 -30.01
CA ASP I 174 10.07 1.78 -30.78
C ASP I 174 11.24 2.70 -31.08
N THR I 175 11.34 3.85 -30.42
CA THR I 175 12.54 4.66 -30.60
C THR I 175 13.65 4.17 -29.66
N PRO I 176 14.91 4.30 -30.08
CA PRO I 176 16.00 3.74 -29.28
C PRO I 176 16.19 4.49 -27.97
N CYS I 177 16.44 3.74 -26.90
CA CYS I 177 16.66 4.30 -25.57
C CYS I 177 17.96 3.77 -24.99
N TRP I 178 18.51 4.53 -24.04
CA TRP I 178 19.72 4.13 -23.35
C TRP I 178 19.74 4.75 -21.96
N LYS I 179 20.25 3.98 -21.00
CA LYS I 179 20.40 4.44 -19.62
C LYS I 179 21.84 4.85 -19.37
N LEU I 180 22.01 5.89 -18.56
CA LEU I 180 23.32 6.40 -18.19
C LEU I 180 23.48 6.28 -16.68
N HIS I 181 24.46 5.51 -16.25
CA HIS I 181 24.79 5.35 -14.84
C HIS I 181 26.06 6.13 -14.52
N THR I 182 26.08 6.75 -13.34
CA THR I 182 27.21 7.56 -12.93
C THR I 182 27.64 7.17 -11.53
N SER I 183 28.88 7.51 -11.19
CA SER I 183 29.46 7.22 -9.89
C SER I 183 30.49 8.30 -9.58
N PRO I 184 30.72 8.58 -8.30
CA PRO I 184 31.70 9.63 -7.96
C PRO I 184 33.10 9.25 -8.41
N LEU I 185 33.82 10.24 -8.93
CA LEU I 185 35.18 10.08 -9.45
C LEU I 185 36.10 10.99 -8.65
N CYS I 186 36.85 10.41 -7.72
CA CYS I 186 37.71 11.15 -6.82
C CYS I 186 39.18 10.85 -7.12
N THR I 187 40.04 11.66 -6.52
CA THR I 187 41.47 11.43 -6.60
C THR I 187 41.89 10.37 -5.57
N THR I 188 43.09 9.84 -5.77
CA THR I 188 43.61 8.74 -4.96
C THR I 188 44.89 9.12 -4.24
N ASN I 189 45.07 10.41 -3.93
CA ASN I 189 46.23 10.83 -3.16
C ASN I 189 46.13 10.32 -1.72
N THR I 190 47.29 10.18 -1.09
CA THR I 190 47.38 9.51 0.20
C THR I 190 47.00 10.40 1.38
N LYS I 191 46.75 11.69 1.16
CA LYS I 191 46.36 12.56 2.26
C LYS I 191 44.95 12.23 2.73
N GLU I 192 44.69 12.45 4.01
CA GLU I 192 43.38 12.14 4.58
C GLU I 192 42.31 13.09 4.04
N GLY I 193 42.66 14.36 3.85
CA GLY I 193 41.77 15.31 3.25
C GLY I 193 42.29 15.80 1.91
N SER I 194 41.84 16.98 1.47
CA SER I 194 42.29 17.56 0.20
C SER I 194 42.11 16.57 -0.95
N ASN I 195 40.97 15.87 -0.94
CA ASN I 195 40.68 14.82 -1.90
C ASN I 195 39.40 15.21 -2.63
N ILE I 196 39.54 15.65 -3.88
CA ILE I 196 38.45 16.24 -4.64
C ILE I 196 37.68 15.14 -5.37
N CYS I 197 36.36 15.30 -5.40
CA CYS I 197 35.46 14.32 -6.00
C CYS I 197 34.59 15.00 -7.04
N LEU I 198 34.45 14.37 -8.20
CA LEU I 198 33.64 14.87 -9.30
C LEU I 198 32.73 13.76 -9.79
N THR I 199 31.49 14.12 -10.14
CA THR I 199 30.50 13.15 -10.58
C THR I 199 29.69 13.74 -11.73
N ARG I 200 29.16 12.86 -12.57
CA ARG I 200 28.21 13.27 -13.60
C ARG I 200 26.80 13.16 -13.02
N THR I 201 25.98 14.18 -13.29
CA THR I 201 24.65 14.28 -12.71
C THR I 201 23.53 13.96 -13.69
N ASP I 202 23.86 13.70 -14.95
CA ASP I 202 22.87 13.45 -15.98
C ASP I 202 22.44 11.99 -16.03
N ARG I 203 22.60 11.25 -14.94
CA ARG I 203 22.20 9.86 -14.87
C ARG I 203 20.70 9.71 -15.12
N GLY I 204 20.32 8.59 -15.73
CA GLY I 204 18.92 8.34 -15.99
C GLY I 204 18.70 7.83 -17.40
N TRP I 205 17.45 7.87 -17.84
CA TRP I 205 17.08 7.34 -19.15
C TRP I 205 17.08 8.41 -20.21
N TYR I 206 17.32 7.99 -21.46
CA TYR I 206 17.29 8.89 -22.60
C TYR I 206 16.62 8.15 -23.76
N CYS I 207 15.67 8.82 -24.42
CA CYS I 207 15.00 8.23 -25.56
C CYS I 207 14.83 9.27 -26.66
N ASP I 208 14.99 8.84 -27.90
CA ASP I 208 14.76 9.74 -29.04
C ASP I 208 13.28 10.05 -29.16
N ASN I 209 12.97 11.32 -29.39
CA ASN I 209 11.58 11.77 -29.42
C ASN I 209 11.52 13.05 -30.26
N ALA I 210 10.95 12.94 -31.46
CA ALA I 210 10.70 14.09 -32.34
C ALA I 210 11.98 14.91 -32.56
N GLY I 211 13.05 14.23 -32.95
CA GLY I 211 14.32 14.88 -33.21
C GLY I 211 15.05 15.38 -31.99
N SER I 212 14.45 15.29 -30.80
CA SER I 212 15.07 15.68 -29.55
C SER I 212 15.27 14.44 -28.69
N VAL I 213 15.71 14.63 -27.46
CA VAL I 213 15.92 13.54 -26.52
C VAL I 213 15.09 13.81 -25.28
N SER I 214 14.15 12.91 -24.99
CA SER I 214 13.43 12.92 -23.73
C SER I 214 14.31 12.25 -22.68
N PHE I 215 14.67 13.00 -21.64
CA PHE I 215 15.55 12.54 -20.59
C PHE I 215 14.75 12.40 -19.29
N PHE I 216 14.91 11.26 -18.62
CA PHE I 216 14.21 10.98 -17.37
C PHE I 216 15.24 10.83 -16.27
N PRO I 217 15.36 11.79 -15.34
CA PRO I 217 16.40 11.70 -14.31
C PRO I 217 16.09 10.68 -13.22
N GLN I 218 14.84 10.61 -12.79
CA GLN I 218 14.42 9.64 -11.78
C GLN I 218 14.06 8.33 -12.49
N ALA I 219 15.09 7.54 -12.78
CA ALA I 219 14.91 6.26 -13.46
C ALA I 219 14.10 5.26 -12.66
N GLU I 220 13.92 5.50 -11.36
CA GLU I 220 13.10 4.64 -10.52
C GLU I 220 11.63 4.68 -10.90
N THR I 221 11.18 5.77 -11.53
CA THR I 221 9.80 5.92 -11.99
C THR I 221 9.67 5.50 -13.45
N CYS I 222 10.40 4.46 -13.84
CA CYS I 222 10.35 3.92 -15.20
C CYS I 222 10.41 2.40 -15.10
N LYS I 223 9.40 1.73 -15.66
CA LYS I 223 9.35 0.28 -15.64
C LYS I 223 10.03 -0.27 -16.88
N VAL I 224 10.57 -1.47 -16.76
CA VAL I 224 11.34 -2.10 -17.84
C VAL I 224 10.78 -3.48 -18.11
N GLN I 225 10.42 -3.73 -19.36
CA GLN I 225 10.08 -5.06 -19.85
C GLN I 225 11.36 -5.70 -20.40
N SER I 226 11.22 -6.74 -21.23
CA SER I 226 12.38 -7.44 -21.81
C SER I 226 13.45 -6.47 -22.28
N ASN I 227 13.11 -5.58 -23.22
CA ASN I 227 13.98 -4.44 -23.52
C ASN I 227 13.18 -3.18 -23.80
N ARG I 228 11.93 -3.12 -23.36
CA ARG I 228 11.07 -1.96 -23.57
C ARG I 228 11.03 -1.12 -22.30
N VAL I 229 11.17 0.19 -22.46
CA VAL I 229 11.26 1.11 -21.34
C VAL I 229 10.00 1.96 -21.31
N PHE I 230 9.14 1.71 -20.32
CA PHE I 230 7.92 2.48 -20.12
C PHE I 230 8.20 3.64 -19.19
N CYS I 231 8.10 4.87 -19.71
CA CYS I 231 8.30 6.07 -18.91
C CYS I 231 7.16 7.04 -19.14
N ASP I 232 7.10 8.07 -18.29
CA ASP I 232 6.09 9.12 -18.35
C ASP I 232 6.75 10.41 -18.84
N THR I 233 6.25 10.95 -19.95
CA THR I 233 6.83 12.17 -20.50
C THR I 233 6.72 13.35 -19.54
N MET I 234 5.84 13.26 -18.54
CA MET I 234 5.71 14.34 -17.56
C MET I 234 6.87 14.36 -16.57
N ASN I 235 7.43 13.20 -16.25
CA ASN I 235 8.63 13.11 -15.42
C ASN I 235 9.89 13.17 -16.26
N SER I 236 9.97 14.19 -17.13
CA SER I 236 11.04 14.21 -18.12
C SER I 236 11.38 15.64 -18.50
N LEU I 237 12.64 15.84 -18.88
CA LEU I 237 13.10 17.03 -19.58
C LEU I 237 13.23 16.72 -21.07
N THR I 238 13.24 17.78 -21.88
CA THR I 238 13.42 17.67 -23.32
C THR I 238 14.70 18.40 -23.70
N LEU I 239 15.66 17.67 -24.26
CA LEU I 239 16.99 18.18 -24.51
C LEU I 239 17.35 18.04 -25.98
N PRO I 240 18.33 18.80 -26.47
CA PRO I 240 18.84 18.57 -27.82
C PRO I 240 19.60 17.25 -27.90
N SER I 241 19.73 16.73 -29.13
CA SER I 241 20.41 15.46 -29.32
C SER I 241 21.89 15.53 -28.95
N GLU I 242 22.51 16.70 -29.09
CA GLU I 242 23.93 16.86 -28.82
C GLU I 242 24.34 16.47 -27.41
N VAL I 243 23.38 16.30 -26.50
CA VAL I 243 23.69 15.82 -25.15
C VAL I 243 24.40 14.47 -25.23
N ASN I 244 24.10 13.67 -26.27
CA ASN I 244 24.74 12.37 -26.40
C ASN I 244 26.26 12.50 -26.53
N LEU I 245 26.75 13.64 -27.02
CA LEU I 245 28.20 13.84 -27.11
C LEU I 245 28.86 13.71 -25.75
N CYS I 246 28.13 14.02 -24.67
CA CYS I 246 28.67 13.88 -23.32
C CYS I 246 29.18 12.47 -23.03
N ASN I 247 28.80 11.49 -23.85
CA ASN I 247 29.31 10.13 -23.67
C ASN I 247 30.57 9.88 -24.49
N VAL I 248 30.66 10.44 -25.70
CA VAL I 248 31.86 10.20 -26.51
C VAL I 248 33.01 11.08 -26.04
N ASP I 249 32.72 12.30 -25.58
CA ASP I 249 33.73 13.18 -25.01
C ASP I 249 33.02 14.22 -24.14
N ILE I 250 33.47 14.36 -22.89
CA ILE I 250 32.79 15.23 -21.94
C ILE I 250 33.27 16.66 -22.03
N PHE I 251 34.28 16.95 -22.86
CA PHE I 251 34.79 18.30 -23.03
C PHE I 251 34.41 18.91 -24.37
N ASN I 252 33.45 18.32 -25.08
CA ASN I 252 33.08 18.83 -26.39
C ASN I 252 32.46 20.22 -26.26
N PRO I 253 32.67 21.08 -27.26
CA PRO I 253 32.14 22.45 -27.15
C PRO I 253 30.65 22.57 -27.45
N LYS I 254 30.03 21.57 -28.08
CA LYS I 254 28.64 21.71 -28.50
C LYS I 254 27.69 21.69 -27.31
N TYR I 255 27.76 20.65 -26.48
CA TYR I 255 26.90 20.52 -25.32
C TYR I 255 27.72 20.59 -24.04
N ASP I 256 27.12 21.15 -23.00
CA ASP I 256 27.75 21.33 -21.70
C ASP I 256 27.16 20.31 -20.72
N CYS I 257 27.98 19.36 -20.28
CA CYS I 257 27.51 18.27 -19.44
C CYS I 257 27.43 18.70 -17.98
N LYS I 258 26.26 18.52 -17.37
CA LYS I 258 26.09 18.87 -15.97
C LYS I 258 26.84 17.91 -15.07
N ILE I 259 27.60 18.45 -14.12
CA ILE I 259 28.41 17.66 -13.20
C ILE I 259 28.15 18.16 -11.78
N MET I 260 28.88 17.56 -10.82
CA MET I 260 28.77 17.91 -9.41
C MET I 260 30.14 17.73 -8.77
N THR I 261 30.55 18.70 -7.97
CA THR I 261 31.82 18.65 -7.26
C THR I 261 31.58 18.55 -5.76
N SER I 262 32.42 17.77 -5.09
CA SER I 262 32.33 17.61 -3.65
C SER I 262 33.71 17.21 -3.13
N LYS I 263 33.81 17.04 -1.81
CA LYS I 263 35.04 16.59 -1.19
C LYS I 263 34.79 15.40 -0.27
N THR I 264 33.74 14.63 -0.53
CA THR I 264 33.35 13.51 0.32
C THR I 264 33.98 12.24 -0.24
N ASP I 265 34.95 11.69 0.48
CA ASP I 265 35.71 10.52 0.04
C ASP I 265 35.02 9.25 0.52
N VAL I 266 33.93 8.90 -0.15
CA VAL I 266 33.09 7.77 0.24
C VAL I 266 33.10 6.74 -0.89
N SER I 267 33.37 5.48 -0.54
CA SER I 267 33.35 4.40 -1.51
C SER I 267 31.92 3.97 -1.81
N SER I 268 31.63 3.76 -3.09
CA SER I 268 30.29 3.46 -3.55
C SER I 268 30.32 2.43 -4.66
N SER I 269 29.16 1.84 -4.93
CA SER I 269 28.99 0.90 -6.04
C SER I 269 27.68 1.19 -6.73
N VAL I 270 27.72 1.26 -8.06
CA VAL I 270 26.54 1.53 -8.88
C VAL I 270 26.41 0.37 -9.86
N ILE I 271 25.35 -0.41 -9.73
CA ILE I 271 25.13 -1.57 -10.59
C ILE I 271 24.42 -1.10 -11.85
N THR I 272 24.98 -1.44 -13.00
CA THR I 272 24.45 -1.02 -14.28
C THR I 272 23.57 -2.13 -14.85
N SER I 273 23.17 -1.97 -16.12
CA SER I 273 22.30 -2.97 -16.74
C SER I 273 22.98 -4.34 -16.76
N LEU I 274 24.19 -4.41 -17.30
CA LEU I 274 24.96 -5.66 -17.34
C LEU I 274 26.38 -5.39 -16.82
N GLY I 275 26.51 -5.33 -15.49
CA GLY I 275 27.80 -5.16 -14.84
C GLY I 275 27.68 -4.22 -13.66
N ALA I 276 28.84 -3.79 -13.14
CA ALA I 276 28.87 -2.95 -11.96
C ALA I 276 30.07 -2.01 -11.97
N ILE I 277 29.82 -0.75 -11.61
CA ILE I 277 30.86 0.26 -11.42
C ILE I 277 31.17 0.34 -9.93
N VAL I 278 32.46 0.40 -9.60
CA VAL I 278 32.91 0.47 -8.21
C VAL I 278 33.83 1.66 -8.07
N SER I 279 33.43 2.64 -7.26
CA SER I 279 34.28 3.78 -6.91
C SER I 279 34.83 3.50 -5.52
N CYS I 280 36.05 2.97 -5.45
CA CYS I 280 36.65 2.52 -4.21
C CYS I 280 37.65 3.57 -3.74
N TYR I 281 37.26 4.33 -2.72
CA TYR I 281 38.13 5.36 -2.15
C TYR I 281 38.23 5.14 -0.66
N GLY I 282 39.28 5.72 -0.07
CA GLY I 282 39.54 5.52 1.32
C GLY I 282 40.13 4.15 1.58
N LYS I 283 39.93 3.65 2.80
CA LYS I 283 40.45 2.36 3.22
C LYS I 283 39.40 1.26 3.17
N THR I 284 38.44 1.37 2.24
CA THR I 284 37.32 0.44 2.16
C THR I 284 37.68 -0.78 1.33
N LYS I 285 37.15 -1.93 1.72
CA LYS I 285 37.36 -3.19 1.02
C LYS I 285 36.36 -3.32 -0.12
N CYS I 286 36.86 -3.46 -1.35
CA CYS I 286 36.04 -3.59 -2.54
C CYS I 286 36.41 -4.87 -3.28
N THR I 287 35.40 -5.70 -3.57
CA THR I 287 35.59 -7.09 -3.95
C THR I 287 34.61 -7.47 -5.06
N ALA I 288 35.08 -8.27 -6.01
CA ALA I 288 34.24 -8.88 -7.02
C ALA I 288 34.34 -10.39 -6.88
N SER I 289 33.19 -11.07 -6.80
CA SER I 289 33.15 -12.47 -6.45
C SER I 289 32.21 -13.25 -7.36
N ASN I 290 32.55 -14.52 -7.56
CA ASN I 290 31.72 -15.49 -8.28
C ASN I 290 31.04 -16.40 -7.27
N LYS I 291 29.86 -16.89 -7.63
CA LYS I 291 29.05 -17.68 -6.70
C LYS I 291 29.78 -18.93 -6.24
N ASN I 292 30.54 -19.54 -7.13
CA ASN I 292 31.17 -20.83 -6.88
C ASN I 292 32.66 -20.73 -6.61
N ARG I 293 33.26 -19.54 -6.78
CA ARG I 293 34.69 -19.38 -6.61
C ARG I 293 35.05 -18.34 -5.56
N GLY I 294 34.07 -17.71 -4.92
CA GLY I 294 34.45 -16.76 -3.89
C GLY I 294 34.98 -15.47 -4.51
N ILE I 295 35.84 -14.78 -3.76
CA ILE I 295 36.44 -13.55 -4.23
C ILE I 295 37.31 -13.83 -5.44
N ILE I 296 37.12 -13.05 -6.52
CA ILE I 296 37.89 -13.25 -7.74
C ILE I 296 38.59 -11.98 -8.16
N LYS I 297 38.29 -10.86 -7.49
CA LYS I 297 38.97 -9.61 -7.82
C LYS I 297 38.96 -8.69 -6.62
N THR I 298 40.08 -8.02 -6.37
CA THR I 298 40.19 -6.95 -5.39
C THR I 298 40.43 -5.64 -6.12
N PHE I 299 39.59 -4.65 -5.83
CA PHE I 299 39.64 -3.37 -6.53
C PHE I 299 40.66 -2.45 -5.89
N SER I 300 41.51 -1.84 -6.72
CA SER I 300 42.38 -0.78 -6.26
C SER I 300 41.59 0.52 -6.16
N ASN I 301 42.15 1.48 -5.43
CA ASN I 301 41.47 2.75 -5.23
C ASN I 301 41.33 3.50 -6.55
N GLY I 302 40.13 3.99 -6.81
CA GLY I 302 39.77 4.65 -8.05
C GLY I 302 38.42 4.17 -8.50
N CYS I 303 38.04 4.56 -9.72
CA CYS I 303 36.79 4.13 -10.33
C CYS I 303 37.09 3.01 -11.32
N ASP I 304 36.55 1.83 -11.06
CA ASP I 304 36.73 0.66 -11.90
C ASP I 304 35.36 0.10 -12.29
N TYR I 305 35.36 -0.91 -13.14
CA TYR I 305 34.12 -1.50 -13.64
C TYR I 305 34.36 -2.98 -13.94
N VAL I 306 33.36 -3.80 -13.67
CA VAL I 306 33.41 -5.22 -13.98
C VAL I 306 32.15 -5.63 -14.74
N SER I 307 32.32 -6.62 -15.59
CA SER I 307 31.24 -7.19 -16.40
C SER I 307 30.48 -8.25 -15.62
N ASN I 308 29.27 -8.53 -16.07
CA ASN I 308 28.44 -9.53 -15.42
C ASN I 308 28.83 -10.96 -15.79
N LYS I 309 29.82 -11.14 -16.65
CA LYS I 309 30.24 -12.47 -17.07
C LYS I 309 31.35 -12.95 -16.15
N GLY I 310 31.07 -14.00 -15.37
CA GLY I 310 32.01 -14.52 -14.40
C GLY I 310 31.95 -13.85 -13.05
N VAL I 311 31.47 -12.61 -12.98
CA VAL I 311 31.32 -11.88 -11.73
C VAL I 311 29.85 -11.89 -11.36
N ASP I 312 29.53 -12.40 -10.18
CA ASP I 312 28.15 -12.50 -9.73
C ASP I 312 27.83 -11.64 -8.51
N THR I 313 28.83 -11.04 -7.88
CA THR I 313 28.62 -10.29 -6.64
C THR I 313 29.67 -9.19 -6.54
N VAL I 314 29.26 -8.02 -6.08
CA VAL I 314 30.17 -6.91 -5.83
C VAL I 314 29.98 -6.46 -4.39
N SER I 315 31.05 -6.51 -3.61
CA SER I 315 31.03 -6.15 -2.20
C SER I 315 31.80 -4.85 -2.01
N VAL I 316 31.21 -3.91 -1.29
CA VAL I 316 31.87 -2.65 -0.94
C VAL I 316 31.71 -2.46 0.55
N GLY I 317 32.81 -2.56 1.29
CA GLY I 317 32.75 -2.51 2.74
C GLY I 317 31.92 -3.64 3.30
N ASN I 318 30.74 -3.32 3.82
CA ASN I 318 29.81 -4.32 4.33
C ASN I 318 28.61 -4.53 3.43
N THR I 319 28.48 -3.74 2.36
CA THR I 319 27.34 -3.84 1.46
C THR I 319 27.62 -4.89 0.39
N LEU I 320 26.65 -5.76 0.15
CA LEU I 320 26.72 -6.78 -0.89
C LEU I 320 25.74 -6.44 -2.00
N TYR I 321 26.17 -6.58 -3.24
CA TYR I 321 25.38 -6.24 -4.41
C TYR I 321 25.35 -7.42 -5.35
N TYR I 322 24.15 -7.86 -5.73
CA TYR I 322 24.00 -8.90 -6.74
C TYR I 322 23.89 -8.24 -8.11
N VAL I 323 24.74 -8.65 -9.04
CA VAL I 323 24.79 -8.05 -10.36
C VAL I 323 23.75 -8.74 -11.24
N ASN I 324 23.14 -7.96 -12.13
CA ASN I 324 22.18 -8.54 -13.08
C ASN I 324 22.92 -9.48 -14.02
N LYS I 325 22.50 -10.74 -14.05
CA LYS I 325 23.09 -11.72 -14.95
C LYS I 325 22.30 -11.84 -16.26
N GLN I 326 22.08 -10.71 -16.91
CA GLN I 326 21.41 -10.66 -18.20
C GLN I 326 22.45 -10.59 -19.32
N GLU I 327 22.10 -11.17 -20.46
CA GLU I 327 23.04 -11.36 -21.55
C GLU I 327 23.30 -10.06 -22.30
N GLY I 328 24.55 -9.90 -22.74
CA GLY I 328 24.95 -8.73 -23.50
C GLY I 328 26.46 -8.70 -23.62
N LYS I 329 26.93 -7.70 -24.36
CA LYS I 329 28.36 -7.50 -24.58
C LYS I 329 28.78 -6.20 -23.89
N SER I 330 29.88 -6.26 -23.14
CA SER I 330 30.41 -5.12 -22.43
C SER I 330 31.65 -4.59 -23.13
N LEU I 331 31.92 -3.30 -22.95
CA LEU I 331 33.07 -2.66 -23.55
C LEU I 331 33.69 -1.74 -22.52
N TYR I 332 35.02 -1.75 -22.44
CA TYR I 332 35.78 -0.92 -21.51
C TYR I 332 36.51 0.14 -22.32
N VAL I 333 36.05 1.38 -22.22
CA VAL I 333 36.66 2.50 -22.93
C VAL I 333 37.75 3.07 -22.01
N LYS I 334 39.00 2.72 -22.31
CA LYS I 334 40.10 3.19 -21.49
C LYS I 334 40.28 4.71 -21.64
N GLY I 335 40.58 5.37 -20.53
CA GLY I 335 40.81 6.79 -20.54
C GLY I 335 41.24 7.25 -19.15
N GLU I 336 41.84 8.43 -19.13
CA GLU I 336 42.32 8.97 -17.87
C GLU I 336 41.17 9.61 -17.11
N PRO I 337 41.02 9.36 -15.81
CA PRO I 337 39.95 10.00 -15.04
C PRO I 337 40.06 11.51 -15.10
N ILE I 338 38.92 12.16 -15.31
CA ILE I 338 38.89 13.62 -15.49
C ILE I 338 39.37 14.34 -14.24
N ILE I 339 39.16 13.74 -13.06
CA ILE I 339 39.49 14.42 -11.81
C ILE I 339 40.97 14.75 -11.69
N ASN I 340 41.83 14.07 -12.46
CA ASN I 340 43.26 14.34 -12.44
C ASN I 340 43.64 15.56 -13.28
N PHE I 341 42.66 16.32 -13.78
CA PHE I 341 42.93 17.48 -14.64
C PHE I 341 42.81 18.80 -13.90
N TYR I 342 42.46 18.81 -12.63
CA TYR I 342 42.22 20.05 -11.90
C TYR I 342 43.17 20.19 -10.72
N ASP I 343 43.40 21.44 -10.33
CA ASP I 343 44.23 21.75 -9.17
C ASP I 343 43.40 21.68 -7.90
N PRO I 344 43.85 20.95 -6.87
CA PRO I 344 43.06 20.87 -5.63
C PRO I 344 42.89 22.21 -4.93
N LEU I 345 43.78 23.17 -5.15
CA LEU I 345 43.66 24.47 -4.49
C LEU I 345 42.66 25.39 -5.18
N VAL I 346 42.42 25.20 -6.48
CA VAL I 346 41.46 26.01 -7.23
C VAL I 346 40.14 25.28 -7.42
N PHE I 347 40.04 24.03 -7.00
CA PHE I 347 38.84 23.24 -7.23
C PHE I 347 37.70 23.73 -6.32
N PRO I 348 36.48 23.87 -6.85
CA PRO I 348 35.34 24.24 -5.99
C PRO I 348 34.99 23.13 -5.02
N SER I 349 35.23 23.37 -3.73
CA SER I 349 35.09 22.32 -2.72
C SER I 349 33.65 21.85 -2.54
N ASP I 350 32.67 22.60 -3.04
CA ASP I 350 31.27 22.24 -2.86
C ASP I 350 30.46 22.96 -3.94
N GLU I 351 29.83 22.19 -4.82
CA GLU I 351 28.90 22.77 -5.80
C GLU I 351 28.00 21.64 -6.30
N PHE I 352 26.71 21.74 -6.00
CA PHE I 352 25.80 20.62 -6.26
C PHE I 352 25.46 20.51 -7.74
N ASP I 353 24.84 21.56 -8.30
CA ASP I 353 24.39 21.54 -9.70
C ASP I 353 25.26 22.52 -10.51
N ALA I 354 26.36 22.01 -11.06
CA ALA I 354 27.23 22.82 -11.90
C ALA I 354 27.44 22.13 -13.24
N SER I 355 28.37 22.63 -14.04
CA SER I 355 28.69 22.04 -15.33
C SER I 355 30.18 22.20 -15.59
N ILE I 356 30.63 21.66 -16.73
CA ILE I 356 32.04 21.77 -17.10
C ILE I 356 32.42 23.22 -17.34
N SER I 357 31.61 23.94 -18.14
CA SER I 357 31.91 25.33 -18.45
C SER I 357 31.80 26.21 -17.21
N GLN I 358 30.84 25.91 -16.32
CA GLN I 358 30.71 26.68 -15.09
C GLN I 358 31.92 26.50 -14.20
N VAL I 359 32.39 25.26 -14.05
CA VAL I 359 33.59 25.00 -13.24
C VAL I 359 34.79 25.70 -13.86
N ASN I 360 34.91 25.67 -15.18
CA ASN I 360 36.04 26.33 -15.84
C ASN I 360 35.99 27.84 -15.63
N GLU I 361 34.79 28.42 -15.67
CA GLU I 361 34.66 29.86 -15.45
C GLU I 361 34.97 30.23 -14.01
N LYS I 362 34.51 29.43 -13.06
CA LYS I 362 34.84 29.70 -11.65
C LYS I 362 36.34 29.54 -11.41
N ILE I 363 36.99 28.61 -12.09
CA ILE I 363 38.44 28.47 -11.98
C ILE I 363 39.13 29.71 -12.53
N ASN I 364 38.68 30.21 -13.69
CA ASN I 364 39.26 31.44 -14.23
C ASN I 364 39.07 32.61 -13.28
N GLN I 365 37.88 32.74 -12.70
CA GLN I 365 37.60 33.82 -11.75
C GLN I 365 38.51 33.73 -10.53
N SER I 366 38.60 32.55 -9.92
CA SER I 366 39.41 32.40 -8.72
C SER I 366 40.89 32.62 -9.03
N LEU I 367 41.35 32.19 -10.22
CA LEU I 367 42.75 32.41 -10.58
C LEU I 367 43.03 33.90 -10.80
N ALA I 368 42.09 34.62 -11.40
CA ALA I 368 42.24 36.06 -11.54
C ALA I 368 42.22 36.76 -10.18
N PHE I 369 41.40 36.27 -9.26
CA PHE I 369 41.37 36.83 -7.91
C PHE I 369 42.70 36.61 -7.20
N ILE I 370 43.29 35.42 -7.35
CA ILE I 370 44.55 35.13 -6.68
C ILE I 370 45.70 35.92 -7.32
N ARG I 371 45.68 36.06 -8.65
CA ARG I 371 46.78 36.70 -9.36
C ARG I 371 46.86 38.19 -9.08
N LYS I 372 45.78 38.81 -8.59
CA LYS I 372 45.79 40.25 -8.35
C LYS I 372 46.78 40.66 -7.28
N SER I 373 47.21 39.74 -6.42
CA SER I 373 48.20 40.06 -5.40
C SER I 373 49.61 39.74 -5.89
N VAL J 2 18.90 -36.25 -22.55
CA VAL J 2 20.30 -35.83 -22.48
C VAL J 2 21.17 -36.85 -23.18
N GLN J 3 21.93 -36.38 -24.17
CA GLN J 3 22.72 -37.27 -25.01
C GLN J 3 23.77 -36.47 -25.75
N LEU J 4 24.98 -37.03 -25.85
CA LEU J 4 26.08 -36.45 -26.60
C LEU J 4 26.62 -37.54 -27.51
N VAL J 5 26.41 -37.38 -28.82
CA VAL J 5 26.81 -38.38 -29.81
C VAL J 5 28.03 -37.85 -30.54
N GLU J 6 29.13 -38.61 -30.46
CA GLU J 6 30.41 -38.19 -31.02
C GLU J 6 30.75 -39.03 -32.24
N SER J 7 31.49 -38.43 -33.17
CA SER J 7 31.84 -39.08 -34.41
C SER J 7 33.14 -38.48 -34.95
N GLY J 8 33.74 -39.18 -35.91
CA GLY J 8 34.96 -38.73 -36.56
C GLY J 8 36.20 -39.52 -36.22
N GLY J 9 36.10 -40.58 -35.43
CA GLY J 9 37.26 -41.37 -35.08
C GLY J 9 37.74 -42.23 -36.24
N GLY J 10 38.90 -42.83 -36.04
CA GLY J 10 39.46 -43.72 -37.04
C GLY J 10 40.97 -43.85 -36.85
N VAL J 11 41.63 -44.32 -37.90
CA VAL J 11 43.08 -44.50 -37.92
C VAL J 11 43.67 -43.47 -38.88
N VAL J 12 44.72 -42.79 -38.42
CA VAL J 12 45.36 -41.72 -39.19
C VAL J 12 46.86 -41.77 -38.94
N GLN J 13 47.65 -41.73 -40.02
CA GLN J 13 49.10 -41.82 -39.89
C GLN J 13 49.65 -40.57 -39.19
N PRO J 14 50.78 -40.71 -38.48
CA PRO J 14 51.32 -39.58 -37.73
C PRO J 14 51.66 -38.40 -38.65
N GLY J 15 51.30 -37.20 -38.20
CA GLY J 15 51.52 -35.98 -38.95
C GLY J 15 50.32 -35.47 -39.71
N ARG J 16 49.34 -36.33 -39.98
CA ARG J 16 48.15 -35.92 -40.71
C ARG J 16 47.14 -35.25 -39.78
N SER J 17 45.99 -34.89 -40.33
CA SER J 17 44.95 -34.17 -39.59
C SER J 17 43.71 -35.04 -39.46
N LEU J 18 42.82 -34.63 -38.55
CA LEU J 18 41.58 -35.35 -38.27
C LEU J 18 40.68 -34.45 -37.42
N ARG J 19 39.39 -34.41 -37.76
CA ARG J 19 38.44 -33.57 -37.07
C ARG J 19 37.39 -34.43 -36.39
N LEU J 20 37.19 -34.21 -35.09
CA LEU J 20 36.16 -34.90 -34.32
C LEU J 20 34.97 -33.96 -34.14
N SER J 21 33.76 -34.52 -34.17
CA SER J 21 32.56 -33.74 -33.93
C SER J 21 31.74 -34.41 -32.84
N CYS J 22 30.91 -33.60 -32.17
CA CYS J 22 30.10 -34.09 -31.06
C CYS J 22 28.81 -33.27 -31.02
N ALA J 23 27.69 -33.93 -31.26
CA ALA J 23 26.39 -33.28 -31.26
C ALA J 23 25.67 -33.52 -29.94
N ALA J 24 24.92 -32.51 -29.49
CA ALA J 24 24.24 -32.53 -28.21
C ALA J 24 22.74 -32.48 -28.41
N SER J 25 22.01 -33.16 -27.53
CA SER J 25 20.56 -33.18 -27.61
C SER J 25 19.98 -33.47 -26.22
N GLY J 26 18.92 -32.75 -25.87
CA GLY J 26 18.21 -32.99 -24.62
C GLY J 26 18.37 -31.90 -23.59
N PHE J 27 19.16 -30.86 -23.87
CA PHE J 27 19.35 -29.76 -22.95
C PHE J 27 19.64 -28.51 -23.77
N SER J 28 19.57 -27.36 -23.11
CA SER J 28 19.86 -26.10 -23.79
C SER J 28 21.36 -25.98 -24.03
N PHE J 29 21.81 -26.54 -25.15
CA PHE J 29 23.24 -26.61 -25.46
C PHE J 29 23.89 -25.23 -25.51
N SER J 30 23.12 -24.21 -25.88
CA SER J 30 23.65 -22.87 -26.12
C SER J 30 24.12 -22.16 -24.86
N HIS J 31 23.99 -22.77 -23.68
CA HIS J 31 24.39 -22.11 -22.44
C HIS J 31 25.42 -22.88 -21.62
N TYR J 32 25.91 -24.02 -22.09
CA TYR J 32 26.86 -24.83 -21.34
C TYR J 32 28.24 -24.78 -21.99
N ALA J 33 29.27 -24.63 -21.17
CA ALA J 33 30.63 -24.80 -21.66
C ALA J 33 30.87 -26.27 -21.99
N MET J 34 31.70 -26.51 -23.00
CA MET J 34 31.93 -27.85 -23.51
C MET J 34 33.41 -28.22 -23.41
N HIS J 35 33.67 -29.41 -22.86
CA HIS J 35 35.00 -29.95 -22.66
C HIS J 35 35.27 -31.07 -23.66
N TRP J 36 36.54 -31.20 -24.03
CA TRP J 36 37.07 -32.39 -24.70
C TRP J 36 38.11 -33.00 -23.77
N VAL J 37 37.96 -34.29 -23.47
CA VAL J 37 38.82 -35.00 -22.53
C VAL J 37 39.18 -36.35 -23.13
N ARG J 38 40.48 -36.64 -23.22
CA ARG J 38 40.94 -37.87 -23.84
C ARG J 38 41.49 -38.84 -22.80
N GLN J 39 41.58 -40.11 -23.19
CA GLN J 39 42.06 -41.17 -22.31
C GLN J 39 42.85 -42.17 -23.14
N ALA J 40 44.15 -42.28 -22.86
CA ALA J 40 44.99 -43.26 -23.52
C ALA J 40 44.55 -44.68 -23.13
N PRO J 41 44.80 -45.67 -23.98
CA PRO J 41 44.41 -47.05 -23.65
C PRO J 41 45.07 -47.52 -22.36
N GLY J 42 44.25 -47.85 -21.37
CA GLY J 42 44.72 -48.33 -20.10
C GLY J 42 45.23 -47.28 -19.14
N LYS J 43 45.37 -46.03 -19.59
CA LYS J 43 45.84 -44.96 -18.73
C LYS J 43 44.68 -44.09 -18.28
N GLY J 44 45.00 -43.04 -17.54
CA GLY J 44 44.01 -42.19 -16.92
C GLY J 44 43.41 -41.19 -17.88
N LEU J 45 42.61 -40.29 -17.32
CA LEU J 45 41.96 -39.25 -18.10
C LEU J 45 42.89 -38.07 -18.30
N GLU J 46 42.77 -37.44 -19.47
CA GLU J 46 43.57 -36.26 -19.81
C GLU J 46 42.64 -35.18 -20.31
N TRP J 47 42.65 -34.03 -19.65
CA TRP J 47 41.89 -32.89 -20.13
C TRP J 47 42.54 -32.34 -21.38
N VAL J 48 41.73 -32.08 -22.41
CA VAL J 48 42.22 -31.62 -23.70
C VAL J 48 41.87 -30.15 -23.92
N ALA J 49 40.58 -29.81 -23.89
CA ALA J 49 40.19 -28.46 -24.23
C ALA J 49 38.84 -28.11 -23.60
N VAL J 50 38.51 -26.82 -23.65
CA VAL J 50 37.22 -26.34 -23.20
C VAL J 50 36.87 -25.07 -23.97
N ILE J 51 35.57 -24.86 -24.17
CA ILE J 51 35.05 -23.67 -24.86
C ILE J 51 33.81 -23.20 -24.12
N SER J 52 33.71 -21.88 -23.93
CA SER J 52 32.65 -21.30 -23.12
C SER J 52 31.30 -21.41 -23.84
N TYR J 53 30.25 -20.92 -23.18
CA TYR J 53 28.90 -21.09 -23.73
C TYR J 53 28.71 -20.31 -25.03
N ASP J 54 29.24 -19.08 -25.10
CA ASP J 54 29.16 -18.30 -26.32
C ASP J 54 30.23 -18.67 -27.33
N GLY J 55 31.26 -19.40 -26.91
CA GLY J 55 32.30 -19.80 -27.84
C GLY J 55 33.39 -18.78 -28.04
N GLU J 56 33.47 -17.77 -27.17
CA GLU J 56 34.46 -16.71 -27.30
C GLU J 56 35.60 -16.86 -26.32
N ASN J 57 35.66 -17.97 -25.58
CA ASN J 57 36.74 -18.22 -24.62
C ASN J 57 37.13 -19.69 -24.74
N THR J 58 38.31 -19.95 -25.28
CA THR J 58 38.81 -21.31 -25.47
C THR J 58 40.09 -21.51 -24.66
N TYR J 59 40.18 -22.65 -23.98
CA TYR J 59 41.35 -22.99 -23.19
C TYR J 59 41.82 -24.39 -23.57
N TYR J 60 43.14 -24.53 -23.76
CA TYR J 60 43.72 -25.78 -24.21
C TYR J 60 44.74 -26.29 -23.19
N ALA J 61 44.90 -27.61 -23.16
CA ALA J 61 45.97 -28.20 -22.38
C ALA J 61 47.31 -27.90 -23.04
N ASP J 62 48.38 -27.98 -22.24
CA ASP J 62 49.69 -27.61 -22.74
C ASP J 62 50.21 -28.60 -23.78
N SER J 63 49.89 -29.89 -23.63
CA SER J 63 50.43 -30.90 -24.53
C SER J 63 49.83 -30.84 -25.94
N VAL J 64 48.72 -30.12 -26.13
CA VAL J 64 48.08 -30.02 -27.44
C VAL J 64 47.96 -28.58 -27.91
N LYS J 65 48.62 -27.65 -27.24
CA LYS J 65 48.49 -26.24 -27.58
C LYS J 65 49.14 -25.96 -28.94
N GLY J 66 48.46 -25.17 -29.76
CA GLY J 66 48.93 -24.83 -31.09
C GLY J 66 48.53 -25.84 -32.16
N ARG J 67 48.34 -27.11 -31.78
CA ARG J 67 47.94 -28.14 -32.72
C ARG J 67 46.42 -28.27 -32.78
N PHE J 68 45.79 -28.52 -31.64
CA PHE J 68 44.35 -28.72 -31.63
C PHE J 68 43.63 -27.36 -31.66
N SER J 69 42.37 -27.39 -32.09
CA SER J 69 41.55 -26.18 -32.10
C SER J 69 40.10 -26.58 -31.88
N ILE J 70 39.42 -25.90 -30.96
CA ILE J 70 38.05 -26.23 -30.57
C ILE J 70 37.11 -25.16 -31.10
N SER J 71 35.92 -25.57 -31.51
CA SER J 71 34.91 -24.67 -32.04
C SER J 71 33.54 -25.23 -31.69
N ARG J 72 32.53 -24.36 -31.73
CA ARG J 72 31.17 -24.77 -31.43
C ARG J 72 30.19 -24.09 -32.38
N ASP J 73 29.03 -24.73 -32.53
CA ASP J 73 27.96 -24.26 -33.40
C ASP J 73 26.65 -24.51 -32.64
N ASN J 74 26.04 -23.42 -32.18
CA ASN J 74 24.85 -23.53 -31.33
C ASN J 74 23.57 -23.71 -32.13
N SER J 75 23.57 -23.36 -33.42
CA SER J 75 22.38 -23.59 -34.23
C SER J 75 22.17 -25.07 -34.53
N LYS J 76 23.23 -25.88 -34.45
CA LYS J 76 23.11 -27.32 -34.63
C LYS J 76 23.54 -28.11 -33.41
N ASN J 77 23.92 -27.43 -32.33
CA ASN J 77 24.32 -28.09 -31.08
C ASN J 77 25.49 -29.04 -31.29
N THR J 78 26.60 -28.49 -31.80
CA THR J 78 27.79 -29.28 -32.08
C THR J 78 29.03 -28.61 -31.53
N VAL J 79 29.98 -29.45 -31.14
CA VAL J 79 31.34 -29.03 -30.78
C VAL J 79 32.32 -29.82 -31.63
N SER J 80 33.25 -29.13 -32.25
CA SER J 80 34.22 -29.74 -33.15
C SER J 80 35.62 -29.49 -32.62
N LEU J 81 36.46 -30.53 -32.70
CA LEU J 81 37.85 -30.46 -32.30
C LEU J 81 38.71 -30.88 -33.49
N GLN J 82 39.40 -29.91 -34.08
CA GLN J 82 40.29 -30.16 -35.21
C GLN J 82 41.70 -30.41 -34.69
N MET J 83 42.23 -31.60 -34.97
CA MET J 83 43.55 -32.02 -34.52
C MET J 83 44.41 -32.30 -35.73
N ASN J 84 45.36 -31.41 -36.01
CA ASN J 84 46.32 -31.64 -37.08
C ASN J 84 47.73 -31.78 -36.50
N SER J 85 48.61 -32.39 -37.30
CA SER J 85 49.98 -32.72 -36.88
C SER J 85 49.95 -33.63 -35.65
N LEU J 86 49.40 -34.83 -35.84
CA LEU J 86 49.15 -35.76 -34.75
C LEU J 86 50.40 -36.57 -34.45
N ARG J 87 50.76 -36.64 -33.18
CA ARG J 87 51.84 -37.50 -32.71
C ARG J 87 51.28 -38.85 -32.32
N PRO J 88 52.14 -39.86 -32.14
CA PRO J 88 51.64 -41.15 -31.67
C PRO J 88 51.13 -41.13 -30.23
N GLU J 89 51.56 -40.16 -29.42
CA GLU J 89 51.05 -40.04 -28.06
C GLU J 89 49.61 -39.56 -28.02
N ASP J 90 49.05 -39.14 -29.15
CA ASP J 90 47.66 -38.68 -29.23
C ASP J 90 46.68 -39.82 -29.45
N THR J 91 47.16 -41.05 -29.61
CA THR J 91 46.28 -42.20 -29.77
C THR J 91 45.52 -42.43 -28.47
N ALA J 92 44.20 -42.26 -28.50
CA ALA J 92 43.40 -42.33 -27.27
C ALA J 92 41.92 -42.33 -27.66
N LEU J 93 41.07 -42.44 -26.63
CA LEU J 93 39.63 -42.31 -26.77
C LEU J 93 39.21 -40.94 -26.27
N TYR J 94 38.51 -40.18 -27.12
CA TYR J 94 38.17 -38.79 -26.85
C TYR J 94 36.69 -38.68 -26.51
N TYR J 95 36.38 -38.11 -25.34
CA TYR J 95 35.02 -37.81 -24.94
C TYR J 95 34.76 -36.32 -25.07
N CYS J 96 33.54 -35.95 -25.44
CA CYS J 96 33.03 -34.60 -25.25
C CYS J 96 32.12 -34.60 -24.04
N ALA J 97 32.28 -33.59 -23.18
CA ALA J 97 31.59 -33.56 -21.90
C ALA J 97 30.99 -32.18 -21.66
N ARG J 98 29.95 -32.15 -20.84
CA ARG J 98 29.26 -30.92 -20.48
C ARG J 98 29.82 -30.35 -19.18
N ASP J 99 29.94 -29.03 -19.12
CA ASP J 99 30.37 -28.37 -17.90
C ASP J 99 29.20 -28.30 -16.93
N ARG J 100 29.48 -28.66 -15.66
CA ARG J 100 28.41 -28.74 -14.66
C ARG J 100 27.65 -27.42 -14.54
N ILE J 101 28.35 -26.29 -14.50
CA ILE J 101 27.77 -24.99 -14.20
C ILE J 101 27.43 -24.28 -15.51
N VAL J 102 26.24 -23.70 -15.57
CA VAL J 102 25.70 -23.09 -16.78
C VAL J 102 25.99 -21.60 -16.76
N ASP J 103 26.23 -21.05 -17.95
CA ASP J 103 26.36 -19.60 -18.16
C ASP J 103 27.42 -18.99 -17.24
N ASP J 104 28.66 -19.41 -17.46
CA ASP J 104 29.77 -18.88 -16.69
C ASP J 104 31.01 -18.81 -17.56
N TYR J 105 31.96 -17.99 -17.10
CA TYR J 105 33.25 -17.86 -17.77
C TYR J 105 34.36 -18.52 -16.99
N TYR J 106 34.00 -19.22 -15.91
CA TYR J 106 34.90 -20.04 -15.12
C TYR J 106 34.44 -21.48 -15.26
N TYR J 107 35.34 -22.37 -15.64
CA TYR J 107 34.99 -23.76 -15.94
C TYR J 107 35.38 -24.65 -14.76
N TYR J 108 34.45 -25.51 -14.36
CA TYR J 108 34.53 -26.25 -13.11
C TYR J 108 34.71 -27.74 -13.27
N GLY J 109 33.93 -28.38 -14.14
CA GLY J 109 33.99 -29.83 -14.22
C GLY J 109 32.91 -30.37 -15.13
N MET J 110 32.98 -31.68 -15.32
CA MET J 110 32.19 -32.37 -16.34
C MET J 110 31.19 -33.30 -15.69
N ASP J 111 29.91 -33.13 -16.02
CA ASP J 111 28.83 -33.90 -15.39
C ASP J 111 28.14 -34.86 -16.33
N VAL J 112 28.13 -34.58 -17.64
CA VAL J 112 27.50 -35.44 -18.63
C VAL J 112 28.54 -35.78 -19.69
N TRP J 113 28.87 -37.06 -19.81
CA TRP J 113 29.91 -37.52 -20.72
C TRP J 113 29.30 -38.32 -21.87
N GLY J 114 29.83 -38.11 -23.07
CA GLY J 114 29.45 -38.89 -24.22
C GLY J 114 30.09 -40.27 -24.20
N GLN J 115 29.87 -41.02 -25.29
CA GLN J 115 30.41 -42.37 -25.38
C GLN J 115 31.87 -42.40 -25.78
N GLY J 116 32.31 -41.46 -26.62
CA GLY J 116 33.69 -41.38 -27.01
C GLY J 116 33.91 -41.77 -28.47
N ALA J 117 35.04 -41.31 -29.00
CA ALA J 117 35.50 -41.68 -30.34
C ALA J 117 36.95 -42.11 -30.24
N THR J 118 37.27 -43.27 -30.80
CA THR J 118 38.63 -43.81 -30.73
C THR J 118 39.47 -43.23 -31.86
N VAL J 119 40.70 -42.81 -31.53
CA VAL J 119 41.63 -42.24 -32.49
C VAL J 119 42.96 -42.96 -32.34
N THR J 120 43.36 -43.69 -33.38
CA THR J 120 44.64 -44.39 -33.40
C THR J 120 45.55 -43.72 -34.42
N VAL J 121 46.80 -43.47 -34.01
CA VAL J 121 47.74 -42.73 -34.84
C VAL J 121 48.80 -43.62 -35.49
N SER J 122 49.00 -44.84 -34.97
CA SER J 122 50.07 -45.73 -35.45
C SER J 122 50.17 -45.74 -36.97
N SER J 123 51.40 -45.70 -37.46
CA SER J 123 51.65 -45.63 -38.90
C SER J 123 51.14 -46.85 -39.64
N ALA J 124 50.90 -47.96 -38.94
CA ALA J 124 50.38 -49.15 -39.58
C ALA J 124 48.98 -48.92 -40.11
N SER J 125 48.60 -49.69 -41.12
CA SER J 125 47.30 -49.55 -41.75
C SER J 125 46.27 -50.41 -41.01
N THR J 126 45.02 -50.33 -41.45
CA THR J 126 43.94 -51.12 -40.87
C THR J 126 43.77 -52.41 -41.67
N LYS J 127 43.83 -53.54 -40.99
CA LYS J 127 43.62 -54.84 -41.61
C LYS J 127 42.59 -55.62 -40.82
N GLY J 128 41.61 -56.17 -41.53
CA GLY J 128 40.63 -57.04 -40.92
C GLY J 128 41.23 -58.35 -40.49
N PRO J 129 40.57 -59.03 -39.56
CA PRO J 129 41.13 -60.27 -39.01
C PRO J 129 40.88 -61.46 -39.93
N SER J 130 41.76 -62.45 -39.82
CA SER J 130 41.56 -63.75 -40.43
C SER J 130 41.22 -64.75 -39.33
N VAL J 131 40.12 -65.49 -39.53
CA VAL J 131 39.60 -66.39 -38.51
C VAL J 131 39.85 -67.83 -38.96
N PHE J 132 40.59 -68.58 -38.14
CA PHE J 132 40.87 -69.97 -38.44
C PHE J 132 40.22 -70.89 -37.40
N PRO J 133 39.71 -72.05 -37.82
CA PRO J 133 38.99 -72.92 -36.88
C PRO J 133 39.95 -73.79 -36.08
N LEU J 134 39.78 -73.78 -34.75
CA LEU J 134 40.46 -74.69 -33.84
C LEU J 134 39.48 -75.83 -33.61
N ALA J 135 39.62 -76.89 -34.40
CA ALA J 135 38.63 -77.95 -34.43
C ALA J 135 38.83 -78.91 -33.26
N PRO J 136 37.75 -79.52 -32.76
CA PRO J 136 37.89 -80.46 -31.67
C PRO J 136 38.64 -81.71 -32.10
N SER J 137 39.44 -82.25 -31.19
CA SER J 137 40.19 -83.46 -31.48
C SER J 137 39.26 -84.66 -31.52
N SER J 138 39.62 -85.63 -32.36
CA SER J 138 38.84 -86.85 -32.50
C SER J 138 39.20 -87.89 -31.45
N LYS J 139 40.18 -87.61 -30.60
CA LYS J 139 40.49 -88.47 -29.46
C LYS J 139 39.55 -88.27 -28.30
N SER J 140 38.83 -87.15 -28.27
CA SER J 140 37.92 -86.77 -27.19
C SER J 140 37.11 -87.96 -26.68
N THR J 141 37.12 -88.13 -25.37
CA THR J 141 36.45 -89.26 -24.74
C THR J 141 34.94 -89.19 -24.98
N SER J 142 34.30 -90.37 -24.86
CA SER J 142 32.88 -90.48 -25.14
C SER J 142 32.03 -89.59 -24.22
N GLY J 143 32.50 -89.36 -22.99
CA GLY J 143 31.81 -88.53 -22.01
C GLY J 143 31.22 -87.24 -22.54
N GLY J 144 32.07 -86.31 -22.98
CA GLY J 144 33.49 -86.36 -22.71
C GLY J 144 34.14 -85.01 -22.42
N THR J 145 33.37 -83.94 -22.59
CA THR J 145 33.85 -82.57 -22.37
C THR J 145 35.04 -82.27 -23.28
N ALA J 146 34.74 -82.14 -24.57
CA ALA J 146 35.74 -81.76 -25.57
C ALA J 146 35.67 -80.26 -25.85
N ALA J 147 36.74 -79.73 -26.45
CA ALA J 147 36.89 -78.29 -26.59
C ALA J 147 37.21 -77.92 -28.03
N LEU J 148 36.69 -76.77 -28.45
CA LEU J 148 36.89 -76.24 -29.79
C LEU J 148 37.05 -74.73 -29.70
N GLY J 149 37.18 -74.05 -30.84
CA GLY J 149 37.26 -72.61 -30.79
C GLY J 149 37.63 -71.98 -32.12
N CYS J 150 37.88 -70.68 -32.05
CA CYS J 150 38.27 -69.85 -33.17
C CYS J 150 39.57 -69.13 -32.84
N LEU J 151 40.39 -68.90 -33.86
CA LEU J 151 41.64 -68.14 -33.75
C LEU J 151 41.51 -66.90 -34.62
N VAL J 152 41.39 -65.74 -33.98
CA VAL J 152 41.29 -64.47 -34.68
C VAL J 152 42.69 -63.88 -34.77
N LYS J 153 43.28 -63.87 -35.97
CA LYS J 153 44.68 -63.57 -36.15
C LYS J 153 44.86 -62.40 -37.10
N ASP J 154 45.92 -61.61 -36.86
CA ASP J 154 46.39 -60.61 -37.82
C ASP J 154 45.31 -59.56 -38.11
N TYR J 155 44.94 -58.82 -37.07
CA TYR J 155 44.01 -57.71 -37.19
C TYR J 155 44.59 -56.47 -36.53
N PHE J 156 44.15 -55.30 -37.02
CA PHE J 156 44.62 -54.03 -36.49
C PHE J 156 43.61 -52.95 -36.88
N PRO J 157 43.22 -52.07 -35.95
CA PRO J 157 43.65 -52.11 -34.55
C PRO J 157 42.65 -52.88 -33.69
N GLU J 158 42.77 -52.74 -32.37
CA GLU J 158 41.79 -53.31 -31.46
C GLU J 158 40.53 -52.43 -31.42
N PRO J 159 39.40 -53.00 -30.98
CA PRO J 159 39.19 -54.39 -30.56
C PRO J 159 38.34 -55.21 -31.54
N VAL J 160 38.33 -56.51 -31.31
CA VAL J 160 37.39 -57.40 -31.97
C VAL J 160 36.49 -58.01 -30.91
N THR J 161 35.24 -58.26 -31.28
CA THR J 161 34.26 -58.86 -30.38
C THR J 161 33.87 -60.23 -30.91
N VAL J 162 33.94 -61.24 -30.07
CA VAL J 162 33.69 -62.62 -30.47
C VAL J 162 32.55 -63.18 -29.64
N SER J 163 31.50 -63.63 -30.31
CA SER J 163 30.38 -64.33 -29.70
C SER J 163 30.27 -65.71 -30.33
N TRP J 164 29.39 -66.53 -29.77
CA TRP J 164 29.17 -67.88 -30.29
C TRP J 164 27.69 -68.09 -30.53
N ASN J 165 27.36 -68.53 -31.76
CA ASN J 165 25.98 -68.76 -32.17
C ASN J 165 25.14 -67.50 -31.98
N SER J 166 25.73 -66.34 -32.28
CA SER J 166 25.07 -65.04 -32.17
C SER J 166 24.60 -64.75 -30.75
N GLY J 167 25.24 -65.38 -29.76
CA GLY J 167 24.89 -65.19 -28.37
C GLY J 167 24.19 -66.36 -27.73
N ALA J 168 23.75 -67.35 -28.52
CA ALA J 168 23.05 -68.50 -27.94
C ALA J 168 23.96 -69.36 -27.07
N LEU J 169 25.27 -69.28 -27.27
CA LEU J 169 26.25 -70.05 -26.51
C LEU J 169 27.09 -69.09 -25.69
N THR J 170 26.99 -69.16 -24.36
CA THR J 170 27.72 -68.25 -23.49
C THR J 170 28.47 -69.00 -22.39
N SER J 171 27.94 -70.16 -21.99
CA SER J 171 28.53 -70.91 -20.87
C SER J 171 29.75 -71.69 -21.34
N GLY J 172 30.85 -71.55 -20.59
CA GLY J 172 32.09 -72.22 -20.93
C GLY J 172 32.89 -71.56 -22.01
N VAL J 173 32.56 -70.34 -22.40
CA VAL J 173 33.27 -69.62 -23.45
C VAL J 173 34.34 -68.76 -22.82
N HIS J 174 35.56 -68.85 -23.34
CA HIS J 174 36.67 -68.01 -22.88
C HIS J 174 37.27 -67.32 -24.10
N THR J 175 37.13 -65.99 -24.15
CA THR J 175 37.79 -65.17 -25.16
C THR J 175 38.98 -64.49 -24.50
N PHE J 176 40.17 -64.90 -24.91
CA PHE J 176 41.38 -64.43 -24.26
C PHE J 176 41.66 -62.97 -24.64
N PRO J 177 42.37 -62.23 -23.80
CA PRO J 177 42.83 -60.90 -24.21
C PRO J 177 43.81 -61.01 -25.37
N ALA J 178 43.77 -60.02 -26.25
CA ALA J 178 44.62 -60.05 -27.43
C ALA J 178 46.09 -59.90 -27.05
N VAL J 179 46.96 -60.44 -27.91
CA VAL J 179 48.39 -60.26 -27.79
C VAL J 179 48.91 -59.56 -29.02
N LEU J 180 49.95 -58.74 -28.84
CA LEU J 180 50.60 -58.04 -29.94
C LEU J 180 51.68 -58.93 -30.54
N GLN J 181 51.42 -59.44 -31.74
CA GLN J 181 52.39 -60.27 -32.43
C GLN J 181 53.60 -59.44 -32.88
N SER J 182 54.67 -60.14 -33.27
CA SER J 182 55.87 -59.47 -33.74
C SER J 182 55.62 -58.69 -35.03
N SER J 183 54.54 -58.99 -35.76
CA SER J 183 54.23 -58.30 -36.99
C SER J 183 53.59 -56.93 -36.77
N GLY J 184 53.34 -56.56 -35.51
CA GLY J 184 52.61 -55.34 -35.23
C GLY J 184 51.10 -55.46 -35.30
N LEU J 185 50.58 -56.67 -35.49
CA LEU J 185 49.15 -56.93 -35.54
C LEU J 185 48.73 -57.75 -34.33
N TYR J 186 47.44 -57.73 -34.03
CA TYR J 186 46.89 -58.38 -32.85
C TYR J 186 46.29 -59.73 -33.21
N SER J 187 46.13 -60.56 -32.17
CA SER J 187 45.55 -61.89 -32.34
C SER J 187 45.08 -62.39 -30.99
N LEU J 188 43.93 -63.06 -30.99
CA LEU J 188 43.37 -63.68 -29.80
C LEU J 188 42.71 -65.00 -30.19
N SER J 189 42.26 -65.73 -29.17
CA SER J 189 41.59 -67.01 -29.36
C SER J 189 40.35 -67.06 -28.48
N SER J 190 39.32 -67.75 -28.97
CA SER J 190 38.09 -67.96 -28.21
C SER J 190 37.77 -69.44 -28.21
N VAL J 191 37.73 -70.03 -27.02
CA VAL J 191 37.55 -71.47 -26.89
C VAL J 191 36.26 -71.76 -26.12
N VAL J 192 35.66 -72.90 -26.43
CA VAL J 192 34.44 -73.36 -25.80
C VAL J 192 34.60 -74.83 -25.44
N THR J 193 34.23 -75.19 -24.21
CA THR J 193 34.18 -76.58 -23.77
C THR J 193 32.73 -77.04 -23.79
N VAL J 194 32.46 -78.13 -24.49
CA VAL J 194 31.11 -78.66 -24.65
C VAL J 194 31.13 -80.16 -24.46
N PRO J 195 30.00 -80.74 -24.08
CA PRO J 195 29.88 -82.21 -24.09
C PRO J 195 30.27 -82.78 -25.44
N SER J 196 31.13 -83.81 -25.42
CA SER J 196 31.59 -84.41 -26.67
C SER J 196 30.44 -85.03 -27.44
N SER J 197 29.39 -85.51 -26.76
CA SER J 197 28.23 -86.04 -27.45
C SER J 197 27.42 -84.97 -28.17
N SER J 198 27.81 -83.69 -28.03
CA SER J 198 27.13 -82.62 -28.74
C SER J 198 27.76 -82.33 -30.09
N LEU J 199 29.01 -82.75 -30.30
CA LEU J 199 29.65 -82.59 -31.59
C LEU J 199 28.97 -83.47 -32.64
N GLY J 200 28.88 -82.96 -33.86
CA GLY J 200 28.15 -83.65 -34.91
C GLY J 200 26.65 -83.60 -34.77
N THR J 201 26.13 -83.01 -33.71
CA THR J 201 24.70 -82.86 -33.49
C THR J 201 24.25 -81.41 -33.49
N GLN J 202 25.00 -80.52 -32.85
CA GLN J 202 24.69 -79.10 -32.81
C GLN J 202 25.75 -78.33 -33.58
N THR J 203 25.30 -77.42 -34.45
CA THR J 203 26.22 -76.60 -35.22
C THR J 203 26.92 -75.58 -34.32
N TYR J 204 28.24 -75.50 -34.44
CA TYR J 204 29.03 -74.53 -33.68
C TYR J 204 29.63 -73.52 -34.65
N ILE J 205 29.26 -72.25 -34.47
CA ILE J 205 29.74 -71.16 -35.30
C ILE J 205 30.12 -70.01 -34.38
N CYS J 206 31.31 -69.46 -34.60
CA CYS J 206 31.76 -68.27 -33.87
C CYS J 206 31.60 -67.03 -34.76
N ASN J 207 31.17 -65.94 -34.15
CA ASN J 207 30.93 -64.68 -34.83
C ASN J 207 31.97 -63.66 -34.36
N VAL J 208 32.81 -63.20 -35.29
CA VAL J 208 33.85 -62.23 -35.02
C VAL J 208 33.46 -60.91 -35.68
N ASN J 209 33.59 -59.82 -34.93
CA ASN J 209 33.21 -58.50 -35.40
C ASN J 209 34.39 -57.56 -35.19
N HIS J 210 34.83 -56.91 -36.26
CA HIS J 210 35.90 -55.91 -36.22
C HIS J 210 35.34 -54.62 -36.81
N LYS J 211 34.94 -53.70 -35.94
CA LYS J 211 34.37 -52.44 -36.40
C LYS J 211 35.35 -51.56 -37.15
N PRO J 212 36.61 -51.39 -36.74
CA PRO J 212 37.52 -50.50 -37.49
C PRO J 212 37.69 -50.86 -38.95
N SER J 213 37.42 -52.11 -39.34
CA SER J 213 37.50 -52.51 -40.74
C SER J 213 36.16 -52.91 -41.33
N ASN J 214 35.07 -52.73 -40.57
CA ASN J 214 33.74 -53.14 -41.00
C ASN J 214 33.73 -54.60 -41.45
N THR J 215 34.31 -55.45 -40.61
CA THR J 215 34.47 -56.87 -40.92
C THR J 215 33.57 -57.70 -40.02
N LYS J 216 32.71 -58.50 -40.65
CA LYS J 216 31.83 -59.43 -39.94
C LYS J 216 32.10 -60.83 -40.48
N VAL J 217 32.58 -61.73 -39.63
CA VAL J 217 32.95 -63.07 -40.04
C VAL J 217 32.16 -64.08 -39.19
N ASP J 218 31.55 -65.06 -39.84
CA ASP J 218 30.95 -66.20 -39.16
C ASP J 218 31.72 -67.45 -39.58
N LYS J 219 32.41 -68.07 -38.64
CA LYS J 219 33.26 -69.22 -38.91
C LYS J 219 32.62 -70.46 -38.30
N LYS J 220 32.32 -71.45 -39.14
CA LYS J 220 31.75 -72.70 -38.70
C LYS J 220 32.88 -73.67 -38.35
N VAL J 221 32.80 -74.27 -37.16
CA VAL J 221 33.84 -75.16 -36.66
C VAL J 221 33.29 -76.58 -36.64
N GLU J 222 33.93 -77.47 -37.39
CA GLU J 222 33.56 -78.86 -37.51
C GLU J 222 34.76 -79.75 -37.23
N PRO J 223 34.53 -80.99 -36.77
CA PRO J 223 35.62 -81.95 -36.61
C PRO J 223 36.20 -82.40 -37.96
N VAL K 2 -35.64 21.83 -19.97
CA VAL K 2 -34.88 22.78 -20.77
C VAL K 2 -35.82 23.85 -21.32
N GLN K 3 -35.54 25.12 -21.02
CA GLN K 3 -36.45 26.18 -21.37
C GLN K 3 -35.75 27.53 -21.25
N LEU K 4 -36.01 28.40 -22.23
CA LEU K 4 -35.56 29.79 -22.24
C LEU K 4 -36.77 30.67 -22.52
N VAL K 5 -37.21 31.42 -21.51
CA VAL K 5 -38.38 32.28 -21.62
C VAL K 5 -37.90 33.72 -21.69
N GLU K 6 -38.27 34.42 -22.76
CA GLU K 6 -37.80 35.77 -23.00
C GLU K 6 -38.92 36.78 -22.77
N SER K 7 -38.54 37.99 -22.37
CA SER K 7 -39.49 39.03 -22.06
C SER K 7 -38.84 40.39 -22.29
N GLY K 8 -39.68 41.41 -22.35
CA GLY K 8 -39.22 42.78 -22.52
C GLY K 8 -39.49 43.36 -23.89
N GLY K 9 -40.16 42.62 -24.78
CA GLY K 9 -40.44 43.13 -26.10
C GLY K 9 -41.54 44.18 -26.09
N GLY K 10 -41.68 44.84 -27.23
CA GLY K 10 -42.70 45.86 -27.38
C GLY K 10 -42.35 46.80 -28.53
N VAL K 11 -42.99 47.97 -28.50
CA VAL K 11 -42.79 49.01 -29.49
C VAL K 11 -42.06 50.17 -28.82
N VAL K 12 -41.04 50.69 -29.48
CA VAL K 12 -40.21 51.76 -28.93
C VAL K 12 -39.85 52.71 -30.07
N GLN K 13 -40.01 54.01 -29.83
CA GLN K 13 -39.76 55.01 -30.85
C GLN K 13 -38.27 55.05 -31.21
N PRO K 14 -37.94 55.42 -32.45
CA PRO K 14 -36.54 55.42 -32.88
C PRO K 14 -35.71 56.38 -32.04
N GLY K 15 -34.54 55.91 -31.62
CA GLY K 15 -33.64 56.69 -30.80
C GLY K 15 -33.73 56.37 -29.31
N ARG K 16 -34.84 55.79 -28.86
CA ARG K 16 -35.01 55.45 -27.47
C ARG K 16 -34.35 54.11 -27.16
N SER K 17 -34.48 53.67 -25.91
CA SER K 17 -33.83 52.47 -25.42
C SER K 17 -34.87 51.42 -25.06
N LEU K 18 -34.39 50.18 -24.87
CA LEU K 18 -35.24 49.06 -24.52
C LEU K 18 -34.34 47.91 -24.07
N ARG K 19 -34.74 47.24 -22.99
CA ARG K 19 -33.95 46.16 -22.42
C ARG K 19 -34.73 44.85 -22.51
N LEU K 20 -34.11 43.83 -23.09
CA LEU K 20 -34.68 42.49 -23.15
C LEU K 20 -34.06 41.61 -22.08
N SER K 21 -34.86 40.72 -21.51
CA SER K 21 -34.37 39.75 -20.55
C SER K 21 -34.78 38.36 -21.00
N CYS K 22 -34.03 37.37 -20.52
CA CYS K 22 -34.27 35.98 -20.90
C CYS K 22 -33.87 35.10 -19.74
N ALA K 23 -34.84 34.38 -19.17
CA ALA K 23 -34.61 33.51 -18.03
C ALA K 23 -34.50 32.07 -18.50
N ALA K 24 -33.62 31.32 -17.84
CA ALA K 24 -33.33 29.94 -18.22
C ALA K 24 -33.71 28.99 -17.10
N SER K 25 -34.16 27.80 -17.47
CA SER K 25 -34.53 26.79 -16.49
C SER K 25 -34.38 25.41 -17.12
N GLY K 26 -33.81 24.48 -16.36
CA GLY K 26 -33.66 23.11 -16.81
C GLY K 26 -32.24 22.67 -17.10
N PHE K 27 -31.26 23.55 -16.95
CA PHE K 27 -29.86 23.19 -17.18
C PHE K 27 -28.98 24.06 -16.30
N SER K 28 -27.72 23.65 -16.18
CA SER K 28 -26.76 24.42 -15.40
C SER K 28 -26.39 25.68 -16.17
N PHE K 29 -27.19 26.73 -16.00
CA PHE K 29 -27.03 27.96 -16.77
C PHE K 29 -25.67 28.60 -16.57
N SER K 30 -25.08 28.42 -15.39
CA SER K 30 -23.84 29.13 -15.05
C SER K 30 -22.63 28.66 -15.84
N HIS K 31 -22.78 27.66 -16.71
CA HIS K 31 -21.66 27.13 -17.47
C HIS K 31 -21.83 27.22 -18.98
N TYR K 32 -22.93 27.79 -19.48
CA TYR K 32 -23.16 27.88 -20.91
C TYR K 32 -23.05 29.34 -21.35
N ALA K 33 -22.35 29.55 -22.47
CA ALA K 33 -22.36 30.87 -23.10
C ALA K 33 -23.73 31.14 -23.70
N MET K 34 -24.13 32.41 -23.69
CA MET K 34 -25.46 32.81 -24.12
C MET K 34 -25.38 33.77 -25.30
N HIS K 35 -26.15 33.46 -26.35
CA HIS K 35 -26.19 34.23 -27.57
C HIS K 35 -27.50 35.01 -27.66
N TRP K 36 -27.44 36.17 -28.31
CA TRP K 36 -28.61 36.89 -28.78
C TRP K 36 -28.56 36.92 -30.30
N VAL K 37 -29.64 36.47 -30.93
CA VAL K 37 -29.72 36.34 -32.38
C VAL K 37 -31.06 36.88 -32.85
N ARG K 38 -31.04 37.83 -33.78
CA ARG K 38 -32.26 38.48 -34.23
C ARG K 38 -32.60 38.04 -35.65
N GLN K 39 -33.87 38.24 -36.00
CA GLN K 39 -34.39 37.89 -37.32
C GLN K 39 -35.41 38.92 -37.74
N ALA K 40 -35.12 39.64 -38.81
CA ALA K 40 -36.06 40.61 -39.33
C ALA K 40 -37.32 39.91 -39.85
N PRO K 41 -38.46 40.60 -39.89
CA PRO K 41 -39.69 39.96 -40.38
C PRO K 41 -39.53 39.46 -41.80
N GLY K 42 -39.66 38.15 -41.98
CA GLY K 42 -39.56 37.52 -43.28
C GLY K 42 -38.15 37.31 -43.81
N LYS K 43 -37.14 37.85 -43.15
CA LYS K 43 -35.76 37.73 -43.62
C LYS K 43 -35.03 36.66 -42.80
N GLY K 44 -33.73 36.52 -43.06
CA GLY K 44 -32.92 35.49 -42.46
C GLY K 44 -32.49 35.82 -41.03
N LEU K 45 -31.62 34.95 -40.51
CA LEU K 45 -31.11 35.09 -39.16
C LEU K 45 -29.91 36.01 -39.12
N GLU K 46 -29.80 36.79 -38.05
CA GLU K 46 -28.70 37.73 -37.85
C GLU K 46 -28.14 37.53 -36.44
N TRP K 47 -26.85 37.25 -36.35
CA TRP K 47 -26.19 37.16 -35.05
C TRP K 47 -26.03 38.55 -34.44
N VAL K 48 -26.37 38.68 -33.16
CA VAL K 48 -26.33 39.96 -32.45
C VAL K 48 -25.19 40.01 -31.44
N ALA K 49 -25.19 39.10 -30.47
CA ALA K 49 -24.20 39.19 -29.40
C ALA K 49 -23.99 37.84 -28.75
N VAL K 50 -22.96 37.76 -27.92
CA VAL K 50 -22.66 36.56 -27.14
C VAL K 50 -21.93 36.96 -25.87
N ILE K 51 -22.13 36.16 -24.81
CA ILE K 51 -21.46 36.36 -23.53
C ILE K 51 -21.02 34.99 -23.01
N SER K 52 -19.80 34.93 -22.50
CA SER K 52 -19.19 33.67 -22.08
C SER K 52 -19.85 33.17 -20.78
N TYR K 53 -19.42 32.00 -20.32
CA TYR K 53 -20.05 31.40 -19.14
C TYR K 53 -19.80 32.22 -17.88
N ASP K 54 -18.58 32.75 -17.72
CA ASP K 54 -18.28 33.56 -16.54
C ASP K 54 -18.74 35.00 -16.68
N GLY K 55 -19.10 35.44 -17.88
CA GLY K 55 -19.58 36.79 -18.07
C GLY K 55 -18.50 37.84 -18.25
N GLU K 56 -17.26 37.45 -18.48
CA GLU K 56 -16.16 38.38 -18.64
C GLU K 56 -15.71 38.51 -20.08
N ASN K 57 -16.46 37.93 -21.01
CA ASN K 57 -16.12 38.00 -22.43
C ASN K 57 -17.42 38.24 -23.19
N THR K 58 -17.57 39.44 -23.74
CA THR K 58 -18.75 39.82 -24.50
C THR K 58 -18.34 40.19 -25.91
N TYR K 59 -19.10 39.69 -26.90
CA TYR K 59 -18.83 39.99 -28.30
C TYR K 59 -20.11 40.47 -28.97
N TYR K 60 -20.00 41.54 -29.76
CA TYR K 60 -21.15 42.13 -30.43
C TYR K 60 -20.94 42.12 -31.94
N ALA K 61 -22.04 42.04 -32.68
CA ALA K 61 -21.98 42.17 -34.12
C ALA K 61 -21.62 43.60 -34.50
N ASP K 62 -21.14 43.76 -35.74
CA ASP K 62 -20.68 45.08 -36.19
C ASP K 62 -21.85 46.05 -36.33
N SER K 63 -23.01 45.57 -36.76
CA SER K 63 -24.16 46.44 -36.99
C SER K 63 -24.78 46.96 -35.70
N VAL K 64 -24.43 46.39 -34.54
CA VAL K 64 -24.96 46.82 -33.26
C VAL K 64 -23.86 47.22 -32.28
N LYS K 65 -22.63 47.36 -32.77
CA LYS K 65 -21.51 47.67 -31.89
C LYS K 65 -21.63 49.09 -31.35
N GLY K 66 -21.35 49.25 -30.06
CA GLY K 66 -21.46 50.53 -29.39
C GLY K 66 -22.84 50.87 -28.88
N ARG K 67 -23.88 50.32 -29.50
CA ARG K 67 -25.26 50.56 -29.06
C ARG K 67 -25.72 49.49 -28.08
N PHE K 68 -25.67 48.22 -28.49
CA PHE K 68 -26.16 47.17 -27.62
C PHE K 68 -25.12 46.84 -26.54
N SER K 69 -25.61 46.24 -25.46
CA SER K 69 -24.73 45.78 -24.38
C SER K 69 -25.36 44.55 -23.74
N ILE K 70 -24.56 43.50 -23.57
CA ILE K 70 -25.05 42.23 -23.06
C ILE K 70 -24.53 42.03 -21.63
N SER K 71 -25.36 41.42 -20.80
CA SER K 71 -25.01 41.15 -19.42
C SER K 71 -25.69 39.85 -18.99
N ARG K 72 -25.18 39.24 -17.93
CA ARG K 72 -25.77 38.01 -17.44
C ARG K 72 -25.75 38.00 -15.91
N ASP K 73 -26.64 37.20 -15.34
CA ASP K 73 -26.76 37.05 -13.90
C ASP K 73 -27.03 35.57 -13.63
N ASN K 74 -26.01 34.88 -13.12
CA ASN K 74 -26.10 33.43 -12.92
C ASN K 74 -26.79 33.07 -11.61
N SER K 75 -26.88 34.00 -10.66
CA SER K 75 -27.61 33.71 -9.44
C SER K 75 -29.11 33.65 -9.67
N LYS K 76 -29.59 34.25 -10.77
CA LYS K 76 -31.00 34.19 -11.15
C LYS K 76 -31.21 33.56 -12.52
N ASN K 77 -30.15 33.15 -13.20
CA ASN K 77 -30.23 32.50 -14.52
C ASN K 77 -30.92 33.41 -15.54
N THR K 78 -30.34 34.60 -15.74
CA THR K 78 -30.91 35.58 -16.66
C THR K 78 -29.83 36.14 -17.57
N VAL K 79 -30.23 36.48 -18.78
CA VAL K 79 -29.40 37.21 -19.74
C VAL K 79 -30.15 38.45 -20.17
N SER K 80 -29.48 39.60 -20.12
CA SER K 80 -30.10 40.87 -20.45
C SER K 80 -29.36 41.51 -21.61
N LEU K 81 -30.12 42.08 -22.54
CA LEU K 81 -29.57 42.79 -23.69
C LEU K 81 -30.18 44.19 -23.70
N GLN K 82 -29.38 45.18 -23.36
CA GLN K 82 -29.81 46.57 -23.36
C GLN K 82 -29.49 47.19 -24.70
N MET K 83 -30.52 47.67 -25.40
CA MET K 83 -30.39 48.26 -26.72
C MET K 83 -30.85 49.70 -26.64
N ASN K 84 -29.91 50.65 -26.70
CA ASN K 84 -30.29 52.05 -26.75
C ASN K 84 -29.86 52.66 -28.09
N SER K 85 -30.49 53.79 -28.43
CA SER K 85 -30.31 54.45 -29.72
C SER K 85 -30.67 53.51 -30.87
N LEU K 86 -31.96 53.13 -30.90
CA LEU K 86 -32.45 52.13 -31.85
C LEU K 86 -32.80 52.78 -33.19
N ARG K 87 -32.32 52.17 -34.26
CA ARG K 87 -32.69 52.54 -35.62
C ARG K 87 -33.89 51.72 -36.06
N PRO K 88 -34.53 52.09 -37.17
CA PRO K 88 -35.65 51.27 -37.67
C PRO K 88 -35.21 49.92 -38.20
N GLU K 89 -33.95 49.77 -38.61
CA GLU K 89 -33.47 48.47 -39.09
C GLU K 89 -33.32 47.46 -37.96
N ASP K 90 -33.47 47.88 -36.71
CA ASP K 90 -33.37 46.99 -35.56
C ASP K 90 -34.69 46.30 -35.26
N THR K 91 -35.76 46.63 -35.98
CA THR K 91 -37.05 45.98 -35.78
C THR K 91 -36.96 44.52 -36.22
N ALA K 92 -37.12 43.60 -35.26
CA ALA K 92 -36.94 42.19 -35.54
C ALA K 92 -37.42 41.38 -34.35
N LEU K 93 -37.34 40.06 -34.49
CA LEU K 93 -37.63 39.12 -33.41
C LEU K 93 -36.31 38.62 -32.85
N TYR K 94 -36.11 38.77 -31.55
CA TYR K 94 -34.84 38.49 -30.89
C TYR K 94 -34.98 37.20 -30.08
N TYR K 95 -34.09 36.25 -30.34
CA TYR K 95 -33.99 35.02 -29.56
C TYR K 95 -32.77 35.08 -28.65
N CYS K 96 -32.90 34.50 -27.47
CA CYS K 96 -31.75 34.13 -26.65
C CYS K 96 -31.51 32.63 -26.84
N ALA K 97 -30.25 32.25 -27.02
CA ALA K 97 -29.92 30.87 -27.35
C ALA K 97 -28.73 30.39 -26.52
N ARG K 98 -28.69 29.07 -26.34
CA ARG K 98 -27.64 28.43 -25.54
C ARG K 98 -26.50 27.98 -26.45
N ASP K 99 -25.27 28.13 -25.97
CA ASP K 99 -24.12 27.65 -26.72
C ASP K 99 -24.00 26.14 -26.55
N ARG K 100 -23.79 25.43 -27.65
CA ARG K 100 -23.73 23.97 -27.61
C ARG K 100 -22.66 23.48 -26.65
N ILE K 101 -21.47 24.08 -26.69
CA ILE K 101 -20.31 23.59 -25.95
C ILE K 101 -20.21 24.35 -24.64
N VAL K 102 -19.97 23.62 -23.56
CA VAL K 102 -19.99 24.15 -22.21
C VAL K 102 -18.58 24.51 -21.76
N ASP K 103 -18.47 25.58 -20.96
CA ASP K 103 -17.26 25.97 -20.25
C ASP K 103 -16.08 26.18 -21.21
N ASP K 104 -16.23 27.19 -22.07
CA ASP K 104 -15.17 27.55 -23.02
C ASP K 104 -15.20 29.05 -23.25
N TYR K 105 -14.09 29.55 -23.81
CA TYR K 105 -13.96 30.94 -24.20
C TYR K 105 -14.06 31.10 -25.71
N TYR K 106 -14.32 30.01 -26.42
CA TYR K 106 -14.56 30.04 -27.85
C TYR K 106 -15.99 29.54 -28.05
N TYR K 107 -16.78 30.30 -28.79
CA TYR K 107 -18.21 30.04 -28.91
C TYR K 107 -18.51 29.36 -30.24
N TYR K 108 -19.36 28.34 -30.21
CA TYR K 108 -19.52 27.43 -31.33
C TYR K 108 -20.87 27.52 -32.03
N GLY K 109 -21.96 27.53 -31.29
CA GLY K 109 -23.25 27.50 -31.94
C GLY K 109 -24.36 27.31 -30.93
N MET K 110 -25.58 27.37 -31.44
CA MET K 110 -26.78 27.44 -30.62
C MET K 110 -27.62 26.19 -30.82
N ASP K 111 -27.91 25.50 -29.72
CA ASP K 111 -28.64 24.25 -29.73
C ASP K 111 -30.01 24.33 -29.09
N VAL K 112 -30.20 25.27 -28.16
CA VAL K 112 -31.48 25.48 -27.50
C VAL K 112 -31.88 26.94 -27.70
N TRP K 113 -32.98 27.16 -28.40
CA TRP K 113 -33.46 28.49 -28.75
C TRP K 113 -34.74 28.80 -27.99
N GLY K 114 -34.85 30.05 -27.53
CA GLY K 114 -36.07 30.50 -26.90
C GLY K 114 -37.17 30.77 -27.92
N GLN K 115 -38.29 31.29 -27.41
CA GLN K 115 -39.42 31.57 -28.28
C GLN K 115 -39.24 32.89 -29.02
N GLY K 116 -38.60 33.87 -28.39
CA GLY K 116 -38.33 35.13 -29.04
C GLY K 116 -39.16 36.26 -28.44
N ALA K 117 -38.67 37.48 -28.63
CA ALA K 117 -39.39 38.69 -28.26
C ALA K 117 -39.38 39.63 -29.46
N THR K 118 -40.55 40.12 -29.83
CA THR K 118 -40.69 41.00 -30.98
C THR K 118 -40.38 42.44 -30.56
N VAL K 119 -39.58 43.13 -31.37
CA VAL K 119 -39.19 44.51 -31.10
C VAL K 119 -39.49 45.30 -32.36
N THR K 120 -40.44 46.23 -32.27
CA THR K 120 -40.82 47.10 -33.37
C THR K 120 -40.39 48.52 -33.03
N VAL K 121 -39.78 49.21 -34.01
CA VAL K 121 -39.19 50.52 -33.76
C VAL K 121 -40.06 51.66 -34.31
N SER K 122 -41.00 51.36 -35.21
CA SER K 122 -41.81 52.37 -35.89
C SER K 122 -42.28 53.48 -34.94
N SER K 123 -42.18 54.73 -35.42
CA SER K 123 -42.54 55.88 -34.61
C SER K 123 -44.03 55.91 -34.26
N ALA K 124 -44.86 55.14 -34.97
CA ALA K 124 -46.27 55.08 -34.66
C ALA K 124 -46.50 54.44 -33.30
N SER K 125 -47.63 54.78 -32.68
CA SER K 125 -47.98 54.29 -31.36
C SER K 125 -48.70 52.95 -31.46
N THR K 126 -49.05 52.39 -30.31
CA THR K 126 -49.78 51.13 -30.24
C THR K 126 -51.26 51.41 -30.12
N LYS K 127 -52.06 50.86 -31.03
CA LYS K 127 -53.51 51.00 -30.99
C LYS K 127 -54.17 49.63 -31.10
N GLY K 128 -55.13 49.37 -30.23
CA GLY K 128 -55.93 48.18 -30.33
C GLY K 128 -56.86 48.24 -31.52
N PRO K 129 -57.33 47.07 -31.97
CA PRO K 129 -58.16 47.03 -33.17
C PRO K 129 -59.61 47.36 -32.91
N SER K 130 -60.28 47.84 -33.95
CA SER K 130 -61.73 48.02 -33.96
C SER K 130 -62.32 46.93 -34.85
N VAL K 131 -63.32 46.23 -34.34
CA VAL K 131 -63.89 45.07 -35.02
C VAL K 131 -65.28 45.44 -35.52
N PHE K 132 -65.48 45.33 -36.83
CA PHE K 132 -66.77 45.61 -37.44
C PHE K 132 -67.36 44.34 -38.04
N PRO K 133 -68.68 44.16 -37.96
CA PRO K 133 -69.28 42.92 -38.46
C PRO K 133 -69.55 42.99 -39.96
N LEU K 134 -69.11 41.95 -40.67
CA LEU K 134 -69.44 41.75 -42.07
C LEU K 134 -70.63 40.80 -42.06
N ALA K 135 -71.83 41.37 -42.08
CA ALA K 135 -73.05 40.61 -41.84
C ALA K 135 -73.49 39.88 -43.10
N PRO K 136 -74.13 38.72 -42.94
CA PRO K 136 -74.62 37.97 -44.10
C PRO K 136 -75.73 38.71 -44.82
N SER K 137 -75.75 38.56 -46.14
CA SER K 137 -76.79 39.17 -46.95
C SER K 137 -78.12 38.45 -46.76
N SER K 138 -79.20 39.22 -46.88
CA SER K 138 -80.55 38.67 -46.78
C SER K 138 -81.04 38.11 -48.10
N LYS K 139 -80.25 38.22 -49.16
CA LYS K 139 -80.57 37.60 -50.45
C LYS K 139 -80.21 36.11 -50.48
N SER K 140 -79.36 35.66 -49.56
CA SER K 140 -78.87 34.28 -49.51
C SER K 140 -79.95 33.25 -49.82
N THR K 141 -79.64 32.35 -50.74
CA THR K 141 -80.59 31.32 -51.18
C THR K 141 -80.98 30.40 -50.02
N SER K 142 -82.14 29.76 -50.17
CA SER K 142 -82.67 28.89 -49.13
C SER K 142 -81.72 27.74 -48.78
N GLY K 143 -80.94 27.28 -49.76
CA GLY K 143 -80.00 26.18 -49.56
C GLY K 143 -79.15 26.27 -48.30
N GLY K 144 -78.27 27.27 -48.21
CA GLY K 144 -77.90 28.09 -49.34
C GLY K 144 -76.43 28.47 -49.39
N THR K 145 -75.69 28.13 -48.33
CA THR K 145 -74.26 28.42 -48.20
C THR K 145 -74.01 29.94 -48.28
N ALA K 146 -74.40 30.63 -47.21
CA ALA K 146 -74.16 32.06 -47.07
C ALA K 146 -72.92 32.32 -46.22
N ALA K 147 -72.39 33.54 -46.32
CA ALA K 147 -71.09 33.86 -45.75
C ALA K 147 -71.17 35.11 -44.89
N LEU K 148 -70.37 35.13 -43.83
CA LEU K 148 -70.30 36.27 -42.90
C LEU K 148 -68.84 36.43 -42.46
N GLY K 149 -68.60 37.38 -41.55
CA GLY K 149 -67.24 37.53 -41.05
C GLY K 149 -67.06 38.76 -40.18
N CYS K 150 -65.79 39.01 -39.85
CA CYS K 150 -65.35 40.13 -39.05
C CYS K 150 -64.28 40.92 -39.80
N LEU K 151 -64.27 42.23 -39.59
CA LEU K 151 -63.25 43.12 -40.13
C LEU K 151 -62.49 43.72 -38.96
N VAL K 152 -61.24 43.31 -38.78
CA VAL K 152 -60.36 43.82 -37.73
C VAL K 152 -59.54 44.93 -38.34
N LYS K 153 -59.84 46.18 -37.97
CA LYS K 153 -59.32 47.35 -38.66
C LYS K 153 -58.55 48.23 -37.69
N ASP K 154 -57.52 48.92 -38.21
CA ASP K 154 -56.83 49.99 -37.50
C ASP K 154 -56.22 49.48 -36.20
N TYR K 155 -55.27 48.57 -36.34
CA TYR K 155 -54.50 48.07 -35.20
C TYR K 155 -53.01 48.12 -35.52
N PHE K 156 -52.21 48.24 -34.46
CA PHE K 156 -50.76 48.32 -34.57
C PHE K 156 -50.17 47.96 -33.21
N PRO K 157 -49.12 47.13 -33.17
CA PRO K 157 -48.56 46.47 -34.34
C PRO K 157 -49.17 45.10 -34.55
N GLU K 158 -48.53 44.30 -35.39
CA GLU K 158 -48.93 42.92 -35.57
C GLU K 158 -48.45 42.08 -34.39
N PRO K 159 -49.06 40.91 -34.15
CA PRO K 159 -50.22 40.35 -34.85
C PRO K 159 -51.49 40.33 -34.03
N VAL K 160 -52.62 40.06 -34.68
CA VAL K 160 -53.88 39.77 -34.02
C VAL K 160 -54.26 38.33 -34.36
N THR K 161 -54.93 37.67 -33.41
CA THR K 161 -55.40 36.31 -33.59
C THR K 161 -56.93 36.31 -33.57
N VAL K 162 -57.52 35.67 -34.57
CA VAL K 162 -58.97 35.67 -34.75
C VAL K 162 -59.45 34.23 -34.70
N SER K 163 -60.37 33.94 -33.79
CA SER K 163 -61.05 32.65 -33.72
C SER K 163 -62.54 32.86 -33.87
N TRP K 164 -63.28 31.76 -33.99
CA TRP K 164 -64.72 31.81 -34.13
C TRP K 164 -65.36 30.87 -33.11
N ASN K 165 -66.30 31.41 -32.33
CA ASN K 165 -66.96 30.65 -31.25
C ASN K 165 -65.93 30.06 -30.30
N SER K 166 -64.87 30.83 -30.03
CA SER K 166 -63.77 30.44 -29.14
C SER K 166 -63.08 29.16 -29.61
N GLY K 167 -63.15 28.86 -30.90
CA GLY K 167 -62.54 27.67 -31.46
C GLY K 167 -63.53 26.59 -31.87
N ALA K 168 -64.80 26.73 -31.49
CA ALA K 168 -65.81 25.73 -31.85
C ALA K 168 -66.10 25.70 -33.35
N LEU K 169 -65.79 26.78 -34.07
CA LEU K 169 -66.01 26.87 -35.50
C LEU K 169 -64.66 27.00 -36.20
N THR K 170 -64.30 25.98 -37.00
CA THR K 170 -63.01 25.98 -37.67
C THR K 170 -63.14 25.69 -39.16
N SER K 171 -64.18 24.96 -39.55
CA SER K 171 -64.34 24.55 -40.94
C SER K 171 -64.89 25.70 -41.77
N GLY K 172 -64.24 25.97 -42.91
CA GLY K 172 -64.67 27.05 -43.77
C GLY K 172 -64.24 28.42 -43.33
N VAL K 173 -63.33 28.52 -42.34
CA VAL K 173 -62.87 29.79 -41.83
C VAL K 173 -61.61 30.20 -42.58
N HIS K 174 -61.59 31.43 -43.09
CA HIS K 174 -60.43 31.99 -43.77
C HIS K 174 -60.08 33.32 -43.09
N THR K 175 -58.93 33.36 -42.43
CA THR K 175 -58.40 34.59 -41.86
C THR K 175 -57.28 35.10 -42.79
N PHE K 176 -57.54 36.21 -43.46
CA PHE K 176 -56.60 36.71 -44.46
C PHE K 176 -55.37 37.33 -43.78
N PRO K 177 -54.23 37.34 -44.47
CA PRO K 177 -53.08 38.08 -43.97
C PRO K 177 -53.36 39.58 -43.93
N ALA K 178 -52.77 40.25 -42.95
CA ALA K 178 -53.01 41.67 -42.75
C ALA K 178 -52.44 42.50 -43.90
N VAL K 179 -53.06 43.67 -44.12
CA VAL K 179 -52.57 44.65 -45.07
C VAL K 179 -52.24 45.94 -44.32
N LEU K 180 -51.22 46.65 -44.80
CA LEU K 180 -50.84 47.93 -44.22
C LEU K 180 -51.62 49.04 -44.89
N GLN K 181 -52.57 49.63 -44.16
CA GLN K 181 -53.38 50.72 -44.69
C GLN K 181 -52.55 51.99 -44.84
N SER K 182 -53.13 52.96 -45.56
CA SER K 182 -52.45 54.24 -45.77
C SER K 182 -52.22 54.99 -44.47
N SER K 183 -52.96 54.66 -43.42
CA SER K 183 -52.80 55.33 -42.13
C SER K 183 -51.59 54.83 -41.35
N GLY K 184 -50.87 53.83 -41.87
CA GLY K 184 -49.79 53.23 -41.11
C GLY K 184 -50.22 52.17 -40.12
N LEU K 185 -51.50 51.79 -40.12
CA LEU K 185 -52.01 50.76 -39.24
C LEU K 185 -52.46 49.55 -40.06
N TYR K 186 -52.62 48.43 -39.37
CA TYR K 186 -52.94 47.16 -40.02
C TYR K 186 -54.43 46.87 -39.98
N SER K 187 -54.84 45.97 -40.88
CA SER K 187 -56.25 45.57 -40.98
C SER K 187 -56.32 44.25 -41.71
N LEU K 188 -57.21 43.36 -41.23
CA LEU K 188 -57.46 42.08 -41.87
C LEU K 188 -58.94 41.74 -41.76
N SER K 189 -59.32 40.64 -42.40
CA SER K 189 -60.68 40.15 -42.39
C SER K 189 -60.68 38.66 -42.14
N SER K 190 -61.72 38.19 -41.45
CA SER K 190 -61.90 36.76 -41.20
C SER K 190 -63.32 36.39 -41.62
N VAL K 191 -63.43 35.48 -42.58
CA VAL K 191 -64.73 35.14 -43.15
C VAL K 191 -65.02 33.67 -42.91
N VAL K 192 -66.31 33.36 -42.78
CA VAL K 192 -66.80 32.00 -42.58
C VAL K 192 -68.00 31.77 -43.49
N THR K 193 -68.01 30.64 -44.18
CA THR K 193 -69.14 30.19 -44.98
C THR K 193 -69.90 29.12 -44.21
N VAL K 194 -71.20 29.34 -44.03
CA VAL K 194 -72.04 28.43 -43.25
C VAL K 194 -73.34 28.19 -44.01
N PRO K 195 -74.00 27.06 -43.74
CA PRO K 195 -75.36 26.83 -44.26
C PRO K 195 -76.29 27.99 -43.92
N SER K 196 -77.02 28.45 -44.94
CA SER K 196 -77.95 29.56 -44.73
C SER K 196 -79.07 29.19 -43.76
N SER K 197 -79.44 27.91 -43.71
CA SER K 197 -80.45 27.48 -42.73
C SER K 197 -79.94 27.54 -41.29
N SER K 198 -78.68 27.87 -41.07
CA SER K 198 -78.12 27.99 -39.74
C SER K 198 -78.19 29.42 -39.19
N LEU K 199 -78.35 30.41 -40.06
CA LEU K 199 -78.49 31.79 -39.59
C LEU K 199 -79.81 31.95 -38.85
N GLY K 200 -79.78 32.78 -37.80
CA GLY K 200 -80.93 32.93 -36.92
C GLY K 200 -81.16 31.78 -35.97
N THR K 201 -80.36 30.72 -36.06
CA THR K 201 -80.46 29.57 -35.16
C THR K 201 -79.23 29.40 -34.27
N GLN K 202 -78.03 29.55 -34.83
CA GLN K 202 -76.79 29.43 -34.06
C GLN K 202 -76.11 30.78 -33.97
N THR K 203 -75.69 31.14 -32.77
CA THR K 203 -74.99 32.41 -32.54
C THR K 203 -73.59 32.35 -33.15
N TYR K 204 -73.24 33.37 -33.93
CA TYR K 204 -71.93 33.49 -34.53
C TYR K 204 -71.20 34.67 -33.91
N ILE K 205 -70.08 34.40 -33.25
CA ILE K 205 -69.27 35.42 -32.59
C ILE K 205 -67.81 35.17 -32.94
N CYS K 206 -67.12 36.22 -33.37
CA CYS K 206 -65.69 36.14 -33.62
C CYS K 206 -64.93 36.75 -32.45
N ASN K 207 -63.81 36.13 -32.10
CA ASN K 207 -62.97 36.54 -30.98
C ASN K 207 -61.66 37.06 -31.53
N VAL K 208 -61.40 38.35 -31.31
CA VAL K 208 -60.19 39.02 -31.76
C VAL K 208 -59.31 39.29 -30.56
N ASN K 209 -58.02 38.94 -30.68
CA ASN K 209 -57.05 39.11 -29.60
C ASN K 209 -55.85 39.87 -30.14
N HIS K 210 -55.51 40.97 -29.49
CA HIS K 210 -54.34 41.77 -29.80
C HIS K 210 -53.51 41.88 -28.54
N LYS K 211 -52.47 41.04 -28.45
CA LYS K 211 -51.62 41.04 -27.26
C LYS K 211 -50.84 42.34 -27.07
N PRO K 212 -50.25 42.97 -28.09
CA PRO K 212 -49.47 44.20 -27.84
C PRO K 212 -50.26 45.31 -27.17
N SER K 213 -51.60 45.32 -27.27
CA SER K 213 -52.42 46.34 -26.63
C SER K 213 -53.33 45.76 -25.55
N ASN K 214 -53.20 44.46 -25.24
CA ASN K 214 -54.04 43.78 -24.27
C ASN K 214 -55.52 43.98 -24.60
N THR K 215 -55.87 43.74 -25.86
CA THR K 215 -57.22 43.97 -26.36
C THR K 215 -57.88 42.62 -26.63
N LYS K 216 -59.01 42.36 -25.98
CA LYS K 216 -59.81 41.16 -26.22
C LYS K 216 -61.22 41.60 -26.60
N VAL K 217 -61.64 41.29 -27.82
CA VAL K 217 -62.92 41.72 -28.35
C VAL K 217 -63.72 40.50 -28.77
N ASP K 218 -64.98 40.45 -28.37
CA ASP K 218 -65.93 39.45 -28.85
C ASP K 218 -67.02 40.17 -29.64
N LYS K 219 -67.08 39.90 -30.94
CA LYS K 219 -68.02 40.57 -31.83
C LYS K 219 -69.08 39.59 -32.29
N LYS K 220 -70.34 39.89 -31.98
CA LYS K 220 -71.47 39.06 -32.41
C LYS K 220 -71.93 39.54 -33.77
N VAL K 221 -72.09 38.61 -34.71
CA VAL K 221 -72.48 38.91 -36.08
C VAL K 221 -73.91 38.42 -36.29
N GLU K 222 -74.81 39.34 -36.64
CA GLU K 222 -76.21 39.04 -36.88
C GLU K 222 -76.63 39.60 -38.23
N PRO K 223 -77.64 39.01 -38.88
CA PRO K 223 -78.20 39.57 -40.11
C PRO K 223 -78.96 40.87 -39.85
N VAL L 2 -6.06 -8.45 42.91
CA VAL L 2 -5.37 -7.27 43.44
C VAL L 2 -5.30 -7.35 44.95
N GLN L 3 -4.09 -7.26 45.49
CA GLN L 3 -3.86 -7.48 46.92
C GLN L 3 -2.49 -6.93 47.30
N LEU L 4 -2.45 -6.27 48.45
CA LEU L 4 -1.21 -5.75 49.05
C LEU L 4 -1.14 -6.26 50.48
N VAL L 5 -0.21 -7.16 50.75
CA VAL L 5 -0.05 -7.78 52.06
C VAL L 5 1.16 -7.17 52.73
N GLU L 6 0.94 -6.56 53.90
CA GLU L 6 2.00 -5.85 54.61
C GLU L 6 2.39 -6.63 55.86
N SER L 7 3.66 -6.49 56.24
CA SER L 7 4.19 -7.19 57.39
C SER L 7 5.36 -6.41 57.97
N GLY L 8 5.75 -6.77 59.19
CA GLY L 8 6.86 -6.14 59.87
C GLY L 8 6.47 -5.25 61.03
N GLY L 9 5.18 -5.14 61.35
CA GLY L 9 4.77 -4.30 62.45
C GLY L 9 5.10 -4.91 63.80
N GLY L 10 4.91 -4.10 64.84
CA GLY L 10 5.16 -4.57 66.20
C GLY L 10 5.39 -3.40 67.13
N VAL L 11 6.00 -3.70 68.27
CA VAL L 11 6.32 -2.73 69.30
C VAL L 11 7.83 -2.57 69.35
N VAL L 12 8.30 -1.33 69.39
CA VAL L 12 9.72 -1.01 69.35
C VAL L 12 9.98 0.18 70.26
N GLN L 13 11.00 0.07 71.11
CA GLN L 13 11.30 1.15 72.05
C GLN L 13 11.76 2.41 71.31
N PRO L 14 11.51 3.59 71.87
CA PRO L 14 11.88 4.83 71.17
C PRO L 14 13.38 4.92 70.92
N GLY L 15 13.73 5.32 69.70
CA GLY L 15 15.11 5.43 69.27
C GLY L 15 15.60 4.26 68.45
N ARG L 16 14.95 3.10 68.53
CA ARG L 16 15.38 1.93 67.81
C ARG L 16 14.86 1.98 66.36
N SER L 17 15.14 0.92 65.61
CA SER L 17 14.80 0.84 64.19
C SER L 17 13.78 -0.26 63.96
N LEU L 18 13.17 -0.23 62.77
CA LEU L 18 12.16 -1.21 62.38
C LEU L 18 11.89 -1.07 60.89
N ARG L 19 11.79 -2.20 60.20
CA ARG L 19 11.58 -2.21 58.75
C ARG L 19 10.25 -2.84 58.42
N LEU L 20 9.43 -2.13 57.64
CA LEU L 20 8.15 -2.64 57.17
C LEU L 20 8.28 -3.10 55.72
N SER L 21 7.59 -4.17 55.37
CA SER L 21 7.58 -4.66 54.00
C SER L 21 6.13 -4.82 53.54
N CYS L 22 5.95 -4.77 52.23
CA CYS L 22 4.62 -4.86 51.63
C CYS L 22 4.75 -5.51 50.26
N ALA L 23 4.14 -6.69 50.11
CA ALA L 23 4.19 -7.45 48.87
C ALA L 23 2.90 -7.26 48.09
N ALA L 24 3.02 -7.23 46.77
CA ALA L 24 1.91 -6.97 45.87
C ALA L 24 1.63 -8.17 44.98
N SER L 25 0.35 -8.37 44.66
CA SER L 25 -0.04 -9.46 43.79
C SER L 25 -1.35 -9.12 43.09
N GLY L 26 -1.42 -9.41 41.79
CA GLY L 26 -2.63 -9.20 41.03
C GLY L 26 -2.56 -8.08 40.00
N PHE L 27 -1.44 -7.37 39.92
CA PHE L 27 -1.28 -6.31 38.94
C PHE L 27 0.19 -6.20 38.58
N SER L 28 0.48 -5.49 37.50
CA SER L 28 1.86 -5.29 37.06
C SER L 28 2.55 -4.31 37.99
N PHE L 29 3.11 -4.84 39.08
CA PHE L 29 3.69 -4.00 40.13
C PHE L 29 4.83 -3.13 39.60
N SER L 30 5.53 -3.59 38.57
CA SER L 30 6.73 -2.92 38.09
C SER L 30 6.44 -1.58 37.40
N HIS L 31 5.18 -1.17 37.28
CA HIS L 31 4.84 0.05 36.57
C HIS L 31 4.09 1.06 37.43
N TYR L 32 3.84 0.77 38.70
CA TYR L 32 3.09 1.66 39.57
C TYR L 32 4.00 2.26 40.64
N ALA L 33 3.85 3.56 40.87
CA ALA L 33 4.47 4.20 42.02
C ALA L 33 3.78 3.73 43.29
N MET L 34 4.55 3.64 44.37
CA MET L 34 4.06 3.10 45.63
C MET L 34 4.17 4.13 46.74
N HIS L 35 3.08 4.30 47.49
CA HIS L 35 2.97 5.25 48.60
C HIS L 35 3.00 4.51 49.93
N TRP L 36 3.55 5.17 50.94
CA TRP L 36 3.38 4.78 52.33
C TRP L 36 2.65 5.91 53.04
N VAL L 37 1.55 5.58 53.70
CA VAL L 37 0.69 6.55 54.37
C VAL L 37 0.30 6.02 55.74
N ARG L 38 0.54 6.81 56.78
CA ARG L 38 0.27 6.38 58.14
C ARG L 38 -0.94 7.11 58.70
N GLN L 39 -1.50 6.53 59.77
CA GLN L 39 -2.68 7.07 60.44
C GLN L 39 -2.53 6.82 61.93
N ALA L 40 -2.43 7.90 62.71
CA ALA L 40 -2.36 7.75 64.15
C ALA L 40 -3.68 7.20 64.68
N PRO L 41 -3.66 6.51 65.82
CA PRO L 41 -4.90 5.98 66.39
C PRO L 41 -5.89 7.11 66.69
N GLY L 42 -7.04 7.05 66.01
CA GLY L 42 -8.09 8.04 66.19
C GLY L 42 -7.89 9.34 65.44
N LYS L 43 -6.73 9.57 64.85
CA LYS L 43 -6.46 10.79 64.11
C LYS L 43 -6.55 10.53 62.60
N GLY L 44 -6.26 11.57 61.82
CA GLY L 44 -6.41 11.50 60.38
C GLY L 44 -5.29 10.77 59.68
N LEU L 45 -5.32 10.84 58.35
CA LEU L 45 -4.32 10.18 57.53
C LEU L 45 -3.11 11.10 57.37
N GLU L 46 -1.93 10.50 57.31
CA GLU L 46 -0.68 11.24 57.14
C GLU L 46 0.13 10.60 56.03
N TRP L 47 0.44 11.38 54.99
CA TRP L 47 1.31 10.90 53.94
C TRP L 47 2.74 10.78 54.46
N VAL L 48 3.38 9.65 54.17
CA VAL L 48 4.73 9.35 54.65
C VAL L 48 5.76 9.42 53.52
N ALA L 49 5.59 8.62 52.49
CA ALA L 49 6.61 8.56 51.45
C ALA L 49 6.01 8.05 50.14
N VAL L 50 6.79 8.16 49.07
CA VAL L 50 6.42 7.64 47.76
C VAL L 50 7.67 7.31 46.98
N ILE L 51 7.56 6.32 46.10
CA ILE L 51 8.66 5.90 45.24
C ILE L 51 8.10 5.62 43.84
N SER L 52 8.82 6.07 42.81
CA SER L 52 8.33 5.99 41.44
C SER L 52 8.36 4.54 40.96
N TYR L 53 7.91 4.33 39.71
CA TYR L 53 7.78 2.98 39.19
C TYR L 53 9.14 2.32 39.01
N ASP L 54 10.14 3.09 38.55
CA ASP L 54 11.48 2.56 38.37
C ASP L 54 12.29 2.56 39.66
N GLY L 55 11.83 3.27 40.69
CA GLY L 55 12.54 3.30 41.95
C GLY L 55 13.67 4.30 42.03
N GLU L 56 13.75 5.25 41.10
CA GLU L 56 14.82 6.22 41.07
C GLU L 56 14.37 7.59 41.55
N ASN L 57 13.15 7.70 42.07
CA ASN L 57 12.61 8.95 42.57
C ASN L 57 11.89 8.65 43.88
N THR L 58 12.46 9.10 45.00
CA THR L 58 11.88 8.88 46.31
C THR L 58 11.56 10.22 46.95
N TYR L 59 10.37 10.33 47.53
CA TYR L 59 9.93 11.55 48.20
C TYR L 59 9.43 11.21 49.60
N TYR L 60 9.85 11.99 50.58
CA TYR L 60 9.50 11.77 51.97
C TYR L 60 8.78 12.99 52.52
N ALA L 61 7.90 12.76 53.51
CA ALA L 61 7.27 13.85 54.21
C ALA L 61 8.30 14.58 55.07
N ASP L 62 7.97 15.82 55.43
CA ASP L 62 8.91 16.63 56.20
C ASP L 62 9.10 16.08 57.61
N SER L 63 8.04 15.53 58.21
CA SER L 63 8.12 15.03 59.57
C SER L 63 8.94 13.75 59.70
N VAL L 64 9.23 13.07 58.58
CA VAL L 64 10.00 11.84 58.60
C VAL L 64 11.25 11.93 57.73
N LYS L 65 11.59 13.13 57.27
CA LYS L 65 12.73 13.29 56.38
C LYS L 65 14.03 13.02 57.13
N GLY L 66 14.93 12.29 56.47
CA GLY L 66 16.20 11.91 57.05
C GLY L 66 16.15 10.65 57.90
N ARG L 67 15.00 10.33 58.48
CA ARG L 67 14.86 9.12 59.28
C ARG L 67 14.39 7.94 58.44
N PHE L 68 13.24 8.09 57.78
CA PHE L 68 12.71 6.97 57.00
C PHE L 68 13.40 6.88 55.65
N SER L 69 13.34 5.69 55.06
CA SER L 69 13.90 5.47 53.73
C SER L 69 13.08 4.40 53.02
N ILE L 70 12.69 4.68 51.78
CA ILE L 70 11.81 3.81 51.01
C ILE L 70 12.63 3.14 49.91
N SER L 71 12.29 1.89 49.61
CA SER L 71 12.95 1.12 48.57
C SER L 71 11.95 0.15 47.97
N ARG L 72 12.26 -0.33 46.77
CA ARG L 72 11.37 -1.27 46.09
C ARG L 72 12.19 -2.34 45.38
N ASP L 73 11.52 -3.47 45.12
CA ASP L 73 12.12 -4.63 44.47
C ASP L 73 11.08 -5.19 43.52
N ASN L 74 11.29 -5.00 42.22
CA ASN L 74 10.31 -5.40 41.22
C ASN L 74 10.41 -6.87 40.83
N SER L 75 11.54 -7.53 41.11
CA SER L 75 11.64 -8.95 40.84
C SER L 75 10.82 -9.78 41.81
N LYS L 76 10.50 -9.25 42.99
CA LYS L 76 9.65 -9.92 43.95
C LYS L 76 8.40 -9.12 44.28
N ASN L 77 8.21 -7.95 43.68
CA ASN L 77 7.03 -7.12 43.88
C ASN L 77 6.87 -6.75 45.36
N THR L 78 7.89 -6.07 45.90
CA THR L 78 7.89 -5.66 47.30
C THR L 78 8.28 -4.20 47.42
N VAL L 79 7.74 -3.55 48.45
CA VAL L 79 8.12 -2.20 48.85
C VAL L 79 8.49 -2.24 50.32
N SER L 80 9.64 -1.66 50.65
CA SER L 80 10.15 -1.67 52.02
C SER L 80 10.33 -0.24 52.50
N LEU L 81 9.96 -0.02 53.76
CA LEU L 81 10.12 1.28 54.41
C LEU L 81 10.92 1.04 55.70
N GLN L 82 12.17 1.47 55.71
CA GLN L 82 13.05 1.34 56.86
C GLN L 82 12.94 2.61 57.70
N MET L 83 12.51 2.46 58.94
CA MET L 83 12.32 3.57 59.87
C MET L 83 13.25 3.38 61.06
N ASN L 84 14.30 4.18 61.15
CA ASN L 84 15.18 4.17 62.30
C ASN L 84 15.09 5.49 63.04
N SER L 85 15.51 5.46 64.32
CA SER L 85 15.42 6.60 65.23
C SER L 85 13.96 7.07 65.37
N LEU L 86 13.16 6.18 65.95
CA LEU L 86 11.71 6.38 66.04
C LEU L 86 11.34 7.23 67.24
N ARG L 87 10.49 8.23 67.01
CA ARG L 87 9.90 9.04 68.06
C ARG L 87 8.56 8.44 68.47
N PRO L 88 8.00 8.89 69.61
CA PRO L 88 6.67 8.39 69.99
C PRO L 88 5.56 8.87 69.10
N GLU L 89 5.74 9.98 68.39
CA GLU L 89 4.72 10.47 67.47
C GLU L 89 4.61 9.59 66.23
N ASP L 90 5.52 8.64 66.03
CA ASP L 90 5.47 7.73 64.90
C ASP L 90 4.58 6.52 65.14
N THR L 91 4.03 6.36 66.35
CA THR L 91 3.13 5.26 66.64
C THR L 91 1.85 5.44 65.83
N ALA L 92 1.60 4.53 64.90
CA ALA L 92 0.46 4.67 63.99
C ALA L 92 0.31 3.36 63.22
N LEU L 93 -0.73 3.33 62.38
CA LEU L 93 -0.98 2.23 61.46
C LEU L 93 -0.55 2.66 60.07
N TYR L 94 0.32 1.87 59.44
CA TYR L 94 0.95 2.23 58.17
C TYR L 94 0.36 1.39 57.05
N TYR L 95 -0.14 2.06 56.01
CA TYR L 95 -0.60 1.40 54.79
C TYR L 95 0.40 1.62 53.67
N CYS L 96 0.55 0.60 52.82
CA CYS L 96 1.18 0.76 51.50
C CYS L 96 0.06 0.84 50.48
N ALA L 97 0.18 1.79 49.56
CA ALA L 97 -0.89 2.06 48.61
C ALA L 97 -0.33 2.22 47.20
N ARG L 98 -1.19 1.96 46.23
CA ARG L 98 -0.84 2.05 44.82
C ARG L 98 -1.19 3.42 44.26
N ASP L 99 -0.33 3.95 43.41
CA ASP L 99 -0.62 5.21 42.74
C ASP L 99 -1.60 4.97 41.60
N ARG L 100 -2.64 5.81 41.53
CA ARG L 100 -3.69 5.63 40.53
C ARG L 100 -3.11 5.58 39.11
N ILE L 101 -2.21 6.49 38.79
CA ILE L 101 -1.73 6.68 37.42
C ILE L 101 -0.45 5.87 37.25
N VAL L 102 -0.36 5.15 36.13
CA VAL L 102 0.73 4.21 35.86
C VAL L 102 1.79 4.90 35.02
N ASP L 103 3.04 4.54 35.27
CA ASP L 103 4.19 4.94 34.44
C ASP L 103 4.28 6.46 34.30
N ASP L 104 4.50 7.12 35.43
CA ASP L 104 4.63 8.57 35.45
C ASP L 104 5.62 8.97 36.54
N TYR L 105 6.12 10.21 36.42
CA TYR L 105 7.02 10.77 37.41
C TYR L 105 6.33 11.83 38.26
N TYR L 106 5.02 12.00 38.08
CA TYR L 106 4.21 12.87 38.91
C TYR L 106 3.21 11.99 39.65
N TYR L 107 3.13 12.14 40.96
CA TYR L 107 2.33 11.27 41.79
C TYR L 107 1.02 11.95 42.15
N TYR L 108 -0.09 11.23 42.00
CA TYR L 108 -1.43 11.80 42.03
C TYR L 108 -2.25 11.35 43.24
N GLY L 109 -2.27 10.06 43.55
CA GLY L 109 -3.14 9.60 44.60
C GLY L 109 -3.14 8.09 44.67
N MET L 110 -3.85 7.60 45.68
CA MET L 110 -3.80 6.19 46.06
C MET L 110 -5.18 5.57 45.84
N ASP L 111 -5.22 4.50 45.05
CA ASP L 111 -6.48 3.86 44.69
C ASP L 111 -6.64 2.47 45.27
N VAL L 112 -5.55 1.77 45.56
CA VAL L 112 -5.59 0.44 46.15
C VAL L 112 -4.77 0.47 47.42
N TRP L 113 -5.42 0.23 48.56
CA TRP L 113 -4.79 0.29 49.87
C TRP L 113 -4.71 -1.10 50.47
N GLY L 114 -3.59 -1.38 51.14
CA GLY L 114 -3.43 -2.60 51.88
C GLY L 114 -4.18 -2.56 53.20
N GLN L 115 -3.99 -3.62 53.99
CA GLN L 115 -4.69 -3.68 55.28
C GLN L 115 -3.99 -2.86 56.35
N GLY L 116 -2.67 -2.76 56.30
CA GLY L 116 -1.94 -1.95 57.24
C GLY L 116 -1.13 -2.80 58.21
N ALA L 117 -0.12 -2.16 58.79
CA ALA L 117 0.70 -2.75 59.84
C ALA L 117 0.79 -1.76 60.99
N THR L 118 0.51 -2.24 62.20
CA THR L 118 0.53 -1.37 63.37
C THR L 118 1.94 -1.25 63.93
N VAL L 119 2.36 -0.02 64.24
CA VAL L 119 3.68 0.25 64.78
C VAL L 119 3.50 1.07 66.04
N THR L 120 3.86 0.50 67.19
CA THR L 120 3.77 1.17 68.48
C THR L 120 5.18 1.44 68.99
N VAL L 121 5.41 2.67 69.47
CA VAL L 121 6.75 3.09 69.88
C VAL L 121 6.89 3.12 71.41
N SER L 122 5.79 3.13 72.15
CA SER L 122 5.80 3.27 73.61
C SER L 122 6.90 2.43 74.25
N SER L 123 7.60 3.06 75.21
CA SER L 123 8.72 2.39 75.88
C SER L 123 8.28 1.17 76.67
N ALA L 124 6.99 1.04 76.97
CA ALA L 124 6.50 -0.13 77.69
C ALA L 124 6.66 -1.39 76.85
N SER L 125 6.77 -2.53 77.52
CA SER L 125 6.98 -3.81 76.85
C SER L 125 5.63 -4.41 76.47
N THR L 126 5.68 -5.57 75.82
CA THR L 126 4.48 -6.31 75.43
C THR L 126 4.16 -7.34 76.50
N LYS L 127 2.95 -7.28 77.05
CA LYS L 127 2.49 -8.24 78.04
C LYS L 127 1.14 -8.79 77.62
N GLY L 128 1.00 -10.12 77.68
CA GLY L 128 -0.27 -10.76 77.43
C GLY L 128 -1.27 -10.48 78.53
N PRO L 129 -2.55 -10.63 78.24
CA PRO L 129 -3.58 -10.30 79.23
C PRO L 129 -3.80 -11.42 80.22
N SER L 130 -4.29 -11.03 81.41
CA SER L 130 -4.77 -11.97 82.41
C SER L 130 -6.30 -11.88 82.43
N VAL L 131 -6.96 -13.02 82.35
CA VAL L 131 -8.41 -13.09 82.24
C VAL L 131 -8.96 -13.62 83.57
N PHE L 132 -9.78 -12.81 84.23
CA PHE L 132 -10.39 -13.23 85.48
C PHE L 132 -11.90 -13.35 85.33
N PRO L 133 -12.52 -14.35 85.98
CA PRO L 133 -13.96 -14.56 85.78
C PRO L 133 -14.80 -13.65 86.68
N LEU L 134 -15.75 -12.95 86.07
CA LEU L 134 -16.76 -12.17 86.78
C LEU L 134 -17.98 -13.09 86.88
N ALA L 135 -18.07 -13.81 88.00
CA ALA L 135 -19.03 -14.88 88.14
C ALA L 135 -20.42 -14.35 88.48
N PRO L 136 -21.47 -15.03 88.03
CA PRO L 136 -22.83 -14.59 88.35
C PRO L 136 -23.12 -14.72 89.83
N SER L 137 -23.90 -13.78 90.36
CA SER L 137 -24.26 -13.81 91.77
C SER L 137 -25.27 -14.92 92.05
N SER L 138 -25.20 -15.46 93.27
CA SER L 138 -26.11 -16.51 93.69
C SER L 138 -27.42 -15.95 94.23
N LYS L 139 -27.55 -14.62 94.29
CA LYS L 139 -28.82 -13.99 94.65
C LYS L 139 -29.78 -13.93 93.46
N SER L 140 -29.26 -14.09 92.25
CA SER L 140 -30.03 -13.98 91.01
C SER L 140 -31.41 -14.61 91.14
N THR L 141 -32.43 -13.85 90.74
CA THR L 141 -33.80 -14.30 90.87
C THR L 141 -34.05 -15.52 89.99
N SER L 142 -35.10 -16.27 90.35
CA SER L 142 -35.43 -17.51 89.65
C SER L 142 -35.76 -17.27 88.18
N GLY L 143 -36.30 -16.09 87.85
CA GLY L 143 -36.66 -15.72 86.48
C GLY L 143 -35.63 -16.06 85.41
N GLY L 144 -34.47 -15.42 85.44
CA GLY L 144 -34.26 -14.23 86.26
C GLY L 144 -33.40 -13.14 85.64
N THR L 145 -32.80 -13.43 84.48
CA THR L 145 -31.92 -12.51 83.77
C THR L 145 -30.72 -12.11 84.66
N ALA L 146 -29.83 -13.09 84.84
CA ALA L 146 -28.58 -12.88 85.57
C ALA L 146 -27.42 -12.63 84.61
N ALA L 147 -26.35 -12.06 85.13
CA ALA L 147 -25.26 -11.56 84.30
C ALA L 147 -23.91 -12.09 84.79
N LEU L 148 -23.02 -12.34 83.83
CA LEU L 148 -21.66 -12.81 84.11
C LEU L 148 -20.71 -12.16 83.11
N GLY L 149 -19.43 -12.53 83.18
CA GLY L 149 -18.49 -11.99 82.21
C GLY L 149 -17.06 -12.34 82.52
N CYS L 150 -16.17 -11.70 81.75
CA CYS L 150 -14.72 -11.83 81.87
C CYS L 150 -14.10 -10.46 82.03
N LEU L 151 -12.99 -10.41 82.75
CA LEU L 151 -12.19 -9.20 82.94
C LEU L 151 -10.82 -9.45 82.31
N VAL L 152 -10.55 -8.79 81.19
CA VAL L 152 -9.27 -8.90 80.50
C VAL L 152 -8.40 -7.74 80.97
N LYS L 153 -7.41 -8.04 81.79
CA LYS L 153 -6.66 -7.02 82.53
C LYS L 153 -5.17 -7.08 82.20
N ASP L 154 -4.53 -5.92 82.23
CA ASP L 154 -3.07 -5.80 82.20
C ASP L 154 -2.48 -6.42 80.93
N TYR L 155 -2.85 -5.82 79.79
CA TYR L 155 -2.29 -6.21 78.50
C TYR L 155 -1.83 -4.97 77.75
N PHE L 156 -0.85 -5.18 76.86
CA PHE L 156 -0.27 -4.11 76.06
C PHE L 156 0.42 -4.74 74.86
N PRO L 157 0.25 -4.18 73.65
CA PRO L 157 -0.66 -3.05 73.39
C PRO L 157 -2.05 -3.51 72.95
N GLU L 158 -2.84 -2.58 72.43
CA GLU L 158 -4.14 -2.91 71.87
C GLU L 158 -3.97 -3.55 70.50
N PRO L 159 -4.99 -4.31 70.02
CA PRO L 159 -6.23 -4.66 70.71
C PRO L 159 -6.33 -6.12 71.13
N VAL L 160 -7.32 -6.43 71.95
CA VAL L 160 -7.71 -7.80 72.26
C VAL L 160 -9.11 -8.02 71.73
N THR L 161 -9.38 -9.24 71.28
CA THR L 161 -10.68 -9.62 70.76
C THR L 161 -11.30 -10.66 71.67
N VAL L 162 -12.55 -10.44 72.08
CA VAL L 162 -13.25 -11.29 73.03
C VAL L 162 -14.49 -11.85 72.36
N SER L 163 -14.60 -13.16 72.32
CA SER L 163 -15.79 -13.85 71.88
C SER L 163 -16.31 -14.74 73.01
N TRP L 164 -17.50 -15.31 72.81
CA TRP L 164 -18.10 -16.18 73.82
C TRP L 164 -18.53 -17.48 73.15
N ASN L 165 -18.09 -18.60 73.72
CA ASN L 165 -18.37 -19.93 73.17
C ASN L 165 -17.94 -20.03 71.72
N SER L 166 -16.78 -19.42 71.42
CA SER L 166 -16.19 -19.41 70.08
C SER L 166 -17.13 -18.79 69.04
N GLY L 167 -18.02 -17.90 69.49
CA GLY L 167 -18.96 -17.24 68.61
C GLY L 167 -20.39 -17.73 68.72
N ALA L 168 -20.62 -18.84 69.43
CA ALA L 168 -21.97 -19.37 69.56
C ALA L 168 -22.88 -18.46 70.37
N LEU L 169 -22.31 -17.58 71.20
CA LEU L 169 -23.06 -16.66 72.03
C LEU L 169 -22.77 -15.24 71.57
N THR L 170 -23.79 -14.55 71.06
CA THR L 170 -23.62 -13.20 70.56
C THR L 170 -24.68 -12.26 71.12
N SER L 171 -25.85 -12.81 71.47
CA SER L 171 -26.96 -11.99 71.93
C SER L 171 -26.75 -11.59 73.40
N GLY L 172 -26.91 -10.30 73.68
CA GLY L 172 -26.74 -9.80 75.03
C GLY L 172 -25.31 -9.61 75.46
N VAL L 173 -24.36 -9.71 74.54
CA VAL L 173 -22.94 -9.58 74.86
C VAL L 173 -22.52 -8.13 74.67
N HIS L 174 -21.84 -7.57 75.68
CA HIS L 174 -21.29 -6.24 75.61
C HIS L 174 -19.80 -6.33 75.92
N THR L 175 -18.96 -6.07 74.93
CA THR L 175 -17.52 -5.96 75.12
C THR L 175 -17.18 -4.47 75.12
N PHE L 176 -16.78 -3.96 76.28
CA PHE L 176 -16.56 -2.55 76.44
C PHE L 176 -15.27 -2.11 75.75
N PRO L 177 -15.18 -0.85 75.33
CA PRO L 177 -13.90 -0.34 74.82
C PRO L 177 -12.86 -0.34 75.94
N ALA L 178 -11.62 -0.57 75.55
CA ALA L 178 -10.55 -0.65 76.53
C ALA L 178 -10.31 0.70 77.19
N VAL L 179 -9.80 0.65 78.41
CA VAL L 179 -9.38 1.85 79.13
C VAL L 179 -7.90 1.72 79.40
N LEU L 180 -7.21 2.85 79.41
CA LEU L 180 -5.80 2.88 79.76
C LEU L 180 -5.70 2.94 81.27
N GLN L 181 -5.31 1.83 81.89
CA GLN L 181 -5.20 1.84 83.33
C GLN L 181 -4.05 2.75 83.76
N SER L 182 -4.03 3.05 85.05
CA SER L 182 -2.97 3.87 85.62
C SER L 182 -1.60 3.22 85.46
N SER L 183 -1.56 1.90 85.23
CA SER L 183 -0.32 1.15 85.08
C SER L 183 0.33 1.32 83.72
N GLY L 184 -0.31 2.01 82.78
CA GLY L 184 0.18 2.07 81.43
C GLY L 184 -0.18 0.87 80.59
N LEU L 185 -0.97 -0.05 81.12
CA LEU L 185 -1.47 -1.22 80.42
C LEU L 185 -2.97 -1.10 80.28
N TYR L 186 -3.52 -1.88 79.35
CA TYR L 186 -4.94 -1.78 79.04
C TYR L 186 -5.75 -2.87 79.76
N SER L 187 -7.05 -2.62 79.86
CA SER L 187 -7.97 -3.56 80.49
C SER L 187 -9.38 -3.23 80.05
N LEU L 188 -10.16 -4.29 79.80
CA LEU L 188 -11.56 -4.17 79.44
C LEU L 188 -12.34 -5.31 80.08
N SER L 189 -13.66 -5.25 79.92
CA SER L 189 -14.55 -6.26 80.45
C SER L 189 -15.55 -6.66 79.38
N SER L 190 -15.94 -7.93 79.40
CA SER L 190 -16.95 -8.44 78.48
C SER L 190 -18.03 -9.12 79.30
N VAL L 191 -19.26 -8.61 79.22
CA VAL L 191 -20.36 -9.09 80.04
C VAL L 191 -21.45 -9.67 79.17
N VAL L 192 -22.15 -10.66 79.71
CA VAL L 192 -23.27 -11.32 79.05
C VAL L 192 -24.42 -11.45 80.04
N THR L 193 -25.62 -11.10 79.59
CA THR L 193 -26.84 -11.31 80.35
C THR L 193 -27.59 -12.50 79.77
N VAL L 194 -27.90 -13.47 80.63
CA VAL L 194 -28.61 -14.68 80.20
C VAL L 194 -29.69 -15.01 81.21
N PRO L 195 -30.72 -15.72 80.77
CA PRO L 195 -31.71 -16.26 81.72
C PRO L 195 -31.02 -17.03 82.85
N SER L 196 -31.42 -16.73 84.08
CA SER L 196 -30.80 -17.37 85.24
C SER L 196 -31.01 -18.88 85.25
N SER L 197 -32.11 -19.36 84.67
CA SER L 197 -32.34 -20.79 84.58
C SER L 197 -31.37 -21.50 83.62
N SER L 198 -30.51 -20.76 82.95
CA SER L 198 -29.51 -21.36 82.06
C SER L 198 -28.20 -21.65 82.77
N LEU L 199 -27.95 -21.01 83.90
CA LEU L 199 -26.74 -21.28 84.67
C LEU L 199 -26.77 -22.70 85.23
N GLY L 200 -25.62 -23.34 85.27
CA GLY L 200 -25.54 -24.73 85.66
C GLY L 200 -26.03 -25.72 84.61
N THR L 201 -26.52 -25.23 83.48
CA THR L 201 -27.01 -26.05 82.38
C THR L 201 -26.17 -25.93 81.12
N GLN L 202 -25.80 -24.72 80.75
CA GLN L 202 -24.97 -24.47 79.58
C GLN L 202 -23.61 -23.95 80.01
N THR L 203 -22.55 -24.51 79.44
CA THR L 203 -21.19 -24.07 79.75
C THR L 203 -20.93 -22.69 79.15
N TYR L 204 -20.42 -21.78 79.97
CA TYR L 204 -20.08 -20.43 79.55
C TYR L 204 -18.57 -20.26 79.59
N ILE L 205 -17.97 -20.00 78.43
CA ILE L 205 -16.53 -19.81 78.29
C ILE L 205 -16.30 -18.60 77.40
N CYS L 206 -15.44 -17.69 77.85
CA CYS L 206 -15.04 -16.55 77.04
C CYS L 206 -13.67 -16.82 76.43
N ASN L 207 -13.50 -16.41 75.18
CA ASN L 207 -12.27 -16.62 74.43
C ASN L 207 -11.63 -15.26 74.17
N VAL L 208 -10.44 -15.06 74.73
CA VAL L 208 -9.70 -13.82 74.61
C VAL L 208 -8.50 -14.07 73.70
N ASN L 209 -8.29 -13.16 72.74
CA ASN L 209 -7.20 -13.27 71.78
C ASN L 209 -6.41 -11.97 71.79
N HIS L 210 -5.11 -12.08 72.03
CA HIS L 210 -4.17 -10.96 71.99
C HIS L 210 -3.07 -11.34 71.00
N LYS L 211 -3.18 -10.83 69.78
CA LYS L 211 -2.22 -11.10 68.70
C LYS L 211 -0.82 -10.56 68.97
N PRO L 212 -0.65 -9.33 69.50
CA PRO L 212 0.71 -8.82 69.73
C PRO L 212 1.56 -9.70 70.62
N SER L 213 0.96 -10.52 71.47
CA SER L 213 1.71 -11.43 72.34
C SER L 213 1.44 -12.90 72.02
N ASN L 214 0.69 -13.18 70.95
CA ASN L 214 0.32 -14.55 70.57
C ASN L 214 -0.30 -15.29 71.75
N THR L 215 -1.26 -14.64 72.40
CA THR L 215 -1.91 -15.17 73.59
C THR L 215 -3.35 -15.55 73.25
N LYS L 216 -3.70 -16.82 73.47
CA LYS L 216 -5.06 -17.31 73.30
C LYS L 216 -5.51 -17.93 74.61
N VAL L 217 -6.54 -17.36 75.23
CA VAL L 217 -7.02 -17.80 76.53
C VAL L 217 -8.49 -18.16 76.42
N ASP L 218 -8.85 -19.32 76.98
CA ASP L 218 -10.25 -19.72 77.13
C ASP L 218 -10.54 -19.81 78.62
N LYS L 219 -11.41 -18.93 79.11
CA LYS L 219 -11.73 -18.82 80.52
C LYS L 219 -13.15 -19.31 80.75
N LYS L 220 -13.30 -20.35 81.57
CA LYS L 220 -14.60 -20.89 81.92
C LYS L 220 -15.14 -20.16 83.13
N VAL L 221 -16.39 -19.70 83.04
CA VAL L 221 -17.02 -18.92 84.09
C VAL L 221 -18.09 -19.78 84.74
N GLU L 222 -17.95 -20.02 86.05
CA GLU L 222 -18.89 -20.82 86.82
C GLU L 222 -19.32 -20.06 88.06
N PRO L 223 -20.52 -20.35 88.57
CA PRO L 223 -20.98 -19.78 89.85
C PRO L 223 -20.18 -20.30 91.04
#